data_7UWS
#
_entry.id   7UWS
#
_cell.length_a   1.00
_cell.length_b   1.00
_cell.length_c   1.00
_cell.angle_alpha   90.00
_cell.angle_beta   90.00
_cell.angle_gamma   90.00
#
_symmetry.space_group_name_H-M   'P 1'
#
loop_
_entity.id
_entity.type
_entity.pdbx_description
1 polymer Nucleoprotein
2 polymer RNA
3 polymer 'Matrix protein'
#
loop_
_entity_poly.entity_id
_entity_poly.type
_entity_poly.pdbx_seq_one_letter_code
_entity_poly.pdbx_strand_id
1 'polypeptide(L)'
;MSVTVKRIIDNTVIVPKLPANEDPVEYPADYFRKSKEIPLYINTTKSLSDLRGYVYQGLKSGNVSIIHVNSYLYGALKDI
RGKLDKDWSSFGINIGKAGDTIGIFDLVSLKALDGVLPDGVSDASRTSADDKWLPLYLLGLYRVGRTQMPEYRKKLMDGL
TNQCKMINEQFEPLVPEGRDIFDVWGNDSNYTKIVAAVDMFFHMFKKHECASFRYGTIVSRFKDCAALATFGHLCKITGM
STEDVTTWILNREVADEMVQMMLPGQEIDKADSYMPYLIDFGLSSKSPYSSVKNPAFHFWGQLTALLLRSTRARNARQPD
DIEYTSLTTAGLLYAYAVGSSADLAQQFCVGDNKYTPDDSTGGLTTNAPPQGRDVVEWLGWFEDQNRKPTPDMMQYAKRA
VMSLQGLREKTIGKYAKSEFDK
;
A,B,C,D,E,F,G
2 'polyribonucleotide'
;UUUUUUUUUUUUUUUUUUUUUUUUUUUUUUUUUUUUUUUUUUUUUUUUUUUUUUUUUUUUUUUUUUUUUUUUUUUUUUUU
UUUUUUUUUUUUUUUUUUUUUUUUUUUUUUUUUUUUUUUUUUUUUUUUUUUUUUUUUUUUUUUUUUUUUUUUUUUUUUUU
UUUUUUUUUUUUUUUUUUUUUUUUUUUUUUUUUUUUUUUUUUUUUUUUUUUUUUUUUUUUUUUUUUUUUUUUUUUUUUUU
UUUUUUUUUUUUUUUUUUUUUUUUUUUUUUUUUUUUUUUUUUUUUUUUUUUUUUUUUUUUUUUUUUUUUUUUUUUUUUUU
UUUUUUUUUUUUUUUUUUUUUUUUUUUUUUUUUUUUUUUUUUUUUUUUUUUUUUUUUUUUU
;
H
3 'polypeptide(L)'
;MSSFKKILGLSSKSHKKSKKLGLPPPYDESSPMEIQPSAPLSNDFFGMEDMDLYDKDSLRYEKFRFMLKMTVRSNKPFRS
YDDVTAAVSQWDNSYIGMVGKRPFYKIIALIGSSHLQATPAVLADLNQPEYYATLTGRCFLPHRLGLIPPMFNVSETFRK
PFNIGIYKGTLDFTFTVSDDESNEKVPHVWEYMNPKYQSQIQKEGLKFGLILSKKATGTWVLDQLSPFK
;
J,K,L,M,N,O,P,Q,R,S,T,U
#
loop_
_chem_comp.id
_chem_comp.type
_chem_comp.name
_chem_comp.formula
U RNA linking URIDINE-5'-MONOPHOSPHATE 'C9 H13 N2 O9 P'
#
# COMPACT_ATOMS: atom_id res chain seq x y z
N ALA A 20 -34.48 -16.68 -59.79
CA ALA A 20 -33.25 -16.44 -59.04
C ALA A 20 -33.25 -15.05 -58.40
N ASN A 21 -34.32 -14.75 -57.66
CA ASN A 21 -34.35 -13.51 -56.89
C ASN A 21 -33.36 -13.56 -55.74
N GLU A 22 -33.27 -14.71 -55.07
CA GLU A 22 -32.28 -14.93 -54.03
C GLU A 22 -31.14 -15.77 -54.61
N ASP A 23 -29.91 -15.36 -54.34
CA ASP A 23 -28.76 -16.07 -54.88
C ASP A 23 -28.70 -17.48 -54.30
N PRO A 24 -28.23 -18.46 -55.08
CA PRO A 24 -28.11 -19.82 -54.56
C PRO A 24 -27.16 -19.88 -53.37
N VAL A 25 -27.48 -20.75 -52.42
CA VAL A 25 -26.68 -20.87 -51.21
C VAL A 25 -25.30 -21.42 -51.55
N GLU A 26 -24.30 -20.89 -50.86
CA GLU A 26 -22.91 -21.33 -51.00
C GLU A 26 -22.44 -21.91 -49.69
N TYR A 27 -21.80 -23.05 -49.76
CA TYR A 27 -21.33 -23.68 -48.53
C TYR A 27 -19.83 -23.46 -48.36
N PRO A 28 -19.35 -23.38 -47.12
CA PRO A 28 -17.90 -23.26 -46.90
C PRO A 28 -17.11 -24.40 -47.50
N ALA A 29 -17.68 -25.60 -47.55
CA ALA A 29 -17.00 -26.73 -48.17
C ALA A 29 -16.70 -26.48 -49.63
N ASP A 30 -17.65 -25.88 -50.36
CA ASP A 30 -17.43 -25.55 -51.76
C ASP A 30 -16.28 -24.56 -51.92
N TYR A 31 -16.24 -23.54 -51.07
CA TYR A 31 -15.16 -22.55 -51.16
C TYR A 31 -13.81 -23.19 -50.86
N PHE A 32 -13.75 -24.03 -49.82
CA PHE A 32 -12.49 -24.66 -49.46
C PHE A 32 -12.07 -25.74 -50.46
N ARG A 33 -13.01 -26.30 -51.22
CA ARG A 33 -12.65 -27.16 -52.34
C ARG A 33 -12.11 -26.33 -53.50
N LYS A 34 -12.70 -25.15 -53.72
CA LYS A 34 -12.23 -24.25 -54.78
C LYS A 34 -10.86 -23.70 -54.48
N SER A 35 -10.72 -23.03 -53.33
CA SER A 35 -9.46 -22.42 -52.91
C SER A 35 -9.05 -23.00 -51.57
N LYS A 36 -7.75 -23.23 -51.40
CA LYS A 36 -7.20 -23.84 -50.21
C LYS A 36 -6.74 -22.83 -49.17
N GLU A 37 -6.98 -21.55 -49.40
CA GLU A 37 -6.54 -20.52 -48.47
C GLU A 37 -7.48 -19.32 -48.55
N ILE A 38 -7.46 -18.50 -47.51
CA ILE A 38 -8.27 -17.29 -47.44
C ILE A 38 -7.33 -16.10 -47.62
N PRO A 39 -7.30 -15.45 -48.79
CA PRO A 39 -6.37 -14.33 -48.99
C PRO A 39 -6.78 -13.13 -48.17
N LEU A 40 -5.78 -12.30 -47.86
CA LEU A 40 -5.97 -11.05 -47.12
C LEU A 40 -5.12 -9.98 -47.82
N TYR A 41 -5.74 -9.25 -48.74
CA TYR A 41 -5.02 -8.25 -49.51
C TYR A 41 -4.88 -6.95 -48.71
N ILE A 42 -3.67 -6.63 -48.29
CA ILE A 42 -3.38 -5.42 -47.53
C ILE A 42 -2.15 -4.75 -48.10
N ASN A 43 -1.99 -3.47 -47.77
CA ASN A 43 -0.84 -2.68 -48.19
C ASN A 43 0.04 -2.50 -46.98
N THR A 44 1.29 -2.95 -47.07
CA THR A 44 2.23 -2.93 -45.95
C THR A 44 3.44 -2.05 -46.22
N THR A 45 3.34 -1.11 -47.15
CA THR A 45 4.46 -0.21 -47.46
C THR A 45 4.39 1.06 -46.61
N LYS A 46 4.25 0.88 -45.30
CA LYS A 46 4.18 1.99 -44.36
C LYS A 46 4.61 1.50 -42.99
N SER A 47 5.32 2.34 -42.25
CA SER A 47 5.75 1.97 -40.91
C SER A 47 4.55 1.93 -39.97
N LEU A 48 4.70 1.22 -38.85
CA LEU A 48 3.60 1.06 -37.91
C LEU A 48 3.19 2.41 -37.30
N SER A 49 4.17 3.24 -36.95
CA SER A 49 3.86 4.55 -36.37
C SER A 49 3.16 5.44 -37.40
N ASP A 50 3.60 5.39 -38.65
CA ASP A 50 2.96 6.20 -39.70
C ASP A 50 1.51 5.81 -39.87
N LEU A 51 1.22 4.51 -39.92
CA LEU A 51 -0.16 4.05 -40.07
C LEU A 51 -0.99 4.35 -38.82
N ARG A 52 -0.38 4.25 -37.64
CA ARG A 52 -1.08 4.61 -36.41
C ARG A 52 -1.51 6.07 -36.45
N GLY A 53 -0.59 6.97 -36.82
CA GLY A 53 -0.96 8.37 -36.95
C GLY A 53 -2.00 8.59 -38.02
N TYR A 54 -1.85 7.90 -39.16
CA TYR A 54 -2.85 7.97 -40.24
C TYR A 54 -4.24 7.71 -39.70
N VAL A 55 -4.45 6.52 -39.12
CA VAL A 55 -5.78 6.13 -38.68
C VAL A 55 -6.25 7.00 -37.50
N TYR A 56 -5.35 7.41 -36.61
CA TYR A 56 -5.73 8.21 -35.45
C TYR A 56 -6.26 9.57 -35.89
N GLN A 57 -5.49 10.28 -36.72
CA GLN A 57 -5.94 11.59 -37.18
C GLN A 57 -7.11 11.48 -38.13
N GLY A 58 -7.24 10.36 -38.85
CA GLY A 58 -8.44 10.15 -39.64
C GLY A 58 -9.66 9.95 -38.79
N LEU A 59 -9.51 9.26 -37.66
CA LEU A 59 -10.63 9.04 -36.76
C LEU A 59 -11.09 10.36 -36.13
N LYS A 60 -10.15 11.19 -35.69
CA LYS A 60 -10.57 12.52 -35.21
C LYS A 60 -11.13 13.38 -36.34
N SER A 61 -10.51 13.33 -37.52
CA SER A 61 -10.99 14.12 -38.65
C SER A 61 -12.20 13.49 -39.33
N GLY A 62 -12.54 12.25 -39.00
CA GLY A 62 -13.69 11.61 -39.63
C GLY A 62 -13.53 11.36 -41.11
N ASN A 63 -12.29 11.21 -41.59
CA ASN A 63 -12.03 10.95 -42.99
C ASN A 63 -10.95 9.89 -43.15
N VAL A 64 -10.99 8.84 -42.32
CA VAL A 64 -9.99 7.79 -42.39
C VAL A 64 -10.33 6.83 -43.51
N SER A 65 -9.31 6.37 -44.23
CA SER A 65 -9.49 5.46 -45.34
C SER A 65 -9.47 4.01 -44.86
N ILE A 66 -10.18 3.15 -45.60
CA ILE A 66 -10.28 1.75 -45.22
C ILE A 66 -8.94 1.04 -45.38
N ILE A 67 -8.17 1.39 -46.42
CA ILE A 67 -6.88 0.76 -46.63
C ILE A 67 -5.95 1.03 -45.45
N HIS A 68 -5.91 2.28 -44.98
CA HIS A 68 -5.05 2.63 -43.87
C HIS A 68 -5.46 1.89 -42.59
N VAL A 69 -6.76 1.80 -42.33
CA VAL A 69 -7.20 1.15 -41.09
C VAL A 69 -6.92 -0.35 -41.16
N ASN A 70 -7.10 -0.98 -42.32
CA ASN A 70 -6.76 -2.39 -42.45
C ASN A 70 -5.26 -2.62 -42.25
N SER A 71 -4.44 -1.76 -42.87
CA SER A 71 -3.00 -1.90 -42.72
C SER A 71 -2.57 -1.72 -41.27
N TYR A 72 -3.13 -0.73 -40.59
CA TYR A 72 -2.80 -0.52 -39.17
C TYR A 72 -3.27 -1.68 -38.32
N LEU A 73 -4.46 -2.23 -38.61
CA LEU A 73 -4.95 -3.36 -37.84
C LEU A 73 -4.05 -4.57 -38.01
N TYR A 74 -3.54 -4.79 -39.22
CA TYR A 74 -2.56 -5.85 -39.39
C TYR A 74 -1.28 -5.55 -38.63
N GLY A 75 -0.80 -4.30 -38.70
CA GLY A 75 0.48 -3.96 -38.11
C GLY A 75 0.47 -3.93 -36.60
N ALA A 76 -0.69 -3.78 -35.97
CA ALA A 76 -0.78 -3.69 -34.52
C ALA A 76 -1.27 -4.98 -33.87
N LEU A 77 -1.72 -5.96 -34.66
CA LEU A 77 -2.22 -7.22 -34.13
C LEU A 77 -1.36 -8.40 -34.57
N LYS A 78 -0.06 -8.18 -34.72
CA LYS A 78 0.88 -9.25 -35.02
C LYS A 78 1.42 -9.86 -33.73
N ASP A 79 0.49 -10.26 -32.85
CA ASP A 79 0.84 -10.89 -31.58
C ASP A 79 0.92 -12.40 -31.78
N ILE A 80 2.15 -12.87 -32.01
CA ILE A 80 2.42 -14.29 -32.22
C ILE A 80 2.21 -15.04 -30.91
N ARG A 81 2.01 -14.30 -29.82
CA ARG A 81 1.75 -14.92 -28.53
C ARG A 81 0.44 -15.70 -28.55
N GLY A 82 0.36 -16.69 -27.67
CA GLY A 82 -0.77 -17.60 -27.66
C GLY A 82 -0.35 -19.00 -28.03
N LYS A 83 -0.19 -19.86 -27.04
CA LYS A 83 0.33 -21.21 -27.22
C LYS A 83 -0.82 -22.18 -27.39
N LEU A 84 -0.85 -22.89 -28.51
CA LEU A 84 -1.90 -23.86 -28.77
C LEU A 84 -1.69 -25.09 -27.89
N ASP A 85 -2.77 -25.57 -27.29
CA ASP A 85 -2.74 -26.78 -26.47
C ASP A 85 -3.13 -28.02 -27.26
N LYS A 86 -4.16 -27.92 -28.10
CA LYS A 86 -4.62 -29.01 -28.92
C LYS A 86 -4.54 -28.63 -30.39
N ASP A 87 -4.73 -29.63 -31.25
CA ASP A 87 -4.74 -29.38 -32.69
C ASP A 87 -5.92 -28.50 -33.06
N TRP A 88 -5.72 -27.63 -34.04
CA TRP A 88 -6.72 -26.66 -34.48
C TRP A 88 -6.97 -26.80 -35.98
N SER A 89 -7.13 -28.03 -36.44
CA SER A 89 -7.46 -28.27 -37.83
C SER A 89 -8.92 -27.92 -38.10
N SER A 90 -9.18 -27.38 -39.28
CA SER A 90 -10.53 -27.01 -39.68
C SER A 90 -10.60 -26.93 -41.19
N PHE A 91 -11.53 -27.67 -41.78
CA PHE A 91 -11.72 -27.73 -43.23
C PHE A 91 -10.43 -28.13 -43.94
N GLY A 92 -9.69 -29.07 -43.37
CA GLY A 92 -8.43 -29.51 -43.94
C GLY A 92 -7.36 -28.45 -43.99
N ILE A 93 -7.24 -27.65 -42.94
CA ILE A 93 -6.24 -26.59 -42.85
C ILE A 93 -5.41 -26.84 -41.60
N ASN A 94 -4.09 -26.94 -41.76
CA ASN A 94 -3.18 -27.18 -40.64
C ASN A 94 -2.82 -25.85 -40.00
N ILE A 95 -3.77 -25.33 -39.22
CA ILE A 95 -3.59 -24.02 -38.57
C ILE A 95 -2.47 -24.09 -37.54
N GLY A 96 -2.46 -25.13 -36.71
CA GLY A 96 -1.43 -25.28 -35.71
C GLY A 96 -1.45 -26.67 -35.13
N LYS A 97 -0.33 -27.06 -34.55
CA LYS A 97 -0.15 -28.43 -34.04
C LYS A 97 0.31 -28.39 -32.58
N ALA A 98 -0.66 -28.25 -31.67
CA ALA A 98 -0.55 -28.63 -30.27
C ALA A 98 0.80 -28.28 -29.64
N GLY A 99 1.10 -26.98 -29.60
CA GLY A 99 2.28 -26.55 -28.88
C GLY A 99 3.05 -25.40 -29.48
N ASP A 100 2.86 -25.14 -30.77
CA ASP A 100 3.55 -24.08 -31.46
C ASP A 100 2.79 -22.77 -31.29
N THR A 101 3.51 -21.71 -30.93
CA THR A 101 2.88 -20.41 -30.76
C THR A 101 2.27 -19.93 -32.07
N ILE A 102 1.09 -19.33 -31.98
CA ILE A 102 0.34 -18.92 -33.16
C ILE A 102 -0.12 -17.48 -32.97
N GLY A 103 -0.27 -16.77 -34.10
CA GLY A 103 -0.74 -15.40 -34.10
C GLY A 103 -2.10 -15.28 -34.76
N ILE A 104 -2.58 -14.04 -34.84
CA ILE A 104 -3.90 -13.79 -35.41
C ILE A 104 -3.93 -14.14 -36.89
N PHE A 105 -2.89 -13.75 -37.63
CA PHE A 105 -2.88 -13.85 -39.09
C PHE A 105 -2.19 -15.10 -39.60
N ASP A 106 -1.87 -16.05 -38.72
CA ASP A 106 -1.41 -17.36 -39.17
C ASP A 106 -2.54 -18.26 -39.63
N LEU A 107 -3.80 -17.83 -39.45
CA LEU A 107 -4.96 -18.59 -39.88
C LEU A 107 -5.61 -18.04 -41.14
N VAL A 108 -5.11 -16.93 -41.69
CA VAL A 108 -5.56 -16.42 -42.98
C VAL A 108 -4.34 -16.16 -43.84
N SER A 109 -4.41 -16.56 -45.11
CA SER A 109 -3.33 -16.28 -46.05
C SER A 109 -3.23 -14.79 -46.31
N LEU A 110 -2.01 -14.29 -46.39
CA LEU A 110 -1.74 -12.86 -46.53
C LEU A 110 -1.07 -12.59 -47.88
N LYS A 111 -1.62 -11.62 -48.62
CA LYS A 111 -1.04 -11.21 -49.89
C LYS A 111 -0.78 -9.72 -49.90
N ALA A 112 -0.41 -9.16 -51.05
CA ALA A 112 -0.15 -7.75 -51.21
C ALA A 112 -1.26 -7.11 -52.03
N LEU A 113 -1.80 -5.99 -51.52
CA LEU A 113 -2.87 -5.30 -52.21
C LEU A 113 -2.31 -4.44 -53.35
N ASP A 114 -2.96 -4.51 -54.50
CA ASP A 114 -2.57 -3.73 -55.67
C ASP A 114 -3.52 -2.55 -55.79
N GLY A 115 -2.97 -1.34 -55.63
CA GLY A 115 -3.79 -0.15 -55.68
C GLY A 115 -2.97 1.06 -55.29
N VAL A 116 -3.68 2.18 -55.12
CA VAL A 116 -3.07 3.45 -54.73
C VAL A 116 -3.38 3.71 -53.25
N LEU A 117 -2.34 4.08 -52.50
CA LEU A 117 -2.50 4.38 -51.08
C LEU A 117 -2.76 5.86 -50.89
N PRO A 118 -3.82 6.26 -50.19
CA PRO A 118 -4.09 7.69 -50.01
C PRO A 118 -3.00 8.37 -49.19
N ASP A 119 -3.14 9.69 -49.07
CA ASP A 119 -2.11 10.54 -48.46
C ASP A 119 -1.85 10.19 -47.00
N GLY A 120 -2.84 10.40 -46.15
CA GLY A 120 -2.69 10.19 -44.71
C GLY A 120 -2.37 11.48 -43.97
N VAL A 121 -2.72 11.50 -42.69
CA VAL A 121 -2.68 12.72 -41.89
C VAL A 121 -1.86 12.44 -40.62
N SER A 122 -0.87 11.55 -40.72
CA SER A 122 -0.19 11.00 -39.55
C SER A 122 0.33 12.05 -38.58
N ASP A 123 0.10 11.82 -37.29
CA ASP A 123 0.65 12.66 -36.24
C ASP A 123 1.94 12.03 -35.72
N ALA A 124 3.00 12.82 -35.65
CA ALA A 124 4.31 12.33 -35.18
C ALA A 124 4.41 12.25 -33.67
N SER A 125 3.46 12.81 -32.94
CA SER A 125 3.49 12.81 -31.47
C SER A 125 2.79 11.61 -30.86
N ARG A 126 2.26 10.69 -31.67
CA ARG A 126 1.54 9.53 -31.17
C ARG A 126 2.53 8.47 -30.75
N THR A 127 2.60 8.20 -29.45
CA THR A 127 3.54 7.20 -28.92
C THR A 127 3.01 5.79 -29.20
N SER A 128 3.77 4.80 -28.75
CA SER A 128 3.41 3.39 -28.95
C SER A 128 2.49 2.89 -27.85
N ALA A 129 1.41 3.63 -27.59
CA ALA A 129 0.36 3.22 -26.66
C ALA A 129 -0.92 2.87 -27.41
N ASP A 130 -0.77 2.39 -28.64
CA ASP A 130 -1.89 2.12 -29.53
C ASP A 130 -2.43 0.69 -29.37
N ASP A 131 -1.54 -0.30 -29.30
CA ASP A 131 -1.97 -1.70 -29.25
C ASP A 131 -2.83 -1.98 -28.02
N LYS A 132 -2.69 -1.17 -26.98
CA LYS A 132 -3.47 -1.37 -25.77
C LYS A 132 -4.96 -1.16 -26.03
N TRP A 133 -5.31 -0.10 -26.75
CA TRP A 133 -6.72 0.28 -26.87
C TRP A 133 -7.19 0.66 -28.26
N LEU A 134 -6.32 0.93 -29.23
CA LEU A 134 -6.80 1.46 -30.49
C LEU A 134 -7.36 0.38 -31.41
N PRO A 135 -6.71 -0.80 -31.55
CA PRO A 135 -7.39 -1.88 -32.31
C PRO A 135 -8.72 -2.27 -31.70
N LEU A 136 -8.84 -2.24 -30.38
CA LEU A 136 -10.13 -2.57 -29.75
C LEU A 136 -11.20 -1.60 -30.19
N TYR A 137 -10.89 -0.30 -30.20
CA TYR A 137 -11.83 0.71 -30.66
C TYR A 137 -12.17 0.51 -32.13
N LEU A 138 -11.15 0.26 -32.95
CA LEU A 138 -11.38 0.14 -34.39
C LEU A 138 -12.21 -1.09 -34.74
N LEU A 139 -12.09 -2.16 -33.95
CA LEU A 139 -12.94 -3.33 -34.12
C LEU A 139 -14.33 -3.09 -33.56
N GLY A 140 -14.44 -2.35 -32.45
CA GLY A 140 -15.74 -2.04 -31.89
C GLY A 140 -16.60 -1.20 -32.82
N LEU A 141 -15.98 -0.30 -33.58
CA LEU A 141 -16.75 0.46 -34.57
C LEU A 141 -17.33 -0.41 -35.68
N TYR A 142 -16.83 -1.64 -35.86
CA TYR A 142 -17.45 -2.54 -36.82
C TYR A 142 -18.79 -3.07 -36.30
N ARG A 143 -18.83 -3.48 -35.04
CA ARG A 143 -20.09 -3.90 -34.43
C ARG A 143 -21.05 -2.73 -34.28
N VAL A 144 -20.53 -1.56 -33.93
CA VAL A 144 -21.38 -0.38 -33.78
C VAL A 144 -22.03 -0.01 -35.10
N GLY A 145 -21.30 -0.16 -36.20
CA GLY A 145 -21.80 0.23 -37.50
C GLY A 145 -22.72 -0.78 -38.15
N ARG A 146 -23.56 -1.44 -37.35
CA ARG A 146 -24.57 -2.35 -37.87
C ARG A 146 -25.95 -2.18 -37.24
N THR A 147 -26.08 -1.37 -36.18
CA THR A 147 -27.36 -1.25 -35.50
C THR A 147 -28.37 -0.46 -36.32
N GLN A 148 -27.93 0.66 -36.90
CA GLN A 148 -28.77 1.58 -37.67
C GLN A 148 -29.89 2.19 -36.82
N MET A 149 -29.80 2.10 -35.50
CA MET A 149 -30.81 2.66 -34.61
C MET A 149 -30.15 3.36 -33.44
N PRO A 150 -30.59 4.57 -33.09
CA PRO A 150 -29.84 5.38 -32.11
C PRO A 150 -29.66 4.72 -30.75
N GLU A 151 -30.66 3.98 -30.25
CA GLU A 151 -30.60 3.47 -28.88
C GLU A 151 -29.50 2.44 -28.72
N TYR A 152 -29.53 1.39 -29.55
CA TYR A 152 -28.55 0.33 -29.47
C TYR A 152 -27.17 0.84 -29.83
N ARG A 153 -27.08 1.74 -30.82
CA ARG A 153 -25.79 2.32 -31.18
C ARG A 153 -25.20 3.12 -30.03
N LYS A 154 -26.03 3.91 -29.34
CA LYS A 154 -25.54 4.71 -28.23
C LYS A 154 -25.09 3.83 -27.08
N LYS A 155 -25.86 2.77 -26.76
CA LYS A 155 -25.44 1.89 -25.68
C LYS A 155 -24.17 1.10 -26.04
N LEU A 156 -24.01 0.73 -27.32
CA LEU A 156 -22.78 0.08 -27.74
C LEU A 156 -21.60 1.04 -27.67
N MET A 157 -21.82 2.31 -28.00
CA MET A 157 -20.76 3.32 -27.85
C MET A 157 -20.36 3.45 -26.39
N ASP A 158 -21.35 3.47 -25.49
CA ASP A 158 -21.06 3.55 -24.06
C ASP A 158 -20.24 2.34 -23.61
N GLY A 159 -20.64 1.15 -24.05
CA GLY A 159 -19.87 -0.05 -23.71
C GLY A 159 -18.46 -0.02 -24.25
N LEU A 160 -18.29 0.45 -25.48
CA LEU A 160 -16.97 0.54 -26.09
C LEU A 160 -16.08 1.52 -25.34
N THR A 161 -16.62 2.68 -24.97
CA THR A 161 -15.85 3.65 -24.20
C THR A 161 -15.48 3.09 -22.83
N ASN A 162 -16.41 2.36 -22.20
CA ASN A 162 -16.10 1.74 -20.91
C ASN A 162 -14.99 0.71 -21.06
N GLN A 163 -15.04 -0.11 -22.11
CA GLN A 163 -14.01 -1.12 -22.32
C GLN A 163 -12.66 -0.49 -22.59
N CYS A 164 -12.62 0.55 -23.41
CA CYS A 164 -11.36 1.20 -23.74
C CYS A 164 -10.78 1.94 -22.54
N LYS A 165 -11.63 2.61 -21.77
CA LYS A 165 -11.16 3.32 -20.59
C LYS A 165 -10.62 2.36 -19.53
N MET A 166 -11.03 1.09 -19.59
CA MET A 166 -10.49 0.09 -18.68
C MET A 166 -9.01 -0.17 -18.95
N ILE A 167 -8.52 0.18 -20.13
CA ILE A 167 -7.13 -0.08 -20.51
C ILE A 167 -6.30 1.19 -20.56
N ASN A 168 -6.75 2.19 -21.33
CA ASN A 168 -6.01 3.44 -21.49
C ASN A 168 -6.28 4.46 -20.39
N GLU A 169 -7.54 4.56 -19.95
CA GLU A 169 -8.05 5.39 -18.88
C GLU A 169 -8.14 6.87 -19.27
N GLN A 170 -7.57 7.28 -20.41
CA GLN A 170 -7.79 8.64 -20.88
C GLN A 170 -8.89 8.67 -21.93
N PHE A 171 -8.63 8.03 -23.08
CA PHE A 171 -9.60 7.77 -24.14
C PHE A 171 -10.54 8.95 -24.41
N GLU A 172 -10.02 10.05 -24.90
CA GLU A 172 -10.89 11.06 -25.50
C GLU A 172 -11.48 10.46 -26.77
N PRO A 173 -12.80 10.44 -26.95
CA PRO A 173 -13.38 9.81 -28.14
C PRO A 173 -12.86 10.43 -29.42
N LEU A 174 -12.60 9.57 -30.41
CA LEU A 174 -11.97 10.01 -31.65
C LEU A 174 -13.00 10.37 -32.72
N VAL A 175 -13.87 9.43 -33.06
CA VAL A 175 -14.88 9.70 -34.09
C VAL A 175 -15.84 10.76 -33.61
N PRO A 176 -16.18 11.77 -34.42
CA PRO A 176 -17.13 12.79 -33.96
C PRO A 176 -18.50 12.20 -33.69
N GLU A 177 -19.31 12.95 -32.93
CA GLU A 177 -20.63 12.48 -32.53
C GLU A 177 -21.51 12.21 -33.76
N GLY A 178 -21.50 13.13 -34.73
CA GLY A 178 -22.22 12.94 -35.96
C GLY A 178 -21.31 12.49 -37.09
N ARG A 179 -21.91 12.35 -38.28
CA ARG A 179 -21.20 11.96 -39.50
C ARG A 179 -20.48 10.63 -39.29
N ASP A 180 -21.29 9.58 -39.13
CA ASP A 180 -20.74 8.21 -38.91
C ASP A 180 -20.13 7.69 -40.22
N ILE A 181 -18.82 7.45 -40.22
CA ILE A 181 -18.13 6.96 -41.40
C ILE A 181 -17.86 5.47 -41.36
N PHE A 182 -18.23 4.81 -40.28
CA PHE A 182 -17.90 3.40 -40.06
C PHE A 182 -19.00 2.45 -40.46
N ASP A 183 -20.10 2.94 -41.04
CA ASP A 183 -21.12 2.06 -41.59
C ASP A 183 -20.66 1.40 -42.89
N VAL A 184 -19.74 2.05 -43.60
CA VAL A 184 -19.24 1.50 -44.86
C VAL A 184 -18.16 0.44 -44.63
N TRP A 185 -17.48 0.47 -43.47
CA TRP A 185 -16.39 -0.46 -43.21
C TRP A 185 -16.83 -1.92 -43.34
N GLY A 186 -18.09 -2.20 -42.98
CA GLY A 186 -18.60 -3.56 -43.12
C GLY A 186 -18.72 -4.03 -44.55
N ASN A 187 -18.78 -3.10 -45.50
CA ASN A 187 -18.89 -3.45 -46.91
C ASN A 187 -17.54 -3.76 -47.55
N ASP A 188 -16.43 -3.63 -46.81
CA ASP A 188 -15.10 -3.94 -47.31
C ASP A 188 -14.76 -5.35 -46.86
N SER A 189 -14.45 -6.21 -47.82
CA SER A 189 -14.22 -7.63 -47.50
C SER A 189 -13.02 -7.83 -46.61
N ASN A 190 -11.94 -7.07 -46.87
CA ASN A 190 -10.68 -7.26 -46.11
C ASN A 190 -10.88 -6.92 -44.63
N TYR A 191 -11.61 -5.83 -44.33
CA TYR A 191 -11.86 -5.47 -42.94
C TYR A 191 -12.65 -6.56 -42.22
N THR A 192 -13.66 -7.11 -42.89
CA THR A 192 -14.43 -8.19 -42.30
C THR A 192 -13.56 -9.42 -42.07
N LYS A 193 -12.68 -9.74 -43.02
CA LYS A 193 -11.77 -10.86 -42.84
C LYS A 193 -10.89 -10.65 -41.61
N ILE A 194 -10.32 -9.45 -41.47
CA ILE A 194 -9.45 -9.17 -40.33
C ILE A 194 -10.22 -9.28 -39.02
N VAL A 195 -11.42 -8.70 -38.98
CA VAL A 195 -12.18 -8.67 -37.73
C VAL A 195 -12.62 -10.08 -37.34
N ALA A 196 -13.02 -10.90 -38.33
CA ALA A 196 -13.44 -12.26 -38.03
C ALA A 196 -12.25 -13.14 -37.62
N ALA A 197 -11.10 -12.93 -38.26
CA ALA A 197 -9.90 -13.66 -37.85
C ALA A 197 -9.53 -13.32 -36.41
N VAL A 198 -9.59 -12.04 -36.05
CA VAL A 198 -9.31 -11.63 -34.68
C VAL A 198 -10.31 -12.29 -33.73
N ASP A 199 -11.58 -12.27 -34.10
CA ASP A 199 -12.61 -12.84 -33.23
C ASP A 199 -12.37 -14.32 -32.99
N MET A 200 -12.08 -15.08 -34.06
CA MET A 200 -11.91 -16.52 -33.87
C MET A 200 -10.61 -16.84 -33.14
N PHE A 201 -9.54 -16.07 -33.40
CA PHE A 201 -8.30 -16.29 -32.68
C PHE A 201 -8.48 -16.06 -31.19
N PHE A 202 -9.19 -14.99 -30.81
CA PHE A 202 -9.42 -14.76 -29.39
C PHE A 202 -10.51 -15.66 -28.82
N HIS A 203 -11.34 -16.26 -29.67
CA HIS A 203 -12.26 -17.28 -29.21
C HIS A 203 -11.52 -18.56 -28.85
N MET A 204 -10.50 -18.93 -29.65
CA MET A 204 -9.69 -20.09 -29.31
C MET A 204 -8.93 -19.88 -28.01
N PHE A 205 -8.39 -18.68 -27.80
CA PHE A 205 -7.64 -18.34 -26.59
C PHE A 205 -8.48 -17.34 -25.79
N LYS A 206 -9.37 -17.89 -24.95
CA LYS A 206 -10.24 -17.03 -24.15
C LYS A 206 -9.45 -16.21 -23.14
N LYS A 207 -8.47 -16.83 -22.48
CA LYS A 207 -7.76 -16.21 -21.38
C LYS A 207 -6.54 -15.42 -21.85
N HIS A 208 -6.50 -15.00 -23.10
CA HIS A 208 -5.41 -14.17 -23.59
C HIS A 208 -5.44 -12.80 -22.93
N GLU A 209 -4.27 -12.21 -22.77
CA GLU A 209 -4.16 -10.89 -22.14
C GLU A 209 -4.81 -9.78 -22.96
N CYS A 210 -5.04 -10.02 -24.25
CA CYS A 210 -5.70 -9.05 -25.12
C CYS A 210 -7.09 -9.51 -25.53
N ALA A 211 -7.72 -10.35 -24.70
CA ALA A 211 -9.04 -10.88 -25.02
C ALA A 211 -10.11 -9.80 -25.05
N SER A 212 -9.82 -8.61 -24.52
CA SER A 212 -10.77 -7.52 -24.57
C SER A 212 -11.07 -7.08 -26.00
N PHE A 213 -10.21 -7.43 -26.96
CA PHE A 213 -10.48 -7.13 -28.36
C PHE A 213 -11.70 -7.87 -28.89
N ARG A 214 -12.18 -8.89 -28.17
CA ARG A 214 -13.37 -9.60 -28.59
C ARG A 214 -14.58 -8.67 -28.65
N TYR A 215 -14.61 -7.65 -27.79
CA TYR A 215 -15.69 -6.67 -27.86
C TYR A 215 -15.65 -5.96 -29.21
N GLY A 216 -16.81 -5.88 -29.85
CA GLY A 216 -16.92 -5.28 -31.16
C GLY A 216 -16.70 -6.22 -32.32
N THR A 217 -16.28 -7.46 -32.07
CA THR A 217 -16.14 -8.45 -33.14
C THR A 217 -16.91 -9.73 -32.85
N ILE A 218 -17.56 -9.84 -31.69
CA ILE A 218 -18.42 -10.98 -31.42
C ILE A 218 -19.62 -11.03 -32.35
N VAL A 219 -20.01 -9.89 -32.92
CA VAL A 219 -21.09 -9.89 -33.89
C VAL A 219 -20.71 -10.67 -35.14
N SER A 220 -19.41 -10.78 -35.43
CA SER A 220 -18.95 -11.61 -36.53
C SER A 220 -19.12 -13.10 -36.27
N ARG A 221 -19.25 -13.50 -35.01
CA ARG A 221 -19.45 -14.90 -34.67
C ARG A 221 -20.88 -15.30 -35.04
N PHE A 222 -21.00 -16.33 -35.89
CA PHE A 222 -22.29 -16.82 -36.35
C PHE A 222 -23.11 -15.70 -37.01
N LYS A 223 -22.41 -14.80 -37.70
CA LYS A 223 -23.09 -13.73 -38.41
C LYS A 223 -23.88 -14.28 -39.59
N ASP A 224 -25.08 -13.73 -39.79
CA ASP A 224 -26.00 -14.21 -40.83
C ASP A 224 -26.27 -15.70 -40.67
N CYS A 225 -26.45 -16.13 -39.42
CA CYS A 225 -26.78 -17.51 -39.10
C CYS A 225 -27.84 -17.57 -38.01
N ALA A 226 -28.79 -16.63 -38.02
CA ALA A 226 -29.82 -16.59 -36.99
C ALA A 226 -30.75 -17.79 -37.05
N ALA A 227 -30.90 -18.44 -38.22
CA ALA A 227 -31.72 -19.64 -38.29
C ALA A 227 -31.12 -20.78 -37.48
N LEU A 228 -29.80 -20.98 -37.59
CA LEU A 228 -29.15 -21.97 -36.76
C LEU A 228 -29.23 -21.60 -35.29
N ALA A 229 -29.12 -20.31 -34.98
CA ALA A 229 -29.22 -19.85 -33.60
C ALA A 229 -30.59 -20.16 -33.03
N THR A 230 -31.66 -19.92 -33.80
CA THR A 230 -33.00 -20.21 -33.29
C THR A 230 -33.28 -21.70 -33.25
N PHE A 231 -32.66 -22.49 -34.14
CA PHE A 231 -32.76 -23.94 -34.01
C PHE A 231 -32.13 -24.41 -32.71
N GLY A 232 -30.94 -23.90 -32.39
CA GLY A 232 -30.32 -24.24 -31.13
C GLY A 232 -31.13 -23.77 -29.93
N HIS A 233 -31.71 -22.58 -30.03
CA HIS A 233 -32.56 -22.08 -28.96
C HIS A 233 -33.79 -22.97 -28.76
N LEU A 234 -34.39 -23.43 -29.86
CA LEU A 234 -35.52 -24.35 -29.76
C LEU A 234 -35.10 -25.66 -29.11
N CYS A 235 -33.94 -26.19 -29.50
CA CYS A 235 -33.45 -27.41 -28.89
C CYS A 235 -33.12 -27.24 -27.41
N LYS A 236 -32.74 -26.04 -26.99
CA LYS A 236 -32.35 -25.80 -25.61
C LYS A 236 -33.52 -25.43 -24.71
N ILE A 237 -34.54 -24.75 -25.23
CA ILE A 237 -35.66 -24.30 -24.39
C ILE A 237 -36.64 -25.43 -24.09
N THR A 238 -36.85 -26.34 -25.05
CA THR A 238 -37.79 -27.43 -24.84
C THR A 238 -37.17 -28.62 -24.11
N GLY A 239 -35.84 -28.67 -24.01
CA GLY A 239 -35.16 -29.83 -23.46
C GLY A 239 -35.20 -31.05 -24.34
N MET A 240 -35.79 -30.95 -25.53
CA MET A 240 -35.91 -32.10 -26.42
C MET A 240 -34.63 -32.30 -27.21
N SER A 241 -34.33 -33.57 -27.50
CA SER A 241 -33.09 -33.91 -28.19
C SER A 241 -33.09 -33.34 -29.60
N THR A 242 -31.92 -32.84 -30.03
CA THR A 242 -31.81 -32.24 -31.35
C THR A 242 -32.07 -33.25 -32.45
N GLU A 243 -31.82 -34.53 -32.19
CA GLU A 243 -32.16 -35.57 -33.17
C GLU A 243 -33.65 -35.87 -33.20
N ASP A 244 -34.37 -35.61 -32.11
CA ASP A 244 -35.80 -35.87 -32.03
C ASP A 244 -36.63 -34.65 -32.46
N VAL A 245 -36.10 -33.44 -32.26
CA VAL A 245 -36.84 -32.24 -32.67
C VAL A 245 -37.06 -32.23 -34.18
N THR A 246 -36.05 -32.66 -34.94
CA THR A 246 -36.16 -32.66 -36.40
C THR A 246 -37.22 -33.62 -36.92
N THR A 247 -37.71 -34.54 -36.09
CA THR A 247 -38.81 -35.41 -36.51
C THR A 247 -40.11 -34.61 -36.63
N TRP A 248 -40.22 -33.51 -35.89
CA TRP A 248 -41.41 -32.66 -35.93
C TRP A 248 -41.43 -31.69 -37.09
N ILE A 249 -40.53 -31.75 -38.07
CA ILE A 249 -40.57 -30.81 -39.18
C ILE A 249 -41.81 -31.08 -40.02
N LEU A 250 -42.56 -30.02 -40.31
CA LEU A 250 -43.84 -30.15 -41.00
C LEU A 250 -43.95 -29.05 -42.04
N ASN A 251 -45.18 -28.84 -42.54
CA ASN A 251 -45.56 -27.75 -43.44
C ASN A 251 -45.04 -27.96 -44.86
N ARG A 252 -44.18 -28.96 -45.04
CA ARG A 252 -43.63 -29.43 -46.30
C ARG A 252 -42.58 -28.48 -46.89
N GLU A 253 -42.37 -27.28 -46.34
CA GLU A 253 -41.25 -26.45 -46.74
C GLU A 253 -40.13 -26.42 -45.71
N VAL A 254 -40.45 -26.69 -44.45
CA VAL A 254 -39.42 -26.77 -43.41
C VAL A 254 -38.50 -27.96 -43.66
N ALA A 255 -38.99 -28.99 -44.35
CA ALA A 255 -38.17 -30.18 -44.58
C ALA A 255 -36.97 -29.87 -45.47
N ASP A 256 -37.22 -29.24 -46.61
CA ASP A 256 -36.11 -28.85 -47.49
C ASP A 256 -35.18 -27.86 -46.80
N GLU A 257 -35.74 -26.98 -45.98
CA GLU A 257 -34.96 -26.01 -45.23
C GLU A 257 -33.99 -26.71 -44.27
N MET A 258 -34.50 -27.66 -43.49
CA MET A 258 -33.67 -28.43 -42.57
C MET A 258 -32.64 -29.28 -43.31
N VAL A 259 -32.99 -29.84 -44.46
CA VAL A 259 -32.02 -30.59 -45.26
C VAL A 259 -30.89 -29.69 -45.73
N GLN A 260 -31.22 -28.50 -46.23
CA GLN A 260 -30.15 -27.58 -46.65
C GLN A 260 -29.34 -27.08 -45.46
N MET A 261 -29.92 -27.11 -44.26
CA MET A 261 -29.18 -26.74 -43.06
C MET A 261 -28.07 -27.75 -42.76
N MET A 262 -28.39 -29.04 -42.85
CA MET A 262 -27.53 -30.09 -42.33
C MET A 262 -26.81 -30.89 -43.41
N LEU A 263 -26.28 -30.25 -44.43
CA LEU A 263 -25.39 -30.96 -45.34
C LEU A 263 -24.19 -31.44 -44.55
N PRO A 264 -23.76 -32.70 -44.71
CA PRO A 264 -22.78 -33.28 -43.79
C PRO A 264 -21.46 -32.51 -43.67
N GLY A 265 -20.80 -32.28 -44.80
CA GLY A 265 -19.47 -31.71 -44.77
C GLY A 265 -19.41 -30.20 -44.55
N GLN A 266 -19.87 -29.74 -43.39
CA GLN A 266 -19.80 -28.32 -43.05
C GLN A 266 -19.23 -28.04 -41.66
N GLU A 267 -19.13 -29.03 -40.79
CA GLU A 267 -18.59 -28.86 -39.44
C GLU A 267 -19.29 -27.73 -38.69
N ILE A 268 -20.62 -27.69 -38.81
CA ILE A 268 -21.39 -26.66 -38.13
C ILE A 268 -21.48 -26.89 -36.62
N ASP A 269 -21.11 -28.08 -36.16
CA ASP A 269 -21.09 -28.39 -34.74
C ASP A 269 -19.71 -28.19 -34.11
N LYS A 270 -18.74 -27.71 -34.87
CA LYS A 270 -17.38 -27.50 -34.38
C LYS A 270 -17.20 -26.02 -34.07
N ALA A 271 -16.90 -25.72 -32.80
CA ALA A 271 -16.76 -24.32 -32.39
C ALA A 271 -15.52 -23.69 -32.99
N ASP A 272 -14.38 -24.36 -32.91
CA ASP A 272 -13.12 -23.83 -33.40
C ASP A 272 -12.90 -24.17 -34.88
N SER A 273 -13.87 -23.81 -35.71
CA SER A 273 -13.83 -24.06 -37.14
C SER A 273 -14.09 -22.77 -37.91
N TYR A 274 -13.97 -22.85 -39.24
CA TYR A 274 -14.17 -21.71 -40.11
C TYR A 274 -15.65 -21.45 -40.41
N MET A 275 -16.54 -22.35 -39.98
CA MET A 275 -17.96 -22.21 -40.32
C MET A 275 -18.58 -20.92 -39.80
N PRO A 276 -18.44 -20.54 -38.52
CA PRO A 276 -19.17 -19.36 -38.02
C PRO A 276 -18.83 -18.06 -38.73
N TYR A 277 -17.78 -18.04 -39.55
CA TYR A 277 -17.39 -16.86 -40.31
C TYR A 277 -17.43 -17.16 -41.80
N LEU A 278 -18.45 -17.90 -42.24
CA LEU A 278 -18.59 -18.26 -43.64
C LEU A 278 -18.87 -17.05 -44.52
N ILE A 279 -19.36 -15.95 -43.94
CA ILE A 279 -19.67 -14.76 -44.70
C ILE A 279 -18.64 -13.66 -44.51
N ASP A 280 -18.04 -13.53 -43.33
CA ASP A 280 -17.05 -12.48 -43.11
C ASP A 280 -15.73 -12.81 -43.78
N PHE A 281 -15.32 -14.09 -43.72
CA PHE A 281 -14.14 -14.54 -44.46
C PHE A 281 -14.38 -14.61 -45.96
N GLY A 282 -15.62 -14.45 -46.41
CA GLY A 282 -15.90 -14.56 -47.82
C GLY A 282 -16.06 -15.98 -48.31
N LEU A 283 -16.18 -16.95 -47.39
CA LEU A 283 -16.38 -18.34 -47.79
C LEU A 283 -17.69 -18.50 -48.54
N SER A 284 -18.75 -17.85 -48.07
CA SER A 284 -20.06 -17.93 -48.70
C SER A 284 -20.59 -16.52 -48.93
N SER A 285 -21.06 -16.27 -50.16
CA SER A 285 -21.70 -15.00 -50.48
C SER A 285 -23.11 -14.91 -49.91
N LYS A 286 -23.86 -16.00 -49.98
CA LYS A 286 -25.20 -16.09 -49.42
C LYS A 286 -25.21 -17.26 -48.44
N SER A 287 -25.21 -16.96 -47.15
CA SER A 287 -25.12 -18.01 -46.14
C SER A 287 -26.41 -18.82 -46.11
N PRO A 288 -26.35 -20.15 -46.27
CA PRO A 288 -27.58 -20.96 -46.20
C PRO A 288 -28.27 -20.89 -44.84
N TYR A 289 -27.52 -20.65 -43.78
CA TYR A 289 -28.06 -20.62 -42.43
C TYR A 289 -28.66 -19.26 -42.07
N SER A 290 -28.76 -18.34 -43.01
CA SER A 290 -29.31 -17.03 -42.74
C SER A 290 -30.83 -17.12 -42.53
N SER A 291 -31.40 -16.05 -41.96
CA SER A 291 -32.83 -16.00 -41.69
C SER A 291 -33.64 -15.58 -42.91
N VAL A 292 -33.09 -14.74 -43.78
CA VAL A 292 -33.82 -14.36 -44.98
C VAL A 292 -33.93 -15.55 -45.93
N LYS A 293 -32.91 -16.40 -46.00
CA LYS A 293 -32.96 -17.63 -46.78
C LYS A 293 -33.68 -18.75 -46.06
N ASN A 294 -33.89 -18.62 -44.75
CA ASN A 294 -34.60 -19.62 -43.96
C ASN A 294 -35.71 -18.94 -43.16
N PRO A 295 -36.75 -18.46 -43.86
CA PRO A 295 -37.81 -17.72 -43.14
C PRO A 295 -38.74 -18.62 -42.34
N ALA A 296 -39.20 -19.72 -42.95
CA ALA A 296 -40.23 -20.54 -42.32
C ALA A 296 -39.71 -21.20 -41.05
N PHE A 297 -38.50 -21.77 -41.12
CA PHE A 297 -37.94 -22.44 -39.95
C PHE A 297 -37.72 -21.46 -38.81
N HIS A 298 -37.18 -20.28 -39.12
CA HIS A 298 -36.97 -19.26 -38.10
C HIS A 298 -38.29 -18.84 -37.45
N PHE A 299 -39.32 -18.62 -38.28
CA PHE A 299 -40.62 -18.24 -37.75
C PHE A 299 -41.18 -19.33 -36.84
N TRP A 300 -41.15 -20.58 -37.29
CA TRP A 300 -41.68 -21.68 -36.50
C TRP A 300 -40.95 -21.81 -35.16
N GLY A 301 -39.61 -21.85 -35.22
CA GLY A 301 -38.84 -22.02 -34.00
C GLY A 301 -39.03 -20.88 -33.02
N GLN A 302 -39.04 -19.65 -33.52
CA GLN A 302 -39.18 -18.50 -32.63
C GLN A 302 -40.57 -18.45 -32.01
N LEU A 303 -41.62 -18.74 -32.79
CA LEU A 303 -42.96 -18.76 -32.23
C LEU A 303 -43.09 -19.86 -31.18
N THR A 304 -42.52 -21.04 -31.46
CA THR A 304 -42.58 -22.13 -30.49
C THR A 304 -41.85 -21.77 -29.21
N ALA A 305 -40.69 -21.14 -29.33
CA ALA A 305 -39.95 -20.72 -28.14
C ALA A 305 -40.71 -19.66 -27.36
N LEU A 306 -41.38 -18.74 -28.04
CA LEU A 306 -42.19 -17.75 -27.34
C LEU A 306 -43.34 -18.40 -26.59
N LEU A 307 -43.99 -19.39 -27.21
CA LEU A 307 -45.11 -20.05 -26.55
C LEU A 307 -44.68 -20.82 -25.31
N LEU A 308 -43.39 -21.06 -25.13
CA LEU A 308 -42.86 -21.72 -23.94
C LEU A 308 -42.19 -20.75 -22.98
N ARG A 309 -42.54 -19.46 -23.06
CA ARG A 309 -42.05 -18.43 -22.15
C ARG A 309 -40.52 -18.33 -22.18
N SER A 310 -40.00 -17.95 -23.35
CA SER A 310 -38.58 -17.71 -23.55
C SER A 310 -38.39 -16.23 -23.86
N THR A 311 -37.52 -15.57 -23.10
CA THR A 311 -37.29 -14.15 -23.31
C THR A 311 -36.56 -13.86 -24.61
N ARG A 312 -35.86 -14.85 -25.16
CA ARG A 312 -35.15 -14.65 -26.43
C ARG A 312 -36.14 -14.44 -27.58
N ALA A 313 -37.23 -15.20 -27.58
CA ALA A 313 -38.15 -15.23 -28.71
C ALA A 313 -39.22 -14.15 -28.64
N ARG A 314 -38.80 -12.90 -28.44
CA ARG A 314 -39.71 -11.76 -28.45
C ARG A 314 -39.15 -10.58 -29.24
N ASN A 315 -37.97 -10.73 -29.85
CA ASN A 315 -37.37 -9.66 -30.63
C ASN A 315 -37.03 -10.06 -32.06
N ALA A 316 -37.07 -11.34 -32.41
CA ALA A 316 -36.73 -11.74 -33.77
C ALA A 316 -37.78 -11.24 -34.75
N ARG A 317 -37.31 -10.76 -35.90
CA ARG A 317 -38.21 -10.19 -36.90
C ARG A 317 -39.08 -11.27 -37.51
N GLN A 318 -40.35 -10.96 -37.69
CA GLN A 318 -41.30 -11.88 -38.30
C GLN A 318 -41.02 -11.95 -39.80
N PRO A 319 -40.66 -13.11 -40.35
CA PRO A 319 -40.31 -13.18 -41.77
C PRO A 319 -41.52 -12.96 -42.67
N ASP A 320 -41.25 -12.44 -43.86
CA ASP A 320 -42.27 -12.15 -44.85
C ASP A 320 -42.24 -13.17 -45.98
N ASP A 321 -43.26 -13.09 -46.85
CA ASP A 321 -43.38 -13.91 -48.05
C ASP A 321 -43.45 -15.40 -47.73
N ILE A 322 -44.02 -15.76 -46.58
CA ILE A 322 -44.22 -17.16 -46.20
C ILE A 322 -45.60 -17.28 -45.56
N GLU A 323 -46.25 -18.42 -45.77
CA GLU A 323 -47.56 -18.66 -45.15
C GLU A 323 -47.43 -18.74 -43.64
N TYR A 324 -48.38 -18.16 -42.92
CA TYR A 324 -48.30 -18.04 -41.47
C TYR A 324 -49.19 -19.03 -40.72
N THR A 325 -50.36 -19.38 -41.26
CA THR A 325 -51.32 -20.17 -40.52
C THR A 325 -50.77 -21.55 -40.19
N SER A 326 -50.20 -22.23 -41.18
CA SER A 326 -49.69 -23.58 -40.96
C SER A 326 -48.52 -23.58 -39.96
N LEU A 327 -47.62 -22.60 -40.09
CA LEU A 327 -46.51 -22.52 -39.15
C LEU A 327 -47.00 -22.24 -37.74
N THR A 328 -48.00 -21.37 -37.59
CA THR A 328 -48.56 -21.12 -36.26
C THR A 328 -49.20 -22.37 -35.69
N THR A 329 -49.91 -23.13 -36.53
CA THR A 329 -50.53 -24.36 -36.06
C THR A 329 -49.49 -25.36 -35.58
N ALA A 330 -48.42 -25.55 -36.37
CA ALA A 330 -47.37 -26.50 -35.98
C ALA A 330 -46.67 -26.04 -34.71
N GLY A 331 -46.37 -24.74 -34.60
CA GLY A 331 -45.72 -24.24 -33.41
C GLY A 331 -46.58 -24.40 -32.17
N LEU A 332 -47.89 -24.12 -32.31
CA LEU A 332 -48.80 -24.30 -31.18
C LEU A 332 -48.89 -25.76 -30.77
N LEU A 333 -48.92 -26.67 -31.75
CA LEU A 333 -48.95 -28.09 -31.43
C LEU A 333 -47.71 -28.51 -30.66
N TYR A 334 -46.53 -28.11 -31.14
CA TYR A 334 -45.30 -28.50 -30.46
C TYR A 334 -45.21 -27.87 -29.07
N ALA A 335 -45.63 -26.61 -28.95
CA ALA A 335 -45.60 -25.94 -27.66
C ALA A 335 -46.54 -26.60 -26.67
N TYR A 336 -47.73 -27.00 -27.11
CA TYR A 336 -48.64 -27.72 -26.23
C TYR A 336 -48.05 -29.07 -25.84
N ALA A 337 -47.40 -29.74 -26.79
CA ALA A 337 -46.76 -31.02 -26.47
C ALA A 337 -45.69 -30.86 -25.39
N VAL A 338 -44.89 -29.81 -25.49
CA VAL A 338 -43.84 -29.59 -24.49
C VAL A 338 -44.44 -29.18 -23.15
N GLY A 339 -45.43 -28.28 -23.16
CA GLY A 339 -45.91 -27.70 -21.92
C GLY A 339 -46.93 -28.52 -21.17
N SER A 340 -47.64 -29.42 -21.85
CA SER A 340 -48.69 -30.21 -21.22
C SER A 340 -48.32 -31.67 -21.02
N SER A 341 -47.30 -32.17 -21.69
CA SER A 341 -46.90 -33.58 -21.61
C SER A 341 -45.47 -33.65 -21.08
N ALA A 342 -45.32 -33.64 -19.76
CA ALA A 342 -44.01 -33.82 -19.15
C ALA A 342 -43.57 -35.28 -19.27
N ASP A 343 -42.27 -35.49 -19.43
CA ASP A 343 -41.77 -36.83 -19.70
C ASP A 343 -41.90 -37.72 -18.46
N LEU A 344 -41.18 -37.40 -17.40
CA LEU A 344 -41.28 -38.10 -16.11
C LEU A 344 -41.15 -39.63 -16.29
N ALA A 345 -40.01 -40.04 -16.83
CA ALA A 345 -39.72 -41.43 -17.13
C ALA A 345 -38.42 -41.86 -16.47
N GLN A 346 -38.40 -43.09 -15.95
CA GLN A 346 -37.21 -43.62 -15.28
C GLN A 346 -36.06 -43.76 -16.27
N GLN A 347 -34.88 -43.30 -15.88
CA GLN A 347 -33.76 -43.19 -16.80
C GLN A 347 -32.48 -43.79 -16.24
N PHE A 348 -32.32 -43.75 -14.93
CA PHE A 348 -31.19 -44.37 -14.23
C PHE A 348 -31.73 -45.46 -13.32
N CYS A 349 -31.23 -46.68 -13.50
CA CYS A 349 -31.66 -47.83 -12.71
C CYS A 349 -30.46 -48.43 -11.99
N VAL A 350 -30.70 -48.90 -10.77
CA VAL A 350 -29.66 -49.55 -9.97
C VAL A 350 -29.91 -51.07 -10.08
N GLY A 351 -29.27 -51.68 -11.08
CA GLY A 351 -29.41 -53.10 -11.31
C GLY A 351 -30.74 -53.48 -11.90
N ASP A 352 -31.82 -53.12 -11.22
CA ASP A 352 -33.18 -53.47 -11.63
C ASP A 352 -34.06 -52.24 -11.40
N ASN A 353 -35.38 -52.46 -11.39
CA ASN A 353 -36.37 -51.40 -11.20
C ASN A 353 -36.29 -50.37 -12.33
N LYS A 354 -36.56 -50.85 -13.54
CA LYS A 354 -36.41 -50.05 -14.76
C LYS A 354 -37.75 -49.54 -15.29
N TYR A 355 -38.70 -50.44 -15.48
CA TYR A 355 -39.86 -50.17 -16.32
C TYR A 355 -40.90 -49.34 -15.57
N THR A 356 -42.09 -49.22 -16.16
CA THR A 356 -43.22 -48.44 -15.69
C THR A 356 -44.46 -49.31 -15.63
N PRO A 369 -54.20 -35.19 -23.63
CA PRO A 369 -52.86 -35.23 -24.23
C PRO A 369 -52.21 -36.58 -24.02
N PRO A 370 -51.40 -37.06 -24.98
CA PRO A 370 -50.81 -38.40 -24.87
C PRO A 370 -49.80 -38.54 -23.73
N GLN A 371 -49.53 -37.44 -23.02
CA GLN A 371 -48.59 -37.43 -21.91
C GLN A 371 -47.21 -37.92 -22.35
N GLY A 372 -46.81 -37.52 -23.55
CA GLY A 372 -45.51 -37.90 -24.09
C GLY A 372 -45.03 -36.87 -25.10
N ARG A 373 -43.80 -37.06 -25.54
CA ARG A 373 -43.17 -36.15 -26.49
C ARG A 373 -42.92 -36.79 -27.85
N ASP A 374 -43.37 -38.03 -28.08
CA ASP A 374 -43.18 -38.65 -29.38
C ASP A 374 -43.98 -37.93 -30.44
N VAL A 375 -43.40 -37.82 -31.64
CA VAL A 375 -44.03 -37.08 -32.72
C VAL A 375 -45.29 -37.80 -33.20
N VAL A 376 -45.26 -39.13 -33.25
CA VAL A 376 -46.39 -39.89 -33.77
C VAL A 376 -47.60 -39.79 -32.83
N GLU A 377 -47.35 -39.81 -31.51
CA GLU A 377 -48.44 -39.74 -30.56
C GLU A 377 -49.21 -38.43 -30.69
N TRP A 378 -48.48 -37.31 -30.72
CA TRP A 378 -49.14 -36.02 -30.83
C TRP A 378 -49.68 -35.75 -32.22
N PRO A 391 -59.59 -25.73 -28.33
CA PRO A 391 -59.66 -24.50 -27.54
C PRO A 391 -58.68 -24.47 -26.37
N ASP A 392 -58.32 -25.62 -25.81
CA ASP A 392 -57.35 -25.63 -24.72
C ASP A 392 -55.98 -25.18 -25.19
N MET A 393 -55.62 -25.48 -26.45
CA MET A 393 -54.33 -25.02 -26.97
C MET A 393 -54.29 -23.51 -27.13
N MET A 394 -55.40 -22.90 -27.59
CA MET A 394 -55.45 -21.44 -27.61
C MET A 394 -55.47 -20.86 -26.21
N GLN A 395 -56.08 -21.57 -25.24
CA GLN A 395 -56.00 -21.10 -23.85
C GLN A 395 -54.56 -21.11 -23.35
N TYR A 396 -53.82 -22.17 -23.65
CA TYR A 396 -52.41 -22.24 -23.28
C TYR A 396 -51.60 -21.13 -23.96
N ALA A 397 -51.87 -20.90 -25.25
CA ALA A 397 -51.16 -19.83 -25.96
C ALA A 397 -51.47 -18.47 -25.36
N LYS A 398 -52.74 -18.23 -25.02
CA LYS A 398 -53.11 -16.97 -24.39
C LYS A 398 -52.41 -16.81 -23.05
N ARG A 399 -52.36 -17.88 -22.25
CA ARG A 399 -51.65 -17.82 -20.98
C ARG A 399 -50.17 -17.51 -21.19
N ALA A 400 -49.58 -18.04 -22.26
CA ALA A 400 -48.16 -17.81 -22.53
C ALA A 400 -47.90 -16.38 -22.98
N VAL A 401 -48.77 -15.83 -23.82
CA VAL A 401 -48.48 -14.55 -24.47
C VAL A 401 -48.96 -13.33 -23.68
N MET A 402 -49.89 -13.51 -22.74
CA MET A 402 -50.31 -12.38 -21.93
C MET A 402 -49.17 -11.93 -21.00
N SER A 403 -49.38 -10.79 -20.36
CA SER A 403 -48.46 -10.22 -19.37
C SER A 403 -47.08 -9.89 -19.95
N LEU A 404 -47.01 -9.54 -21.23
CA LEU A 404 -45.78 -9.02 -21.83
C LEU A 404 -45.93 -7.52 -22.02
N GLN A 405 -44.97 -6.76 -21.48
CA GLN A 405 -45.00 -5.31 -21.54
C GLN A 405 -43.98 -4.81 -22.56
N GLY A 406 -44.39 -3.86 -23.40
CA GLY A 406 -43.49 -3.27 -24.37
C GLY A 406 -43.11 -4.22 -25.49
N LEU A 407 -44.07 -4.57 -26.34
CA LEU A 407 -43.80 -5.48 -27.44
C LEU A 407 -42.97 -4.79 -28.52
N ARG A 408 -42.64 -5.54 -29.55
CA ARG A 408 -41.76 -5.09 -30.62
C ARG A 408 -42.47 -5.19 -31.95
N GLU A 409 -42.39 -4.12 -32.75
CA GLU A 409 -43.05 -4.10 -34.05
C GLU A 409 -42.38 -5.08 -35.00
N LYS A 410 -43.19 -5.76 -35.81
CA LYS A 410 -42.79 -6.70 -36.85
C LYS A 410 -42.09 -7.94 -36.29
N THR A 411 -42.20 -8.20 -34.98
CA THR A 411 -41.51 -9.33 -34.39
C THR A 411 -42.49 -10.45 -34.05
N ILE A 412 -41.96 -11.52 -33.46
CA ILE A 412 -42.78 -12.68 -33.11
C ILE A 412 -43.72 -12.36 -31.96
N GLY A 413 -43.25 -11.58 -30.98
CA GLY A 413 -44.07 -11.31 -29.80
C GLY A 413 -45.34 -10.58 -30.12
N LYS A 414 -45.24 -9.51 -30.92
CA LYS A 414 -46.43 -8.75 -31.28
C LYS A 414 -47.37 -9.56 -32.17
N TYR A 415 -46.81 -10.37 -33.08
CA TYR A 415 -47.66 -11.22 -33.92
C TYR A 415 -48.42 -12.22 -33.08
N ALA A 416 -47.75 -12.84 -32.09
CA ALA A 416 -48.43 -13.78 -31.21
C ALA A 416 -49.49 -13.08 -30.36
N LYS A 417 -49.20 -11.86 -29.89
CA LYS A 417 -50.18 -11.12 -29.11
C LYS A 417 -51.38 -10.72 -29.95
N SER A 418 -51.18 -10.49 -31.24
CA SER A 418 -52.28 -10.19 -32.15
C SER A 418 -52.91 -11.42 -32.75
N GLU A 419 -52.36 -12.61 -32.48
CA GLU A 419 -52.87 -13.85 -33.05
C GLU A 419 -53.37 -14.85 -32.01
N PHE A 420 -52.74 -14.93 -30.85
CA PHE A 420 -53.10 -15.90 -29.83
C PHE A 420 -53.57 -15.21 -28.55
N ASP A 421 -54.15 -14.01 -28.70
CA ASP A 421 -54.70 -13.29 -27.56
C ASP A 421 -56.04 -12.64 -27.92
N LYS A 422 -56.80 -13.27 -28.80
CA LYS A 422 -58.09 -12.72 -29.22
C LYS A 422 -59.10 -12.76 -28.07
N MET B 1 -24.64 -39.74 -34.38
CA MET B 1 -25.79 -39.74 -33.50
C MET B 1 -26.00 -41.10 -32.86
N SER B 2 -26.85 -41.15 -31.82
CA SER B 2 -27.15 -42.42 -31.18
C SER B 2 -27.85 -43.37 -32.13
N VAL B 3 -28.87 -42.89 -32.84
CA VAL B 3 -29.60 -43.66 -33.83
C VAL B 3 -29.74 -42.80 -35.09
N THR B 4 -30.38 -43.37 -36.09
CA THR B 4 -30.54 -42.71 -37.39
C THR B 4 -31.97 -42.21 -37.55
N VAL B 5 -32.10 -40.94 -37.92
CA VAL B 5 -33.39 -40.33 -38.24
C VAL B 5 -33.33 -39.82 -39.67
N LYS B 6 -34.40 -40.08 -40.42
CA LYS B 6 -34.45 -39.76 -41.85
C LYS B 6 -35.69 -38.94 -42.15
N ARG B 7 -35.53 -37.97 -43.05
CA ARG B 7 -36.67 -37.24 -43.59
C ARG B 7 -37.33 -38.08 -44.67
N VAL B 13 -30.97 -39.68 -45.15
CA VAL B 13 -30.51 -39.39 -43.80
C VAL B 13 -30.40 -37.88 -43.61
N ILE B 14 -30.66 -37.42 -42.39
CA ILE B 14 -30.65 -35.99 -42.09
C ILE B 14 -29.64 -35.61 -41.02
N VAL B 15 -29.32 -36.50 -40.09
CA VAL B 15 -28.29 -36.34 -39.06
C VAL B 15 -28.20 -34.91 -38.53
N PRO B 16 -29.23 -34.42 -37.83
CA PRO B 16 -29.16 -33.06 -37.28
C PRO B 16 -28.08 -32.96 -36.21
N LYS B 17 -27.43 -31.81 -36.15
CA LYS B 17 -26.38 -31.56 -35.17
C LYS B 17 -26.50 -30.14 -34.65
N LEU B 18 -26.33 -29.97 -33.34
CA LEU B 18 -26.50 -28.67 -32.72
C LEU B 18 -25.42 -27.70 -33.18
N PRO B 19 -25.79 -26.47 -33.55
CA PRO B 19 -24.78 -25.46 -33.87
C PRO B 19 -23.99 -25.07 -32.63
N ALA B 20 -22.73 -24.70 -32.85
CA ALA B 20 -21.79 -24.43 -31.77
C ALA B 20 -21.88 -22.99 -31.27
N ASN B 21 -23.09 -22.63 -30.82
CA ASN B 21 -23.28 -21.34 -30.17
C ASN B 21 -22.49 -21.28 -28.86
N GLU B 22 -22.51 -22.37 -28.10
CA GLU B 22 -21.73 -22.49 -26.88
C GLU B 22 -20.62 -23.51 -27.08
N ASP B 23 -19.44 -23.19 -26.58
CA ASP B 23 -18.26 -24.00 -26.82
C ASP B 23 -18.38 -25.35 -26.12
N PRO B 24 -17.76 -26.39 -26.69
CA PRO B 24 -17.83 -27.71 -26.05
C PRO B 24 -17.00 -27.75 -24.77
N VAL B 25 -17.29 -28.76 -23.96
CA VAL B 25 -16.64 -28.91 -22.66
C VAL B 25 -15.24 -29.48 -22.84
N GLU B 26 -14.37 -29.16 -21.90
CA GLU B 26 -13.01 -29.69 -21.86
C GLU B 26 -12.74 -30.26 -20.48
N TYR B 27 -12.09 -31.41 -20.43
CA TYR B 27 -11.88 -32.01 -19.13
C TYR B 27 -10.43 -31.90 -18.71
N PRO B 28 -10.16 -31.82 -17.39
CA PRO B 28 -8.76 -31.75 -16.93
C PRO B 28 -7.93 -32.94 -17.37
N ALA B 29 -8.55 -34.11 -17.49
CA ALA B 29 -7.83 -35.29 -17.93
C ALA B 29 -7.25 -35.11 -19.33
N ASP B 30 -8.01 -34.51 -20.24
CA ASP B 30 -7.50 -34.26 -21.59
C ASP B 30 -6.29 -33.32 -21.55
N TYR B 31 -6.37 -32.28 -20.72
CA TYR B 31 -5.25 -31.34 -20.60
C TYR B 31 -4.01 -32.06 -20.07
N PHE B 32 -4.17 -32.90 -19.06
CA PHE B 32 -3.03 -33.61 -18.51
C PHE B 32 -2.53 -34.73 -19.41
N ARG B 33 -3.34 -35.21 -20.34
CA ARG B 33 -2.81 -36.08 -21.39
C ARG B 33 -2.01 -35.29 -22.42
N LYS B 34 -2.48 -34.09 -22.76
CA LYS B 34 -1.79 -33.29 -23.77
C LYS B 34 -0.46 -32.75 -23.22
N SER B 35 -0.49 -32.19 -22.02
CA SER B 35 0.70 -31.64 -21.37
C SER B 35 0.83 -32.22 -19.97
N LYS B 36 2.07 -32.47 -19.56
CA LYS B 36 2.36 -33.08 -18.26
C LYS B 36 2.75 -32.05 -17.20
N GLU B 37 2.44 -30.78 -17.42
CA GLU B 37 2.77 -29.73 -16.48
C GLU B 37 1.84 -28.55 -16.67
N ILE B 38 1.83 -27.66 -15.69
CA ILE B 38 1.05 -26.43 -15.76
C ILE B 38 2.02 -25.26 -15.77
N PRO B 39 2.34 -24.69 -16.92
CA PRO B 39 3.34 -23.61 -16.97
C PRO B 39 2.81 -22.32 -16.35
N LEU B 40 3.71 -21.61 -15.67
CA LEU B 40 3.43 -20.30 -15.09
C LEU B 40 4.50 -19.34 -15.60
N TYR B 41 4.10 -18.42 -16.48
CA TYR B 41 5.05 -17.50 -17.09
C TYR B 41 5.16 -16.22 -16.27
N ILE B 42 6.36 -15.93 -15.77
CA ILE B 42 6.62 -14.74 -14.98
C ILE B 42 7.95 -14.13 -15.42
N ASN B 43 8.18 -12.90 -14.99
CA ASN B 43 9.41 -12.17 -15.30
C ASN B 43 10.15 -12.00 -13.98
N THR B 44 11.32 -12.65 -13.87
CA THR B 44 12.11 -12.64 -12.66
C THR B 44 13.35 -11.74 -12.75
N THR B 45 13.39 -10.85 -13.75
CA THR B 45 14.55 -9.97 -13.90
C THR B 45 14.43 -8.75 -13.02
N LYS B 46 14.17 -8.97 -11.72
CA LYS B 46 14.06 -7.89 -10.76
C LYS B 46 14.33 -8.45 -9.37
N SER B 47 14.63 -7.55 -8.43
CA SER B 47 14.84 -7.94 -7.05
C SER B 47 13.52 -7.93 -6.30
N LEU B 48 13.46 -8.72 -5.22
CA LEU B 48 12.21 -8.87 -4.48
C LEU B 48 11.78 -7.56 -3.84
N SER B 49 12.71 -6.83 -3.23
CA SER B 49 12.36 -5.56 -2.60
C SER B 49 11.90 -4.54 -3.64
N ASP B 50 12.55 -4.51 -4.80
CA ASP B 50 12.15 -3.57 -5.85
C ASP B 50 10.75 -3.90 -6.36
N LEU B 51 10.45 -5.19 -6.51
CA LEU B 51 9.10 -5.61 -6.89
C LEU B 51 8.07 -5.26 -5.82
N ARG B 52 8.45 -5.38 -4.55
CA ARG B 52 7.55 -4.97 -3.47
C ARG B 52 7.24 -3.48 -3.57
N GLY B 53 8.26 -2.68 -3.84
CA GLY B 53 8.03 -1.25 -4.06
C GLY B 53 7.13 -0.98 -5.26
N TYR B 54 7.41 -1.65 -6.38
CA TYR B 54 6.52 -1.57 -7.55
C TYR B 54 5.07 -1.80 -7.17
N VAL B 55 4.78 -2.95 -6.56
CA VAL B 55 3.39 -3.31 -6.29
C VAL B 55 2.77 -2.39 -5.24
N TYR B 56 3.53 -1.99 -4.22
CA TYR B 56 2.99 -1.11 -3.19
C TYR B 56 2.61 0.24 -3.77
N GLN B 57 3.53 0.87 -4.51
CA GLN B 57 3.22 2.19 -5.04
C GLN B 57 2.22 2.13 -6.20
N GLY B 58 2.17 1.02 -6.92
CA GLY B 58 1.13 0.86 -7.92
C GLY B 58 -0.25 0.73 -7.31
N LEU B 59 -0.36 -0.02 -6.21
CA LEU B 59 -1.63 -0.10 -5.51
C LEU B 59 -2.02 1.25 -4.91
N LYS B 60 -1.04 1.98 -4.36
CA LYS B 60 -1.32 3.29 -3.79
C LYS B 60 -1.78 4.27 -4.85
N SER B 61 -1.12 4.27 -6.01
CA SER B 61 -1.48 5.16 -7.10
C SER B 61 -2.56 4.59 -8.01
N GLY B 62 -2.93 3.32 -7.84
CA GLY B 62 -3.97 2.73 -8.66
C GLY B 62 -3.57 2.46 -10.09
N ASN B 63 -2.27 2.33 -10.37
CA ASN B 63 -1.79 2.07 -11.72
C ASN B 63 -0.74 0.96 -11.69
N VAL B 64 -1.05 -0.13 -10.99
CA VAL B 64 -0.14 -1.26 -10.90
C VAL B 64 -0.37 -2.20 -12.10
N SER B 65 0.72 -2.76 -12.62
CA SER B 65 0.66 -3.66 -13.75
C SER B 65 0.56 -5.10 -13.28
N ILE B 66 -0.10 -5.93 -14.09
CA ILE B 66 -0.31 -7.34 -13.71
C ILE B 66 1.01 -8.10 -13.69
N ILE B 67 1.94 -7.77 -14.60
CA ILE B 67 3.21 -8.48 -14.62
C ILE B 67 3.97 -8.26 -13.32
N HIS B 68 3.99 -7.01 -12.84
CA HIS B 68 4.68 -6.71 -11.59
C HIS B 68 4.05 -7.43 -10.42
N VAL B 69 2.72 -7.48 -10.36
CA VAL B 69 2.07 -8.11 -9.20
C VAL B 69 2.29 -9.62 -9.24
N ASN B 70 2.28 -10.24 -10.42
CA ASN B 70 2.58 -11.67 -10.51
C ASN B 70 4.01 -11.96 -10.10
N SER B 71 4.96 -11.13 -10.57
CA SER B 71 6.36 -11.34 -10.23
C SER B 71 6.57 -11.19 -8.73
N TYR B 72 5.98 -10.18 -8.11
CA TYR B 72 6.13 -10.00 -6.67
C TYR B 72 5.46 -11.11 -5.90
N LEU B 73 4.29 -11.57 -6.36
CA LEU B 73 3.61 -12.66 -5.69
C LEU B 73 4.44 -13.94 -5.73
N TYR B 74 5.11 -14.20 -6.86
CA TYR B 74 6.04 -15.32 -6.88
C TYR B 74 7.20 -15.10 -5.92
N GLY B 75 7.79 -13.90 -5.93
CA GLY B 75 8.97 -13.64 -5.12
C GLY B 75 8.73 -13.69 -3.62
N ALA B 76 7.55 -13.29 -3.17
CA ALA B 76 7.25 -13.23 -1.75
C ALA B 76 6.56 -14.48 -1.21
N LEU B 77 6.24 -15.44 -2.07
CA LEU B 77 5.54 -16.66 -1.67
C LEU B 77 6.36 -17.91 -1.96
N LYS B 78 7.68 -17.79 -1.88
CA LYS B 78 8.57 -18.95 -2.03
C LYS B 78 8.84 -19.59 -0.67
N ASP B 79 7.75 -19.93 0.03
CA ASP B 79 7.84 -20.59 1.32
C ASP B 79 7.86 -22.11 1.12
N ILE B 80 9.08 -22.64 1.02
CA ILE B 80 9.29 -24.06 0.79
C ILE B 80 8.84 -24.86 2.01
N ARG B 81 8.57 -24.15 3.11
CA ARG B 81 8.09 -24.80 4.31
C ARG B 81 6.73 -25.46 4.06
N GLY B 82 6.37 -26.37 4.96
CA GLY B 82 5.21 -27.21 4.77
C GLY B 82 5.61 -28.62 4.38
N LYS B 83 5.60 -29.53 5.35
CA LYS B 83 6.10 -30.89 5.17
C LYS B 83 4.94 -31.81 4.85
N LEU B 84 5.02 -32.49 3.71
CA LEU B 84 4.00 -33.46 3.33
C LEU B 84 4.12 -34.70 4.20
N ASP B 85 2.99 -35.14 4.77
CA ASP B 85 2.93 -36.37 5.54
C ASP B 85 2.54 -37.57 4.69
N LYS B 86 1.69 -37.38 3.70
CA LYS B 86 1.27 -38.43 2.78
C LYS B 86 1.59 -38.04 1.35
N ASP B 87 1.52 -39.02 0.46
CA ASP B 87 1.74 -38.76 -0.95
C ASP B 87 0.66 -37.83 -1.50
N TRP B 88 1.05 -36.98 -2.43
CA TRP B 88 0.15 -35.98 -3.01
C TRP B 88 0.16 -36.07 -4.53
N SER B 89 0.04 -37.29 -5.05
CA SER B 89 -0.07 -37.47 -6.48
C SER B 89 -1.47 -37.08 -6.96
N SER B 90 -1.52 -36.47 -8.14
CA SER B 90 -2.79 -36.04 -8.72
C SER B 90 -2.63 -35.93 -10.23
N PHE B 91 -3.52 -36.61 -10.97
CA PHE B 91 -3.51 -36.61 -12.42
C PHE B 91 -2.15 -37.05 -12.98
N GLY B 92 -1.52 -38.02 -12.32
CA GLY B 92 -0.22 -38.51 -12.72
C GLY B 92 0.89 -37.48 -12.57
N ILE B 93 0.84 -36.67 -11.52
CA ILE B 93 1.86 -35.66 -11.25
C ILE B 93 2.41 -35.95 -9.85
N ASN B 94 3.73 -36.12 -9.77
CA ASN B 94 4.39 -36.49 -8.51
C ASN B 94 4.81 -35.21 -7.79
N ILE B 95 3.90 -34.67 -6.98
CA ILE B 95 4.20 -33.44 -6.25
C ILE B 95 5.19 -33.71 -5.13
N GLY B 96 4.97 -34.77 -4.36
CA GLY B 96 5.85 -35.10 -3.26
C GLY B 96 5.53 -36.46 -2.69
N LYS B 97 6.50 -37.03 -1.98
CA LYS B 97 6.38 -38.39 -1.46
C LYS B 97 6.64 -38.38 0.05
N ALA B 98 5.60 -38.04 0.81
CA ALA B 98 5.48 -38.33 2.25
C ALA B 98 6.78 -38.02 3.01
N GLY B 99 7.13 -36.73 3.03
CA GLY B 99 8.24 -36.31 3.85
C GLY B 99 9.13 -35.23 3.28
N ASP B 100 8.94 -34.89 2.01
CA ASP B 100 9.73 -33.86 1.36
C ASP B 100 8.98 -32.54 1.37
N THR B 101 9.61 -31.51 1.92
CA THR B 101 8.98 -30.19 1.99
C THR B 101 8.82 -29.61 0.59
N ILE B 102 7.67 -28.99 0.35
CA ILE B 102 7.35 -28.43 -0.96
C ILE B 102 6.88 -26.99 -0.77
N GLY B 103 7.06 -26.19 -1.82
CA GLY B 103 6.58 -24.83 -1.83
C GLY B 103 5.24 -24.69 -2.52
N ILE B 104 4.76 -23.44 -2.57
CA ILE B 104 3.49 -23.17 -3.25
C ILE B 104 3.60 -23.46 -4.74
N PHE B 105 4.72 -23.05 -5.35
CA PHE B 105 4.91 -23.17 -6.80
C PHE B 105 5.56 -24.48 -7.20
N ASP B 106 5.74 -25.42 -6.26
CA ASP B 106 6.24 -26.73 -6.62
C ASP B 106 5.19 -27.61 -7.29
N LEU B 107 3.93 -27.19 -7.26
CA LEU B 107 2.85 -27.93 -7.91
C LEU B 107 2.46 -27.35 -9.25
N VAL B 108 3.13 -26.30 -9.71
CA VAL B 108 2.92 -25.72 -11.03
C VAL B 108 4.28 -25.53 -11.70
N SER B 109 4.36 -25.86 -12.98
CA SER B 109 5.60 -25.64 -13.73
C SER B 109 5.88 -24.15 -13.86
N LEU B 110 7.15 -23.78 -13.77
CA LEU B 110 7.58 -22.39 -13.77
C LEU B 110 8.40 -22.12 -15.02
N LYS B 111 8.02 -21.07 -15.75
CA LYS B 111 8.72 -20.65 -16.95
C LYS B 111 9.01 -19.15 -16.86
N ALA B 112 9.61 -18.61 -17.92
CA ALA B 112 9.96 -17.20 -18.00
C ALA B 112 9.05 -16.50 -19.00
N LEU B 113 8.44 -15.40 -18.57
CA LEU B 113 7.54 -14.65 -19.43
C LEU B 113 8.32 -13.98 -20.56
N ASP B 114 7.73 -13.99 -21.75
CA ASP B 114 8.33 -13.40 -22.95
C ASP B 114 7.61 -12.08 -23.24
N GLY B 115 8.28 -10.97 -22.92
CA GLY B 115 7.69 -9.68 -23.15
C GLY B 115 8.52 -8.60 -22.48
N VAL B 116 8.04 -7.36 -22.60
CA VAL B 116 8.69 -6.21 -22.00
C VAL B 116 8.12 -6.01 -20.60
N LEU B 117 8.96 -5.50 -19.70
CA LEU B 117 8.56 -5.29 -18.31
C LEU B 117 8.06 -3.86 -18.13
N PRO B 118 6.89 -3.65 -17.55
CA PRO B 118 6.41 -2.29 -17.29
C PRO B 118 7.35 -1.54 -16.35
N ASP B 119 7.05 -0.24 -16.20
CA ASP B 119 7.97 0.69 -15.56
C ASP B 119 8.10 0.48 -14.06
N GLY B 120 7.01 0.70 -13.32
CA GLY B 120 7.03 0.68 -11.87
C GLY B 120 7.25 2.05 -11.26
N VAL B 121 6.75 2.21 -10.04
CA VAL B 121 6.76 3.49 -9.34
C VAL B 121 7.40 3.25 -7.96
N SER B 122 8.35 2.32 -7.92
CA SER B 122 8.82 1.72 -6.66
C SER B 122 9.20 2.76 -5.61
N ASP B 123 9.06 2.34 -4.35
CA ASP B 123 9.58 3.08 -3.20
C ASP B 123 10.74 2.28 -2.63
N ALA B 124 11.83 2.97 -2.30
CA ALA B 124 13.02 2.34 -1.75
C ALA B 124 13.03 2.30 -0.23
N SER B 125 11.98 2.82 0.42
CA SER B 125 11.89 2.88 1.87
C SER B 125 10.92 1.85 2.44
N ARG B 126 10.87 0.66 1.85
CA ARG B 126 9.97 -0.40 2.28
C ARG B 126 10.78 -1.52 2.91
N THR B 127 10.43 -1.89 4.13
CA THR B 127 11.17 -2.90 4.88
C THR B 127 10.68 -4.29 4.46
N SER B 128 11.22 -5.32 5.11
CA SER B 128 10.83 -6.70 4.83
C SER B 128 9.62 -7.12 5.67
N ALA B 129 8.57 -6.32 5.62
CA ALA B 129 7.30 -6.61 6.26
C ALA B 129 6.21 -6.86 5.22
N ASP B 130 6.59 -7.45 4.09
CA ASP B 130 5.69 -7.64 2.97
C ASP B 130 4.95 -8.98 3.08
N ASP B 131 5.69 -10.07 3.24
CA ASP B 131 5.09 -11.40 3.26
C ASP B 131 4.06 -11.56 4.37
N LYS B 132 4.15 -10.73 5.41
CA LYS B 132 3.20 -10.80 6.50
C LYS B 132 1.78 -10.50 6.03
N TRP B 133 1.61 -9.44 5.24
CA TRP B 133 0.27 -8.98 4.89
C TRP B 133 0.06 -8.61 3.42
N LEU B 134 1.11 -8.41 2.63
CA LEU B 134 0.92 -7.89 1.28
C LEU B 134 0.42 -8.96 0.31
N PRO B 135 1.00 -10.17 0.29
CA PRO B 135 0.40 -11.23 -0.55
C PRO B 135 -1.04 -11.53 -0.17
N LEU B 136 -1.37 -11.46 1.13
CA LEU B 136 -2.75 -11.68 1.55
C LEU B 136 -3.68 -10.65 0.93
N TYR B 137 -3.27 -9.39 0.95
CA TYR B 137 -4.05 -8.32 0.33
C TYR B 137 -4.18 -8.54 -1.17
N LEU B 138 -3.07 -8.87 -1.84
CA LEU B 138 -3.09 -9.04 -3.28
C LEU B 138 -3.95 -10.23 -3.70
N LEU B 139 -4.06 -11.25 -2.84
CA LEU B 139 -4.91 -12.39 -3.15
C LEU B 139 -6.36 -12.13 -2.78
N GLY B 140 -6.60 -11.33 -1.73
CA GLY B 140 -7.96 -10.97 -1.38
C GLY B 140 -8.61 -10.05 -2.40
N LEU B 141 -7.82 -9.21 -3.05
CA LEU B 141 -8.44 -8.40 -4.10
C LEU B 141 -8.87 -9.22 -5.31
N TYR B 142 -8.47 -10.48 -5.45
CA TYR B 142 -9.02 -11.34 -6.50
C TYR B 142 -10.45 -11.76 -6.18
N ARG B 143 -10.70 -12.15 -4.93
CA ARG B 143 -12.07 -12.45 -4.51
C ARG B 143 -12.93 -11.19 -4.50
N VAL B 144 -12.34 -10.06 -4.10
CA VAL B 144 -13.10 -8.81 -4.07
C VAL B 144 -13.55 -8.42 -5.47
N GLY B 145 -12.66 -8.56 -6.46
CA GLY B 145 -12.97 -8.18 -7.82
C GLY B 145 -13.72 -9.23 -8.61
N ARG B 146 -14.70 -9.88 -7.98
CA ARG B 146 -15.53 -10.85 -8.68
C ARG B 146 -16.99 -10.77 -8.29
N THR B 147 -17.43 -9.67 -7.67
CA THR B 147 -18.80 -9.54 -7.18
C THR B 147 -19.66 -8.61 -8.03
N GLN B 148 -19.09 -7.52 -8.52
CA GLN B 148 -19.80 -6.51 -9.32
C GLN B 148 -20.98 -5.90 -8.58
N MET B 149 -20.96 -5.95 -7.24
CA MET B 149 -22.02 -5.36 -6.43
C MET B 149 -21.40 -4.61 -5.25
N PRO B 150 -21.62 -3.30 -5.16
CA PRO B 150 -20.97 -2.53 -4.08
C PRO B 150 -21.28 -3.02 -2.68
N GLU B 151 -22.52 -3.48 -2.44
CA GLU B 151 -22.92 -3.91 -1.11
C GLU B 151 -22.12 -5.13 -0.63
N TYR B 152 -21.92 -6.13 -1.49
CA TYR B 152 -21.11 -7.29 -1.14
C TYR B 152 -19.62 -6.98 -1.19
N ARG B 153 -19.20 -6.14 -2.14
CA ARG B 153 -17.79 -5.79 -2.26
C ARG B 153 -17.30 -5.04 -1.04
N LYS B 154 -18.13 -4.15 -0.49
CA LYS B 154 -17.75 -3.41 0.71
C LYS B 154 -17.54 -4.34 1.89
N LYS B 155 -18.43 -5.31 2.07
CA LYS B 155 -18.28 -6.26 3.18
C LYS B 155 -17.05 -7.13 2.98
N LEU B 156 -16.79 -7.57 1.74
CA LEU B 156 -15.58 -8.35 1.48
C LEU B 156 -14.33 -7.54 1.77
N MET B 157 -14.31 -6.27 1.36
CA MET B 157 -13.16 -5.41 1.63
C MET B 157 -12.97 -5.18 3.13
N ASP B 158 -14.08 -5.02 3.86
CA ASP B 158 -13.98 -4.86 5.31
C ASP B 158 -13.41 -6.12 5.96
N GLY B 159 -13.87 -7.29 5.52
CA GLY B 159 -13.31 -8.53 6.03
C GLY B 159 -11.83 -8.67 5.72
N LEU B 160 -11.43 -8.31 4.50
CA LEU B 160 -10.03 -8.35 4.13
C LEU B 160 -9.20 -7.40 4.99
N THR B 161 -9.73 -6.19 5.24
CA THR B 161 -9.03 -5.23 6.08
C THR B 161 -8.87 -5.75 7.50
N ASN B 162 -9.93 -6.37 8.03
CA ASN B 162 -9.84 -6.95 9.37
C ASN B 162 -8.80 -8.07 9.41
N GLN B 163 -8.76 -8.91 8.37
CA GLN B 163 -7.76 -9.96 8.31
C GLN B 163 -6.36 -9.39 8.24
N CYS B 164 -6.17 -8.31 7.49
CA CYS B 164 -4.83 -7.73 7.34
C CYS B 164 -4.37 -7.05 8.63
N LYS B 165 -5.27 -6.33 9.31
CA LYS B 165 -4.88 -5.69 10.57
C LYS B 165 -4.53 -6.70 11.66
N MET B 166 -4.96 -7.96 11.51
CA MET B 166 -4.61 -8.99 12.48
C MET B 166 -3.13 -9.34 12.47
N ILE B 167 -2.40 -8.95 11.42
CA ILE B 167 -1.01 -9.34 11.25
C ILE B 167 -0.06 -8.16 11.44
N ASN B 168 -0.22 -7.09 10.66
CA ASN B 168 0.68 -5.95 10.71
C ASN B 168 0.22 -4.85 11.66
N GLU B 169 -1.10 -4.69 11.83
CA GLU B 169 -1.84 -3.84 12.75
C GLU B 169 -1.77 -2.34 12.39
N GLN B 170 -1.04 -1.94 11.36
CA GLN B 170 -1.25 -0.60 10.80
C GLN B 170 -2.19 -0.68 9.61
N PHE B 171 -1.73 -1.35 8.56
CA PHE B 171 -2.48 -1.62 7.33
C PHE B 171 -3.33 -0.43 6.90
N GLU B 172 -2.69 0.66 6.54
CA GLU B 172 -3.41 1.73 5.85
C GLU B 172 -3.89 1.20 4.51
N PRO B 173 -5.16 1.37 4.15
CA PRO B 173 -5.67 0.79 2.90
C PRO B 173 -4.91 1.31 1.69
N LEU B 174 -4.66 0.41 0.73
CA LEU B 174 -3.81 0.71 -0.42
C LEU B 174 -4.62 1.21 -1.61
N VAL B 175 -5.54 0.39 -2.10
CA VAL B 175 -6.30 0.76 -3.31
C VAL B 175 -7.24 1.91 -2.97
N PRO B 176 -7.34 2.94 -3.80
CA PRO B 176 -8.30 4.01 -3.54
C PRO B 176 -9.73 3.49 -3.58
N GLU B 177 -10.62 4.18 -2.85
CA GLU B 177 -11.99 3.73 -2.72
C GLU B 177 -12.68 3.63 -4.08
N GLY B 178 -12.49 4.64 -4.93
CA GLY B 178 -13.05 4.61 -6.26
C GLY B 178 -12.05 4.17 -7.31
N ARG B 179 -12.57 3.98 -8.53
CA ARG B 179 -11.76 3.63 -9.70
C ARG B 179 -10.98 2.34 -9.46
N ASP B 180 -11.73 1.26 -9.30
CA ASP B 180 -11.10 -0.04 -9.09
C ASP B 180 -10.34 -0.50 -10.32
N ILE B 181 -9.24 -1.21 -10.09
CA ILE B 181 -8.41 -1.74 -11.17
C ILE B 181 -8.18 -3.23 -11.03
N PHE B 182 -8.65 -3.87 -9.97
CA PHE B 182 -8.38 -5.26 -9.65
C PHE B 182 -9.36 -6.24 -10.28
N ASP B 183 -10.40 -5.74 -10.96
CA ASP B 183 -11.29 -6.64 -11.68
C ASP B 183 -10.60 -7.26 -12.87
N VAL B 184 -9.71 -6.52 -13.53
CA VAL B 184 -9.01 -7.02 -14.70
C VAL B 184 -8.05 -8.15 -14.31
N TRP B 185 -7.63 -8.20 -13.04
CA TRP B 185 -6.66 -9.20 -12.61
C TRP B 185 -7.18 -10.62 -12.83
N GLY B 186 -8.50 -10.81 -12.73
CA GLY B 186 -9.08 -12.12 -13.00
C GLY B 186 -8.93 -12.56 -14.44
N ASN B 187 -8.92 -11.62 -15.38
CA ASN B 187 -8.76 -11.97 -16.79
C ASN B 187 -7.40 -12.61 -17.03
N ASP B 188 -6.34 -12.05 -16.42
CA ASP B 188 -5.00 -12.57 -16.61
C ASP B 188 -4.91 -14.03 -16.14
N SER B 189 -4.31 -14.88 -16.98
CA SER B 189 -4.24 -16.30 -16.66
C SER B 189 -3.20 -16.57 -15.58
N ASN B 190 -2.08 -15.86 -15.60
CA ASN B 190 -1.01 -16.13 -14.65
C ASN B 190 -1.41 -15.81 -13.22
N TYR B 191 -2.17 -14.73 -13.03
CA TYR B 191 -2.64 -14.33 -11.69
C TYR B 191 -3.58 -15.42 -11.16
N THR B 192 -4.47 -15.94 -12.03
CA THR B 192 -5.36 -17.01 -11.63
C THR B 192 -4.58 -18.27 -11.27
N LYS B 193 -3.55 -18.60 -12.06
CA LYS B 193 -2.73 -19.75 -11.74
C LYS B 193 -2.06 -19.60 -10.38
N ILE B 194 -1.50 -18.42 -10.11
CA ILE B 194 -0.82 -18.20 -8.83
C ILE B 194 -1.81 -18.30 -7.67
N VAL B 195 -2.98 -17.67 -7.80
CA VAL B 195 -3.93 -17.66 -6.70
C VAL B 195 -4.49 -19.06 -6.46
N ALA B 196 -4.73 -19.83 -7.53
CA ALA B 196 -5.23 -21.19 -7.36
C ALA B 196 -4.18 -22.11 -6.78
N ALA B 197 -2.91 -21.93 -7.18
CA ALA B 197 -1.84 -22.71 -6.58
C ALA B 197 -1.71 -22.41 -5.09
N VAL B 198 -1.84 -21.12 -4.72
CA VAL B 198 -1.81 -20.76 -3.30
C VAL B 198 -2.96 -21.43 -2.56
N ASP B 199 -4.16 -21.41 -3.14
CA ASP B 199 -5.30 -22.03 -2.49
C ASP B 199 -5.09 -23.53 -2.33
N MET B 200 -4.56 -24.20 -3.35
CA MET B 200 -4.28 -25.63 -3.24
C MET B 200 -3.26 -25.91 -2.14
N PHE B 201 -2.18 -25.13 -2.11
CA PHE B 201 -1.11 -25.37 -1.14
C PHE B 201 -1.62 -25.17 0.29
N PHE B 202 -2.40 -24.11 0.52
CA PHE B 202 -2.89 -23.86 1.87
C PHE B 202 -4.12 -24.70 2.21
N HIS B 203 -4.75 -25.32 1.23
CA HIS B 203 -5.77 -26.32 1.52
C HIS B 203 -5.14 -27.65 1.93
N MET B 204 -4.01 -28.01 1.32
CA MET B 204 -3.31 -29.21 1.76
C MET B 204 -2.73 -29.04 3.15
N PHE B 205 -2.16 -27.87 3.44
CA PHE B 205 -1.57 -27.56 4.75
C PHE B 205 -2.47 -26.55 5.44
N LYS B 206 -3.47 -27.07 6.17
CA LYS B 206 -4.41 -26.19 6.86
C LYS B 206 -3.74 -25.42 7.99
N LYS B 207 -2.89 -26.10 8.77
CA LYS B 207 -2.31 -25.53 9.98
C LYS B 207 -1.00 -24.80 9.72
N HIS B 208 -0.75 -24.35 8.49
CA HIS B 208 0.46 -23.59 8.21
C HIS B 208 0.40 -22.22 8.88
N GLU B 209 1.58 -21.68 9.17
CA GLU B 209 1.67 -20.37 9.82
C GLU B 209 1.21 -19.23 8.91
N CYS B 210 1.13 -19.46 7.61
CA CYS B 210 0.65 -18.46 6.65
C CYS B 210 -0.69 -18.87 6.04
N ALA B 211 -1.48 -19.64 6.80
CA ALA B 211 -2.78 -20.10 6.31
C ALA B 211 -3.78 -18.97 6.13
N SER B 212 -3.49 -17.77 6.67
CA SER B 212 -4.40 -16.64 6.50
C SER B 212 -4.52 -16.20 5.04
N PHE B 213 -3.61 -16.65 4.17
CA PHE B 213 -3.71 -16.33 2.76
C PHE B 213 -4.89 -17.03 2.10
N ARG B 214 -5.52 -17.98 2.79
CA ARG B 214 -6.69 -18.66 2.23
C ARG B 214 -7.82 -17.68 1.96
N TYR B 215 -7.88 -16.57 2.70
CA TYR B 215 -8.82 -15.52 2.38
C TYR B 215 -8.52 -14.94 1.01
N GLY B 216 -9.56 -14.71 0.22
CA GLY B 216 -9.36 -14.21 -1.12
C GLY B 216 -9.08 -15.26 -2.17
N THR B 217 -8.24 -16.25 -1.85
CA THR B 217 -7.98 -17.35 -2.75
C THR B 217 -8.98 -18.49 -2.61
N ILE B 218 -9.81 -18.45 -1.56
CA ILE B 218 -10.84 -19.49 -1.41
C ILE B 218 -11.84 -19.45 -2.55
N VAL B 219 -12.03 -18.30 -3.19
CA VAL B 219 -12.99 -18.19 -4.28
C VAL B 219 -12.57 -19.06 -5.46
N SER B 220 -11.27 -19.30 -5.62
CA SER B 220 -10.79 -20.14 -6.71
C SER B 220 -11.07 -21.62 -6.48
N ARG B 221 -11.35 -22.03 -5.25
CA ARG B 221 -11.65 -23.43 -4.97
C ARG B 221 -13.02 -23.78 -5.51
N PHE B 222 -13.08 -24.82 -6.35
CA PHE B 222 -14.32 -25.26 -6.97
C PHE B 222 -14.98 -24.12 -7.75
N LYS B 223 -14.17 -23.25 -8.32
CA LYS B 223 -14.69 -22.13 -9.09
C LYS B 223 -15.34 -22.63 -10.39
N ASP B 224 -16.46 -22.00 -10.75
CA ASP B 224 -17.20 -22.34 -11.96
C ASP B 224 -17.63 -23.80 -11.95
N CYS B 225 -17.98 -24.30 -10.77
CA CYS B 225 -18.40 -25.69 -10.58
C CYS B 225 -19.64 -25.76 -9.70
N ALA B 226 -20.63 -24.92 -9.99
CA ALA B 226 -21.84 -24.89 -9.19
C ALA B 226 -22.70 -26.14 -9.33
N ALA B 227 -22.55 -26.88 -10.43
CA ALA B 227 -23.33 -28.10 -10.59
C ALA B 227 -22.96 -29.15 -9.54
N LEU B 228 -21.67 -29.34 -9.29
CA LEU B 228 -21.27 -30.25 -8.23
C LEU B 228 -21.62 -29.70 -6.86
N ALA B 229 -21.58 -28.37 -6.70
CA ALA B 229 -22.01 -27.77 -5.44
C ALA B 229 -23.45 -28.12 -5.13
N THR B 230 -24.34 -27.93 -6.11
CA THR B 230 -25.75 -28.24 -5.87
C THR B 230 -26.01 -29.74 -5.81
N PHE B 231 -25.22 -30.55 -6.52
CA PHE B 231 -25.37 -32.01 -6.39
C PHE B 231 -25.01 -32.47 -4.98
N GLY B 232 -23.90 -31.97 -4.44
CA GLY B 232 -23.56 -32.31 -3.06
C GLY B 232 -24.56 -31.76 -2.07
N HIS B 233 -25.06 -30.54 -2.30
CA HIS B 233 -26.08 -29.98 -1.43
C HIS B 233 -27.34 -30.82 -1.45
N LEU B 234 -27.72 -31.35 -2.62
CA LEU B 234 -28.90 -32.20 -2.71
C LEU B 234 -28.67 -33.53 -2.00
N CYS B 235 -27.52 -34.17 -2.26
CA CYS B 235 -27.23 -35.45 -1.62
C CYS B 235 -27.03 -35.32 -0.11
N LYS B 236 -26.76 -34.12 0.39
CA LYS B 236 -26.54 -33.91 1.82
C LYS B 236 -27.72 -33.21 2.50
N ILE B 237 -28.72 -32.75 1.74
CA ILE B 237 -29.93 -32.19 2.32
C ILE B 237 -31.05 -33.22 2.48
N THR B 238 -31.08 -34.26 1.64
CA THR B 238 -32.09 -35.29 1.73
C THR B 238 -31.65 -36.50 2.53
N GLY B 239 -30.37 -36.61 2.87
CA GLY B 239 -29.83 -37.80 3.47
C GLY B 239 -29.74 -38.99 2.55
N MET B 240 -30.32 -38.90 1.35
CA MET B 240 -30.29 -40.00 0.39
C MET B 240 -28.88 -40.17 -0.18
N SER B 241 -28.51 -41.43 -0.41
CA SER B 241 -27.18 -41.73 -0.92
C SER B 241 -27.02 -41.24 -2.35
N THR B 242 -25.81 -40.75 -2.66
CA THR B 242 -25.50 -40.32 -4.02
C THR B 242 -25.65 -41.47 -5.01
N GLU B 243 -25.57 -42.71 -4.53
CA GLU B 243 -25.77 -43.87 -5.39
C GLU B 243 -27.20 -43.99 -5.88
N ASP B 244 -28.18 -43.50 -5.11
CA ASP B 244 -29.58 -43.67 -5.44
C ASP B 244 -30.29 -42.37 -5.79
N VAL B 245 -29.70 -41.21 -5.47
CA VAL B 245 -30.25 -39.94 -5.93
C VAL B 245 -30.22 -39.88 -7.45
N THR B 246 -29.13 -40.34 -8.06
CA THR B 246 -29.01 -40.32 -9.51
C THR B 246 -30.09 -41.17 -10.18
N THR B 247 -30.64 -42.17 -9.49
CA THR B 247 -31.73 -42.94 -10.05
C THR B 247 -33.00 -42.10 -10.13
N TRP B 248 -33.11 -41.07 -9.30
CA TRP B 248 -34.27 -40.20 -9.23
C TRP B 248 -34.23 -39.03 -10.20
N ILE B 249 -33.17 -38.76 -10.95
CA ILE B 249 -33.15 -37.63 -11.88
C ILE B 249 -33.89 -38.04 -13.13
N LEU B 250 -34.53 -37.06 -13.79
CA LEU B 250 -35.44 -37.37 -14.88
C LEU B 250 -35.27 -36.37 -16.02
N ASN B 251 -36.20 -36.38 -16.97
CA ASN B 251 -36.38 -35.43 -18.07
C ASN B 251 -35.36 -35.62 -19.20
N ARG B 252 -34.36 -36.50 -19.04
CA ARG B 252 -33.49 -36.98 -20.12
C ARG B 252 -32.45 -35.95 -20.56
N GLU B 253 -32.56 -34.71 -20.09
CA GLU B 253 -31.41 -33.81 -20.26
C GLU B 253 -30.64 -33.65 -18.96
N VAL B 254 -31.32 -33.78 -17.82
CA VAL B 254 -30.62 -33.91 -16.55
C VAL B 254 -29.79 -35.19 -16.54
N ALA B 255 -30.31 -36.24 -17.17
CA ALA B 255 -29.54 -37.48 -17.30
C ALA B 255 -28.28 -37.26 -18.14
N ASP B 256 -28.41 -36.52 -19.24
CA ASP B 256 -27.24 -36.24 -20.07
C ASP B 256 -26.23 -35.38 -19.32
N GLU B 257 -26.70 -34.41 -18.54
CA GLU B 257 -25.79 -33.59 -17.75
C GLU B 257 -25.08 -34.43 -16.69
N MET B 258 -25.81 -35.33 -16.04
CA MET B 258 -25.18 -36.26 -15.12
C MET B 258 -24.14 -37.14 -15.80
N VAL B 259 -24.43 -37.60 -17.02
CA VAL B 259 -23.46 -38.39 -17.76
C VAL B 259 -22.20 -37.57 -18.04
N GLN B 260 -22.37 -36.32 -18.46
CA GLN B 260 -21.20 -35.51 -18.81
C GLN B 260 -20.42 -35.07 -17.57
N MET B 261 -21.05 -35.04 -16.40
CA MET B 261 -20.31 -34.74 -15.19
C MET B 261 -19.55 -35.95 -14.65
N MET B 262 -20.06 -37.16 -14.89
CA MET B 262 -19.58 -38.37 -14.22
C MET B 262 -18.67 -39.22 -15.10
N LEU B 263 -17.81 -38.59 -15.90
CA LEU B 263 -16.75 -39.35 -16.56
C LEU B 263 -15.78 -39.87 -15.50
N PRO B 264 -15.35 -41.13 -15.59
CA PRO B 264 -14.56 -41.73 -14.50
C PRO B 264 -13.24 -41.01 -14.21
N GLY B 265 -12.39 -40.86 -15.23
CA GLY B 265 -11.06 -40.34 -15.03
C GLY B 265 -10.98 -38.82 -14.88
N GLN B 266 -11.72 -38.27 -13.92
CA GLN B 266 -11.69 -36.84 -13.66
C GLN B 266 -11.29 -36.50 -12.23
N GLU B 267 -11.31 -37.48 -11.32
CA GLU B 267 -10.94 -37.29 -9.92
C GLU B 267 -11.73 -36.14 -9.29
N ILE B 268 -13.06 -36.28 -9.31
CA ILE B 268 -13.95 -35.29 -8.71
C ILE B 268 -14.25 -35.61 -7.25
N ASP B 269 -13.89 -36.79 -6.77
CA ASP B 269 -14.09 -37.18 -5.38
C ASP B 269 -12.82 -37.07 -4.56
N LYS B 270 -11.75 -36.48 -5.11
CA LYS B 270 -10.48 -36.33 -4.43
C LYS B 270 -10.29 -34.87 -4.08
N ALA B 271 -10.14 -34.58 -2.78
CA ALA B 271 -10.05 -33.20 -2.33
C ALA B 271 -8.71 -32.58 -2.70
N ASP B 272 -7.62 -33.30 -2.47
CA ASP B 272 -6.27 -32.78 -2.77
C ASP B 272 -5.86 -33.11 -4.19
N SER B 273 -6.66 -32.66 -5.15
CA SER B 273 -6.42 -32.91 -6.57
C SER B 273 -6.49 -31.60 -7.35
N TYR B 274 -6.19 -31.68 -8.64
CA TYR B 274 -6.21 -30.51 -9.51
C TYR B 274 -7.60 -30.18 -10.04
N MET B 275 -8.60 -31.00 -9.72
CA MET B 275 -9.95 -30.78 -10.25
C MET B 275 -10.54 -29.44 -9.83
N PRO B 276 -10.52 -29.03 -8.55
CA PRO B 276 -11.24 -27.81 -8.16
C PRO B 276 -10.74 -26.55 -8.86
N TYR B 277 -9.50 -26.55 -9.37
CA TYR B 277 -8.95 -25.42 -10.09
C TYR B 277 -8.79 -25.72 -11.57
N LEU B 278 -9.76 -26.43 -12.16
CA LEU B 278 -9.66 -26.82 -13.57
C LEU B 278 -9.73 -25.63 -14.51
N ILE B 279 -10.24 -24.49 -14.05
CA ILE B 279 -10.38 -23.33 -14.90
C ILE B 279 -9.40 -22.21 -14.54
N ASP B 280 -8.84 -22.20 -13.32
CA ASP B 280 -7.88 -21.19 -12.93
C ASP B 280 -6.46 -21.57 -13.36
N PHE B 281 -6.11 -22.85 -13.26
CA PHE B 281 -4.86 -23.34 -13.84
C PHE B 281 -4.88 -23.38 -15.35
N GLY B 282 -6.04 -23.17 -15.97
CA GLY B 282 -6.14 -23.31 -17.42
C GLY B 282 -6.31 -24.74 -17.89
N LEU B 283 -6.59 -25.67 -16.98
CA LEU B 283 -6.79 -27.06 -17.39
C LEU B 283 -7.98 -27.21 -18.33
N SER B 284 -9.00 -26.37 -18.16
CA SER B 284 -10.18 -26.42 -19.00
C SER B 284 -10.70 -25.01 -19.20
N SER B 285 -10.68 -24.54 -20.45
CA SER B 285 -11.22 -23.21 -20.76
C SER B 285 -12.72 -23.17 -20.52
N LYS B 286 -13.44 -24.22 -20.92
CA LYS B 286 -14.87 -24.34 -20.68
C LYS B 286 -15.08 -25.45 -19.65
N SER B 287 -15.53 -25.06 -18.46
CA SER B 287 -15.70 -26.02 -17.37
C SER B 287 -16.95 -26.85 -17.61
N PRO B 288 -16.83 -28.18 -17.74
CA PRO B 288 -18.02 -29.01 -17.93
C PRO B 288 -18.94 -29.03 -16.73
N TYR B 289 -18.46 -28.62 -15.56
CA TYR B 289 -19.19 -28.77 -14.32
C TYR B 289 -19.87 -27.48 -13.89
N SER B 290 -19.98 -26.51 -14.80
CA SER B 290 -20.52 -25.20 -14.46
C SER B 290 -22.04 -25.24 -14.36
N SER B 291 -22.64 -24.09 -14.07
CA SER B 291 -24.08 -23.95 -13.99
C SER B 291 -24.72 -23.47 -15.28
N VAL B 292 -23.93 -22.89 -16.20
CA VAL B 292 -24.47 -22.49 -17.49
C VAL B 292 -24.42 -23.64 -18.49
N LYS B 293 -23.40 -24.49 -18.42
CA LYS B 293 -23.35 -25.69 -19.24
C LYS B 293 -24.25 -26.80 -18.71
N ASN B 294 -24.62 -26.75 -17.43
CA ASN B 294 -25.53 -27.70 -16.82
C ASN B 294 -26.64 -26.93 -16.11
N PRO B 295 -27.50 -26.25 -16.87
CA PRO B 295 -28.53 -25.42 -16.23
C PRO B 295 -29.72 -26.24 -15.73
N ALA B 296 -30.04 -27.33 -16.43
CA ALA B 296 -31.20 -28.13 -16.06
C ALA B 296 -31.00 -28.81 -14.71
N PHE B 297 -29.86 -29.47 -14.52
CA PHE B 297 -29.57 -30.10 -13.23
C PHE B 297 -29.49 -29.06 -12.12
N HIS B 298 -28.84 -27.93 -12.39
CA HIS B 298 -28.75 -26.87 -11.38
C HIS B 298 -30.14 -26.44 -10.96
N PHE B 299 -31.02 -26.14 -11.92
CA PHE B 299 -32.36 -25.69 -11.60
C PHE B 299 -33.13 -26.75 -10.82
N TRP B 300 -33.12 -28.00 -11.31
CA TRP B 300 -33.91 -29.05 -10.68
C TRP B 300 -33.44 -29.32 -9.26
N GLY B 301 -32.15 -29.57 -9.08
CA GLY B 301 -31.64 -29.86 -7.75
C GLY B 301 -31.76 -28.68 -6.81
N GLN B 302 -31.57 -27.47 -7.33
CA GLN B 302 -31.64 -26.28 -6.49
C GLN B 302 -33.06 -26.07 -5.97
N LEU B 303 -34.05 -26.23 -6.87
CA LEU B 303 -35.45 -26.14 -6.45
C LEU B 303 -35.80 -27.26 -5.48
N THR B 304 -35.30 -28.47 -5.71
CA THR B 304 -35.58 -29.58 -4.81
C THR B 304 -35.04 -29.30 -3.41
N ALA B 305 -33.81 -28.78 -3.34
CA ALA B 305 -33.24 -28.41 -2.04
C ALA B 305 -34.03 -27.28 -1.40
N LEU B 306 -34.56 -26.35 -2.20
CA LEU B 306 -35.40 -25.30 -1.64
C LEU B 306 -36.68 -25.87 -1.04
N LEU B 307 -37.28 -26.86 -1.70
CA LEU B 307 -38.53 -27.42 -1.22
C LEU B 307 -38.38 -28.18 0.09
N LEU B 308 -37.14 -28.45 0.52
CA LEU B 308 -36.88 -29.13 1.78
C LEU B 308 -36.43 -28.18 2.88
N ARG B 309 -36.68 -26.88 2.71
CA ARG B 309 -36.39 -25.87 3.73
C ARG B 309 -34.89 -25.84 4.08
N SER B 310 -34.08 -25.51 3.08
CA SER B 310 -32.65 -25.33 3.25
C SER B 310 -32.28 -23.87 3.00
N THR B 311 -31.51 -23.29 3.91
CA THR B 311 -31.17 -21.88 3.82
C THR B 311 -30.31 -21.56 2.60
N ARG B 312 -29.42 -22.48 2.20
CA ARG B 312 -28.59 -22.26 1.03
C ARG B 312 -29.43 -22.11 -0.24
N ALA B 313 -30.53 -22.86 -0.33
CA ALA B 313 -31.31 -22.92 -1.55
C ALA B 313 -32.31 -21.78 -1.66
N ARG B 314 -31.85 -20.54 -1.49
CA ARG B 314 -32.73 -19.39 -1.61
C ARG B 314 -32.13 -18.25 -2.43
N ASN B 315 -30.89 -18.38 -2.90
CA ASN B 315 -30.22 -17.29 -3.59
C ASN B 315 -29.64 -17.65 -4.95
N ALA B 316 -29.68 -18.92 -5.36
CA ALA B 316 -29.16 -19.29 -6.66
C ALA B 316 -30.10 -18.81 -7.76
N ARG B 317 -29.55 -18.08 -8.73
CA ARG B 317 -30.37 -17.49 -9.79
C ARG B 317 -30.92 -18.59 -10.70
N GLN B 318 -32.15 -18.40 -11.14
CA GLN B 318 -32.82 -19.39 -11.98
C GLN B 318 -32.20 -19.40 -13.37
N PRO B 319 -31.73 -20.55 -13.86
CA PRO B 319 -31.13 -20.60 -15.20
C PRO B 319 -32.13 -20.23 -16.28
N ASP B 320 -31.62 -19.63 -17.35
CA ASP B 320 -32.44 -19.13 -18.44
C ASP B 320 -32.40 -20.10 -19.63
N ASP B 321 -33.39 -19.95 -20.51
CA ASP B 321 -33.46 -20.71 -21.77
C ASP B 321 -33.48 -22.21 -21.54
N ILE B 322 -34.19 -22.66 -20.50
CA ILE B 322 -34.37 -24.08 -20.23
C ILE B 322 -35.83 -24.34 -19.93
N GLU B 323 -36.23 -25.61 -20.09
CA GLU B 323 -37.59 -26.03 -19.81
C GLU B 323 -37.86 -25.97 -18.31
N TYR B 324 -39.06 -25.52 -17.94
CA TYR B 324 -39.40 -25.27 -16.55
C TYR B 324 -40.40 -26.25 -15.96
N THR B 325 -41.49 -26.54 -16.70
CA THR B 325 -42.62 -27.26 -16.10
C THR B 325 -42.24 -28.66 -15.66
N SER B 326 -41.63 -29.45 -16.56
CA SER B 326 -41.30 -30.83 -16.23
C SER B 326 -40.23 -30.90 -15.15
N LEU B 327 -39.26 -29.99 -15.18
CA LEU B 327 -38.25 -29.97 -14.14
C LEU B 327 -38.85 -29.66 -12.78
N THR B 328 -39.77 -28.69 -12.73
CA THR B 328 -40.46 -28.38 -11.48
C THR B 328 -41.28 -29.58 -11.00
N THR B 329 -41.95 -30.27 -11.91
CA THR B 329 -42.73 -31.45 -11.53
C THR B 329 -41.84 -32.53 -10.93
N ALA B 330 -40.70 -32.81 -11.58
CA ALA B 330 -39.79 -33.83 -11.06
C ALA B 330 -39.22 -33.42 -9.71
N GLY B 331 -38.83 -32.15 -9.57
CA GLY B 331 -38.31 -31.68 -8.30
C GLY B 331 -39.33 -31.76 -7.18
N LEU B 332 -40.58 -31.38 -7.47
CA LEU B 332 -41.64 -31.49 -6.48
C LEU B 332 -41.89 -32.94 -6.09
N LEU B 333 -41.88 -33.84 -7.07
CA LEU B 333 -42.09 -35.26 -6.78
C LEU B 333 -40.99 -35.79 -5.86
N TYR B 334 -39.73 -35.48 -6.19
CA TYR B 334 -38.63 -35.97 -5.36
C TYR B 334 -38.66 -35.36 -3.97
N ALA B 335 -38.96 -34.06 -3.88
CA ALA B 335 -39.03 -33.40 -2.58
C ALA B 335 -40.15 -33.97 -1.72
N TYR B 336 -41.32 -34.21 -2.31
CA TYR B 336 -42.41 -34.80 -1.57
C TYR B 336 -42.07 -36.21 -1.12
N ALA B 337 -41.41 -36.99 -1.99
CA ALA B 337 -40.99 -38.34 -1.60
C ALA B 337 -40.02 -38.30 -0.43
N VAL B 338 -39.07 -37.36 -0.46
CA VAL B 338 -38.07 -37.28 0.60
C VAL B 338 -38.71 -36.83 1.91
N GLY B 339 -39.54 -35.78 1.86
CA GLY B 339 -40.07 -35.17 3.07
C GLY B 339 -41.39 -35.69 3.58
N SER B 340 -42.02 -36.63 2.87
CA SER B 340 -43.30 -37.17 3.30
C SER B 340 -43.21 -38.60 3.82
N SER B 341 -42.26 -39.39 3.33
CA SER B 341 -42.10 -40.79 3.70
C SER B 341 -40.67 -40.99 4.22
N ALA B 342 -40.51 -40.93 5.53
CA ALA B 342 -39.21 -41.21 6.14
C ALA B 342 -38.85 -42.68 5.96
N ASP B 343 -37.57 -42.95 5.71
CA ASP B 343 -37.10 -44.31 5.50
C ASP B 343 -37.33 -45.15 6.77
N LEU B 344 -36.62 -44.81 7.84
CA LEU B 344 -36.87 -45.37 9.18
C LEU B 344 -36.87 -46.90 9.16
N ALA B 345 -35.71 -47.47 8.82
CA ALA B 345 -35.56 -48.92 8.69
C ALA B 345 -34.47 -49.42 9.62
N GLN B 346 -34.62 -50.67 10.07
CA GLN B 346 -33.62 -51.27 10.95
C GLN B 346 -32.32 -51.52 10.19
N GLN B 347 -31.21 -51.05 10.77
CA GLN B 347 -29.95 -50.98 10.05
C GLN B 347 -28.83 -51.79 10.69
N PHE B 348 -28.56 -51.59 11.98
CA PHE B 348 -27.57 -52.39 12.68
C PHE B 348 -28.26 -53.41 13.57
N CYS B 349 -27.68 -54.61 13.63
CA CYS B 349 -28.27 -55.74 14.34
C CYS B 349 -27.27 -56.29 15.35
N VAL B 350 -27.75 -56.61 16.54
CA VAL B 350 -26.96 -57.33 17.54
C VAL B 350 -27.38 -58.80 17.45
N ALA B 368 -52.35 -43.45 -1.21
CA ALA B 368 -51.45 -42.92 -0.21
C ALA B 368 -50.02 -43.10 -0.72
N PRO B 369 -49.08 -42.29 -0.23
CA PRO B 369 -47.69 -42.43 -0.66
C PRO B 369 -47.16 -43.81 -0.34
N PRO B 370 -46.25 -44.34 -1.17
CA PRO B 370 -45.78 -45.72 -0.98
C PRO B 370 -45.01 -45.95 0.31
N GLN B 371 -44.79 -44.88 1.08
CA GLN B 371 -44.08 -44.93 2.36
C GLN B 371 -42.68 -45.52 2.18
N GLY B 372 -41.90 -44.84 1.35
CA GLY B 372 -40.55 -45.28 1.07
C GLY B 372 -39.86 -44.32 0.13
N ARG B 373 -38.64 -44.67 -0.25
CA ARG B 373 -37.84 -43.84 -1.13
C ARG B 373 -37.48 -44.55 -2.45
N ASP B 374 -38.11 -45.68 -2.75
CA ASP B 374 -37.87 -46.35 -4.02
C ASP B 374 -38.45 -45.51 -5.15
N VAL B 375 -37.69 -45.39 -6.24
CA VAL B 375 -38.11 -44.53 -7.34
C VAL B 375 -39.26 -45.15 -8.14
N VAL B 376 -39.25 -46.47 -8.34
CA VAL B 376 -40.29 -47.09 -9.17
C VAL B 376 -41.64 -47.05 -8.47
N GLU B 377 -41.67 -47.25 -7.15
CA GLU B 377 -42.92 -47.16 -6.43
C GLU B 377 -43.53 -45.77 -6.53
N TRP B 378 -42.70 -44.74 -6.40
CA TRP B 378 -43.21 -43.38 -6.50
C TRP B 378 -43.62 -43.02 -7.92
N LEU B 379 -42.90 -43.53 -8.92
CA LEU B 379 -43.33 -43.31 -10.30
C LEU B 379 -44.67 -43.98 -10.59
N GLY B 380 -44.86 -45.21 -10.08
CA GLY B 380 -46.15 -45.86 -10.23
C GLY B 380 -47.26 -45.10 -9.52
N TRP B 381 -46.98 -44.59 -8.32
CA TRP B 381 -47.95 -43.79 -7.59
C TRP B 381 -48.31 -42.52 -8.36
N PHE B 382 -47.31 -41.88 -8.97
CA PHE B 382 -47.57 -40.69 -9.77
C PHE B 382 -48.38 -41.01 -11.01
N GLU B 383 -48.07 -42.12 -11.68
CA GLU B 383 -48.84 -42.51 -12.86
C GLU B 383 -50.27 -42.90 -12.50
N ASP B 384 -50.49 -43.38 -11.29
CA ASP B 384 -51.85 -43.62 -10.82
C ASP B 384 -52.67 -42.34 -10.77
N GLN B 385 -52.02 -41.19 -10.69
CA GLN B 385 -52.69 -39.89 -10.74
C GLN B 385 -52.48 -39.22 -12.09
N ASN B 386 -52.13 -40.00 -13.12
CA ASN B 386 -51.93 -39.54 -14.50
C ASN B 386 -51.18 -38.20 -14.56
N ARG B 387 -50.02 -38.18 -13.90
CA ARG B 387 -49.04 -37.11 -14.07
C ARG B 387 -49.58 -35.73 -13.70
N LYS B 388 -50.39 -35.64 -12.64
CA LYS B 388 -50.75 -34.34 -12.12
C LYS B 388 -50.58 -34.32 -10.61
N PRO B 389 -50.21 -33.17 -10.04
CA PRO B 389 -49.91 -33.12 -8.61
C PRO B 389 -51.17 -33.15 -7.75
N THR B 390 -51.04 -33.71 -6.56
CA THR B 390 -52.10 -33.66 -5.58
C THR B 390 -52.16 -32.26 -4.97
N PRO B 391 -53.31 -31.89 -4.39
CA PRO B 391 -53.32 -30.71 -3.52
C PRO B 391 -52.42 -30.85 -2.31
N ASP B 392 -52.10 -32.10 -1.92
CA ASP B 392 -51.21 -32.31 -0.78
C ASP B 392 -49.78 -31.91 -1.11
N MET B 393 -49.30 -32.24 -2.31
CA MET B 393 -47.94 -31.85 -2.68
C MET B 393 -47.83 -30.34 -2.88
N MET B 394 -48.87 -29.71 -3.45
CA MET B 394 -48.90 -28.26 -3.50
C MET B 394 -48.92 -27.65 -2.11
N GLN B 395 -49.64 -28.28 -1.16
CA GLN B 395 -49.62 -27.80 0.22
C GLN B 395 -48.21 -27.92 0.82
N TYR B 396 -47.53 -29.02 0.54
CA TYR B 396 -46.16 -29.20 1.02
C TYR B 396 -45.25 -28.12 0.46
N ALA B 397 -45.35 -27.88 -0.86
CA ALA B 397 -44.52 -26.85 -1.48
C ALA B 397 -44.85 -25.48 -0.90
N LYS B 398 -46.13 -25.18 -0.68
CA LYS B 398 -46.54 -23.90 -0.14
C LYS B 398 -45.97 -23.69 1.28
N ARG B 399 -46.16 -24.68 2.16
CA ARG B 399 -45.64 -24.55 3.51
C ARG B 399 -44.11 -24.60 3.54
N ALA B 400 -43.47 -25.09 2.47
CA ALA B 400 -42.03 -25.04 2.38
C ALA B 400 -41.50 -23.77 1.72
N VAL B 401 -42.36 -22.97 1.12
CA VAL B 401 -41.94 -21.72 0.48
C VAL B 401 -42.43 -20.49 1.24
N MET B 402 -43.39 -20.62 2.16
CA MET B 402 -43.82 -19.48 2.94
C MET B 402 -42.73 -19.07 3.93
N SER B 403 -42.91 -17.88 4.50
CA SER B 403 -42.00 -17.27 5.46
C SER B 403 -40.60 -17.01 4.90
N LEU B 404 -40.45 -17.05 3.57
CA LEU B 404 -39.18 -16.74 2.92
C LEU B 404 -39.10 -15.24 2.63
N GLN B 405 -38.93 -14.47 3.71
CA GLN B 405 -38.86 -13.03 3.59
C GLN B 405 -37.55 -12.59 2.92
N GLY B 406 -37.64 -11.52 2.14
CA GLY B 406 -36.46 -10.95 1.50
C GLY B 406 -35.82 -11.82 0.45
N LEU B 407 -36.63 -12.42 -0.42
CA LEU B 407 -36.08 -13.21 -1.51
C LEU B 407 -35.36 -12.32 -2.53
N ARG B 408 -34.48 -12.95 -3.30
CA ARG B 408 -33.69 -12.25 -4.31
C ARG B 408 -34.29 -12.46 -5.69
N GLU B 409 -34.18 -11.42 -6.52
CA GLU B 409 -34.75 -11.46 -7.86
C GLU B 409 -34.02 -12.49 -8.73
N LYS B 410 -34.77 -13.11 -9.64
CA LYS B 410 -34.25 -14.04 -10.63
C LYS B 410 -33.73 -15.33 -10.00
N THR B 411 -33.93 -15.49 -8.69
CA THR B 411 -33.42 -16.65 -7.99
C THR B 411 -34.50 -17.74 -7.89
N ILE B 412 -34.07 -18.91 -7.41
CA ILE B 412 -34.98 -20.05 -7.34
C ILE B 412 -36.07 -19.81 -6.30
N GLY B 413 -35.72 -19.16 -5.19
CA GLY B 413 -36.72 -18.88 -4.17
C GLY B 413 -37.85 -18.00 -4.69
N LYS B 414 -37.50 -16.94 -5.43
CA LYS B 414 -38.51 -16.07 -6.00
C LYS B 414 -39.37 -16.82 -7.01
N TYR B 415 -38.74 -17.66 -7.85
CA TYR B 415 -39.50 -18.43 -8.83
C TYR B 415 -40.48 -19.38 -8.16
N ALA B 416 -40.04 -20.06 -7.10
CA ALA B 416 -40.92 -20.98 -6.39
C ALA B 416 -42.05 -20.24 -5.68
N LYS B 417 -41.74 -19.09 -5.09
CA LYS B 417 -42.79 -18.31 -4.43
C LYS B 417 -43.80 -17.77 -5.44
N SER B 418 -43.36 -17.48 -6.66
CA SER B 418 -44.29 -17.07 -7.71
C SER B 418 -45.06 -18.25 -8.28
N GLU B 419 -44.49 -19.46 -8.21
CA GLU B 419 -45.08 -20.64 -8.82
C GLU B 419 -45.80 -21.53 -7.81
N PHE B 420 -45.09 -21.97 -6.76
CA PHE B 420 -45.63 -22.92 -5.80
C PHE B 420 -46.26 -22.24 -4.59
N ASP B 421 -46.75 -21.02 -4.74
CA ASP B 421 -47.45 -20.32 -3.65
C ASP B 421 -48.69 -19.63 -4.20
N LYS B 422 -49.46 -20.34 -5.03
CA LYS B 422 -50.67 -19.79 -5.61
C LYS B 422 -51.73 -19.52 -4.54
N MET C 1 -17.90 -48.98 -6.54
CA MET C 1 -18.91 -48.55 -5.58
C MET C 1 -19.68 -49.72 -4.99
N SER C 2 -20.81 -49.43 -4.35
CA SER C 2 -21.60 -50.48 -3.72
C SER C 2 -22.11 -51.48 -4.76
N VAL C 3 -23.08 -51.04 -5.57
CA VAL C 3 -23.54 -51.81 -6.71
C VAL C 3 -23.70 -50.86 -7.89
N THR C 4 -23.70 -51.43 -9.10
CA THR C 4 -23.66 -50.64 -10.31
C THR C 4 -24.95 -49.86 -10.51
N VAL C 5 -24.82 -48.69 -11.13
CA VAL C 5 -25.94 -47.85 -11.52
C VAL C 5 -25.91 -47.71 -13.03
N LYS C 6 -27.01 -48.06 -13.68
CA LYS C 6 -27.07 -48.11 -15.14
C LYS C 6 -28.06 -47.09 -15.68
N ARG C 7 -27.67 -46.47 -16.80
CA ARG C 7 -28.54 -45.56 -17.54
C ARG C 7 -29.23 -46.34 -18.64
N ILE C 8 -30.56 -46.39 -18.59
CA ILE C 8 -31.27 -47.17 -19.59
C ILE C 8 -31.61 -46.31 -20.80
N ILE C 9 -30.61 -46.06 -21.64
CA ILE C 9 -30.80 -45.67 -23.03
C ILE C 9 -29.89 -46.57 -23.85
N ASP C 10 -28.80 -47.01 -23.23
CA ASP C 10 -27.87 -47.96 -23.83
C ASP C 10 -27.31 -48.94 -22.80
N ASN C 11 -27.82 -48.94 -21.57
CA ASN C 11 -27.29 -49.75 -20.48
C ASN C 11 -25.82 -49.45 -20.21
N THR C 12 -25.58 -48.20 -19.79
CA THR C 12 -24.23 -47.72 -19.49
C THR C 12 -24.13 -47.32 -18.02
N VAL C 13 -22.96 -47.55 -17.44
CA VAL C 13 -22.70 -47.27 -16.04
C VAL C 13 -22.14 -45.85 -15.91
N ILE C 14 -22.44 -45.20 -14.79
CA ILE C 14 -21.98 -43.84 -14.55
C ILE C 14 -21.18 -43.69 -13.27
N VAL C 15 -21.25 -44.63 -12.33
CA VAL C 15 -20.58 -44.61 -11.03
C VAL C 15 -20.57 -43.21 -10.41
N PRO C 16 -21.73 -42.70 -9.99
CA PRO C 16 -21.77 -41.36 -9.40
C PRO C 16 -20.94 -41.28 -8.12
N LYS C 17 -20.34 -40.11 -7.92
CA LYS C 17 -19.47 -39.88 -6.77
C LYS C 17 -19.64 -38.45 -6.28
N LEU C 18 -19.68 -38.28 -4.97
CA LEU C 18 -19.91 -36.96 -4.38
C LEU C 18 -18.69 -36.07 -4.60
N PRO C 19 -18.89 -34.79 -4.90
CA PRO C 19 -17.75 -33.86 -4.97
C PRO C 19 -17.12 -33.65 -3.60
N ALA C 20 -15.82 -33.35 -3.61
CA ALA C 20 -15.06 -33.22 -2.38
C ALA C 20 -15.05 -31.76 -1.90
N ASN C 21 -16.25 -31.24 -1.64
CA ASN C 21 -16.36 -29.93 -1.02
C ASN C 21 -15.78 -29.93 0.38
N GLU C 22 -16.04 -30.98 1.14
CA GLU C 22 -15.48 -31.17 2.48
C GLU C 22 -14.41 -32.25 2.41
N ASP C 23 -13.28 -32.00 3.05
CA ASP C 23 -12.14 -32.91 2.96
C ASP C 23 -12.49 -34.26 3.60
N PRO C 24 -11.95 -35.35 3.07
CA PRO C 24 -12.20 -36.66 3.66
C PRO C 24 -11.58 -36.77 5.05
N VAL C 25 -12.17 -37.63 5.87
CA VAL C 25 -11.71 -37.80 7.24
C VAL C 25 -10.30 -38.39 7.25
N GLU C 26 -9.53 -38.02 8.26
CA GLU C 26 -8.20 -38.55 8.48
C GLU C 26 -8.13 -39.19 9.86
N TYR C 27 -7.45 -40.32 9.95
CA TYR C 27 -7.50 -41.02 11.21
C TYR C 27 -6.15 -40.98 11.91
N PRO C 28 -6.14 -40.93 13.25
CA PRO C 28 -4.85 -40.94 13.97
C PRO C 28 -4.01 -42.18 13.68
N ALA C 29 -4.66 -43.33 13.46
CA ALA C 29 -3.92 -44.55 13.15
C ALA C 29 -3.14 -44.40 11.84
N ASP C 30 -3.74 -43.77 10.83
CA ASP C 30 -3.04 -43.56 9.57
C ASP C 30 -1.81 -42.68 9.75
N TYR C 31 -1.95 -41.59 10.52
CA TYR C 31 -0.81 -40.72 10.76
C TYR C 31 0.29 -41.44 11.52
N PHE C 32 -0.07 -42.19 12.55
CA PHE C 32 0.94 -42.92 13.32
C PHE C 32 1.56 -44.06 12.53
N ARG C 33 0.84 -44.60 11.55
CA ARG C 33 1.46 -45.54 10.62
C ARG C 33 2.45 -44.84 9.70
N LYS C 34 2.12 -43.63 9.26
CA LYS C 34 3.01 -42.86 8.40
C LYS C 34 4.29 -42.47 9.15
N SER C 35 4.14 -41.89 10.33
CA SER C 35 5.26 -41.43 11.14
C SER C 35 5.09 -41.92 12.57
N LYS C 36 6.20 -42.35 13.19
CA LYS C 36 6.19 -42.89 14.54
C LYS C 36 6.51 -41.84 15.60
N GLU C 37 6.26 -40.57 15.31
CA GLU C 37 6.56 -39.51 16.27
C GLU C 37 5.73 -38.28 15.92
N ILE C 38 5.62 -37.38 16.88
CA ILE C 38 4.93 -36.10 16.73
C ILE C 38 5.97 -35.00 16.83
N PRO C 39 6.44 -34.43 15.73
CA PRO C 39 7.45 -33.38 15.81
C PRO C 39 6.92 -32.11 16.47
N LEU C 40 7.80 -31.41 17.17
CA LEU C 40 7.49 -30.14 17.81
C LEU C 40 8.65 -29.19 17.53
N TYR C 41 8.43 -28.23 16.64
CA TYR C 41 9.49 -27.32 16.20
C TYR C 41 9.51 -26.09 17.08
N ILE C 42 10.65 -25.86 17.73
CA ILE C 42 10.84 -24.73 18.63
C ILE C 42 12.23 -24.14 18.39
N ASN C 43 12.41 -22.90 18.82
CA ASN C 43 13.69 -22.19 18.71
C ASN C 43 14.27 -22.07 20.10
N THR C 44 15.30 -22.87 20.39
CA THR C 44 15.90 -22.94 21.71
C THR C 44 17.23 -22.19 21.79
N THR C 45 17.48 -21.26 20.87
CA THR C 45 18.72 -20.48 20.89
C THR C 45 18.56 -19.21 21.72
N LYS C 46 18.04 -19.35 22.93
CA LYS C 46 17.84 -18.23 23.84
C LYS C 46 17.80 -18.77 25.27
N SER C 47 18.24 -17.96 26.22
CA SER C 47 18.20 -18.36 27.61
C SER C 47 16.76 -18.36 28.13
N LEU C 48 16.54 -19.11 29.20
CA LEU C 48 15.21 -19.19 29.79
C LEU C 48 14.75 -17.83 30.33
N SER C 49 15.66 -17.11 30.99
CA SER C 49 15.32 -15.79 31.50
C SER C 49 15.03 -14.81 30.36
N ASP C 50 15.80 -14.91 29.27
CA ASP C 50 15.57 -14.05 28.11
C ASP C 50 14.20 -14.30 27.51
N LEU C 51 13.81 -15.57 27.36
CA LEU C 51 12.49 -15.90 26.83
C LEU C 51 11.39 -15.47 27.79
N ARG C 52 11.63 -15.61 29.09
CA ARG C 52 10.65 -15.17 30.09
C ARG C 52 10.40 -13.68 29.96
N GLY C 53 11.48 -12.89 29.87
CA GLY C 53 11.31 -11.46 29.66
C GLY C 53 10.62 -11.14 28.36
N TYR C 54 10.98 -11.86 27.29
CA TYR C 54 10.35 -11.68 25.99
C TYR C 54 8.84 -11.83 26.10
N VAL C 55 8.39 -12.95 26.66
CA VAL C 55 6.96 -13.22 26.72
C VAL C 55 6.27 -12.28 27.70
N TYR C 56 6.91 -11.94 28.81
CA TYR C 56 6.31 -11.05 29.78
C TYR C 56 6.05 -9.67 29.18
N GLN C 57 7.07 -9.09 28.55
CA GLN C 57 6.90 -7.75 27.99
C GLN C 57 6.04 -7.78 26.72
N GLY C 58 6.03 -8.89 25.98
CA GLY C 58 5.13 -9.01 24.86
C GLY C 58 3.67 -9.05 25.29
N LEU C 59 3.39 -9.80 26.37
CA LEU C 59 2.04 -9.82 26.91
C LEU C 59 1.64 -8.46 27.46
N LYS C 60 2.57 -7.78 28.15
CA LYS C 60 2.27 -6.46 28.69
C LYS C 60 1.99 -5.45 27.58
N SER C 61 2.77 -5.50 26.50
CA SER C 61 2.57 -4.60 25.38
C SER C 61 1.60 -5.14 24.34
N GLY C 62 1.16 -6.39 24.48
CA GLY C 62 0.23 -6.97 23.53
C GLY C 62 0.77 -7.12 22.13
N ASN C 63 2.08 -7.37 22.00
CA ASN C 63 2.70 -7.58 20.70
C ASN C 63 3.72 -8.72 20.79
N VAL C 64 3.33 -9.80 21.47
CA VAL C 64 4.22 -10.94 21.64
C VAL C 64 4.22 -11.79 20.37
N SER C 65 5.31 -12.52 20.16
CA SER C 65 5.46 -13.40 19.01
C SER C 65 5.20 -14.84 19.44
N ILE C 66 4.61 -15.62 18.54
CA ILE C 66 4.25 -17.00 18.87
C ILE C 66 5.49 -17.86 19.07
N ILE C 67 6.57 -17.60 18.33
CA ILE C 67 7.79 -18.37 18.50
C ILE C 67 8.35 -18.18 19.90
N HIS C 68 8.36 -16.94 20.39
CA HIS C 68 8.91 -16.67 21.70
C HIS C 68 8.09 -17.34 22.81
N VAL C 69 6.76 -17.29 22.72
CA VAL C 69 5.94 -17.91 23.75
C VAL C 69 6.07 -19.43 23.71
N ASN C 70 6.16 -20.02 22.51
CA ASN C 70 6.37 -21.46 22.42
C ASN C 70 7.71 -21.86 23.03
N SER C 71 8.77 -21.09 22.72
CA SER C 71 10.08 -21.41 23.27
C SER C 71 10.10 -21.28 24.78
N TYR C 72 9.48 -20.22 25.32
CA TYR C 72 9.43 -20.06 26.76
C TYR C 72 8.60 -21.16 27.41
N LEU C 73 7.50 -21.55 26.78
CA LEU C 73 6.67 -22.63 27.32
C LEU C 73 7.46 -23.93 27.38
N TYR C 74 8.26 -24.21 26.35
CA TYR C 74 9.14 -25.37 26.42
C TYR C 74 10.16 -25.22 27.55
N GLY C 75 10.75 -24.03 27.69
CA GLY C 75 11.79 -23.84 28.69
C GLY C 75 11.28 -23.98 30.11
N ALA C 76 10.07 -23.51 30.38
CA ALA C 76 9.53 -23.48 31.73
C ALA C 76 8.70 -24.71 32.08
N LEU C 77 8.55 -25.66 31.16
CA LEU C 77 7.76 -26.86 31.39
C LEU C 77 8.58 -28.13 31.23
N LYS C 78 9.86 -28.06 31.59
CA LYS C 78 10.73 -29.24 31.59
C LYS C 78 10.73 -29.89 32.98
N ASP C 79 9.52 -30.17 33.48
CA ASP C 79 9.36 -30.85 34.76
C ASP C 79 9.34 -32.36 34.53
N ILE C 80 10.55 -32.94 34.55
CA ILE C 80 10.75 -34.37 34.34
C ILE C 80 10.13 -35.14 35.50
N ARG C 81 9.80 -34.42 36.58
CA ARG C 81 9.17 -35.05 37.73
C ARG C 81 7.79 -35.59 37.34
N GLY C 82 7.27 -36.46 38.21
CA GLY C 82 6.06 -37.19 37.91
C GLY C 82 6.36 -38.62 37.54
N LYS C 83 6.19 -39.53 38.49
CA LYS C 83 6.61 -40.92 38.34
C LYS C 83 5.42 -41.76 37.86
N LEU C 84 5.60 -42.44 36.73
CA LEU C 84 4.57 -43.33 36.23
C LEU C 84 4.48 -44.59 37.08
N ASP C 85 3.32 -45.22 37.03
CA ASP C 85 3.10 -46.48 37.73
C ASP C 85 2.70 -47.61 36.80
N LYS C 86 1.95 -47.30 35.74
CA LYS C 86 1.54 -48.28 34.74
C LYS C 86 2.08 -47.88 33.38
N ASP C 87 2.21 -48.87 32.49
CA ASP C 87 2.68 -48.62 31.15
C ASP C 87 1.76 -47.62 30.43
N TRP C 88 2.37 -46.65 29.75
CA TRP C 88 1.60 -45.61 29.08
C TRP C 88 1.76 -45.72 27.57
N SER C 89 1.73 -46.94 27.04
CA SER C 89 1.81 -47.14 25.61
C SER C 89 0.51 -46.68 24.94
N SER C 90 0.66 -46.01 23.80
CA SER C 90 -0.49 -45.53 23.05
C SER C 90 -0.12 -45.45 21.58
N PHE C 91 -0.97 -46.03 20.74
CA PHE C 91 -0.75 -46.05 19.28
C PHE C 91 0.60 -46.68 18.93
N GLY C 92 1.00 -47.69 19.69
CA GLY C 92 2.28 -48.35 19.45
C GLY C 92 3.49 -47.48 19.72
N ILE C 93 3.45 -46.66 20.76
CA ILE C 93 4.55 -45.78 21.13
C ILE C 93 4.87 -46.03 22.60
N ASN C 94 6.14 -46.35 22.89
CA ASN C 94 6.56 -46.61 24.25
C ASN C 94 6.87 -45.30 24.97
N ILE C 95 5.83 -44.66 25.53
CA ILE C 95 6.03 -43.38 26.22
C ILE C 95 6.79 -43.58 27.52
N GLY C 96 6.42 -44.59 28.31
CA GLY C 96 7.08 -44.87 29.56
C GLY C 96 6.84 -46.31 29.97
N LYS C 97 7.58 -46.75 30.99
CA LYS C 97 7.50 -48.15 31.42
C LYS C 97 7.46 -48.20 32.96
N ALA C 98 6.26 -48.09 33.51
CA ALA C 98 5.91 -48.52 34.86
C ALA C 98 6.99 -48.18 35.89
N GLY C 99 7.25 -46.89 36.06
CA GLY C 99 8.12 -46.47 37.13
C GLY C 99 9.30 -45.62 36.73
N ASP C 100 9.22 -44.97 35.58
CA ASP C 100 10.26 -44.06 35.10
C ASP C 100 9.75 -42.63 35.10
N THR C 101 10.62 -41.70 35.51
CA THR C 101 10.24 -40.29 35.50
C THR C 101 10.02 -39.81 34.08
N ILE C 102 9.01 -38.97 33.91
CA ILE C 102 8.58 -38.53 32.59
C ILE C 102 8.29 -37.03 32.63
N GLY C 103 8.65 -36.35 31.55
CA GLY C 103 8.37 -34.94 31.40
C GLY C 103 7.18 -34.69 30.49
N ILE C 104 6.79 -33.41 30.41
CA ILE C 104 5.68 -33.02 29.56
C ILE C 104 6.02 -33.27 28.09
N PHE C 105 7.21 -32.88 27.67
CA PHE C 105 7.63 -33.00 26.28
C PHE C 105 8.31 -34.33 25.98
N ASP C 106 8.37 -35.24 26.95
CA ASP C 106 8.88 -36.58 26.72
C ASP C 106 7.95 -37.39 25.81
N LEU C 107 6.68 -37.02 25.73
CA LEU C 107 5.69 -37.75 24.94
C LEU C 107 5.51 -37.17 23.54
N VAL C 108 6.28 -36.14 23.17
CA VAL C 108 6.27 -35.59 21.82
C VAL C 108 7.70 -35.42 21.34
N SER C 109 7.94 -35.77 20.07
CA SER C 109 9.26 -35.58 19.50
C SER C 109 9.57 -34.10 19.35
N LEU C 110 10.82 -33.75 19.60
CA LEU C 110 11.26 -32.36 19.62
C LEU C 110 12.27 -32.13 18.50
N LYS C 111 12.03 -31.10 17.69
CA LYS C 111 12.94 -30.67 16.63
C LYS C 111 13.28 -29.20 16.81
N ALA C 112 14.14 -28.71 15.93
CA ALA C 112 14.57 -27.32 15.94
C ALA C 112 13.86 -26.55 14.83
N LEU C 113 13.21 -25.45 15.21
CA LEU C 113 12.49 -24.64 14.23
C LEU C 113 13.46 -23.98 13.26
N ASP C 114 13.07 -23.94 11.99
CA ASP C 114 13.86 -23.34 10.93
C ASP C 114 13.22 -22.02 10.55
N GLY C 115 13.77 -20.92 11.06
CA GLY C 115 13.23 -19.61 10.77
C GLY C 115 14.02 -18.55 11.51
N VAL C 116 13.58 -17.31 11.33
CA VAL C 116 14.22 -16.16 11.97
C VAL C 116 13.53 -15.87 13.30
N LEU C 117 14.33 -15.68 14.34
CA LEU C 117 13.79 -15.39 15.66
C LEU C 117 13.52 -13.89 15.79
N PRO C 118 12.31 -13.48 16.18
CA PRO C 118 12.05 -12.06 16.40
C PRO C 118 12.94 -11.49 17.50
N ASP C 119 12.92 -10.16 17.61
CA ASP C 119 13.80 -9.44 18.51
C ASP C 119 13.53 -9.78 19.97
N GLY C 120 12.33 -9.44 20.44
CA GLY C 120 11.99 -9.60 21.84
C GLY C 120 12.24 -8.34 22.65
N VAL C 121 11.47 -8.22 23.74
CA VAL C 121 11.45 -6.99 24.53
C VAL C 121 11.86 -7.30 25.96
N SER C 122 12.77 -8.26 26.13
CA SER C 122 13.09 -8.85 27.43
C SER C 122 13.26 -7.80 28.53
N ASP C 123 12.75 -8.14 29.71
CA ASP C 123 12.96 -7.36 30.93
C ASP C 123 13.86 -8.20 31.82
N ALA C 124 14.97 -7.61 32.27
CA ALA C 124 15.98 -8.34 33.03
C ALA C 124 15.74 -8.27 34.54
N SER C 125 14.65 -7.64 34.99
CA SER C 125 14.36 -7.48 36.40
C SER C 125 13.29 -8.44 36.90
N ARG C 126 13.05 -9.53 36.17
CA ARG C 126 12.03 -10.52 36.54
C ARG C 126 12.75 -11.71 37.16
N THR C 127 12.35 -12.08 38.37
CA THR C 127 12.97 -13.18 39.08
C THR C 127 12.45 -14.52 38.56
N SER C 128 12.86 -15.60 39.22
CA SER C 128 12.47 -16.95 38.81
C SER C 128 11.14 -17.34 39.45
N ALA C 129 10.15 -16.49 39.24
CA ALA C 129 8.79 -16.76 39.70
C ALA C 129 7.87 -16.96 38.50
N ASP C 130 8.42 -17.53 37.42
CA ASP C 130 7.68 -17.71 36.18
C ASP C 130 6.88 -19.00 36.16
N ASP C 131 7.53 -20.14 36.42
CA ASP C 131 6.88 -21.44 36.33
C ASP C 131 5.69 -21.57 37.26
N LYS C 132 5.62 -20.76 38.32
CA LYS C 132 4.52 -20.85 39.26
C LYS C 132 3.19 -20.49 38.59
N TRP C 133 3.16 -19.41 37.82
CA TRP C 133 1.90 -18.92 37.28
C TRP C 133 1.92 -18.50 35.81
N LEU C 134 3.08 -18.31 35.19
CA LEU C 134 3.09 -17.73 33.85
C LEU C 134 2.72 -18.75 32.77
N PRO C 135 3.27 -19.98 32.79
CA PRO C 135 2.80 -20.98 31.81
C PRO C 135 1.33 -21.27 31.93
N LEU C 136 0.77 -21.26 33.14
CA LEU C 136 -0.65 -21.48 33.31
C LEU C 136 -1.45 -20.39 32.61
N TYR C 137 -1.03 -19.13 32.77
CA TYR C 137 -1.69 -18.01 32.09
C TYR C 137 -1.56 -18.14 30.58
N LEU C 138 -0.37 -18.49 30.09
CA LEU C 138 -0.18 -18.62 28.65
C LEU C 138 -1.01 -19.74 28.05
N LEU C 139 -1.18 -20.85 28.77
CA LEU C 139 -2.04 -21.93 28.28
C LEU C 139 -3.52 -21.56 28.41
N GLY C 140 -3.87 -20.76 29.41
CA GLY C 140 -5.27 -20.37 29.58
C GLY C 140 -5.72 -19.36 28.55
N LEU C 141 -4.81 -18.53 28.05
CA LEU C 141 -5.16 -17.58 27.00
C LEU C 141 -5.43 -18.24 25.65
N TYR C 142 -5.28 -19.55 25.55
CA TYR C 142 -5.72 -20.28 24.37
C TYR C 142 -7.22 -20.59 24.46
N ARG C 143 -7.65 -21.16 25.58
CA ARG C 143 -9.07 -21.40 25.79
C ARG C 143 -9.85 -20.09 25.86
N VAL C 144 -9.26 -19.06 26.48
CA VAL C 144 -9.92 -17.77 26.56
C VAL C 144 -10.14 -17.21 25.16
N GLY C 145 -9.13 -17.32 24.30
CA GLY C 145 -9.25 -16.87 22.93
C GLY C 145 -10.03 -17.76 22.00
N ARG C 146 -10.37 -18.98 22.44
CA ARG C 146 -11.16 -19.87 21.62
C ARG C 146 -12.67 -19.62 21.74
N THR C 147 -13.09 -18.66 22.55
CA THR C 147 -14.51 -18.45 22.80
C THR C 147 -15.16 -17.62 21.70
N GLN C 148 -14.57 -16.47 21.36
CA GLN C 148 -15.07 -15.55 20.36
C GLN C 148 -16.45 -14.99 20.71
N MET C 149 -16.77 -14.92 22.01
CA MET C 149 -18.00 -14.27 22.47
C MET C 149 -17.73 -13.49 23.74
N PRO C 150 -18.10 -12.22 23.80
CA PRO C 150 -17.68 -11.37 24.92
C PRO C 150 -18.03 -11.89 26.31
N GLU C 151 -19.22 -12.45 26.51
CA GLU C 151 -19.63 -12.85 27.85
C GLU C 151 -18.85 -14.08 28.31
N TYR C 152 -18.76 -15.10 27.45
CA TYR C 152 -18.01 -16.30 27.82
C TYR C 152 -16.53 -15.99 27.97
N ARG C 153 -15.99 -15.13 27.11
CA ARG C 153 -14.59 -14.72 27.24
C ARG C 153 -14.36 -13.99 28.55
N LYS C 154 -15.27 -13.10 28.94
CA LYS C 154 -15.13 -12.37 30.19
C LYS C 154 -15.16 -13.32 31.37
N LYS C 155 -16.10 -14.27 31.35
CA LYS C 155 -16.19 -15.25 32.44
C LYS C 155 -14.93 -16.10 32.52
N LEU C 156 -14.41 -16.54 31.38
CA LEU C 156 -13.21 -17.35 31.37
C LEU C 156 -12.00 -16.55 31.83
N MET C 157 -11.93 -15.28 31.47
CA MET C 157 -10.85 -14.42 31.97
C MET C 157 -10.93 -14.27 33.48
N ASP C 158 -12.14 -14.10 34.02
CA ASP C 158 -12.30 -14.03 35.48
C ASP C 158 -11.82 -15.32 36.13
N GLY C 159 -12.22 -16.47 35.57
CA GLY C 159 -11.81 -17.74 36.14
C GLY C 159 -10.30 -17.94 36.07
N LEU C 160 -9.68 -17.56 34.95
CA LEU C 160 -8.24 -17.67 34.80
C LEU C 160 -7.51 -16.76 35.79
N THR C 161 -8.01 -15.54 35.98
CA THR C 161 -7.40 -14.64 36.95
C THR C 161 -7.52 -15.19 38.36
N ASN C 162 -8.68 -15.77 38.70
CA ASN C 162 -8.84 -16.40 40.00
C ASN C 162 -7.88 -17.56 40.18
N GLN C 163 -7.73 -18.40 39.14
CA GLN C 163 -6.81 -19.53 39.22
C GLN C 163 -5.37 -19.06 39.40
N CYS C 164 -4.96 -18.03 38.66
CA CYS C 164 -3.59 -17.55 38.74
C CYS C 164 -3.30 -16.88 40.08
N LYS C 165 -4.25 -16.08 40.58
CA LYS C 165 -4.04 -15.35 41.82
C LYS C 165 -3.91 -16.28 43.02
N MET C 166 -4.32 -17.53 42.87
CA MET C 166 -4.16 -18.52 43.94
C MET C 166 -2.69 -18.88 44.17
N ILE C 167 -1.80 -18.58 43.22
CA ILE C 167 -0.41 -18.99 43.27
C ILE C 167 0.50 -17.84 43.70
N ASN C 168 0.53 -16.76 42.91
CA ASN C 168 1.42 -15.65 43.18
C ASN C 168 0.82 -14.57 44.08
N GLU C 169 -0.50 -14.37 44.00
CA GLU C 169 -1.34 -13.49 44.80
C GLU C 169 -1.23 -12.02 44.37
N GLN C 170 -0.27 -11.63 43.53
CA GLN C 170 -0.28 -10.28 43.01
C GLN C 170 -0.95 -10.21 41.65
N PHE C 171 -0.35 -10.87 40.66
CA PHE C 171 -0.87 -11.04 39.30
C PHE C 171 -1.58 -9.79 38.79
N GLU C 172 -0.83 -8.75 38.46
CA GLU C 172 -1.38 -7.68 37.65
C GLU C 172 -1.70 -8.25 36.27
N PRO C 173 -2.91 -8.08 35.75
CA PRO C 173 -3.23 -8.66 34.44
C PRO C 173 -2.29 -8.16 33.35
N LEU C 174 -1.88 -9.09 32.48
CA LEU C 174 -0.82 -8.81 31.51
C LEU C 174 -1.38 -8.33 30.18
N VAL C 175 -2.21 -9.15 29.53
CA VAL C 175 -2.73 -8.77 28.21
C VAL C 175 -3.63 -7.55 28.35
N PRO C 176 -3.50 -6.55 27.48
CA PRO C 176 -4.40 -5.39 27.56
C PRO C 176 -5.86 -5.80 27.33
N GLU C 177 -6.76 -5.00 27.91
CA GLU C 177 -8.18 -5.33 27.85
C GLU C 177 -8.68 -5.40 26.40
N GLY C 178 -8.24 -4.46 25.56
CA GLY C 178 -8.62 -4.46 24.16
C GLY C 178 -7.63 -5.22 23.29
N ARG C 179 -7.91 -5.19 21.98
CA ARG C 179 -7.09 -5.79 20.93
C ARG C 179 -6.52 -7.14 21.32
N ASP C 180 -7.41 -8.11 21.59
CA ASP C 180 -6.98 -9.46 21.95
C ASP C 180 -6.14 -10.10 20.85
N ILE C 181 -4.88 -10.41 21.17
CA ILE C 181 -3.98 -11.00 20.18
C ILE C 181 -3.86 -12.51 20.31
N PHE C 182 -4.40 -13.10 21.36
CA PHE C 182 -4.24 -14.53 21.62
C PHE C 182 -5.16 -15.40 20.79
N ASP C 183 -6.07 -14.80 20.02
CA ASP C 183 -6.91 -15.60 19.12
C ASP C 183 -6.08 -16.29 18.05
N VAL C 184 -5.01 -15.64 17.59
CA VAL C 184 -4.15 -16.21 16.55
C VAL C 184 -3.36 -17.41 17.05
N TRP C 185 -3.15 -17.51 18.37
CA TRP C 185 -2.33 -18.59 18.92
C TRP C 185 -2.89 -19.96 18.56
N GLY C 186 -4.22 -20.08 18.49
CA GLY C 186 -4.82 -21.34 18.12
C GLY C 186 -4.52 -21.75 16.69
N ASN C 187 -4.26 -20.77 15.82
CA ASN C 187 -3.95 -21.08 14.42
C ASN C 187 -2.63 -21.85 14.33
N ASP C 188 -1.63 -21.45 15.11
CA ASP C 188 -0.33 -22.10 15.08
C ASP C 188 -0.45 -23.56 15.54
N SER C 189 0.41 -24.41 15.00
CA SER C 189 0.38 -25.84 15.27
C SER C 189 1.21 -26.24 16.48
N ASN C 190 2.41 -25.66 16.62
CA ASN C 190 3.28 -26.04 17.74
C ASN C 190 2.69 -25.63 19.08
N TYR C 191 2.03 -24.48 19.15
CA TYR C 191 1.38 -24.08 20.39
C TYR C 191 0.27 -25.06 20.77
N THR C 192 -0.52 -25.50 19.79
CA THR C 192 -1.54 -26.51 20.06
C THR C 192 -0.91 -27.83 20.49
N LYS C 193 0.20 -28.22 19.87
CA LYS C 193 0.87 -29.45 20.29
C LYS C 193 1.33 -29.35 21.74
N ILE C 194 1.93 -28.21 22.11
CA ILE C 194 2.41 -28.03 23.47
C ILE C 194 1.25 -28.07 24.46
N VAL C 195 0.16 -27.37 24.14
CA VAL C 195 -0.97 -27.29 25.07
C VAL C 195 -1.63 -28.65 25.23
N ALA C 196 -1.73 -29.41 24.13
CA ALA C 196 -2.32 -30.75 24.22
C ALA C 196 -1.42 -31.70 24.98
N ALA C 197 -0.11 -31.61 24.79
CA ALA C 197 0.81 -32.44 25.55
C ALA C 197 0.71 -32.14 27.04
N VAL C 198 0.62 -30.86 27.40
CA VAL C 198 0.45 -30.49 28.80
C VAL C 198 -0.85 -31.06 29.35
N ASP C 199 -1.93 -30.94 28.57
CA ASP C 199 -3.22 -31.45 29.04
C ASP C 199 -3.17 -32.95 29.27
N MET C 200 -2.60 -33.70 28.34
CA MET C 200 -2.58 -35.15 28.51
C MET C 200 -1.65 -35.56 29.66
N PHE C 201 -0.51 -34.90 29.79
CA PHE C 201 0.42 -35.23 30.87
C PHE C 201 -0.22 -34.98 32.23
N PHE C 202 -0.93 -33.87 32.38
CA PHE C 202 -1.58 -33.59 33.65
C PHE C 202 -2.89 -34.34 33.82
N HIS C 203 -3.45 -34.90 32.74
CA HIS C 203 -4.58 -35.80 32.87
C HIS C 203 -4.15 -37.17 33.38
N MET C 204 -2.98 -37.66 32.95
CA MET C 204 -2.45 -38.88 33.53
C MET C 204 -2.02 -38.66 34.98
N PHE C 205 -1.33 -37.54 35.24
CA PHE C 205 -0.88 -37.20 36.59
C PHE C 205 -1.83 -36.14 37.16
N LYS C 206 -2.95 -36.62 37.71
CA LYS C 206 -3.97 -35.71 38.24
C LYS C 206 -3.49 -35.04 39.52
N LYS C 207 -2.76 -35.77 40.36
CA LYS C 207 -2.35 -35.26 41.67
C LYS C 207 -0.98 -34.58 41.63
N HIS C 208 -0.57 -34.06 40.49
CA HIS C 208 0.69 -33.35 40.40
C HIS C 208 0.59 -31.99 41.07
N GLU C 209 1.74 -31.48 41.51
CA GLU C 209 1.78 -30.15 42.12
C GLU C 209 1.36 -29.07 41.13
N CYS C 210 1.81 -29.19 39.88
CA CYS C 210 1.48 -28.24 38.83
C CYS C 210 0.25 -28.66 38.04
N ALA C 211 -0.67 -29.43 38.64
CA ALA C 211 -1.87 -29.85 37.95
C ALA C 211 -2.81 -28.70 37.65
N SER C 212 -2.58 -27.53 38.25
CA SER C 212 -3.41 -26.37 37.97
C SER C 212 -3.26 -25.88 36.53
N PHE C 213 -2.21 -26.33 35.83
CA PHE C 213 -2.04 -25.97 34.43
C PHE C 213 -3.15 -26.55 33.55
N ARG C 214 -3.94 -27.48 34.07
CA ARG C 214 -5.04 -28.06 33.31
C ARG C 214 -6.06 -27.00 32.91
N TYR C 215 -6.12 -25.89 33.63
CA TYR C 215 -6.99 -24.79 33.23
C TYR C 215 -6.50 -24.19 31.92
N GLY C 216 -7.44 -23.99 30.99
CA GLY C 216 -7.09 -23.44 29.70
C GLY C 216 -6.72 -24.50 28.68
N THR C 217 -6.04 -25.55 29.13
CA THR C 217 -5.70 -26.66 28.25
C THR C 217 -6.73 -27.78 28.29
N ILE C 218 -7.69 -27.72 29.22
CA ILE C 218 -8.76 -28.70 29.24
C ILE C 218 -9.61 -28.64 27.97
N VAL C 219 -9.68 -27.47 27.32
CA VAL C 219 -10.44 -27.37 26.08
C VAL C 219 -9.81 -28.21 24.97
N SER C 220 -8.50 -28.49 25.07
CA SER C 220 -7.85 -29.32 24.07
C SER C 220 -8.28 -30.77 24.15
N ARG C 221 -8.71 -31.23 25.32
CA ARG C 221 -9.18 -32.60 25.47
C ARG C 221 -10.44 -32.83 24.66
N PHE C 222 -10.43 -33.87 23.82
CA PHE C 222 -11.56 -34.20 22.96
C PHE C 222 -11.96 -33.01 22.08
N LYS C 223 -10.97 -32.30 21.56
CA LYS C 223 -11.24 -31.14 20.73
C LYS C 223 -11.80 -31.58 19.39
N ASP C 224 -12.89 -30.93 18.96
CA ASP C 224 -13.58 -31.26 17.71
C ASP C 224 -13.97 -32.74 17.66
N CYS C 225 -14.49 -33.22 18.78
CA CYS C 225 -14.98 -34.59 18.90
C CYS C 225 -16.38 -34.60 19.51
N ALA C 226 -17.25 -33.70 19.02
CA ALA C 226 -18.58 -33.58 19.60
C ALA C 226 -19.48 -34.77 19.29
N ALA C 227 -19.25 -35.47 18.18
CA ALA C 227 -20.08 -36.63 17.86
C ALA C 227 -19.85 -37.75 18.86
N LEU C 228 -18.59 -38.05 19.18
CA LEU C 228 -18.31 -39.07 20.20
C LEU C 228 -18.81 -38.63 21.56
N ALA C 229 -18.67 -37.33 21.87
CA ALA C 229 -19.15 -36.82 23.15
C ALA C 229 -20.66 -36.98 23.28
N THR C 230 -21.41 -36.69 22.21
CA THR C 230 -22.86 -36.85 22.27
C THR C 230 -23.27 -38.31 22.23
N PHE C 231 -22.46 -39.18 21.60
CA PHE C 231 -22.73 -40.61 21.71
C PHE C 231 -22.58 -41.09 23.14
N GLY C 232 -21.52 -40.65 23.83
CA GLY C 232 -21.37 -40.99 25.24
C GLY C 232 -22.48 -40.41 26.09
N HIS C 233 -22.90 -39.18 25.79
CA HIS C 233 -24.00 -38.57 26.52
C HIS C 233 -25.29 -39.34 26.33
N LEU C 234 -25.56 -39.81 25.11
CA LEU C 234 -26.75 -40.63 24.87
C LEU C 234 -26.64 -41.96 25.61
N CYS C 235 -25.47 -42.59 25.60
CA CYS C 235 -25.29 -43.85 26.30
C CYS C 235 -25.44 -43.70 27.80
N LYS C 236 -25.09 -42.54 28.36
CA LYS C 236 -25.18 -42.32 29.80
C LYS C 236 -26.56 -41.85 30.25
N ILE C 237 -27.19 -40.93 29.50
CA ILE C 237 -28.46 -40.35 29.92
C ILE C 237 -29.63 -41.32 29.82
N THR C 238 -29.47 -42.43 29.11
CA THR C 238 -30.54 -43.41 28.98
C THR C 238 -30.34 -44.63 29.88
N GLY C 239 -29.11 -44.91 30.30
CA GLY C 239 -28.80 -46.13 31.00
C GLY C 239 -28.73 -47.36 30.11
N MET C 240 -29.06 -47.22 28.83
CA MET C 240 -29.04 -48.33 27.90
C MET C 240 -27.61 -48.63 27.47
N SER C 241 -27.33 -49.91 27.23
CA SER C 241 -25.97 -50.33 26.90
C SER C 241 -25.53 -49.74 25.56
N THR C 242 -24.22 -49.52 25.45
CA THR C 242 -23.67 -48.95 24.22
C THR C 242 -23.76 -49.94 23.06
N GLU C 243 -23.67 -51.24 23.35
CA GLU C 243 -23.80 -52.26 22.31
C GLU C 243 -25.23 -52.38 21.80
N ASP C 244 -26.22 -51.94 22.57
CA ASP C 244 -27.62 -52.03 22.18
C ASP C 244 -28.16 -50.73 21.59
N VAL C 245 -27.63 -49.58 22.01
CA VAL C 245 -28.09 -48.31 21.46
C VAL C 245 -27.71 -48.19 19.98
N THR C 246 -26.57 -48.74 19.58
CA THR C 246 -26.12 -48.61 18.21
C THR C 246 -27.05 -49.29 17.22
N THR C 247 -27.88 -50.24 17.67
CA THR C 247 -28.85 -50.87 16.78
C THR C 247 -30.02 -49.95 16.49
N TRP C 248 -30.32 -49.04 17.44
CA TRP C 248 -31.49 -48.19 17.31
C TRP C 248 -31.33 -47.08 16.28
N ILE C 249 -30.12 -46.77 15.84
CA ILE C 249 -29.93 -45.65 14.93
C ILE C 249 -30.47 -46.01 13.56
N LEU C 250 -30.97 -45.02 12.84
CA LEU C 250 -31.72 -45.22 11.61
C LEU C 250 -31.30 -44.16 10.60
N ASN C 251 -32.10 -44.02 9.53
CA ASN C 251 -31.99 -42.96 8.53
C ASN C 251 -30.79 -43.18 7.59
N ARG C 252 -29.96 -44.18 7.89
CA ARG C 252 -28.94 -44.69 6.97
C ARG C 252 -27.81 -43.69 6.74
N GLU C 253 -27.94 -42.48 7.26
CA GLU C 253 -26.84 -41.53 7.34
C GLU C 253 -26.18 -41.57 8.70
N VAL C 254 -26.97 -41.70 9.77
CA VAL C 254 -26.42 -41.95 11.09
C VAL C 254 -25.67 -43.28 11.10
N ALA C 255 -26.15 -44.26 10.34
CA ALA C 255 -25.45 -45.54 10.24
C ALA C 255 -24.06 -45.36 9.64
N ASP C 256 -23.97 -44.60 8.54
CA ASP C 256 -22.67 -44.35 7.92
C ASP C 256 -21.75 -43.55 8.85
N GLU C 257 -22.32 -42.57 9.56
CA GLU C 257 -21.50 -41.80 10.49
C GLU C 257 -20.98 -42.66 11.63
N MET C 258 -21.81 -43.58 12.13
CA MET C 258 -21.34 -44.55 13.12
C MET C 258 -20.24 -45.43 12.55
N VAL C 259 -20.42 -45.90 11.31
CA VAL C 259 -19.42 -46.77 10.70
C VAL C 259 -18.08 -46.06 10.59
N GLN C 260 -18.09 -44.80 10.17
CA GLN C 260 -16.85 -44.05 10.06
C GLN C 260 -16.31 -43.64 11.44
N MET C 261 -17.17 -43.62 12.45
CA MET C 261 -16.71 -43.29 13.80
C MET C 261 -16.08 -44.50 14.48
N MET C 262 -16.62 -45.69 14.24
CA MET C 262 -16.28 -46.89 15.02
C MET C 262 -15.27 -47.79 14.32
N LEU C 263 -14.28 -47.24 13.64
CA LEU C 263 -13.19 -48.07 13.11
C LEU C 263 -12.48 -48.76 14.27
N PRO C 264 -12.31 -50.08 14.22
CA PRO C 264 -11.75 -50.82 15.36
C PRO C 264 -10.36 -50.36 15.79
N GLY C 265 -9.52 -49.98 14.83
CA GLY C 265 -8.14 -49.67 15.13
C GLY C 265 -7.91 -48.23 15.59
N GLN C 266 -8.91 -47.63 16.22
CA GLN C 266 -8.80 -46.26 16.70
C GLN C 266 -8.68 -46.14 18.21
N GLU C 267 -8.87 -47.24 18.95
CA GLU C 267 -8.86 -47.29 20.42
C GLU C 267 -9.50 -46.05 21.04
N ILE C 268 -10.76 -45.78 20.68
CA ILE C 268 -11.46 -44.61 21.20
C ILE C 268 -11.97 -44.79 22.61
N ASP C 269 -11.76 -45.95 23.22
CA ASP C 269 -12.21 -46.22 24.58
C ASP C 269 -11.04 -46.28 25.57
N LYS C 270 -9.95 -45.57 25.26
CA LYS C 270 -8.78 -45.53 26.12
C LYS C 270 -8.54 -44.08 26.52
N ALA C 271 -8.58 -43.81 27.83
CA ALA C 271 -8.47 -42.43 28.31
C ALA C 271 -7.06 -41.89 28.14
N ASP C 272 -6.05 -42.69 28.48
CA ASP C 272 -4.66 -42.25 28.40
C ASP C 272 -4.04 -42.56 27.04
N SER C 273 -4.63 -42.00 25.98
CA SER C 273 -4.17 -42.22 24.62
C SER C 273 -4.08 -40.90 23.89
N TYR C 274 -3.59 -40.96 22.65
CA TYR C 274 -3.46 -39.79 21.80
C TYR C 274 -4.75 -39.41 21.08
N MET C 275 -5.80 -40.21 21.23
CA MET C 275 -7.04 -39.97 20.48
C MET C 275 -7.67 -38.61 20.78
N PRO C 276 -7.84 -38.18 22.03
CA PRO C 276 -8.55 -36.91 22.26
C PRO C 276 -7.86 -35.69 21.67
N TYR C 277 -6.56 -35.79 21.37
CA TYR C 277 -5.80 -34.70 20.77
C TYR C 277 -5.43 -35.00 19.33
N LEU C 278 -6.33 -35.65 18.60
CA LEU C 278 -6.04 -36.05 17.22
C LEU C 278 -5.88 -34.86 16.30
N ILE C 279 -6.36 -33.68 16.69
CA ILE C 279 -6.27 -32.50 15.85
C ILE C 279 -5.32 -31.44 16.40
N ASP C 280 -5.03 -31.45 17.70
CA ASP C 280 -4.08 -30.52 18.28
C ASP C 280 -2.64 -30.99 18.07
N PHE C 281 -2.40 -32.29 18.20
CA PHE C 281 -1.10 -32.88 17.94
C PHE C 281 -0.81 -32.93 16.45
N GLY C 282 -1.81 -32.62 15.63
CA GLY C 282 -1.66 -32.71 14.19
C GLY C 282 -1.84 -34.11 13.63
N LEU C 283 -2.38 -35.04 14.41
CA LEU C 283 -2.59 -36.40 13.92
C LEU C 283 -3.57 -36.40 12.76
N SER C 284 -4.65 -35.62 12.86
CA SER C 284 -5.64 -35.52 11.80
C SER C 284 -6.03 -34.07 11.61
N SER C 285 -6.03 -33.62 10.36
CA SER C 285 -6.49 -32.27 10.04
C SER C 285 -8.00 -32.15 9.99
N LYS C 286 -8.70 -33.26 9.73
CA LYS C 286 -10.15 -33.30 9.70
C LYS C 286 -10.60 -34.45 10.60
N SER C 287 -11.07 -34.12 11.80
CA SER C 287 -11.45 -35.14 12.77
C SER C 287 -12.76 -35.81 12.35
N PRO C 288 -12.78 -37.13 12.20
CA PRO C 288 -14.04 -37.81 11.84
C PRO C 288 -15.11 -37.74 12.92
N TYR C 289 -14.74 -37.44 14.17
CA TYR C 289 -15.67 -37.39 15.28
C TYR C 289 -16.23 -35.99 15.52
N SER C 290 -15.99 -35.06 14.60
CA SER C 290 -16.49 -33.70 14.77
C SER C 290 -17.99 -33.64 14.55
N SER C 291 -18.59 -32.51 14.94
CA SER C 291 -20.02 -32.30 14.76
C SER C 291 -20.37 -31.76 13.38
N VAL C 292 -19.37 -31.35 12.59
CA VAL C 292 -19.62 -30.88 11.24
C VAL C 292 -19.47 -32.00 10.21
N LYS C 293 -18.58 -32.96 10.43
CA LYS C 293 -18.46 -34.13 9.58
C LYS C 293 -19.49 -35.20 9.92
N ASN C 294 -20.09 -35.14 11.10
CA ASN C 294 -21.15 -36.06 11.51
C ASN C 294 -22.34 -35.24 12.00
N PRO C 295 -23.01 -34.52 11.09
CA PRO C 295 -24.11 -33.66 11.54
C PRO C 295 -25.39 -34.41 11.84
N ALA C 296 -25.69 -35.46 11.06
CA ALA C 296 -26.96 -36.17 11.24
C ALA C 296 -27.02 -36.86 12.59
N PHE C 297 -25.98 -37.64 12.93
CA PHE C 297 -25.98 -38.33 14.22
C PHE C 297 -25.93 -37.35 15.38
N HIS C 298 -25.15 -36.27 15.24
CA HIS C 298 -25.09 -35.28 16.32
C HIS C 298 -26.47 -34.67 16.56
N PHE C 299 -27.16 -34.29 15.49
CA PHE C 299 -28.50 -33.73 15.64
C PHE C 299 -29.45 -34.74 16.26
N TRP C 300 -29.43 -35.97 15.77
CA TRP C 300 -30.36 -36.99 16.27
C TRP C 300 -30.12 -37.28 17.74
N GLY C 301 -28.85 -37.46 18.13
CA GLY C 301 -28.54 -37.74 19.52
C GLY C 301 -28.87 -36.57 20.44
N GLN C 302 -28.57 -35.35 20.00
CA GLN C 302 -28.89 -34.19 20.82
C GLN C 302 -30.39 -34.06 21.00
N LEU C 303 -31.17 -34.26 19.93
CA LEU C 303 -32.62 -34.18 20.05
C LEU C 303 -33.16 -35.27 20.97
N THR C 304 -32.64 -36.50 20.83
CA THR C 304 -33.10 -37.60 21.66
C THR C 304 -32.80 -37.33 23.13
N ALA C 305 -31.60 -36.84 23.43
CA ALA C 305 -31.26 -36.50 24.81
C ALA C 305 -32.12 -35.35 25.33
N LEU C 306 -32.44 -34.39 24.47
CA LEU C 306 -33.31 -33.29 24.89
C LEU C 306 -34.70 -33.80 25.26
N LEU C 307 -35.24 -34.71 24.44
CA LEU C 307 -36.56 -35.25 24.73
C LEU C 307 -36.57 -36.18 25.94
N LEU C 308 -35.41 -36.53 26.48
CA LEU C 308 -35.31 -37.32 27.70
C LEU C 308 -34.95 -36.47 28.92
N ARG C 309 -35.21 -35.17 28.85
CA ARG C 309 -35.03 -34.24 29.97
C ARG C 309 -33.58 -34.23 30.47
N SER C 310 -32.69 -33.82 29.57
CA SER C 310 -31.27 -33.64 29.90
C SER C 310 -30.91 -32.18 29.78
N THR C 311 -30.28 -31.63 30.82
CA THR C 311 -29.90 -30.22 30.81
C THR C 311 -28.81 -29.92 29.80
N ARG C 312 -28.02 -30.91 29.40
CA ARG C 312 -26.95 -30.68 28.44
C ARG C 312 -27.50 -30.45 27.04
N ALA C 313 -28.50 -31.24 26.63
CA ALA C 313 -28.99 -31.19 25.26
C ALA C 313 -29.98 -30.06 25.05
N ARG C 314 -29.60 -28.84 25.43
CA ARG C 314 -30.41 -27.66 25.17
C ARG C 314 -29.57 -26.48 24.69
N ASN C 315 -28.25 -26.67 24.56
CA ASN C 315 -27.36 -25.64 24.06
C ASN C 315 -26.59 -26.06 22.82
N ALA C 316 -26.56 -27.34 22.47
CA ALA C 316 -25.92 -27.77 21.23
C ALA C 316 -26.68 -27.20 20.04
N ARG C 317 -25.95 -26.64 19.09
CA ARG C 317 -26.56 -25.96 17.96
C ARG C 317 -27.00 -26.96 16.89
N GLN C 318 -28.05 -26.59 16.17
CA GLN C 318 -28.61 -27.47 15.15
C GLN C 318 -27.69 -27.52 13.94
N PRO C 319 -27.29 -28.70 13.47
CA PRO C 319 -26.48 -28.79 12.26
C PRO C 319 -27.21 -28.27 11.04
N ASP C 320 -26.45 -27.77 10.08
CA ASP C 320 -26.98 -27.07 8.92
C ASP C 320 -27.16 -28.01 7.73
N ASP C 321 -28.27 -27.83 7.01
CA ASP C 321 -28.49 -28.44 5.70
C ASP C 321 -28.48 -29.97 5.77
N ILE C 322 -29.26 -30.53 6.69
CA ILE C 322 -29.44 -31.97 6.77
C ILE C 322 -30.93 -32.25 6.96
N GLU C 323 -31.39 -33.36 6.37
CA GLU C 323 -32.79 -33.73 6.45
C GLU C 323 -33.19 -33.97 7.90
N TYR C 324 -34.23 -33.26 8.35
CA TYR C 324 -34.61 -33.28 9.75
C TYR C 324 -35.81 -34.17 10.07
N THR C 325 -36.76 -34.29 9.14
CA THR C 325 -38.02 -34.97 9.47
C THR C 325 -37.79 -36.43 9.87
N SER C 326 -36.99 -37.16 9.10
CA SER C 326 -36.71 -38.54 9.44
C SER C 326 -35.89 -38.66 10.72
N LEU C 327 -34.89 -37.78 10.87
CA LEU C 327 -34.10 -37.78 12.10
C LEU C 327 -34.95 -37.43 13.30
N THR C 328 -35.84 -36.45 13.17
CA THR C 328 -36.73 -36.11 14.28
C THR C 328 -37.68 -37.25 14.61
N THR C 329 -38.19 -37.95 13.59
CA THR C 329 -39.06 -39.09 13.84
C THR C 329 -38.33 -40.19 14.60
N ALA C 330 -37.11 -40.51 14.16
CA ALA C 330 -36.33 -41.55 14.85
C ALA C 330 -36.00 -41.13 16.28
N GLY C 331 -35.62 -39.87 16.48
CA GLY C 331 -35.33 -39.39 17.81
C GLY C 331 -36.54 -39.42 18.73
N LEU C 332 -37.71 -39.04 18.19
CA LEU C 332 -38.94 -39.11 18.98
C LEU C 332 -39.27 -40.55 19.34
N LEU C 333 -39.10 -41.47 18.39
CA LEU C 333 -39.37 -42.88 18.68
C LEU C 333 -38.47 -43.39 19.80
N TYR C 334 -37.17 -43.12 19.72
CA TYR C 334 -36.25 -43.54 20.76
C TYR C 334 -36.58 -42.90 22.10
N ALA C 335 -36.88 -41.60 22.10
CA ALA C 335 -37.17 -40.89 23.33
C ALA C 335 -38.43 -41.42 24.00
N TYR C 336 -39.48 -41.66 23.20
CA TYR C 336 -40.70 -42.22 23.75
C TYR C 336 -40.48 -43.64 24.27
N ALA C 337 -39.67 -44.44 23.56
CA ALA C 337 -39.37 -45.78 24.04
C ALA C 337 -38.66 -45.75 25.39
N VAL C 338 -37.70 -44.85 25.55
CA VAL C 338 -36.98 -44.78 26.83
C VAL C 338 -37.87 -44.22 27.93
N GLY C 339 -38.60 -43.14 27.65
CA GLY C 339 -39.36 -42.46 28.68
C GLY C 339 -40.67 -43.13 29.06
N SER C 340 -41.18 -44.03 28.21
CA SER C 340 -42.42 -44.73 28.51
C SER C 340 -42.22 -46.20 28.83
N SER C 341 -41.04 -46.75 28.59
CA SER C 341 -40.74 -48.16 28.82
C SER C 341 -39.44 -48.26 29.62
N ALA C 342 -39.55 -48.20 30.94
CA ALA C 342 -38.40 -48.44 31.79
C ALA C 342 -38.04 -49.91 31.77
N ARG C 373 -37.44 -51.86 25.34
CA ARG C 373 -36.43 -51.05 24.68
C ARG C 373 -35.92 -51.68 23.38
N ASP C 374 -36.51 -52.79 22.95
CA ASP C 374 -36.11 -53.41 21.69
C ASP C 374 -36.46 -52.49 20.52
N VAL C 375 -35.61 -52.52 19.49
CA VAL C 375 -35.74 -51.59 18.37
C VAL C 375 -36.73 -52.08 17.33
N VAL C 376 -36.70 -53.37 16.99
CA VAL C 376 -37.61 -53.87 15.96
C VAL C 376 -39.04 -53.93 16.48
N GLU C 377 -39.22 -54.17 17.79
CA GLU C 377 -40.57 -54.13 18.35
C GLU C 377 -41.19 -52.75 18.20
N TRP C 378 -40.43 -51.69 18.51
CA TRP C 378 -40.94 -50.34 18.35
C TRP C 378 -41.08 -49.97 16.88
N LEU C 379 -40.21 -50.49 16.02
CA LEU C 379 -40.37 -50.25 14.58
C LEU C 379 -41.67 -50.86 14.06
N GLY C 380 -41.99 -52.08 14.48
CA GLY C 380 -43.26 -52.67 14.11
C GLY C 380 -44.44 -51.94 14.70
N TRP C 381 -44.32 -51.47 15.95
CA TRP C 381 -45.38 -50.68 16.56
C TRP C 381 -45.63 -49.40 15.78
N PHE C 382 -44.56 -48.75 15.33
CA PHE C 382 -44.71 -47.55 14.51
C PHE C 382 -45.28 -47.86 13.14
N GLU C 383 -44.89 -48.99 12.54
CA GLU C 383 -45.45 -49.39 11.25
C GLU C 383 -46.93 -49.72 11.38
N ASP C 384 -47.39 -50.13 12.56
CA ASP C 384 -48.83 -50.30 12.78
C ASP C 384 -49.56 -48.97 12.61
N GLN C 385 -48.85 -47.85 12.79
CA GLN C 385 -49.37 -46.52 12.51
C GLN C 385 -48.99 -46.03 11.12
N ASN C 386 -48.52 -46.93 10.26
CA ASN C 386 -47.94 -46.63 8.94
C ASN C 386 -47.08 -45.38 8.97
N ARG C 387 -46.21 -45.29 9.98
CA ARG C 387 -45.13 -44.30 10.03
C ARG C 387 -45.66 -42.86 10.11
N LYS C 388 -46.30 -42.60 11.25
CA LYS C 388 -46.80 -41.24 11.54
C LYS C 388 -46.75 -41.14 13.08
N PRO C 389 -46.10 -40.15 13.75
CA PRO C 389 -46.13 -40.11 15.22
C PRO C 389 -47.55 -40.05 15.75
N THR C 390 -47.76 -40.73 16.88
CA THR C 390 -49.05 -40.71 17.53
C THR C 390 -49.19 -39.44 18.36
N PRO C 391 -50.43 -38.98 18.60
CA PRO C 391 -50.63 -37.81 19.46
C PRO C 391 -50.07 -37.99 20.87
N ASP C 392 -50.01 -39.23 21.37
CA ASP C 392 -49.41 -39.47 22.68
C ASP C 392 -47.91 -39.17 22.66
N MET C 393 -47.22 -39.55 21.58
CA MET C 393 -45.80 -39.24 21.49
C MET C 393 -45.57 -37.74 21.38
N MET C 394 -46.43 -37.03 20.64
CA MET C 394 -46.33 -35.57 20.59
C MET C 394 -46.60 -34.95 21.95
N GLN C 395 -47.53 -35.51 22.73
CA GLN C 395 -47.76 -35.02 24.08
C GLN C 395 -46.54 -35.25 24.97
N TYR C 396 -45.91 -36.42 24.84
CA TYR C 396 -44.69 -36.69 25.61
C TYR C 396 -43.59 -35.71 25.23
N ALA C 397 -43.41 -35.45 23.93
CA ALA C 397 -42.41 -34.49 23.49
C ALA C 397 -42.74 -33.09 24.00
N LYS C 398 -44.02 -32.72 24.00
CA LYS C 398 -44.43 -31.43 24.55
C LYS C 398 -44.07 -31.32 26.02
N ARG C 399 -44.31 -32.38 26.79
CA ARG C 399 -43.92 -32.38 28.19
C ARG C 399 -42.42 -32.27 28.36
N ALA C 400 -41.67 -32.95 27.49
CA ALA C 400 -40.21 -32.95 27.60
C ALA C 400 -39.58 -31.64 27.15
N VAL C 401 -40.29 -30.84 26.35
CA VAL C 401 -39.75 -29.58 25.82
C VAL C 401 -40.41 -28.36 26.43
N MET C 402 -41.58 -28.48 27.05
CA MET C 402 -42.19 -27.32 27.67
C MET C 402 -41.38 -26.85 28.86
N SER C 403 -41.54 -25.56 29.19
CA SER C 403 -40.89 -24.94 30.34
C SER C 403 -39.36 -25.04 30.25
N LEU C 404 -38.83 -24.64 29.10
CA LEU C 404 -37.39 -24.49 28.89
C LEU C 404 -37.11 -22.99 28.73
N GLN C 405 -36.89 -22.33 29.86
CA GLN C 405 -36.65 -20.90 29.85
C GLN C 405 -35.24 -20.59 29.34
N GLY C 406 -35.11 -19.46 28.66
CA GLY C 406 -33.81 -19.00 28.19
C GLY C 406 -33.15 -19.89 27.17
N LEU C 407 -33.91 -20.43 26.22
CA LEU C 407 -33.31 -21.20 25.14
C LEU C 407 -32.58 -20.26 24.19
N ARG C 408 -31.34 -20.60 23.87
CA ARG C 408 -30.51 -19.80 22.99
C ARG C 408 -30.73 -20.22 21.55
N GLU C 409 -30.52 -19.28 20.64
CA GLU C 409 -30.96 -19.42 19.26
C GLU C 409 -30.12 -20.44 18.50
N LYS C 410 -30.77 -21.11 17.54
CA LYS C 410 -30.15 -22.00 16.55
C LYS C 410 -29.75 -23.32 17.21
N THR C 411 -30.17 -23.54 18.44
CA THR C 411 -29.82 -24.76 19.14
C THR C 411 -30.96 -25.78 19.08
N ILE C 412 -30.67 -26.98 19.58
CA ILE C 412 -31.64 -28.07 19.53
C ILE C 412 -32.87 -27.73 20.38
N GLY C 413 -32.66 -27.05 21.51
CA GLY C 413 -33.78 -26.67 22.35
C GLY C 413 -34.76 -25.75 21.63
N LYS C 414 -34.24 -24.75 20.93
CA LYS C 414 -35.09 -23.84 20.18
C LYS C 414 -35.85 -24.57 19.08
N TYR C 415 -35.17 -25.46 18.35
CA TYR C 415 -35.83 -26.20 17.28
C TYR C 415 -36.94 -27.09 17.83
N ALA C 416 -36.67 -27.78 18.94
CA ALA C 416 -37.69 -28.63 19.53
C ALA C 416 -38.86 -27.82 20.06
N LYS C 417 -38.59 -26.67 20.69
CA LYS C 417 -39.67 -25.82 21.17
C LYS C 417 -40.49 -25.26 20.02
N SER C 418 -39.86 -25.03 18.86
CA SER C 418 -40.60 -24.51 17.72
C SER C 418 -41.43 -25.60 17.05
N GLU C 419 -40.91 -26.82 16.99
CA GLU C 419 -41.56 -27.88 16.22
C GLU C 419 -42.32 -28.88 17.09
N PHE C 420 -41.78 -29.25 18.25
CA PHE C 420 -42.42 -30.23 19.12
C PHE C 420 -43.33 -29.60 20.17
N ASP C 421 -43.52 -28.29 20.14
CA ASP C 421 -44.36 -27.58 21.11
C ASP C 421 -45.41 -26.76 20.39
N LYS C 422 -46.07 -27.38 19.43
CA LYS C 422 -47.13 -26.71 18.66
C LYS C 422 -48.35 -26.43 19.54
N GLU D 22 -43.31 35.64 -51.56
CA GLU D 22 -42.21 35.59 -50.60
C GLU D 22 -41.04 34.83 -51.20
N ASP D 23 -39.83 35.25 -50.84
CA ASP D 23 -38.62 34.62 -51.34
C ASP D 23 -38.53 33.18 -50.82
N PRO D 24 -38.00 32.27 -51.64
CA PRO D 24 -37.84 30.88 -51.18
C PRO D 24 -36.86 30.80 -50.03
N VAL D 25 -37.10 29.84 -49.13
CA VAL D 25 -36.23 29.68 -47.98
C VAL D 25 -34.87 29.21 -48.42
N GLU D 26 -33.82 29.86 -47.89
CA GLU D 26 -32.44 29.50 -48.18
C GLU D 26 -31.81 28.96 -46.91
N TYR D 27 -31.13 27.85 -47.03
CA TYR D 27 -30.56 27.25 -45.83
C TYR D 27 -29.06 27.49 -45.77
N PRO D 28 -28.50 27.62 -44.56
CA PRO D 28 -27.05 27.85 -44.45
C PRO D 28 -26.22 26.75 -45.08
N ALA D 29 -26.70 25.50 -45.06
CA ALA D 29 -25.98 24.41 -45.71
C ALA D 29 -25.85 24.65 -47.20
N ASP D 30 -26.88 25.20 -47.84
CA ASP D 30 -26.80 25.49 -49.27
C ASP D 30 -25.72 26.53 -49.56
N TYR D 31 -25.65 27.59 -48.74
CA TYR D 31 -24.61 28.60 -48.94
C TYR D 31 -23.23 28.01 -48.72
N PHE D 32 -23.07 27.21 -47.67
CA PHE D 32 -21.75 26.64 -47.39
C PHE D 32 -21.37 25.57 -48.40
N ARG D 33 -22.34 25.00 -49.12
CA ARG D 33 -22.02 24.19 -50.28
C ARG D 33 -21.59 25.05 -51.46
N LYS D 34 -22.25 26.20 -51.65
CA LYS D 34 -21.88 27.09 -52.74
C LYS D 34 -20.48 27.66 -52.54
N SER D 35 -20.16 28.10 -51.33
CA SER D 35 -18.87 28.68 -51.02
C SER D 35 -18.35 28.11 -49.70
N LYS D 36 -17.03 27.96 -49.62
CA LYS D 36 -16.38 27.35 -48.47
C LYS D 36 -15.88 28.37 -47.45
N GLU D 37 -16.26 29.64 -47.61
CA GLU D 37 -15.81 30.68 -46.71
C GLU D 37 -16.79 31.85 -46.75
N ILE D 38 -16.73 32.69 -45.73
CA ILE D 38 -17.58 33.88 -45.63
C ILE D 38 -16.69 35.09 -45.92
N PRO D 39 -16.83 35.74 -47.08
CA PRO D 39 -15.97 36.87 -47.39
C PRO D 39 -16.38 38.12 -46.62
N LEU D 40 -15.37 38.85 -46.14
CA LEU D 40 -15.56 40.12 -45.45
C LEU D 40 -14.81 41.18 -46.24
N TYR D 41 -15.54 42.04 -46.94
CA TYR D 41 -14.95 43.05 -47.81
C TYR D 41 -14.72 44.33 -47.00
N ILE D 42 -13.46 44.66 -46.75
CA ILE D 42 -13.09 45.85 -46.00
C ILE D 42 -11.91 46.53 -46.70
N ASN D 43 -11.77 47.83 -46.45
CA ASN D 43 -10.72 48.63 -47.06
C ASN D 43 -9.75 49.05 -45.95
N THR D 44 -8.55 48.48 -45.97
CA THR D 44 -7.59 48.63 -44.88
C THR D 44 -6.38 49.47 -45.27
N THR D 45 -6.51 50.34 -46.28
CA THR D 45 -5.39 51.17 -46.67
C THR D 45 -5.33 52.45 -45.85
N LYS D 46 -5.39 52.32 -44.52
CA LYS D 46 -5.34 53.45 -43.61
C LYS D 46 -4.76 52.99 -42.28
N SER D 47 -4.08 53.91 -41.59
CA SER D 47 -3.55 53.61 -40.28
C SER D 47 -4.68 53.56 -39.25
N LEU D 48 -4.43 52.83 -38.16
CA LEU D 48 -5.46 52.66 -37.14
C LEU D 48 -5.78 53.98 -36.45
N SER D 49 -4.77 54.81 -36.19
CA SER D 49 -5.01 56.10 -35.54
C SER D 49 -5.79 57.04 -36.44
N ASP D 50 -5.48 57.06 -37.73
CA ASP D 50 -6.22 57.93 -38.63
C ASP D 50 -7.68 57.50 -38.66
N LEU D 51 -7.92 56.18 -38.61
CA LEU D 51 -9.29 55.67 -38.61
C LEU D 51 -10.01 55.93 -37.28
N ARG D 52 -9.31 55.86 -36.15
CA ARG D 52 -9.97 56.20 -34.90
C ARG D 52 -10.42 57.65 -34.93
N GLY D 53 -9.57 58.54 -35.47
CA GLY D 53 -9.98 59.92 -35.64
C GLY D 53 -11.14 60.06 -36.59
N TYR D 54 -11.10 59.31 -37.71
CA TYR D 54 -12.20 59.35 -38.67
C TYR D 54 -13.53 59.04 -37.99
N VAL D 55 -13.59 57.90 -37.32
CA VAL D 55 -14.85 57.43 -36.77
C VAL D 55 -15.30 58.31 -35.60
N TYR D 56 -14.35 58.80 -34.80
CA TYR D 56 -14.71 59.64 -33.67
C TYR D 56 -15.34 60.95 -34.16
N GLN D 57 -14.69 61.61 -35.13
CA GLN D 57 -15.22 62.88 -35.61
C GLN D 57 -16.49 62.68 -36.41
N GLY D 58 -16.62 61.55 -37.10
CA GLY D 58 -17.87 61.25 -37.79
C GLY D 58 -19.03 61.05 -36.82
N LEU D 59 -18.78 60.33 -35.73
CA LEU D 59 -19.82 60.11 -34.73
C LEU D 59 -20.20 61.42 -34.05
N LYS D 60 -19.22 62.25 -33.69
CA LYS D 60 -19.52 63.51 -33.04
C LYS D 60 -20.28 64.45 -33.96
N SER D 61 -19.93 64.48 -35.25
CA SER D 61 -20.61 65.33 -36.22
C SER D 61 -21.77 64.61 -36.92
N GLY D 62 -22.00 63.34 -36.62
CA GLY D 62 -23.07 62.60 -37.26
C GLY D 62 -22.87 62.42 -38.75
N ASN D 63 -21.63 62.31 -39.22
CA ASN D 63 -21.33 62.17 -40.64
C ASN D 63 -20.24 61.12 -40.85
N VAL D 64 -20.36 59.99 -40.17
CA VAL D 64 -19.41 58.89 -40.31
C VAL D 64 -19.88 57.96 -41.43
N SER D 65 -18.93 57.47 -42.22
CA SER D 65 -19.26 56.58 -43.32
C SER D 65 -19.18 55.12 -42.89
N ILE D 66 -19.95 54.27 -43.57
CA ILE D 66 -19.97 52.85 -43.22
C ILE D 66 -18.65 52.17 -43.56
N ILE D 67 -18.00 52.59 -44.66
CA ILE D 67 -16.70 52.01 -45.01
C ILE D 67 -15.68 52.33 -43.94
N HIS D 68 -15.65 53.59 -43.49
CA HIS D 68 -14.70 53.99 -42.45
C HIS D 68 -14.97 53.24 -41.15
N VAL D 69 -16.24 53.09 -40.77
CA VAL D 69 -16.53 52.41 -39.51
C VAL D 69 -16.20 50.92 -39.61
N ASN D 70 -16.42 50.30 -40.77
CA ASN D 70 -16.04 48.90 -40.94
C ASN D 70 -14.53 48.73 -40.87
N SER D 71 -13.78 49.60 -41.54
CA SER D 71 -12.33 49.52 -41.50
C SER D 71 -11.80 49.72 -40.08
N TYR D 72 -12.34 50.70 -39.36
CA TYR D 72 -11.92 50.91 -37.99
C TYR D 72 -12.29 49.74 -37.09
N LEU D 73 -13.48 49.16 -37.28
CA LEU D 73 -13.89 48.02 -36.48
C LEU D 73 -12.97 46.83 -36.70
N TYR D 74 -12.55 46.61 -37.95
CA TYR D 74 -11.54 45.57 -38.19
C TYR D 74 -10.23 45.93 -37.51
N GLY D 75 -9.78 47.18 -37.63
CA GLY D 75 -8.50 47.57 -37.09
C GLY D 75 -8.40 47.51 -35.58
N ALA D 76 -9.50 47.77 -34.87
CA ALA D 76 -9.49 47.80 -33.42
C ALA D 76 -9.90 46.49 -32.77
N LEU D 77 -10.24 45.47 -33.55
CA LEU D 77 -10.68 44.19 -33.03
C LEU D 77 -9.80 43.05 -33.52
N LYS D 78 -8.51 43.32 -33.67
CA LYS D 78 -7.54 42.28 -34.02
C LYS D 78 -6.89 41.70 -32.76
N ASP D 79 -7.74 41.18 -31.88
CA ASP D 79 -7.30 40.56 -30.64
C ASP D 79 -7.21 39.04 -30.83
N ILE D 80 -6.01 38.59 -31.15
CA ILE D 80 -5.74 37.17 -31.37
C ILE D 80 -5.91 36.42 -30.06
N ARG D 81 -5.95 37.16 -28.94
CA ARG D 81 -6.15 36.57 -27.63
C ARG D 81 -7.45 35.78 -27.56
N GLY D 82 -7.52 34.83 -26.64
CA GLY D 82 -8.63 33.90 -26.59
C GLY D 82 -8.22 32.52 -27.02
N LYS D 83 -7.99 31.63 -26.07
CA LYS D 83 -7.44 30.30 -26.33
C LYS D 83 -8.58 29.30 -26.33
N LEU D 84 -8.77 28.61 -27.46
CA LEU D 84 -9.79 27.58 -27.56
C LEU D 84 -9.41 26.38 -26.70
N ASP D 85 -10.42 25.73 -26.11
CA ASP D 85 -10.20 24.52 -25.34
C ASP D 85 -10.77 23.28 -26.01
N LYS D 86 -11.63 23.42 -27.01
CA LYS D 86 -12.20 22.31 -27.74
C LYS D 86 -12.32 22.68 -29.21
N ASP D 87 -12.50 21.67 -30.05
CA ASP D 87 -12.67 21.89 -31.48
C ASP D 87 -13.92 22.72 -31.74
N TRP D 88 -13.83 23.60 -32.74
CA TRP D 88 -14.89 24.56 -33.05
C TRP D 88 -15.31 24.41 -34.50
N SER D 89 -15.49 23.17 -34.96
CA SER D 89 -15.94 22.93 -36.32
C SER D 89 -17.41 23.29 -36.47
N SER D 90 -17.76 23.83 -37.63
CA SER D 90 -19.13 24.20 -37.92
C SER D 90 -19.31 24.27 -39.42
N PHE D 91 -20.29 23.50 -39.94
CA PHE D 91 -20.59 23.45 -41.37
C PHE D 91 -19.36 23.04 -42.20
N GLY D 92 -18.54 22.16 -41.63
CA GLY D 92 -17.31 21.76 -42.29
C GLY D 92 -16.32 22.89 -42.49
N ILE D 93 -16.18 23.77 -41.51
CA ILE D 93 -15.24 24.90 -41.59
C ILE D 93 -14.26 24.76 -40.45
N ASN D 94 -12.97 24.70 -40.77
CA ASN D 94 -11.93 24.35 -39.79
C ASN D 94 -11.56 25.60 -39.00
N ILE D 95 -12.38 25.91 -38.00
CA ILE D 95 -12.19 27.15 -37.25
C ILE D 95 -10.99 27.04 -36.29
N GLY D 96 -10.91 25.96 -35.52
CA GLY D 96 -9.82 25.85 -34.55
C GLY D 96 -9.78 24.48 -33.88
N LYS D 97 -8.63 24.22 -33.24
CA LYS D 97 -8.35 22.98 -32.49
C LYS D 97 -7.76 23.29 -31.11
N ALA D 98 -8.62 23.44 -30.10
CA ALA D 98 -8.33 23.16 -28.70
C ALA D 98 -6.90 23.53 -28.28
N GLY D 99 -6.63 24.83 -28.28
CA GLY D 99 -5.36 25.28 -27.72
C GLY D 99 -4.68 26.38 -28.51
N ASP D 100 -4.97 26.45 -29.80
CA ASP D 100 -4.43 27.51 -30.65
C ASP D 100 -5.24 28.78 -30.45
N THR D 101 -4.54 29.90 -30.27
CA THR D 101 -5.22 31.17 -30.06
C THR D 101 -5.95 31.58 -31.33
N ILE D 102 -7.10 32.22 -31.14
CA ILE D 102 -7.97 32.60 -32.25
C ILE D 102 -8.45 34.02 -32.04
N GLY D 103 -8.58 34.77 -33.14
CA GLY D 103 -9.10 36.12 -33.10
C GLY D 103 -10.56 36.20 -33.52
N ILE D 104 -11.09 37.42 -33.48
CA ILE D 104 -12.48 37.63 -33.88
C ILE D 104 -12.67 37.34 -35.36
N PHE D 105 -11.77 37.84 -36.20
CA PHE D 105 -11.90 37.73 -37.64
C PHE D 105 -11.27 36.48 -38.22
N ASP D 106 -10.76 35.59 -37.36
CA ASP D 106 -10.22 34.33 -37.84
C ASP D 106 -11.30 33.35 -38.27
N LEU D 107 -12.56 33.62 -37.93
CA LEU D 107 -13.67 32.75 -38.30
C LEU D 107 -14.46 33.25 -39.51
N VAL D 108 -14.07 34.39 -40.09
CA VAL D 108 -14.60 34.87 -41.36
C VAL D 108 -13.44 35.13 -42.30
N SER D 109 -13.62 34.80 -43.58
CA SER D 109 -12.60 35.08 -44.57
C SER D 109 -12.50 36.58 -44.80
N LEU D 110 -11.26 37.06 -44.95
CA LEU D 110 -11.00 38.49 -45.12
C LEU D 110 -10.55 38.75 -46.54
N LYS D 111 -11.16 39.76 -47.17
CA LYS D 111 -10.77 40.18 -48.51
C LYS D 111 -10.50 41.68 -48.53
N ALA D 112 -10.29 42.24 -49.72
CA ALA D 112 -10.05 43.67 -49.89
C ALA D 112 -11.23 44.28 -50.63
N LEU D 113 -11.81 45.34 -50.05
CA LEU D 113 -12.96 45.99 -50.65
C LEU D 113 -12.52 46.84 -51.83
N ASP D 114 -13.05 46.54 -53.01
CA ASP D 114 -12.75 47.29 -54.23
C ASP D 114 -13.76 48.44 -54.33
N GLY D 115 -13.45 49.55 -53.66
CA GLY D 115 -14.34 50.69 -53.66
C GLY D 115 -13.61 51.95 -53.27
N VAL D 116 -14.33 53.06 -53.34
CA VAL D 116 -13.77 54.36 -53.02
C VAL D 116 -13.83 54.58 -51.51
N LEU D 117 -12.78 55.23 -50.98
CA LEU D 117 -12.71 55.51 -49.55
C LEU D 117 -13.14 56.95 -49.30
N PRO D 118 -14.11 57.21 -48.43
CA PRO D 118 -14.57 58.58 -48.21
C PRO D 118 -13.48 59.48 -47.67
N ASP D 119 -13.66 60.79 -47.89
CA ASP D 119 -12.67 61.78 -47.47
C ASP D 119 -12.48 61.76 -45.96
N GLY D 120 -13.53 62.07 -45.21
CA GLY D 120 -13.52 61.94 -43.77
C GLY D 120 -13.16 63.23 -43.05
N VAL D 121 -13.22 63.16 -41.71
CA VAL D 121 -13.02 64.31 -40.84
C VAL D 121 -11.88 63.95 -39.88
N SER D 122 -10.87 63.25 -40.40
CA SER D 122 -9.75 62.72 -39.64
C SER D 122 -9.21 63.67 -38.56
N ASP D 123 -9.03 63.15 -37.35
CA ASP D 123 -8.49 63.91 -36.23
C ASP D 123 -7.13 63.35 -35.84
N ALA D 124 -6.47 64.05 -34.91
CA ALA D 124 -5.14 63.65 -34.44
C ALA D 124 -4.96 63.71 -32.93
N SER D 125 -5.88 64.29 -32.17
CA SER D 125 -5.69 64.45 -30.74
C SER D 125 -6.16 63.25 -29.93
N ARG D 126 -6.73 62.23 -30.58
CA ARG D 126 -7.28 61.08 -29.87
C ARG D 126 -6.16 60.08 -29.60
N THR D 127 -5.98 59.72 -28.33
CA THR D 127 -4.94 58.78 -27.93
C THR D 127 -5.41 57.34 -28.18
N SER D 128 -4.65 56.37 -27.67
CA SER D 128 -4.95 54.96 -27.87
C SER D 128 -5.90 54.43 -26.80
N ALA D 129 -7.06 55.07 -26.68
CA ALA D 129 -8.11 54.66 -25.74
C ALA D 129 -9.37 54.20 -26.48
N ASP D 130 -9.21 53.55 -27.64
CA ASP D 130 -10.37 53.17 -28.44
C ASP D 130 -10.81 51.74 -28.17
N ASP D 131 -9.86 50.80 -28.09
CA ASP D 131 -10.17 49.38 -27.99
C ASP D 131 -10.96 49.08 -26.73
N LYS D 132 -10.92 50.01 -25.77
CA LYS D 132 -11.66 49.85 -24.52
C LYS D 132 -13.16 50.08 -24.69
N TRP D 133 -13.58 51.14 -25.40
CA TRP D 133 -14.99 51.50 -25.40
C TRP D 133 -15.59 51.87 -26.75
N LEU D 134 -14.80 52.15 -27.78
CA LEU D 134 -15.36 52.66 -29.03
C LEU D 134 -16.00 51.56 -29.88
N PRO D 135 -15.36 50.39 -30.06
CA PRO D 135 -16.06 49.29 -30.72
C PRO D 135 -17.34 48.91 -29.99
N LEU D 136 -17.34 49.02 -28.66
CA LEU D 136 -18.56 48.80 -27.90
C LEU D 136 -19.66 49.76 -28.34
N TYR D 137 -19.32 51.05 -28.47
CA TYR D 137 -20.30 52.04 -28.91
C TYR D 137 -20.80 51.72 -30.31
N LEU D 138 -19.88 51.41 -31.23
CA LEU D 138 -20.26 51.16 -32.61
C LEU D 138 -21.13 49.93 -32.76
N LEU D 139 -20.83 48.86 -32.02
CA LEU D 139 -21.66 47.65 -32.05
C LEU D 139 -23.00 47.86 -31.35
N GLY D 140 -23.01 48.65 -30.28
CA GLY D 140 -24.26 48.91 -29.58
C GLY D 140 -25.25 49.72 -30.39
N LEU D 141 -24.74 50.71 -31.13
CA LEU D 141 -25.65 51.51 -31.96
C LEU D 141 -26.31 50.67 -33.06
N TYR D 142 -25.68 49.56 -33.44
CA TYR D 142 -26.32 48.65 -34.39
C TYR D 142 -27.62 48.09 -33.81
N ARG D 143 -27.58 47.65 -32.55
CA ARG D 143 -28.80 47.17 -31.90
C ARG D 143 -29.76 48.32 -31.62
N VAL D 144 -29.21 49.50 -31.31
CA VAL D 144 -30.05 50.66 -31.03
C VAL D 144 -30.88 51.04 -32.26
N GLY D 145 -30.27 51.02 -33.44
CA GLY D 145 -30.95 51.41 -34.65
C GLY D 145 -31.78 50.30 -35.27
N ARG D 146 -32.48 49.53 -34.44
CA ARG D 146 -33.39 48.49 -34.90
C ARG D 146 -34.71 48.46 -34.16
N THR D 147 -34.97 49.39 -33.24
CA THR D 147 -36.16 49.35 -32.41
C THR D 147 -37.32 50.12 -33.02
N GLN D 148 -37.12 51.41 -33.31
CA GLN D 148 -38.15 52.33 -33.81
C GLN D 148 -39.25 52.59 -32.78
N MET D 149 -39.01 52.28 -31.51
CA MET D 149 -39.79 52.80 -30.38
C MET D 149 -38.91 53.76 -29.61
N PRO D 150 -39.30 55.04 -29.56
CA PRO D 150 -38.46 56.04 -28.87
C PRO D 150 -38.13 55.67 -27.43
N GLU D 151 -39.09 55.10 -26.70
CA GLU D 151 -38.83 54.73 -25.31
C GLU D 151 -37.82 53.59 -25.21
N TYR D 152 -38.02 52.52 -25.99
CA TYR D 152 -37.08 51.41 -25.98
C TYR D 152 -35.72 51.84 -26.49
N ARG D 153 -35.70 52.69 -27.53
CA ARG D 153 -34.43 53.19 -28.05
C ARG D 153 -33.69 54.01 -26.99
N LYS D 154 -34.42 54.86 -26.26
CA LYS D 154 -33.80 55.65 -25.21
C LYS D 154 -33.26 54.75 -24.09
N LYS D 155 -34.03 53.73 -23.71
CA LYS D 155 -33.56 52.79 -22.69
C LYS D 155 -32.30 52.07 -23.14
N LEU D 156 -32.27 51.62 -24.39
CA LEU D 156 -31.08 50.95 -24.91
C LEU D 156 -29.89 51.88 -24.97
N MET D 157 -30.12 53.14 -25.36
CA MET D 157 -29.03 54.13 -25.38
C MET D 157 -28.49 54.39 -23.97
N ASP D 158 -29.39 54.46 -22.98
CA ASP D 158 -28.94 54.65 -21.60
C ASP D 158 -28.14 53.45 -21.12
N GLY D 159 -28.58 52.24 -21.43
CA GLY D 159 -27.81 51.06 -21.08
C GLY D 159 -26.45 51.04 -21.75
N LEU D 160 -26.41 51.45 -23.02
CA LEU D 160 -25.14 51.55 -23.74
C LEU D 160 -24.21 52.57 -23.10
N THR D 161 -24.75 53.71 -22.70
CA THR D 161 -23.95 54.73 -22.03
C THR D 161 -23.41 54.21 -20.70
N ASN D 162 -24.24 53.48 -19.96
CA ASN D 162 -23.77 52.88 -18.72
C ASN D 162 -22.65 51.88 -18.98
N GLN D 163 -22.81 51.06 -20.03
CA GLN D 163 -21.81 50.04 -20.33
C GLN D 163 -20.47 50.68 -20.73
N CYS D 164 -20.52 51.71 -21.57
CA CYS D 164 -19.28 52.36 -21.99
C CYS D 164 -18.65 53.16 -20.84
N LYS D 165 -19.47 53.79 -20.01
CA LYS D 165 -18.94 54.54 -18.87
C LYS D 165 -18.31 53.61 -17.85
N MET D 166 -18.59 52.31 -17.93
CA MET D 166 -17.99 51.35 -17.03
C MET D 166 -16.51 51.13 -17.34
N ILE D 167 -16.04 51.59 -18.49
CA ILE D 167 -14.70 51.30 -18.98
C ILE D 167 -13.81 52.53 -18.99
N ASN D 168 -14.28 53.62 -19.60
CA ASN D 168 -13.51 54.86 -19.67
C ASN D 168 -13.95 55.91 -18.66
N GLU D 169 -15.22 55.92 -18.28
CA GLU D 169 -15.84 56.72 -17.23
C GLU D 169 -16.04 58.18 -17.62
N GLN D 170 -15.52 58.64 -18.75
CA GLN D 170 -15.84 59.99 -19.23
C GLN D 170 -16.99 59.92 -20.23
N PHE D 171 -16.73 59.27 -21.38
CA PHE D 171 -17.72 58.91 -22.39
C PHE D 171 -18.76 60.00 -22.62
N GLU D 172 -18.34 61.15 -23.12
CA GLU D 172 -19.31 62.12 -23.60
C GLU D 172 -19.97 61.55 -24.84
N PRO D 173 -21.30 61.47 -24.90
CA PRO D 173 -21.96 60.85 -26.06
C PRO D 173 -21.57 61.53 -27.36
N LEU D 174 -21.28 60.71 -28.37
CA LEU D 174 -20.80 61.21 -29.66
C LEU D 174 -21.95 61.52 -30.60
N VAL D 175 -22.79 60.52 -30.88
CA VAL D 175 -23.96 60.76 -31.73
C VAL D 175 -24.89 61.72 -31.02
N PRO D 176 -25.44 62.73 -31.69
CA PRO D 176 -26.35 63.67 -31.03
C PRO D 176 -27.62 62.98 -30.54
N GLU D 177 -28.47 63.79 -29.89
CA GLU D 177 -29.72 63.26 -29.34
C GLU D 177 -30.57 62.61 -30.43
N GLY D 178 -30.61 63.21 -31.61
CA GLY D 178 -31.28 62.61 -32.74
C GLY D 178 -30.28 62.16 -33.80
N ARG D 179 -30.62 62.37 -35.08
CA ARG D 179 -29.74 62.08 -36.20
C ARG D 179 -29.30 60.61 -36.19
N ASP D 180 -30.29 59.74 -36.39
CA ASP D 180 -30.06 58.30 -36.39
C ASP D 180 -29.37 57.82 -37.66
N ILE D 181 -28.13 58.28 -37.89
CA ILE D 181 -27.36 57.82 -39.04
C ILE D 181 -27.05 56.34 -38.93
N PHE D 182 -27.04 55.80 -37.71
CA PHE D 182 -26.73 54.40 -37.45
C PHE D 182 -27.85 53.45 -37.86
N ASP D 183 -29.03 53.98 -38.21
CA ASP D 183 -30.12 53.13 -38.68
C ASP D 183 -29.74 52.44 -39.99
N VAL D 184 -29.11 53.17 -40.89
CA VAL D 184 -28.71 52.61 -42.19
C VAL D 184 -27.58 51.61 -42.04
N TRP D 185 -26.88 51.61 -40.90
CA TRP D 185 -25.71 50.75 -40.73
C TRP D 185 -26.08 49.28 -40.91
N GLY D 186 -27.29 48.88 -40.54
CA GLY D 186 -27.70 47.50 -40.69
C GLY D 186 -27.87 47.06 -42.13
N ASN D 187 -28.07 48.02 -43.05
CA ASN D 187 -28.24 47.67 -44.45
C ASN D 187 -26.95 47.09 -45.04
N ASP D 188 -25.81 47.68 -44.67
CA ASP D 188 -24.52 47.23 -45.20
C ASP D 188 -24.21 45.81 -44.76
N SER D 189 -23.85 44.94 -45.71
CA SER D 189 -23.58 43.55 -45.38
C SER D 189 -22.31 43.39 -44.56
N ASN D 190 -21.27 44.18 -44.86
CA ASN D 190 -19.99 44.03 -44.16
C ASN D 190 -20.13 44.33 -42.67
N TYR D 191 -20.89 45.38 -42.33
CA TYR D 191 -21.08 45.73 -40.93
C TYR D 191 -21.80 44.62 -40.17
N THR D 192 -22.83 44.04 -40.80
CA THR D 192 -23.54 42.93 -40.17
C THR D 192 -22.63 41.72 -40.01
N LYS D 193 -21.80 41.43 -41.02
CA LYS D 193 -20.86 40.33 -40.91
C LYS D 193 -19.90 40.56 -39.75
N ILE D 194 -19.37 41.77 -39.61
CA ILE D 194 -18.42 42.07 -38.54
C ILE D 194 -19.10 41.92 -37.18
N VAL D 195 -20.31 42.47 -37.03
CA VAL D 195 -20.97 42.44 -35.73
C VAL D 195 -21.34 41.01 -35.35
N ALA D 196 -21.77 40.21 -36.33
CA ALA D 196 -22.13 38.82 -36.04
C ALA D 196 -20.89 37.99 -35.72
N ALA D 197 -19.78 38.25 -36.41
CA ALA D 197 -18.54 37.57 -36.08
C ALA D 197 -18.07 37.90 -34.67
N VAL D 198 -18.19 39.17 -34.28
CA VAL D 198 -17.85 39.57 -32.92
C VAL D 198 -18.73 38.85 -31.92
N ASP D 199 -20.04 38.77 -32.20
CA ASP D 199 -20.94 38.08 -31.29
C ASP D 199 -20.60 36.61 -31.17
N MET D 200 -20.28 35.96 -32.29
CA MET D 200 -19.88 34.55 -32.24
C MET D 200 -18.62 34.37 -31.41
N PHE D 201 -17.61 35.22 -31.63
CA PHE D 201 -16.35 35.06 -30.91
C PHE D 201 -16.55 35.26 -29.42
N PHE D 202 -17.34 36.26 -29.03
CA PHE D 202 -17.54 36.50 -27.60
C PHE D 202 -18.56 35.56 -26.98
N HIS D 203 -19.37 34.88 -27.79
CA HIS D 203 -20.21 33.81 -27.25
C HIS D 203 -19.39 32.55 -27.01
N MET D 204 -18.42 32.27 -27.88
CA MET D 204 -17.52 31.14 -27.63
C MET D 204 -16.67 31.40 -26.39
N PHE D 205 -16.18 32.63 -26.23
CA PHE D 205 -15.37 33.02 -25.08
C PHE D 205 -16.19 33.97 -24.21
N LYS D 206 -16.98 33.39 -23.31
CA LYS D 206 -17.85 34.20 -22.46
C LYS D 206 -17.06 35.00 -21.44
N LYS D 207 -15.98 34.43 -20.89
CA LYS D 207 -15.22 35.06 -19.83
C LYS D 207 -14.05 35.89 -20.35
N HIS D 208 -14.12 36.34 -21.60
CA HIS D 208 -13.07 37.19 -22.14
C HIS D 208 -13.09 38.55 -21.46
N GLU D 209 -11.92 39.18 -21.39
CA GLU D 209 -11.82 40.49 -20.75
C GLU D 209 -12.55 41.58 -21.53
N CYS D 210 -12.82 41.37 -22.81
CA CYS D 210 -13.59 42.28 -23.62
C CYS D 210 -15.00 41.76 -23.91
N ALA D 211 -15.53 40.90 -23.04
CA ALA D 211 -16.85 40.32 -23.25
C ALA D 211 -17.97 41.34 -23.17
N SER D 212 -17.68 42.55 -22.69
CA SER D 212 -18.70 43.60 -22.65
C SER D 212 -19.20 43.97 -24.04
N PHE D 213 -18.44 43.64 -25.08
CA PHE D 213 -18.87 43.92 -26.45
C PHE D 213 -20.11 43.14 -26.86
N ARG D 214 -20.51 42.13 -26.09
CA ARG D 214 -21.74 41.40 -26.38
C ARG D 214 -22.95 42.33 -26.38
N TYR D 215 -22.89 43.43 -25.63
CA TYR D 215 -23.92 44.44 -25.70
C TYR D 215 -23.96 45.04 -27.10
N GLY D 216 -25.16 45.11 -27.68
CA GLY D 216 -25.35 45.64 -29.01
C GLY D 216 -25.22 44.62 -30.11
N THR D 217 -24.43 43.57 -29.91
CA THR D 217 -24.29 42.51 -30.90
C THR D 217 -25.07 41.27 -30.54
N ILE D 218 -25.58 41.18 -29.30
CA ILE D 218 -26.41 40.04 -28.92
C ILE D 218 -27.69 39.96 -29.74
N VAL D 219 -28.16 41.08 -30.29
CA VAL D 219 -29.32 41.06 -31.17
C VAL D 219 -29.05 40.24 -32.43
N SER D 220 -27.79 40.12 -32.83
CA SER D 220 -27.45 39.30 -34.00
C SER D 220 -27.70 37.82 -33.72
N ARG D 221 -27.56 37.40 -32.46
CA ARG D 221 -27.79 36.01 -32.10
C ARG D 221 -29.25 35.62 -32.35
N PHE D 222 -29.45 34.59 -33.17
CA PHE D 222 -30.78 34.11 -33.53
C PHE D 222 -31.63 35.25 -34.12
N LYS D 223 -30.98 36.10 -34.91
CA LYS D 223 -31.69 37.19 -35.56
C LYS D 223 -32.62 36.65 -36.63
N ASP D 224 -33.83 37.21 -36.68
CA ASP D 224 -34.86 36.81 -37.65
C ASP D 224 -35.15 35.31 -37.56
N CYS D 225 -35.20 34.81 -36.33
CA CYS D 225 -35.47 33.40 -36.07
C CYS D 225 -36.45 33.26 -34.90
N ALA D 226 -37.51 34.06 -34.93
CA ALA D 226 -38.49 34.03 -33.84
C ALA D 226 -39.31 32.74 -33.82
N ALA D 227 -39.46 32.06 -34.95
CA ALA D 227 -40.18 30.80 -34.96
C ALA D 227 -39.45 29.73 -34.15
N LEU D 228 -38.13 29.64 -34.33
CA LEU D 228 -37.36 28.68 -33.54
C LEU D 228 -37.34 29.07 -32.06
N ALA D 229 -37.27 30.38 -31.78
CA ALA D 229 -37.29 30.84 -30.41
C ALA D 229 -38.60 30.50 -29.72
N THR D 230 -39.72 30.69 -30.41
CA THR D 230 -41.01 30.35 -29.80
C THR D 230 -41.22 28.84 -29.74
N PHE D 231 -40.59 28.08 -30.64
CA PHE D 231 -40.58 26.63 -30.49
C PHE D 231 -39.87 26.20 -29.22
N GLY D 232 -38.71 26.79 -28.97
CA GLY D 232 -38.00 26.51 -27.72
C GLY D 232 -38.79 26.94 -26.51
N HIS D 233 -39.45 28.10 -26.60
CA HIS D 233 -40.29 28.57 -25.50
C HIS D 233 -41.44 27.61 -25.24
N LEU D 234 -42.08 27.10 -26.29
CA LEU D 234 -43.15 26.13 -26.13
C LEU D 234 -42.63 24.85 -25.48
N CYS D 235 -41.50 24.34 -25.95
CA CYS D 235 -40.93 23.12 -25.38
C CYS D 235 -40.51 23.32 -23.93
N LYS D 236 -40.11 24.52 -23.54
CA LYS D 236 -39.74 24.79 -22.16
C LYS D 236 -40.95 25.03 -21.27
N ILE D 237 -42.05 25.55 -21.80
CA ILE D 237 -43.21 25.89 -20.99
C ILE D 237 -44.19 24.73 -20.83
N THR D 238 -44.17 23.74 -21.72
CA THR D 238 -45.10 22.62 -21.66
C THR D 238 -44.55 21.45 -20.86
N GLY D 239 -43.25 21.39 -20.63
CA GLY D 239 -42.65 20.27 -19.94
C GLY D 239 -42.45 19.06 -20.84
N MET D 240 -43.23 19.00 -21.92
CA MET D 240 -43.12 17.89 -22.86
C MET D 240 -41.87 18.05 -23.72
N SER D 241 -41.30 16.92 -24.11
CA SER D 241 -40.08 16.93 -24.92
C SER D 241 -40.39 17.44 -26.34
N THR D 242 -39.36 17.95 -27.00
CA THR D 242 -39.48 18.31 -28.41
C THR D 242 -39.92 17.13 -29.25
N GLU D 243 -39.60 15.91 -28.80
CA GLU D 243 -40.04 14.71 -29.50
C GLU D 243 -41.56 14.53 -29.44
N ASP D 244 -42.20 15.04 -28.41
CA ASP D 244 -43.64 14.89 -28.23
C ASP D 244 -44.44 16.12 -28.65
N VAL D 245 -43.85 17.31 -28.58
CA VAL D 245 -44.54 18.51 -29.03
C VAL D 245 -44.79 18.45 -30.54
N THR D 246 -43.83 17.91 -31.29
CA THR D 246 -44.01 17.76 -32.74
C THR D 246 -45.09 16.76 -33.09
N THR D 247 -45.50 15.90 -32.15
CA THR D 247 -46.60 14.99 -32.41
C THR D 247 -47.93 15.72 -32.41
N TRP D 248 -48.04 16.80 -31.64
CA TRP D 248 -49.27 17.56 -31.49
C TRP D 248 -49.49 18.57 -32.61
N ILE D 249 -48.58 18.70 -33.58
CA ILE D 249 -48.80 19.63 -34.69
C ILE D 249 -49.97 19.17 -35.53
N LEU D 250 -50.81 20.11 -35.94
CA LEU D 250 -52.02 19.79 -36.69
C LEU D 250 -52.23 20.87 -37.75
N ASN D 251 -53.44 20.89 -38.33
CA ASN D 251 -53.94 21.96 -39.19
C ASN D 251 -53.28 21.95 -40.57
N ARG D 252 -52.26 21.10 -40.76
CA ARG D 252 -51.67 20.79 -42.06
C ARG D 252 -50.85 21.93 -42.65
N GLU D 253 -50.76 23.07 -41.97
CA GLU D 253 -49.74 24.06 -42.31
C GLU D 253 -48.65 24.11 -41.24
N VAL D 254 -49.02 23.90 -39.98
CA VAL D 254 -48.02 23.76 -38.92
C VAL D 254 -47.16 22.53 -39.17
N ALA D 255 -47.75 21.48 -39.73
CA ALA D 255 -47.02 20.24 -40.00
C ALA D 255 -45.85 20.43 -40.97
N ASP D 256 -46.15 20.80 -42.22
CA ASP D 256 -45.07 21.04 -43.17
C ASP D 256 -44.24 22.26 -42.80
N GLU D 257 -44.82 23.19 -42.03
CA GLU D 257 -44.06 24.28 -41.44
C GLU D 257 -42.91 23.74 -40.59
N MET D 258 -43.24 22.84 -39.66
CA MET D 258 -42.25 22.18 -38.83
C MET D 258 -41.30 21.31 -39.65
N VAL D 259 -41.80 20.66 -40.70
CA VAL D 259 -40.94 19.85 -41.55
C VAL D 259 -39.87 20.70 -42.21
N GLN D 260 -40.27 21.86 -42.76
CA GLN D 260 -39.29 22.75 -43.38
C GLN D 260 -38.41 23.42 -42.33
N MET D 261 -38.89 23.48 -41.08
CA MET D 261 -38.08 24.09 -40.03
C MET D 261 -36.92 23.17 -39.62
N MET D 262 -37.08 21.86 -39.80
CA MET D 262 -36.14 20.87 -39.28
C MET D 262 -35.42 20.08 -40.36
N LEU D 263 -34.88 20.74 -41.38
CA LEU D 263 -33.99 20.05 -42.29
C LEU D 263 -32.79 19.50 -41.52
N PRO D 264 -32.31 18.30 -41.86
CA PRO D 264 -31.35 17.61 -40.98
C PRO D 264 -29.98 18.27 -40.90
N GLY D 265 -29.44 18.71 -42.03
CA GLY D 265 -28.07 19.19 -42.07
C GLY D 265 -27.88 20.65 -41.71
N GLN D 266 -28.92 21.28 -41.15
CA GLN D 266 -28.84 22.69 -40.81
C GLN D 266 -28.06 22.97 -39.53
N GLU D 267 -27.88 21.97 -38.66
CA GLU D 267 -27.10 22.10 -37.44
C GLU D 267 -27.63 23.25 -36.57
N ILE D 268 -28.87 23.06 -36.12
CA ILE D 268 -29.56 24.05 -35.30
C ILE D 268 -29.46 23.75 -33.81
N ASP D 269 -28.92 22.59 -33.44
CA ASP D 269 -28.79 22.21 -32.05
C ASP D 269 -27.39 22.46 -31.48
N LYS D 270 -26.48 23.03 -32.27
CA LYS D 270 -25.13 23.30 -31.83
C LYS D 270 -24.98 24.80 -31.57
N ALA D 271 -24.54 25.14 -30.34
CA ALA D 271 -24.48 26.54 -29.96
C ALA D 271 -23.39 27.29 -30.71
N ASP D 272 -22.19 26.71 -30.78
CA ASP D 272 -21.04 27.37 -31.41
C ASP D 272 -20.97 27.02 -32.90
N SER D 273 -22.02 27.42 -33.62
CA SER D 273 -22.14 27.15 -35.04
C SER D 273 -22.53 28.43 -35.78
N TYR D 274 -22.47 28.37 -37.11
CA TYR D 274 -22.82 29.51 -37.94
C TYR D 274 -24.33 29.68 -38.10
N MET D 275 -25.13 28.75 -37.61
CA MET D 275 -26.58 28.81 -37.83
C MET D 275 -27.21 30.07 -37.26
N PRO D 276 -26.96 30.47 -36.00
CA PRO D 276 -27.70 31.63 -35.45
C PRO D 276 -27.50 32.92 -36.23
N TYR D 277 -26.38 33.07 -36.94
CA TYR D 277 -26.11 34.26 -37.74
C TYR D 277 -26.28 33.98 -39.23
N LEU D 278 -27.28 33.17 -39.59
CA LEU D 278 -27.47 32.80 -40.99
C LEU D 278 -27.89 33.99 -41.85
N ILE D 279 -28.39 35.06 -41.25
CA ILE D 279 -28.84 36.22 -42.00
C ILE D 279 -27.85 37.39 -41.92
N ASP D 280 -27.12 37.53 -40.81
CA ASP D 280 -26.14 38.60 -40.70
C ASP D 280 -24.88 38.29 -41.50
N PHE D 281 -24.45 37.02 -41.48
CA PHE D 281 -23.35 36.57 -42.32
C PHE D 281 -23.76 36.49 -43.78
N GLY D 282 -25.05 36.65 -44.05
CA GLY D 282 -25.53 36.51 -45.40
C GLY D 282 -25.62 35.09 -45.89
N LEU D 283 -25.64 34.12 -44.97
CA LEU D 283 -25.78 32.72 -45.37
C LEU D 283 -27.12 32.47 -46.04
N SER D 284 -28.16 33.23 -45.64
CA SER D 284 -29.49 33.08 -46.21
C SER D 284 -30.08 34.46 -46.46
N SER D 285 -30.69 34.62 -47.64
CA SER D 285 -31.42 35.85 -47.93
C SER D 285 -32.74 35.90 -47.18
N LYS D 286 -33.48 34.79 -47.19
CA LYS D 286 -34.71 34.65 -46.42
C LYS D 286 -34.50 33.54 -45.40
N SER D 287 -34.58 33.88 -44.12
CA SER D 287 -34.36 32.91 -43.06
C SER D 287 -35.58 32.01 -42.91
N PRO D 288 -35.43 30.69 -43.04
CA PRO D 288 -36.60 29.80 -42.89
C PRO D 288 -37.26 29.89 -41.53
N TYR D 289 -36.48 30.14 -40.48
CA TYR D 289 -36.99 30.19 -39.12
C TYR D 289 -37.57 31.54 -38.75
N SER D 290 -37.83 32.42 -39.72
CA SER D 290 -38.31 33.76 -39.44
C SER D 290 -39.79 33.71 -39.05
N SER D 291 -40.40 34.88 -38.88
CA SER D 291 -41.80 34.98 -38.53
C SER D 291 -42.69 35.19 -39.76
N VAL D 292 -42.29 36.08 -40.67
CA VAL D 292 -43.07 36.32 -41.87
C VAL D 292 -43.07 35.11 -42.79
N LYS D 293 -42.06 34.24 -42.68
CA LYS D 293 -42.03 33.01 -43.46
C LYS D 293 -42.56 31.81 -42.68
N ASN D 294 -42.63 31.91 -41.35
CA ASN D 294 -43.20 30.86 -40.51
C ASN D 294 -44.22 31.48 -39.56
N PRO D 295 -45.34 31.96 -40.10
CA PRO D 295 -46.31 32.69 -39.26
C PRO D 295 -47.16 31.81 -38.37
N ALA D 296 -47.67 30.71 -38.93
CA ALA D 296 -48.69 29.92 -38.24
C ALA D 296 -48.12 29.24 -36.99
N PHE D 297 -46.94 28.64 -37.11
CA PHE D 297 -46.34 27.97 -35.96
C PHE D 297 -46.00 28.98 -34.86
N HIS D 298 -45.51 30.16 -35.24
CA HIS D 298 -45.23 31.20 -34.26
C HIS D 298 -46.51 31.58 -33.51
N PHE D 299 -47.60 31.81 -34.25
CA PHE D 299 -48.86 32.18 -33.62
C PHE D 299 -49.35 31.08 -32.68
N TRP D 300 -49.31 29.83 -33.15
CA TRP D 300 -49.78 28.72 -32.33
C TRP D 300 -48.97 28.56 -31.06
N GLY D 301 -47.64 28.59 -31.19
CA GLY D 301 -46.79 28.45 -30.02
C GLY D 301 -46.95 29.58 -29.03
N GLN D 302 -47.03 30.82 -29.53
CA GLN D 302 -47.20 31.94 -28.62
C GLN D 302 -48.56 31.89 -27.91
N LEU D 303 -49.62 31.53 -28.62
CA LEU D 303 -50.93 31.42 -27.99
C LEU D 303 -50.93 30.33 -26.92
N THR D 304 -50.34 29.17 -27.22
CA THR D 304 -50.29 28.10 -26.24
C THR D 304 -49.47 28.51 -25.02
N ALA D 305 -48.31 29.13 -25.24
CA ALA D 305 -47.47 29.55 -24.12
C ALA D 305 -48.19 30.59 -23.26
N LEU D 306 -48.92 31.50 -23.88
CA LEU D 306 -49.72 32.45 -23.12
C LEU D 306 -50.79 31.74 -22.30
N LEU D 307 -51.45 30.75 -22.90
CA LEU D 307 -52.43 29.98 -22.15
C LEU D 307 -51.79 29.18 -21.02
N LEU D 308 -50.48 28.95 -21.08
CA LEU D 308 -49.76 28.25 -20.02
C LEU D 308 -49.10 29.21 -19.03
N ARG D 309 -49.58 30.45 -18.95
CA ARG D 309 -49.07 31.45 -18.00
C ARG D 309 -47.58 31.70 -18.19
N SER D 310 -47.23 32.21 -19.36
CA SER D 310 -45.86 32.58 -19.68
C SER D 310 -45.83 34.08 -20.00
N THR D 311 -44.96 34.82 -19.30
CA THR D 311 -44.88 36.25 -19.50
C THR D 311 -44.28 36.62 -20.86
N ARG D 312 -43.53 35.71 -21.46
CA ARG D 312 -42.92 35.95 -22.76
C ARG D 312 -43.94 35.98 -23.89
N ALA D 313 -44.99 35.18 -23.76
CA ALA D 313 -46.02 35.11 -24.79
C ALA D 313 -47.10 36.15 -24.56
N ARG D 314 -46.71 37.41 -24.41
CA ARG D 314 -47.64 38.52 -24.25
C ARG D 314 -47.37 39.67 -25.19
N ASN D 315 -46.31 39.59 -26.01
CA ASN D 315 -45.88 40.73 -26.79
C ASN D 315 -45.58 40.42 -28.25
N ALA D 316 -45.54 39.16 -28.67
CA ALA D 316 -45.21 38.83 -30.05
C ALA D 316 -46.30 39.32 -30.99
N ARG D 317 -45.89 39.87 -32.12
CA ARG D 317 -46.85 40.36 -33.11
C ARG D 317 -47.65 39.21 -33.69
N GLN D 318 -48.96 39.39 -33.77
CA GLN D 318 -49.82 38.35 -34.33
C GLN D 318 -49.62 38.27 -35.84
N PRO D 319 -49.29 37.10 -36.38
CA PRO D 319 -49.11 36.98 -37.83
C PRO D 319 -50.41 37.22 -38.58
N LEU D 327 -56.10 27.07 -35.61
CA LEU D 327 -54.89 27.20 -34.80
C LEU D 327 -55.23 27.48 -33.34
N THR D 328 -56.20 28.38 -33.10
CA THR D 328 -56.61 28.65 -31.73
C THR D 328 -57.25 27.42 -31.08
N THR D 329 -58.04 26.66 -31.82
CA THR D 329 -58.63 25.44 -31.27
C THR D 329 -57.54 24.44 -30.86
N ALA D 330 -56.56 24.24 -31.74
CA ALA D 330 -55.47 23.32 -31.43
C ALA D 330 -54.66 23.81 -30.22
N GLY D 331 -54.38 25.11 -30.18
CA GLY D 331 -53.64 25.65 -29.05
C GLY D 331 -54.38 25.51 -27.74
N LEU D 332 -55.68 25.78 -27.74
CA LEU D 332 -56.48 25.60 -26.53
C LEU D 332 -56.54 24.15 -26.10
N LEU D 333 -56.68 23.23 -27.07
CA LEU D 333 -56.69 21.81 -26.75
C LEU D 333 -55.38 21.39 -26.09
N TYR D 334 -54.25 21.80 -26.68
CA TYR D 334 -52.96 21.44 -26.11
C TYR D 334 -52.77 22.08 -24.73
N ALA D 335 -53.20 23.33 -24.57
CA ALA D 335 -53.05 24.01 -23.28
C ALA D 335 -53.86 23.33 -22.19
N TYR D 336 -55.09 22.93 -22.51
CA TYR D 336 -55.89 22.20 -21.53
C TYR D 336 -55.29 20.83 -21.25
N ALA D 337 -54.70 20.20 -22.27
CA ALA D 337 -54.08 18.90 -22.08
C ALA D 337 -52.88 18.97 -21.13
N VAL D 338 -52.08 20.03 -21.23
CA VAL D 338 -50.84 20.09 -20.45
C VAL D 338 -50.97 20.86 -19.14
N GLY D 339 -51.93 21.78 -19.03
CA GLY D 339 -52.04 22.60 -17.84
C GLY D 339 -52.99 22.06 -16.78
N SER D 340 -53.83 21.09 -17.17
CA SER D 340 -54.78 20.47 -16.27
C SER D 340 -54.45 19.03 -15.93
N SER D 341 -54.11 18.23 -16.94
CA SER D 341 -53.78 16.82 -16.74
C SER D 341 -52.31 16.70 -16.36
N ALA D 342 -52.02 16.89 -15.08
CA ALA D 342 -50.67 16.71 -14.57
C ALA D 342 -50.25 15.25 -14.69
N ASP D 343 -48.96 15.03 -14.94
CA ASP D 343 -48.47 13.68 -15.20
C ASP D 343 -48.29 12.89 -13.92
N LEU D 344 -47.35 13.32 -13.07
CA LEU D 344 -47.05 12.69 -11.79
C LEU D 344 -46.92 11.16 -11.94
N ALA D 345 -45.92 10.77 -12.72
CA ALA D 345 -45.68 9.37 -13.04
C ALA D 345 -44.34 8.92 -12.47
N GLN D 346 -44.32 7.68 -11.97
CA GLN D 346 -43.09 7.11 -11.41
C GLN D 346 -42.04 6.97 -12.50
N GLN D 347 -40.83 7.48 -12.24
CA GLN D 347 -39.79 7.52 -13.25
C GLN D 347 -38.45 7.02 -12.74
N PHE D 348 -38.26 7.04 -11.42
CA PHE D 348 -37.12 6.42 -10.76
C PHE D 348 -37.62 5.38 -9.79
N CYS D 349 -37.08 4.16 -9.90
CA CYS D 349 -37.46 3.04 -9.04
C CYS D 349 -36.21 2.41 -8.46
N VAL D 350 -36.36 1.84 -7.26
CA VAL D 350 -35.26 1.15 -6.58
C VAL D 350 -35.31 -0.32 -7.03
N GLY D 351 -34.69 -0.60 -8.17
CA GLY D 351 -34.62 -1.95 -8.69
C GLY D 351 -35.92 -2.47 -9.26
N ASP D 352 -36.96 -2.50 -8.44
CA ASP D 352 -38.24 -3.11 -8.81
C ASP D 352 -39.35 -2.19 -8.31
N ASN D 353 -40.57 -2.73 -8.27
CA ASN D 353 -41.72 -2.01 -7.70
C ASN D 353 -41.98 -0.72 -8.47
N LYS D 354 -42.38 -0.84 -9.74
CA LYS D 354 -42.49 0.28 -10.66
C LYS D 354 -43.92 0.60 -11.05
N TYR D 355 -44.73 -0.43 -11.32
CA TYR D 355 -45.97 -0.26 -12.06
C TYR D 355 -47.03 0.46 -11.23
N THR D 356 -48.20 0.65 -11.86
CA THR D 356 -49.43 1.25 -11.36
C THR D 356 -50.55 0.21 -11.39
N PRO D 357 -51.49 0.26 -10.43
CA PRO D 357 -52.55 -0.77 -10.37
C PRO D 357 -53.57 -0.56 -11.48
N ASP D 358 -53.51 -1.42 -12.49
CA ASP D 358 -54.50 -1.40 -13.57
C ASP D 358 -55.75 -2.20 -13.23
N ASP D 359 -55.72 -3.03 -12.19
CA ASP D 359 -56.86 -3.83 -11.77
C ASP D 359 -57.71 -3.13 -10.71
N SER D 360 -57.34 -1.93 -10.29
CA SER D 360 -58.10 -1.17 -9.29
C SER D 360 -59.15 -0.29 -9.96
N THR D 361 -60.07 -0.92 -10.68
CA THR D 361 -61.14 -0.22 -11.41
C THR D 361 -60.58 0.83 -12.36
N GLY D 362 -59.62 0.39 -13.19
CA GLY D 362 -59.00 1.27 -14.14
C GLY D 362 -59.84 1.51 -15.38
N GLY D 363 -60.99 2.15 -15.20
CA GLY D 363 -61.86 2.42 -16.33
C GLY D 363 -61.31 3.50 -17.23
N LEU D 364 -61.82 3.52 -18.46
CA LEU D 364 -61.39 4.50 -19.45
C LEU D 364 -62.54 5.12 -20.24
N THR D 365 -63.79 4.79 -19.93
CA THR D 365 -64.96 5.31 -20.64
C THR D 365 -65.73 6.20 -19.70
N THR D 366 -65.53 7.52 -19.82
CA THR D 366 -66.21 8.49 -18.99
C THR D 366 -66.19 9.83 -19.69
N ASN D 367 -67.07 10.73 -19.24
CA ASN D 367 -67.15 12.10 -19.77
C ASN D 367 -66.25 13.04 -18.98
N ALA D 368 -64.98 12.67 -18.85
CA ALA D 368 -63.99 13.41 -18.08
C ALA D 368 -62.73 13.57 -18.90
N PRO D 369 -61.90 14.56 -18.58
CA PRO D 369 -60.61 14.71 -19.27
C PRO D 369 -59.76 13.46 -19.09
N PRO D 370 -58.98 13.09 -20.12
CA PRO D 370 -58.26 11.81 -20.08
C PRO D 370 -57.20 11.73 -19.00
N GLN D 371 -56.87 12.86 -18.38
CA GLN D 371 -55.84 12.92 -17.34
C GLN D 371 -54.50 12.42 -17.85
N GLY D 372 -54.16 12.77 -19.08
CA GLY D 372 -52.91 12.36 -19.69
C GLY D 372 -52.33 13.39 -20.64
N ARG D 373 -51.30 12.98 -21.40
CA ARG D 373 -50.64 13.88 -22.33
C ARG D 373 -50.52 13.29 -23.74
N ASP D 374 -50.99 12.07 -23.97
CA ASP D 374 -50.88 11.46 -25.29
C ASP D 374 -51.75 12.19 -26.30
N VAL D 375 -51.22 12.38 -27.50
CA VAL D 375 -51.93 13.13 -28.53
C VAL D 375 -53.14 12.36 -29.05
N VAL D 376 -52.98 11.05 -29.29
CA VAL D 376 -54.07 10.27 -29.86
C VAL D 376 -55.22 10.11 -28.87
N GLU D 377 -54.89 9.92 -27.59
CA GLU D 377 -55.94 9.76 -26.57
C GLU D 377 -56.73 11.05 -26.39
N TRP D 378 -56.05 12.19 -26.34
CA TRP D 378 -56.76 13.46 -26.27
C TRP D 378 -57.54 13.75 -27.53
N LEU D 379 -57.02 13.34 -28.69
CA LEU D 379 -57.77 13.51 -29.93
C LEU D 379 -59.05 12.68 -29.91
N GLY D 380 -58.98 11.45 -29.39
CA GLY D 380 -60.18 10.66 -29.23
C GLY D 380 -61.17 11.28 -28.26
N TRP D 381 -60.66 11.86 -27.17
CA TRP D 381 -61.54 12.55 -26.23
C TRP D 381 -62.22 13.73 -26.91
N PHE D 382 -61.49 14.50 -27.72
CA PHE D 382 -62.09 15.61 -28.45
C PHE D 382 -63.13 15.11 -29.46
N GLU D 383 -62.87 13.98 -30.11
CA GLU D 383 -63.87 13.39 -31.00
C GLU D 383 -65.13 13.01 -30.22
N ASP D 392 -65.58 24.08 -20.08
CA ASP D 392 -64.48 23.95 -19.13
C ASP D 392 -63.20 24.55 -19.69
N MET D 393 -62.91 24.30 -20.97
CA MET D 393 -61.75 24.93 -21.59
C MET D 393 -61.97 26.44 -21.77
N MET D 394 -63.22 26.87 -21.96
CA MET D 394 -63.50 28.30 -21.93
C MET D 394 -63.10 28.92 -20.60
N GLN D 395 -63.47 28.27 -19.51
CA GLN D 395 -63.12 28.79 -18.19
C GLN D 395 -61.61 28.71 -17.95
N TYR D 396 -60.97 27.65 -18.42
CA TYR D 396 -59.51 27.56 -18.30
C TYR D 396 -58.82 28.69 -19.03
N ALA D 397 -59.25 28.98 -20.26
CA ALA D 397 -58.68 30.10 -20.99
C ALA D 397 -58.96 31.42 -20.28
N LYS D 398 -60.18 31.59 -19.76
CA LYS D 398 -60.51 32.82 -19.04
C LYS D 398 -59.60 33.03 -17.85
N ARG D 399 -59.39 31.97 -17.04
CA ARG D 399 -58.53 32.12 -15.88
C ARG D 399 -57.06 32.23 -16.24
N ALA D 400 -56.66 31.70 -17.40
CA ALA D 400 -55.27 31.85 -17.83
C ALA D 400 -55.02 33.23 -18.44
N VAL D 401 -56.07 33.94 -18.85
CA VAL D 401 -55.92 35.19 -19.59
C VAL D 401 -56.42 36.41 -18.83
N MET D 402 -57.36 36.27 -17.89
CA MET D 402 -57.95 37.48 -17.32
C MET D 402 -56.92 38.24 -16.50
N SER D 403 -57.23 39.51 -16.22
CA SER D 403 -56.38 40.41 -15.45
C SER D 403 -55.00 40.59 -16.10
N LEU D 404 -54.93 40.49 -17.42
CA LEU D 404 -53.68 40.67 -18.15
C LEU D 404 -53.48 42.16 -18.42
N GLN D 405 -53.30 42.90 -17.33
CA GLN D 405 -53.19 44.35 -17.41
C GLN D 405 -51.92 44.77 -18.13
N GLY D 406 -52.05 45.82 -18.95
CA GLY D 406 -50.91 46.36 -19.67
C GLY D 406 -50.55 45.59 -20.92
N LEU D 407 -51.48 45.51 -21.87
CA LEU D 407 -51.22 44.86 -23.14
C LEU D 407 -50.84 45.88 -24.19
N ARG D 408 -50.41 45.40 -25.36
CA ARG D 408 -49.92 46.25 -26.43
C ARG D 408 -50.52 45.80 -27.76
N GLU D 409 -50.50 46.70 -28.73
CA GLU D 409 -51.14 46.46 -30.01
C GLU D 409 -50.45 45.34 -30.78
N LYS D 410 -51.24 44.58 -31.54
CA LYS D 410 -50.82 43.49 -32.40
C LYS D 410 -50.25 42.31 -31.62
N THR D 411 -50.20 42.39 -30.30
CA THR D 411 -49.61 41.33 -29.50
C THR D 411 -50.56 40.15 -29.36
N ILE D 412 -49.99 38.98 -29.09
CA ILE D 412 -50.79 37.79 -28.83
C ILE D 412 -51.59 37.95 -27.54
N GLY D 413 -51.08 38.73 -26.59
CA GLY D 413 -51.82 38.97 -25.37
C GLY D 413 -53.16 39.64 -25.62
N LYS D 414 -53.16 40.68 -26.46
CA LYS D 414 -54.41 41.35 -26.80
C LYS D 414 -55.36 40.41 -27.53
N TYR D 415 -54.82 39.59 -28.44
CA TYR D 415 -55.65 38.63 -29.16
C TYR D 415 -56.32 37.65 -28.21
N ALA D 416 -55.55 37.11 -27.25
CA ALA D 416 -56.11 36.16 -26.30
C ALA D 416 -57.11 36.83 -25.36
N LYS D 417 -56.85 38.06 -24.94
CA LYS D 417 -57.79 38.76 -24.07
C LYS D 417 -59.09 39.06 -24.80
N SER D 418 -59.02 39.41 -26.09
CA SER D 418 -60.22 39.69 -26.85
C SER D 418 -60.96 38.42 -27.26
N GLU D 419 -60.26 37.29 -27.39
CA GLU D 419 -60.86 36.06 -27.90
C GLU D 419 -61.04 35.00 -26.83
N PHE D 420 -60.03 34.75 -25.98
CA PHE D 420 -60.05 33.66 -25.02
C PHE D 420 -60.33 34.14 -23.60
N ASP D 421 -61.11 35.22 -23.47
CA ASP D 421 -61.51 35.73 -22.16
C ASP D 421 -63.00 36.08 -22.18
N MET E 1 -31.87 10.44 -30.93
CA MET E 1 -33.17 10.82 -30.40
C MET E 1 -33.74 9.69 -29.56
N SER E 2 -34.84 9.96 -28.85
CA SER E 2 -35.46 8.93 -28.02
C SER E 2 -35.96 7.77 -28.87
N VAL E 3 -36.96 8.01 -29.70
CA VAL E 3 -37.37 7.11 -30.77
C VAL E 3 -37.74 7.95 -31.99
N THR E 4 -38.12 7.27 -33.07
CA THR E 4 -38.46 7.98 -34.30
C THR E 4 -39.81 8.66 -34.18
N VAL E 5 -39.99 9.70 -35.00
CA VAL E 5 -41.24 10.47 -35.07
C VAL E 5 -41.72 10.44 -36.51
N LYS E 6 -42.98 10.06 -36.70
CA LYS E 6 -43.57 9.96 -38.02
C LYS E 6 -44.79 10.87 -38.12
N ARG E 7 -44.83 11.68 -39.18
CA ARG E 7 -46.01 12.46 -39.52
C ARG E 7 -46.74 11.74 -40.64
N ILE E 8 -47.98 11.33 -40.38
CA ILE E 8 -48.67 10.42 -41.29
C ILE E 8 -49.43 11.17 -42.37
N ILE E 9 -48.71 11.62 -43.40
CA ILE E 9 -49.31 11.98 -44.67
C ILE E 9 -48.51 11.28 -45.77
N ASP E 10 -47.23 11.02 -45.48
CA ASP E 10 -46.35 10.31 -46.40
C ASP E 10 -45.43 9.34 -45.67
N ASN E 11 -45.61 9.14 -44.37
CA ASN E 11 -44.74 8.29 -43.55
C ASN E 11 -43.29 8.80 -43.63
N THR E 12 -43.09 10.01 -43.12
CA THR E 12 -41.80 10.68 -43.14
C THR E 12 -41.40 11.08 -41.73
N VAL E 13 -40.09 11.26 -41.54
CA VAL E 13 -39.52 11.60 -40.24
C VAL E 13 -39.33 13.11 -40.16
N ILE E 14 -39.44 13.65 -38.95
CA ILE E 14 -39.23 15.07 -38.72
C ILE E 14 -37.97 15.33 -37.89
N VAL E 15 -37.58 14.41 -37.01
CA VAL E 15 -36.43 14.49 -36.11
C VAL E 15 -36.27 15.91 -35.56
N PRO E 16 -37.17 16.36 -34.70
CA PRO E 16 -37.04 17.71 -34.14
C PRO E 16 -35.86 17.81 -33.19
N LYS E 17 -35.33 19.02 -33.08
CA LYS E 17 -34.20 19.30 -32.19
C LYS E 17 -34.35 20.71 -31.63
N LEU E 18 -34.07 20.86 -30.33
CA LEU E 18 -34.24 22.14 -29.67
C LEU E 18 -33.24 23.16 -30.21
N PRO E 19 -33.64 24.43 -30.31
CA PRO E 19 -32.69 25.47 -30.69
C PRO E 19 -31.68 25.74 -29.60
N ALA E 20 -30.53 26.27 -30.01
CA ALA E 20 -29.43 26.56 -29.07
C ALA E 20 -29.58 27.97 -28.50
N ASN E 21 -30.77 28.24 -27.96
CA ASN E 21 -31.00 29.51 -27.29
C ASN E 21 -30.11 29.67 -26.06
N GLU E 22 -29.96 28.59 -25.30
CA GLU E 22 -29.08 28.56 -24.13
C GLU E 22 -27.95 27.57 -24.40
N ASP E 23 -26.75 27.93 -23.95
CA ASP E 23 -25.58 27.11 -24.19
C ASP E 23 -25.71 25.78 -23.47
N PRO E 24 -25.18 24.70 -24.06
CA PRO E 24 -25.27 23.39 -23.42
C PRO E 24 -24.39 23.30 -22.19
N VAL E 25 -24.71 22.32 -21.34
CA VAL E 25 -23.96 22.14 -20.11
C VAL E 25 -22.53 21.69 -20.41
N GLU E 26 -21.63 22.00 -19.49
CA GLU E 26 -20.23 21.60 -19.60
C GLU E 26 -19.80 21.01 -18.27
N TYR E 27 -19.14 19.87 -18.32
CA TYR E 27 -18.74 19.23 -17.08
C TYR E 27 -17.26 19.45 -16.79
N PRO E 28 -16.90 19.54 -15.51
CA PRO E 28 -15.47 19.69 -15.18
C PRO E 28 -14.61 18.54 -15.66
N ALA E 29 -15.18 17.32 -15.70
CA ALA E 29 -14.41 16.17 -16.17
C ALA E 29 -13.97 16.34 -17.61
N ASP E 30 -14.83 16.89 -18.48
CA ASP E 30 -14.44 17.11 -19.86
C ASP E 30 -13.27 18.09 -19.96
N TYR E 31 -13.32 19.18 -19.18
CA TYR E 31 -12.23 20.15 -19.20
C TYR E 31 -10.93 19.54 -18.70
N PHE E 32 -11.00 18.75 -17.63
CA PHE E 32 -9.80 18.13 -17.10
C PHE E 32 -9.28 17.00 -17.98
N ARG E 33 -10.12 16.43 -18.84
CA ARG E 33 -9.61 15.53 -19.87
C ARG E 33 -8.93 16.32 -20.99
N LYS E 34 -9.49 17.48 -21.36
CA LYS E 34 -8.87 18.31 -22.40
C LYS E 34 -7.51 18.83 -21.94
N SER E 35 -7.46 19.40 -20.74
CA SER E 35 -6.22 19.94 -20.19
C SER E 35 -5.99 19.38 -18.79
N LYS E 36 -4.71 19.14 -18.47
CA LYS E 36 -4.33 18.55 -17.20
C LYS E 36 -3.86 19.60 -16.19
N GLU E 37 -4.24 20.85 -16.39
CA GLU E 37 -3.84 21.92 -15.49
C GLU E 37 -4.80 23.09 -15.66
N ILE E 38 -4.77 23.99 -14.69
CA ILE E 38 -5.59 25.20 -14.73
C ILE E 38 -4.67 26.39 -14.89
N PRO E 39 -4.54 26.95 -16.10
CA PRO E 39 -3.62 28.08 -16.29
C PRO E 39 -4.08 29.32 -15.53
N LEU E 40 -3.12 30.10 -15.07
CA LEU E 40 -3.37 31.37 -14.41
C LEU E 40 -2.40 32.41 -14.98
N TYR E 41 -2.94 33.36 -15.74
CA TYR E 41 -2.12 34.35 -16.42
C TYR E 41 -2.02 35.62 -15.57
N ILE E 42 -0.80 35.97 -15.18
CA ILE E 42 -0.52 37.14 -14.35
C ILE E 42 0.75 37.80 -14.87
N ASN E 43 0.92 39.06 -14.46
CA ASN E 43 2.09 39.86 -14.84
C ASN E 43 2.96 40.02 -13.60
N THR E 44 4.05 39.27 -13.54
CA THR E 44 4.93 39.23 -12.38
C THR E 44 6.17 40.11 -12.56
N THR E 45 6.22 40.95 -13.59
CA THR E 45 7.38 41.80 -13.82
C THR E 45 7.30 43.07 -12.98
N LYS E 46 7.08 42.92 -11.69
CA LYS E 46 7.02 44.05 -10.76
C LYS E 46 7.35 43.55 -9.37
N SER E 47 7.87 44.46 -8.54
CA SER E 47 8.18 44.12 -7.17
C SER E 47 6.91 44.10 -6.32
N LEU E 48 6.98 43.40 -5.18
CA LEU E 48 5.82 43.29 -4.31
C LEU E 48 5.43 44.64 -3.73
N SER E 49 6.42 45.44 -3.32
CA SER E 49 6.12 46.75 -2.74
C SER E 49 5.49 47.68 -3.78
N ASP E 50 6.00 47.65 -5.02
CA ASP E 50 5.46 48.51 -6.07
C ASP E 50 4.01 48.12 -6.38
N LEU E 51 3.73 46.82 -6.48
CA LEU E 51 2.37 46.37 -6.72
C LEU E 51 1.44 46.72 -5.55
N ARG E 52 1.94 46.60 -4.31
CA ARG E 52 1.15 46.97 -3.15
C ARG E 52 0.80 48.45 -3.18
N GLY E 53 1.77 49.30 -3.51
CA GLY E 53 1.48 50.72 -3.67
C GLY E 53 0.50 50.99 -4.79
N TYR E 54 0.66 50.27 -5.91
CA TYR E 54 -0.27 50.40 -7.03
C TYR E 54 -1.70 50.13 -6.58
N VAL E 55 -1.92 48.99 -5.94
CA VAL E 55 -3.29 48.60 -5.57
C VAL E 55 -3.82 49.50 -4.47
N TYR E 56 -2.97 49.91 -3.52
CA TYR E 56 -3.42 50.79 -2.45
C TYR E 56 -3.89 52.13 -3.01
N GLN E 57 -3.07 52.76 -3.86
CA GLN E 57 -3.43 54.06 -4.40
C GLN E 57 -4.59 53.95 -5.39
N GLY E 58 -4.68 52.85 -6.12
CA GLY E 58 -5.83 52.66 -7.00
C GLY E 58 -7.13 52.50 -6.23
N LEU E 59 -7.11 51.74 -5.14
CA LEU E 59 -8.29 51.59 -4.31
C LEU E 59 -8.67 52.93 -3.67
N LYS E 60 -7.68 53.68 -3.20
CA LYS E 60 -7.96 54.98 -2.62
C LYS E 60 -8.50 55.98 -3.63
N SER E 61 -8.02 55.93 -4.88
CA SER E 61 -8.49 56.81 -5.93
C SER E 61 -9.61 56.19 -6.75
N GLY E 62 -9.96 54.93 -6.52
CA GLY E 62 -11.05 54.30 -7.24
C GLY E 62 -10.78 54.01 -8.69
N ASN E 63 -9.52 53.86 -9.08
CA ASN E 63 -9.16 53.57 -10.47
C ASN E 63 -8.08 52.50 -10.54
N VAL E 64 -8.22 51.44 -9.75
CA VAL E 64 -7.22 50.37 -9.73
C VAL E 64 -7.47 49.43 -10.92
N SER E 65 -6.37 48.95 -11.51
CA SER E 65 -6.44 48.05 -12.66
C SER E 65 -6.52 46.61 -12.20
N ILE E 66 -7.17 45.77 -13.02
CA ILE E 66 -7.35 44.37 -12.67
C ILE E 66 -6.01 43.62 -12.72
N ILE E 67 -5.14 43.98 -13.68
CA ILE E 67 -3.84 43.31 -13.77
C ILE E 67 -3.01 43.57 -12.52
N HIS E 68 -3.02 44.83 -12.04
CA HIS E 68 -2.24 45.17 -10.85
C HIS E 68 -2.74 44.43 -9.63
N VAL E 69 -4.06 44.36 -9.44
CA VAL E 69 -4.59 43.68 -8.25
C VAL E 69 -4.35 42.17 -8.35
N ASN E 70 -4.46 41.60 -9.54
CA ASN E 70 -4.17 40.17 -9.69
C ASN E 70 -2.71 39.87 -9.37
N SER E 71 -1.79 40.68 -9.91
CA SER E 71 -0.37 40.48 -9.64
C SER E 71 -0.05 40.66 -8.16
N TYR E 72 -0.63 41.68 -7.52
CA TYR E 72 -0.38 41.88 -6.10
C TYR E 72 -0.94 40.75 -5.26
N LEU E 73 -2.13 40.25 -5.62
CA LEU E 73 -2.70 39.12 -4.88
C LEU E 73 -1.84 37.87 -5.03
N TYR E 74 -1.28 37.64 -6.22
CA TYR E 74 -0.32 36.54 -6.34
C TYR E 74 0.91 36.79 -5.46
N GLY E 75 1.44 38.01 -5.48
CA GLY E 75 2.66 38.30 -4.74
C GLY E 75 2.52 38.20 -3.24
N ALA E 76 1.36 38.57 -2.71
CA ALA E 76 1.15 38.59 -1.26
C ALA E 76 0.59 37.29 -0.71
N LEU E 77 0.19 36.35 -1.57
CA LEU E 77 -0.39 35.08 -1.14
C LEU E 77 0.48 33.90 -1.52
N LYS E 78 1.80 34.08 -1.49
CA LYS E 78 2.73 32.98 -1.71
C LYS E 78 3.13 32.33 -0.37
N ASP E 79 2.10 31.94 0.38
CA ASP E 79 2.30 31.28 1.67
C ASP E 79 2.32 29.78 1.43
N ILE E 80 3.52 29.23 1.34
CA ILE E 80 3.74 27.81 1.11
C ILE E 80 3.33 27.04 2.38
N ARG E 81 3.13 27.79 3.47
CA ARG E 81 2.74 27.17 4.73
C ARG E 81 1.39 26.46 4.59
N GLY E 82 1.18 25.47 5.45
CA GLY E 82 0.03 24.60 5.35
C GLY E 82 0.44 23.20 4.98
N LYS E 83 0.50 22.30 5.96
CA LYS E 83 1.02 20.95 5.78
C LYS E 83 -0.14 20.00 5.59
N LEU E 84 -0.17 19.33 4.44
CA LEU E 84 -1.18 18.32 4.17
C LEU E 84 -0.96 17.10 5.04
N ASP E 85 -2.05 16.52 5.53
CA ASP E 85 -2.01 15.27 6.28
C ASP E 85 -2.36 14.06 5.43
N LYS E 86 -3.29 14.22 4.49
CA LYS E 86 -3.68 13.17 3.56
C LYS E 86 -3.44 13.63 2.13
N ASP E 87 -3.58 12.69 1.20
CA ASP E 87 -3.47 13.02 -0.21
C ASP E 87 -4.62 13.91 -0.64
N TRP E 88 -4.35 14.78 -1.61
CA TRP E 88 -5.33 15.73 -2.11
C TRP E 88 -5.46 15.58 -3.63
N SER E 89 -5.58 14.35 -4.09
CA SER E 89 -5.83 14.10 -5.50
C SER E 89 -7.27 14.43 -5.84
N SER E 90 -7.44 15.14 -6.97
CA SER E 90 -8.77 15.56 -7.40
C SER E 90 -8.78 15.63 -8.92
N PHE E 91 -9.73 14.91 -9.54
CA PHE E 91 -9.88 14.88 -10.99
C PHE E 91 -8.58 14.46 -11.67
N GLY E 92 -7.88 13.50 -11.08
CA GLY E 92 -6.61 13.04 -11.63
C GLY E 92 -5.51 14.09 -11.58
N ILE E 93 -5.50 14.95 -10.57
CA ILE E 93 -4.48 15.96 -10.38
C ILE E 93 -3.89 15.79 -8.99
N ASN E 94 -2.57 15.61 -8.93
CA ASN E 94 -1.88 15.37 -7.66
C ASN E 94 -1.42 16.71 -7.09
N ILE E 95 -2.28 17.30 -6.25
CA ILE E 95 -1.94 18.58 -5.64
C ILE E 95 -0.81 18.41 -4.62
N GLY E 96 -0.91 17.39 -3.78
CA GLY E 96 0.10 17.12 -2.77
C GLY E 96 0.03 15.66 -2.36
N LYS E 97 0.91 15.28 -1.44
CA LYS E 97 0.96 13.87 -1.02
C LYS E 97 1.34 13.82 0.46
N ALA E 98 0.32 13.80 1.32
CA ALA E 98 0.39 13.34 2.71
C ALA E 98 1.68 13.75 3.42
N GLY E 99 1.91 15.06 3.49
CA GLY E 99 3.02 15.54 4.29
C GLY E 99 3.80 16.70 3.71
N ASP E 100 3.72 16.91 2.40
CA ASP E 100 4.45 17.98 1.74
C ASP E 100 3.65 19.27 1.80
N THR E 101 4.28 20.34 2.27
CA THR E 101 3.62 21.63 2.35
C THR E 101 3.33 22.17 0.95
N ILE E 102 2.16 22.77 0.80
CA ILE E 102 1.72 23.34 -0.46
C ILE E 102 1.26 24.77 -0.24
N GLY E 103 1.34 25.57 -1.31
CA GLY E 103 0.91 26.95 -1.28
C GLY E 103 -0.49 27.13 -1.86
N ILE E 104 -0.92 28.38 -1.88
CA ILE E 104 -2.22 28.72 -2.46
C ILE E 104 -2.23 28.40 -3.94
N PHE E 105 -1.18 28.79 -4.65
CA PHE E 105 -1.11 28.64 -6.10
C PHE E 105 -0.45 27.33 -6.53
N ASP E 106 -0.16 26.44 -5.59
CA ASP E 106 0.36 25.12 -5.94
C ASP E 106 -0.71 24.22 -6.57
N LEU E 107 -1.97 24.63 -6.52
CA LEU E 107 -3.07 23.86 -7.08
C LEU E 107 -3.59 24.43 -8.40
N VAL E 108 -3.04 25.53 -8.89
CA VAL E 108 -3.36 26.08 -10.20
C VAL E 108 -2.07 26.33 -10.95
N SER E 109 -2.03 25.95 -12.23
CA SER E 109 -0.86 26.20 -13.05
C SER E 109 -0.69 27.70 -13.28
N LEU E 110 0.56 28.15 -13.31
CA LEU E 110 0.88 29.56 -13.44
C LEU E 110 1.59 29.81 -14.76
N LYS E 111 1.12 30.83 -15.48
CA LYS E 111 1.76 31.24 -16.73
C LYS E 111 2.08 32.72 -16.68
N ALA E 112 2.52 33.28 -17.81
CA ALA E 112 2.83 34.71 -17.92
C ALA E 112 1.79 35.38 -18.78
N LEU E 113 1.20 36.47 -18.28
CA LEU E 113 0.18 37.18 -19.01
C LEU E 113 0.79 37.92 -20.20
N ASP E 114 0.16 37.78 -21.37
CA ASP E 114 0.62 38.44 -22.58
C ASP E 114 -0.17 39.74 -22.75
N GLY E 115 0.45 40.85 -22.39
CA GLY E 115 -0.21 42.13 -22.51
C GLY E 115 0.68 43.24 -21.96
N VAL E 116 0.16 44.46 -22.03
CA VAL E 116 0.86 45.64 -21.55
C VAL E 116 0.39 45.93 -20.12
N LEU E 117 1.34 46.32 -19.27
CA LEU E 117 1.04 46.59 -17.87
C LEU E 117 0.71 48.07 -17.69
N PRO E 118 -0.39 48.41 -17.04
CA PRO E 118 -0.71 49.83 -16.81
C PRO E 118 0.35 50.51 -15.95
N ASP E 119 0.41 51.84 -16.07
CA ASP E 119 1.43 52.64 -15.39
C ASP E 119 1.33 52.50 -13.87
N GLY E 120 0.24 52.97 -13.30
CA GLY E 120 0.02 52.86 -11.87
C GLY E 120 0.18 54.19 -11.16
N VAL E 121 -0.12 54.17 -9.86
CA VAL E 121 -0.11 55.35 -9.01
C VAL E 121 0.88 55.09 -7.88
N SER E 122 1.99 54.44 -8.21
CA SER E 122 2.98 53.92 -7.26
C SER E 122 3.22 54.80 -6.03
N ASP E 123 3.18 54.19 -4.86
CA ASP E 123 3.46 54.84 -3.60
C ASP E 123 4.58 54.09 -2.88
N ALA E 124 5.34 54.80 -2.06
CA ALA E 124 6.46 54.22 -1.34
C ALA E 124 6.35 54.38 0.17
N SER E 125 5.31 55.02 0.68
CA SER E 125 5.14 55.25 2.11
C SER E 125 4.38 54.14 2.80
N ARG E 126 3.98 53.08 2.08
CA ARG E 126 3.21 51.99 2.64
C ARG E 126 4.15 50.83 2.96
N THR E 127 4.20 50.44 4.23
CA THR E 127 5.16 49.45 4.69
C THR E 127 4.67 48.04 4.35
N SER E 128 5.40 47.04 4.81
CA SER E 128 5.08 45.65 4.52
C SER E 128 4.15 45.05 5.58
N ALA E 129 3.06 45.75 5.85
CA ALA E 129 1.98 45.24 6.69
C ALA E 129 0.74 44.91 5.87
N ASP E 130 0.97 44.46 4.63
CA ASP E 130 -0.10 44.28 3.65
C ASP E 130 -0.73 42.90 3.70
N ASP E 131 0.09 41.85 3.85
CA ASP E 131 -0.42 40.49 3.83
C ASP E 131 -1.43 40.22 4.93
N LYS E 132 -1.38 41.00 6.01
CA LYS E 132 -2.29 40.77 7.13
C LYS E 132 -3.73 41.10 6.77
N TRP E 133 -3.95 42.20 6.04
CA TRP E 133 -5.32 42.66 5.80
C TRP E 133 -5.65 43.07 4.39
N LEU E 134 -4.68 43.29 3.50
CA LEU E 134 -5.01 43.81 2.18
C LEU E 134 -5.57 42.75 1.25
N PRO E 135 -4.97 41.54 1.16
CA PRO E 135 -5.64 40.49 0.38
C PRO E 135 -7.03 40.17 0.90
N LEU E 136 -7.23 40.25 2.21
CA LEU E 136 -8.58 40.06 2.76
C LEU E 136 -9.57 41.05 2.17
N TYR E 137 -9.21 42.33 2.16
CA TYR E 137 -10.11 43.34 1.61
C TYR E 137 -10.32 43.13 0.12
N LEU E 138 -9.24 42.83 -0.61
CA LEU E 138 -9.35 42.67 -2.06
C LEU E 138 -10.24 41.49 -2.43
N LEU E 139 -10.16 40.40 -1.67
CA LEU E 139 -11.04 39.26 -1.90
C LEU E 139 -12.45 39.53 -1.42
N GLY E 140 -12.61 40.34 -0.37
CA GLY E 140 -13.94 40.68 0.11
C GLY E 140 -14.74 41.50 -0.87
N LEU E 141 -14.07 42.42 -1.59
CA LEU E 141 -14.77 43.15 -2.65
C LEU E 141 -15.34 42.22 -3.72
N TYR E 142 -14.71 41.06 -3.96
CA TYR E 142 -15.26 40.13 -4.94
C TYR E 142 -16.65 39.66 -4.53
N ARG E 143 -16.82 39.24 -3.28
CA ARG E 143 -18.13 38.83 -2.79
C ARG E 143 -19.08 40.02 -2.67
N VAL E 144 -18.56 41.18 -2.28
CA VAL E 144 -19.42 42.35 -2.11
C VAL E 144 -20.03 42.77 -3.44
N GLY E 145 -19.26 42.68 -4.52
CA GLY E 145 -19.75 43.08 -5.83
C GLY E 145 -20.61 42.06 -6.54
N ARG E 146 -21.52 41.42 -5.80
CA ARG E 146 -22.50 40.53 -6.39
C ARG E 146 -23.91 40.72 -5.84
N THR E 147 -24.11 41.59 -4.85
CA THR E 147 -25.44 41.81 -4.30
C THR E 147 -26.31 42.63 -5.25
N GLN E 148 -25.72 43.67 -5.86
CA GLN E 148 -26.43 44.56 -6.79
C GLN E 148 -27.59 45.29 -6.11
N MET E 149 -27.52 45.47 -4.79
CA MET E 149 -28.55 46.20 -4.07
C MET E 149 -27.96 46.73 -2.76
N PRO E 150 -28.18 48.00 -2.45
CA PRO E 150 -27.42 48.64 -1.35
C PRO E 150 -27.69 48.07 0.02
N GLU E 151 -28.93 47.67 0.32
CA GLU E 151 -29.26 47.34 1.71
C GLU E 151 -28.62 46.03 2.16
N TYR E 152 -28.00 45.31 1.23
CA TYR E 152 -27.28 44.05 1.57
C TYR E 152 -25.78 44.32 1.37
N ARG E 153 -25.43 45.07 0.31
CA ARG E 153 -24.03 45.43 0.08
C ARG E 153 -23.45 46.21 1.24
N LYS E 154 -24.26 47.07 1.88
CA LYS E 154 -23.80 47.81 3.05
C LYS E 154 -23.44 46.86 4.18
N LYS E 155 -24.29 45.85 4.44
CA LYS E 155 -23.99 44.88 5.48
C LYS E 155 -22.74 44.08 5.15
N LEU E 156 -22.59 43.68 3.88
CA LEU E 156 -21.39 42.95 3.50
C LEU E 156 -20.14 43.80 3.66
N MET E 157 -20.21 45.08 3.30
CA MET E 157 -19.08 45.98 3.47
C MET E 157 -18.74 46.17 4.94
N ASP E 158 -19.76 46.30 5.79
CA ASP E 158 -19.51 46.42 7.23
C ASP E 158 -18.85 45.16 7.77
N GLY E 159 -19.31 43.99 7.32
CA GLY E 159 -18.68 42.76 7.75
C GLY E 159 -17.23 42.65 7.32
N LEU E 160 -16.94 43.05 6.07
CA LEU E 160 -15.56 43.07 5.60
C LEU E 160 -14.71 44.05 6.40
N THR E 161 -15.27 45.21 6.71
CA THR E 161 -14.54 46.20 7.49
C THR E 161 -14.22 45.66 8.88
N ASN E 162 -15.18 45.01 9.52
CA ASN E 162 -14.92 44.40 10.82
C ASN E 162 -13.88 43.30 10.73
N GLN E 163 -13.96 42.47 9.67
CA GLN E 163 -13.00 41.40 9.47
C GLN E 163 -11.58 41.94 9.35
N CYS E 164 -11.42 43.04 8.61
CA CYS E 164 -10.08 43.60 8.42
C CYS E 164 -9.63 44.37 9.66
N LYS E 165 -10.56 44.99 10.38
CA LYS E 165 -10.20 45.74 11.57
C LYS E 165 -9.77 44.82 12.70
N MET E 166 -10.32 43.60 12.73
CA MET E 166 -9.88 42.65 13.74
C MET E 166 -8.41 42.27 13.57
N ILE E 167 -7.83 42.53 12.40
CA ILE E 167 -6.43 42.22 12.12
C ILE E 167 -5.55 43.46 12.19
N ASN E 168 -5.96 44.54 11.50
CA ASN E 168 -5.13 45.74 11.39
C ASN E 168 -5.45 46.78 12.44
N GLU E 169 -6.72 46.97 12.79
CA GLU E 169 -7.28 47.81 13.84
C GLU E 169 -7.28 49.30 13.46
N GLN E 170 -6.61 49.72 12.39
CA GLN E 170 -6.85 51.08 11.90
C GLN E 170 -7.84 51.09 10.75
N PHE E 171 -7.44 50.48 9.63
CA PHE E 171 -8.29 50.23 8.46
C PHE E 171 -9.24 51.38 8.13
N GLU E 172 -8.71 52.52 7.76
CA GLU E 172 -9.55 53.53 7.12
C GLU E 172 -10.04 52.97 5.80
N PRO E 173 -11.34 53.03 5.50
CA PRO E 173 -11.84 52.40 4.27
C PRO E 173 -11.18 52.99 3.02
N LEU E 174 -10.90 52.11 2.06
CA LEU E 174 -10.17 52.50 0.86
C LEU E 174 -11.11 52.93 -0.26
N VAL E 175 -12.00 52.04 -0.68
CA VAL E 175 -12.95 52.38 -1.75
C VAL E 175 -13.90 53.45 -1.25
N PRO E 176 -14.19 54.49 -2.04
CA PRO E 176 -15.12 55.53 -1.59
C PRO E 176 -16.52 54.96 -1.38
N GLU E 177 -17.40 55.81 -0.82
CA GLU E 177 -18.76 55.39 -0.53
C GLU E 177 -19.48 54.98 -1.80
N GLY E 178 -19.37 55.78 -2.86
CA GLY E 178 -19.86 55.42 -4.17
C GLY E 178 -18.72 55.01 -5.08
N ARG E 179 -18.97 55.15 -6.40
CA ARG E 179 -17.96 54.93 -7.42
C ARG E 179 -17.36 53.52 -7.32
N ASP E 180 -18.21 52.52 -7.53
CA ASP E 180 -17.76 51.14 -7.44
C ASP E 180 -16.92 50.76 -8.66
N ILE E 181 -15.89 49.94 -8.41
CA ILE E 181 -15.07 49.39 -9.47
C ILE E 181 -14.92 47.88 -9.34
N PHE E 182 -15.13 47.33 -8.15
CA PHE E 182 -15.08 45.91 -7.86
C PHE E 182 -16.23 45.12 -8.46
N ASP E 183 -17.26 45.78 -9.01
CA ASP E 183 -18.31 45.06 -9.73
C ASP E 183 -17.74 44.38 -10.97
N VAL E 184 -16.80 45.03 -11.66
CA VAL E 184 -16.22 44.49 -12.88
C VAL E 184 -15.28 43.32 -12.61
N TRP E 185 -14.72 43.23 -11.40
CA TRP E 185 -13.69 42.25 -11.12
C TRP E 185 -14.18 40.82 -11.33
N GLY E 186 -15.48 40.58 -11.17
CA GLY E 186 -16.01 39.25 -11.43
C GLY E 186 -15.87 38.82 -12.88
N ASN E 187 -15.92 39.79 -13.81
CA ASN E 187 -15.82 39.46 -15.23
C ASN E 187 -14.44 38.89 -15.57
N ASP E 188 -13.39 39.41 -14.94
CA ASP E 188 -12.04 38.93 -15.21
C ASP E 188 -11.90 37.47 -14.79
N SER E 189 -11.18 36.70 -15.62
CA SER E 189 -11.05 35.26 -15.37
C SER E 189 -9.96 34.98 -14.34
N ASN E 190 -8.82 35.66 -14.45
CA ASN E 190 -7.72 35.40 -13.53
C ASN E 190 -8.08 35.75 -12.09
N TYR E 191 -8.85 36.81 -11.89
CA TYR E 191 -9.28 37.16 -10.53
C TYR E 191 -10.16 36.07 -9.93
N THR E 192 -11.10 35.54 -10.72
CA THR E 192 -11.92 34.43 -10.24
C THR E 192 -11.08 33.19 -9.95
N LYS E 193 -10.11 32.89 -10.81
CA LYS E 193 -9.23 31.75 -10.56
C LYS E 193 -8.48 31.92 -9.24
N ILE E 194 -7.92 33.11 -9.01
CA ILE E 194 -7.17 33.36 -7.78
C ILE E 194 -8.07 33.25 -6.57
N VAL E 195 -9.27 33.85 -6.64
CA VAL E 195 -10.15 33.87 -5.47
C VAL E 195 -10.65 32.46 -5.15
N ALA E 196 -10.95 31.67 -6.19
CA ALA E 196 -11.42 30.30 -5.96
C ALA E 196 -10.30 29.42 -5.43
N ALA E 197 -9.07 29.61 -5.94
CA ALA E 197 -7.94 28.85 -5.41
C ALA E 197 -7.70 29.19 -3.95
N VAL E 198 -7.79 30.47 -3.58
CA VAL E 198 -7.64 30.87 -2.19
C VAL E 198 -8.72 30.23 -1.34
N ASP E 199 -9.98 30.25 -1.83
CA ASP E 199 -11.07 29.66 -1.07
C ASP E 199 -10.86 28.18 -0.83
N MET E 200 -10.46 27.44 -1.86
CA MET E 200 -10.30 26.00 -1.68
C MET E 200 -9.09 25.69 -0.80
N PHE E 201 -8.01 26.44 -0.95
CA PHE E 201 -6.83 26.21 -0.11
C PHE E 201 -7.16 26.44 1.36
N PHE E 202 -7.87 27.52 1.66
CA PHE E 202 -8.22 27.79 3.05
C PHE E 202 -9.37 26.92 3.54
N HIS E 203 -10.13 26.31 2.63
CA HIS E 203 -11.11 25.31 3.03
C HIS E 203 -10.45 24.01 3.42
N MET E 204 -9.39 23.62 2.71
CA MET E 204 -8.63 22.43 3.10
C MET E 204 -7.95 22.65 4.45
N PHE E 205 -7.33 23.81 4.64
CA PHE E 205 -6.67 24.16 5.90
C PHE E 205 -7.54 25.17 6.64
N LYS E 206 -8.52 24.65 7.38
CA LYS E 206 -9.43 25.51 8.12
C LYS E 206 -8.72 26.21 9.28
N LYS E 207 -7.81 25.52 9.96
CA LYS E 207 -7.14 26.05 11.14
C LYS E 207 -5.91 26.87 10.80
N HIS E 208 -5.77 27.33 9.57
CA HIS E 208 -4.63 28.17 9.20
C HIS E 208 -4.71 29.52 9.90
N GLU E 209 -3.55 30.11 10.16
CA GLU E 209 -3.47 31.41 10.80
C GLU E 209 -3.95 32.55 9.90
N CYS E 210 -4.08 32.30 8.60
CA CYS E 210 -4.61 33.28 7.66
C CYS E 210 -5.95 32.81 7.08
N ALA E 211 -6.67 31.97 7.83
CA ALA E 211 -7.95 31.45 7.38
C ALA E 211 -9.03 32.53 7.29
N SER E 212 -8.78 33.72 7.84
CA SER E 212 -9.75 34.81 7.73
C SER E 212 -10.00 35.22 6.29
N PHE E 213 -9.09 34.89 5.38
CA PHE E 213 -9.25 35.25 3.97
C PHE E 213 -10.44 34.53 3.34
N ARG E 214 -10.99 33.51 4.01
CA ARG E 214 -12.19 32.85 3.51
C ARG E 214 -13.35 33.83 3.39
N TYR E 215 -13.36 34.88 4.19
CA TYR E 215 -14.36 35.94 4.01
C TYR E 215 -14.15 36.63 2.67
N GLY E 216 -15.24 36.82 1.94
CA GLY E 216 -15.20 37.41 0.62
C GLY E 216 -14.95 36.43 -0.50
N THR E 217 -14.54 35.21 -0.19
CA THR E 217 -14.36 34.17 -1.20
C THR E 217 -15.22 32.95 -0.94
N ILE E 218 -15.94 32.91 0.19
CA ILE E 218 -16.84 31.80 0.47
C ILE E 218 -17.96 31.71 -0.54
N VAL E 219 -18.33 32.84 -1.18
CA VAL E 219 -19.33 32.82 -2.23
C VAL E 219 -18.88 32.01 -3.44
N SER E 220 -17.57 31.89 -3.65
CA SER E 220 -17.06 31.07 -4.75
C SER E 220 -17.33 29.59 -4.54
N ARG E 221 -17.49 29.16 -3.29
CA ARG E 221 -17.80 27.77 -3.00
C ARG E 221 -19.18 27.42 -3.53
N PHE E 222 -19.25 26.40 -4.38
CA PHE E 222 -20.51 25.97 -5.00
C PHE E 222 -21.19 27.13 -5.74
N LYS E 223 -20.39 27.97 -6.40
CA LYS E 223 -20.95 29.10 -7.13
C LYS E 223 -21.71 28.60 -8.35
N ASP E 224 -22.89 29.19 -8.57
CA ASP E 224 -23.78 28.79 -9.66
C ASP E 224 -24.09 27.30 -9.60
N CYS E 225 -24.34 26.82 -8.39
CA CYS E 225 -24.73 25.44 -8.14
C CYS E 225 -25.98 25.38 -7.26
N ALA E 226 -26.97 26.20 -7.59
CA ALA E 226 -28.18 26.29 -6.79
C ALA E 226 -28.99 24.99 -6.82
N ALA E 227 -28.98 24.27 -7.95
CA ALA E 227 -29.75 23.02 -8.01
C ALA E 227 -29.16 21.97 -7.08
N LEU E 228 -27.84 21.82 -7.08
CA LEU E 228 -27.21 20.84 -6.20
C LEU E 228 -27.42 21.23 -4.73
N ALA E 229 -27.30 22.52 -4.42
CA ALA E 229 -27.50 22.99 -3.06
C ALA E 229 -28.92 22.74 -2.59
N THR E 230 -29.91 22.98 -3.46
CA THR E 230 -31.29 22.74 -3.06
C THR E 230 -31.61 21.25 -3.00
N PHE E 231 -30.93 20.42 -3.80
CA PHE E 231 -31.07 18.97 -3.66
C PHE E 231 -30.57 18.52 -2.30
N GLY E 232 -29.40 19.02 -1.88
CA GLY E 232 -28.89 18.68 -0.56
C GLY E 232 -29.80 19.18 0.54
N HIS E 233 -30.32 20.41 0.41
CA HIS E 233 -31.22 20.95 1.41
C HIS E 233 -32.50 20.13 1.49
N LEU E 234 -33.03 19.70 0.34
CA LEU E 234 -34.22 18.87 0.33
C LEU E 234 -33.97 17.52 1.00
N CYS E 235 -32.82 16.90 0.68
CA CYS E 235 -32.48 15.64 1.32
C CYS E 235 -32.27 15.78 2.82
N LYS E 236 -31.87 16.96 3.28
CA LYS E 236 -31.66 17.17 4.71
C LYS E 236 -32.91 17.64 5.45
N ILE E 237 -33.90 18.19 4.75
CA ILE E 237 -35.10 18.71 5.42
C ILE E 237 -36.16 17.62 5.47
N THR E 238 -36.20 16.76 4.46
CA THR E 238 -37.19 15.68 4.44
C THR E 238 -36.82 14.54 5.37
N GLY E 239 -35.56 14.43 5.77
CA GLY E 239 -35.11 13.34 6.62
C GLY E 239 -35.00 12.01 5.94
N MET E 240 -35.58 11.85 4.75
CA MET E 240 -35.51 10.59 4.02
C MET E 240 -34.11 10.39 3.46
N SER E 241 -33.74 9.12 3.27
CA SER E 241 -32.45 8.79 2.67
C SER E 241 -32.32 9.43 1.30
N THR E 242 -31.13 9.95 1.02
CA THR E 242 -30.90 10.74 -0.19
C THR E 242 -31.17 9.97 -1.47
N GLU E 243 -31.16 8.65 -1.44
CA GLU E 243 -31.43 7.86 -2.63
C GLU E 243 -32.90 7.58 -2.84
N ASP E 244 -33.69 7.48 -1.76
CA ASP E 244 -35.13 7.32 -1.91
C ASP E 244 -35.81 8.61 -2.36
N VAL E 245 -35.17 9.76 -2.14
CA VAL E 245 -35.76 11.03 -2.56
C VAL E 245 -35.83 11.12 -4.08
N THR E 246 -34.77 10.69 -4.77
CA THR E 246 -34.77 10.77 -6.23
C THR E 246 -35.82 9.86 -6.86
N THR E 247 -36.29 8.84 -6.15
CA THR E 247 -37.34 8.00 -6.69
C THR E 247 -38.67 8.75 -6.74
N TRP E 248 -38.81 9.79 -5.92
CA TRP E 248 -40.07 10.50 -5.81
C TRP E 248 -40.27 11.58 -6.88
N ILE E 249 -39.22 11.97 -7.61
CA ILE E 249 -39.34 13.09 -8.51
C ILE E 249 -40.22 12.71 -9.70
N LEU E 250 -41.00 13.67 -10.20
CA LEU E 250 -41.99 13.42 -11.22
C LEU E 250 -41.90 14.44 -12.34
N ASN E 251 -42.91 14.48 -13.21
CA ASN E 251 -43.16 15.50 -14.25
C ASN E 251 -42.29 15.35 -15.49
N ARG E 252 -41.35 14.40 -15.52
CA ARG E 252 -40.63 13.96 -16.72
C ARG E 252 -39.57 14.98 -17.14
N GLU E 253 -39.57 16.18 -16.56
CA GLU E 253 -38.43 17.06 -16.80
C GLU E 253 -37.48 17.04 -15.62
N VAL E 254 -37.99 16.79 -14.42
CA VAL E 254 -37.13 16.69 -13.24
C VAL E 254 -36.23 15.47 -13.35
N ALA E 255 -36.72 14.40 -13.99
CA ALA E 255 -35.91 13.20 -14.12
C ALA E 255 -34.70 13.43 -15.02
N ASP E 256 -34.93 14.00 -16.21
CA ASP E 256 -33.81 14.28 -17.12
C ASP E 256 -32.90 15.37 -16.55
N GLU E 257 -33.50 16.35 -15.86
CA GLU E 257 -32.73 17.34 -15.12
C GLU E 257 -31.81 16.67 -14.11
N MET E 258 -32.32 15.68 -13.38
CA MET E 258 -31.51 14.95 -12.41
C MET E 258 -30.39 14.16 -13.10
N VAL E 259 -30.71 13.53 -14.22
CA VAL E 259 -29.71 12.72 -14.93
C VAL E 259 -28.56 13.59 -15.40
N GLN E 260 -28.85 14.77 -15.96
CA GLN E 260 -27.77 15.67 -16.33
C GLN E 260 -27.13 16.28 -15.09
N MET E 261 -27.85 16.26 -13.96
CA MET E 261 -27.34 16.85 -12.72
C MET E 261 -26.27 15.97 -12.07
N MET E 262 -26.41 14.65 -12.16
CA MET E 262 -25.46 13.77 -11.49
C MET E 262 -24.83 12.72 -12.40
N LEU E 263 -24.28 13.15 -13.54
CA LEU E 263 -23.48 12.24 -14.34
C LEU E 263 -22.36 11.67 -13.46
N PRO E 264 -22.14 10.34 -13.49
CA PRO E 264 -21.28 9.70 -12.47
C PRO E 264 -19.88 10.27 -12.36
N GLY E 265 -19.23 10.56 -13.49
CA GLY E 265 -17.85 11.01 -13.46
C GLY E 265 -17.68 12.49 -13.21
N GLN E 266 -18.36 13.04 -12.21
CA GLN E 266 -18.27 14.46 -11.92
C GLN E 266 -17.72 14.77 -10.52
N GLU E 267 -17.70 13.79 -9.61
CA GLU E 267 -17.10 13.94 -8.29
C GLU E 267 -17.71 15.13 -7.55
N ILE E 268 -19.00 15.00 -7.27
CA ILE E 268 -19.74 16.03 -6.54
C ILE E 268 -19.94 15.69 -5.07
N ASP E 269 -19.39 14.57 -4.61
CA ASP E 269 -19.51 14.16 -3.21
C ASP E 269 -18.21 14.32 -2.43
N LYS E 270 -17.15 14.83 -3.06
CA LYS E 270 -15.87 15.03 -2.39
C LYS E 270 -15.70 16.52 -2.10
N ALA E 271 -15.46 16.86 -0.83
CA ALA E 271 -15.38 18.26 -0.44
C ALA E 271 -14.14 18.92 -1.00
N ASP E 272 -12.98 18.29 -0.84
CA ASP E 272 -11.72 18.86 -1.30
C ASP E 272 -11.45 18.48 -2.76
N SER E 273 -12.33 18.97 -3.64
CA SER E 273 -12.26 18.68 -5.07
C SER E 273 -12.40 19.97 -5.86
N TYR E 274 -12.13 19.88 -7.16
CA TYR E 274 -12.22 21.03 -8.04
C TYR E 274 -13.65 21.29 -8.49
N MET E 275 -14.57 20.37 -8.20
CA MET E 275 -15.94 20.50 -8.71
C MET E 275 -16.64 21.76 -8.22
N PRO E 276 -16.60 22.14 -6.92
CA PRO E 276 -17.36 23.32 -6.47
C PRO E 276 -16.92 24.61 -7.15
N TYR E 277 -15.77 24.60 -7.81
CA TYR E 277 -15.25 25.76 -8.53
C TYR E 277 -15.24 25.53 -10.03
N LEU E 278 -16.27 24.86 -10.55
CA LEU E 278 -16.31 24.52 -11.96
C LEU E 278 -16.43 25.74 -12.86
N ILE E 279 -16.91 26.87 -12.34
CA ILE E 279 -17.12 28.06 -13.14
C ILE E 279 -16.11 29.16 -12.82
N ASP E 280 -15.60 29.24 -11.58
CA ASP E 280 -14.61 30.26 -11.26
C ASP E 280 -13.24 29.89 -11.81
N PHE E 281 -12.88 28.61 -11.77
CA PHE E 281 -11.64 28.13 -12.37
C PHE E 281 -11.72 28.07 -13.89
N GLY E 282 -12.89 28.27 -14.48
CA GLY E 282 -13.06 28.11 -15.91
C GLY E 282 -13.23 26.69 -16.37
N LEU E 283 -13.47 25.75 -15.45
CA LEU E 283 -13.68 24.36 -15.84
C LEU E 283 -14.93 24.20 -16.70
N SER E 284 -15.94 25.03 -16.46
CA SER E 284 -17.19 24.97 -17.22
C SER E 284 -17.72 26.38 -17.42
N SER E 285 -18.00 26.73 -18.69
CA SER E 285 -18.61 28.02 -18.97
C SER E 285 -20.06 28.08 -18.53
N LYS E 286 -20.80 26.98 -18.67
CA LYS E 286 -22.19 26.88 -18.23
C LYS E 286 -22.29 25.73 -17.24
N SER E 287 -22.49 26.07 -15.97
CA SER E 287 -22.53 25.05 -14.93
C SER E 287 -23.84 24.27 -15.01
N PRO E 288 -23.79 22.94 -15.15
CA PRO E 288 -25.05 22.16 -15.20
C PRO E 288 -25.84 22.22 -13.91
N TYR E 289 -25.22 22.60 -12.79
CA TYR E 289 -25.88 22.64 -11.50
C TYR E 289 -26.54 23.98 -11.22
N SER E 290 -26.50 24.92 -12.18
CA SER E 290 -27.08 26.23 -11.98
C SER E 290 -28.61 26.14 -11.95
N SER E 291 -29.25 27.22 -11.49
CA SER E 291 -30.70 27.27 -11.43
C SER E 291 -31.33 27.68 -12.75
N VAL E 292 -30.62 28.48 -13.56
CA VAL E 292 -31.16 28.85 -14.87
C VAL E 292 -31.18 27.64 -15.80
N LYS E 293 -30.17 26.78 -15.71
CA LYS E 293 -30.15 25.55 -16.48
C LYS E 293 -30.99 24.45 -15.85
N ASN E 294 -31.29 24.54 -14.56
CA ASN E 294 -32.07 23.54 -13.84
C ASN E 294 -33.19 24.25 -13.08
N PRO E 295 -34.19 24.78 -13.79
CA PRO E 295 -35.25 25.53 -13.11
C PRO E 295 -36.27 24.63 -12.41
N ALA E 296 -36.66 23.52 -13.04
CA ALA E 296 -37.81 22.75 -12.55
C ALA E 296 -37.52 22.09 -11.21
N PHE E 297 -36.37 21.41 -11.10
CA PHE E 297 -36.02 20.78 -9.82
C PHE E 297 -35.81 21.81 -8.73
N HIS E 298 -35.16 22.93 -9.06
CA HIS E 298 -34.99 23.97 -8.06
C HIS E 298 -36.33 24.43 -7.52
N PHE E 299 -37.27 24.74 -8.42
CA PHE E 299 -38.58 25.20 -8.00
C PHE E 299 -39.30 24.14 -7.16
N TRP E 300 -39.31 22.89 -7.63
CA TRP E 300 -40.06 21.85 -6.93
C TRP E 300 -39.47 21.58 -5.56
N GLY E 301 -38.14 21.48 -5.46
CA GLY E 301 -37.51 21.24 -4.18
C GLY E 301 -37.69 22.38 -3.20
N GLN E 302 -37.58 23.62 -3.70
CA GLN E 302 -37.80 24.76 -2.81
C GLN E 302 -39.23 24.80 -2.31
N LEU E 303 -40.19 24.50 -3.19
CA LEU E 303 -41.59 24.47 -2.77
C LEU E 303 -41.83 23.38 -1.73
N THR E 304 -41.25 22.20 -1.95
CA THR E 304 -41.41 21.10 -0.99
C THR E 304 -40.80 21.47 0.36
N ALA E 305 -39.60 22.04 0.35
CA ALA E 305 -38.96 22.42 1.60
C ALA E 305 -39.75 23.51 2.33
N LEU E 306 -40.32 24.45 1.58
CA LEU E 306 -41.19 25.45 2.18
C LEU E 306 -42.42 24.81 2.80
N LEU E 307 -43.03 23.85 2.11
CA LEU E 307 -44.16 23.12 2.67
C LEU E 307 -43.76 22.29 3.89
N LEU E 308 -42.48 21.98 4.03
CA LEU E 308 -41.98 21.32 5.24
C LEU E 308 -41.46 22.31 6.29
N ARG E 309 -41.84 23.58 6.16
CA ARG E 309 -41.51 24.61 7.16
C ARG E 309 -40.00 24.77 7.33
N SER E 310 -39.33 25.06 6.22
CA SER E 310 -37.89 25.33 6.21
C SER E 310 -37.66 26.81 5.98
N THR E 311 -36.85 27.43 6.84
CA THR E 311 -36.57 28.86 6.71
C THR E 311 -35.71 29.18 5.49
N ARG E 312 -34.97 28.21 4.97
CA ARG E 312 -34.13 28.45 3.80
C ARG E 312 -34.97 28.66 2.55
N ALA E 313 -35.99 27.82 2.35
CA ALA E 313 -36.76 27.85 1.12
C ALA E 313 -37.88 28.88 1.16
N ARG E 314 -37.53 30.13 1.49
CA ARG E 314 -38.47 31.23 1.45
C ARG E 314 -37.95 32.43 0.67
N ASN E 315 -36.69 32.39 0.23
CA ASN E 315 -36.10 33.48 -0.52
C ASN E 315 -35.55 33.07 -1.87
N ALA E 316 -35.61 31.79 -2.23
CA ALA E 316 -35.16 31.36 -3.55
C ALA E 316 -36.07 31.92 -4.63
N ARG E 317 -35.47 32.48 -5.67
CA ARG E 317 -36.24 33.10 -6.74
C ARG E 317 -37.00 32.03 -7.52
N GLN E 318 -38.28 32.30 -7.76
CA GLN E 318 -39.13 31.37 -8.49
C GLN E 318 -38.74 31.37 -9.97
N PRO E 319 -38.33 30.24 -10.54
CA PRO E 319 -37.91 30.23 -11.93
C PRO E 319 -39.07 30.53 -12.87
N ASP E 320 -38.74 31.16 -14.00
CA ASP E 320 -39.72 31.55 -15.00
C ASP E 320 -39.75 30.56 -16.16
N ASP E 321 -40.83 30.63 -16.94
CA ASP E 321 -41.00 29.82 -18.14
C ASP E 321 -40.95 28.33 -17.83
N ILE E 322 -41.57 27.93 -16.72
CA ILE E 322 -41.71 26.53 -16.34
C ILE E 322 -43.14 26.30 -15.89
N GLU E 323 -43.52 25.02 -15.82
CA GLU E 323 -44.84 24.67 -15.34
C GLU E 323 -44.98 25.03 -13.86
N TYR E 324 -46.13 25.57 -13.47
CA TYR E 324 -46.43 25.84 -12.08
C TYR E 324 -47.64 25.07 -11.57
N THR E 325 -48.04 24.01 -12.26
CA THR E 325 -49.16 23.18 -11.82
C THR E 325 -48.72 21.76 -11.48
N SER E 326 -48.06 21.08 -12.42
CA SER E 326 -47.61 19.71 -12.18
C SER E 326 -46.55 19.66 -11.10
N LEU E 327 -45.58 20.57 -11.15
CA LEU E 327 -44.53 20.61 -10.13
C LEU E 327 -45.12 20.93 -8.77
N THR E 328 -46.06 21.87 -8.70
CA THR E 328 -46.68 22.21 -7.42
C THR E 328 -47.46 21.03 -6.87
N THR E 329 -48.20 20.32 -7.72
CA THR E 329 -48.94 19.14 -7.27
C THR E 329 -47.99 18.07 -6.74
N ALA E 330 -46.89 17.82 -7.46
CA ALA E 330 -45.93 16.82 -7.00
C ALA E 330 -45.29 17.22 -5.68
N GLY E 331 -44.94 18.51 -5.53
CA GLY E 331 -44.37 18.98 -4.28
C GLY E 331 -45.34 18.88 -3.13
N LEU E 332 -46.61 19.21 -3.36
CA LEU E 332 -47.62 19.07 -2.32
C LEU E 332 -47.81 17.62 -1.92
N LEU E 333 -47.82 16.71 -2.91
CA LEU E 333 -47.95 15.29 -2.60
C LEU E 333 -46.77 14.81 -1.77
N TYR E 334 -45.55 15.20 -2.16
CA TYR E 334 -44.37 14.82 -1.39
C TYR E 334 -44.44 15.37 0.04
N ALA E 335 -44.83 16.63 0.19
CA ALA E 335 -44.89 17.25 1.51
C ALA E 335 -45.93 16.57 2.39
N TYR E 336 -47.10 16.25 1.83
CA TYR E 336 -48.10 15.53 2.61
C TYR E 336 -47.64 14.13 2.94
N ALA E 337 -46.83 13.53 2.06
CA ALA E 337 -46.30 12.19 2.34
C ALA E 337 -45.32 12.19 3.49
N VAL E 338 -44.41 13.17 3.54
CA VAL E 338 -43.34 13.13 4.53
C VAL E 338 -43.76 13.79 5.85
N GLY E 339 -44.44 14.94 5.78
CA GLY E 339 -44.77 15.69 6.98
C GLY E 339 -45.97 15.20 7.76
N SER E 340 -46.78 14.31 7.18
CA SER E 340 -47.95 13.77 7.86
C SER E 340 -47.73 12.32 8.31
N SER E 341 -47.27 11.47 7.40
CA SER E 341 -47.04 10.06 7.69
C SER E 341 -45.57 9.87 8.06
N ALA E 342 -45.28 10.00 9.35
CA ALA E 342 -43.92 9.76 9.82
C ALA E 342 -43.58 8.28 9.68
N ASP E 343 -42.35 8.00 9.24
CA ASP E 343 -41.93 6.60 9.08
C ASP E 343 -41.95 5.87 10.41
N LEU E 344 -41.10 6.30 11.35
CA LEU E 344 -41.15 5.87 12.75
C LEU E 344 -41.14 4.34 12.85
N ALA E 345 -40.03 3.75 12.39
CA ALA E 345 -39.89 2.30 12.32
C ALA E 345 -38.75 1.84 13.22
N GLN E 346 -38.87 0.62 13.73
CA GLN E 346 -37.83 0.03 14.55
C GLN E 346 -36.52 -0.03 13.78
N GLN E 347 -35.44 0.40 14.43
CA GLN E 347 -34.15 0.53 13.78
C GLN E 347 -33.10 -0.43 14.32
N PHE E 348 -32.86 -0.43 15.63
CA PHE E 348 -31.89 -1.33 16.24
C PHE E 348 -32.60 -2.32 17.14
N CYS E 349 -32.11 -3.55 17.17
CA CYS E 349 -32.70 -4.62 17.95
C CYS E 349 -31.62 -5.45 18.61
N VAL E 350 -31.94 -6.03 19.76
CA VAL E 350 -31.01 -6.87 20.53
C VAL E 350 -31.37 -8.33 20.25
N GLY E 351 -30.81 -8.87 19.18
CA GLY E 351 -31.00 -10.27 18.85
C GLY E 351 -32.38 -10.59 18.28
N ASP E 352 -33.41 -10.09 18.95
CA ASP E 352 -34.80 -10.36 18.58
C ASP E 352 -35.56 -9.05 18.72
N ASN E 353 -36.90 -9.14 18.78
CA ASN E 353 -37.78 -7.98 18.89
C ASN E 353 -37.61 -7.05 17.69
N LYS E 354 -37.99 -7.58 16.53
CA LYS E 354 -37.79 -6.91 15.25
C LYS E 354 -39.10 -6.48 14.60
N TYR E 355 -40.04 -7.39 14.41
CA TYR E 355 -41.10 -7.21 13.42
C TYR E 355 -42.22 -6.32 13.97
N THR E 356 -43.32 -6.25 13.22
CA THR E 356 -44.51 -5.47 13.48
C THR E 356 -45.74 -6.36 13.42
N PRO E 357 -46.79 -6.06 14.19
CA PRO E 357 -47.99 -6.90 14.15
C PRO E 357 -48.78 -6.75 12.86
N ASP E 358 -48.70 -7.76 11.99
CA ASP E 358 -49.45 -7.77 10.74
C ASP E 358 -50.76 -8.55 10.85
N ASP E 359 -50.98 -9.28 11.93
CA ASP E 359 -52.19 -10.04 12.14
C ASP E 359 -53.18 -9.34 13.06
N SER E 360 -52.84 -8.16 13.56
CA SER E 360 -53.73 -7.40 14.46
C SER E 360 -54.59 -6.43 13.65
N THR E 361 -55.38 -7.00 12.73
CA THR E 361 -56.29 -6.25 11.87
C THR E 361 -55.52 -5.20 11.06
N GLY E 362 -54.58 -5.68 10.24
CA GLY E 362 -53.76 -4.81 9.43
C GLY E 362 -54.39 -4.47 8.09
N GLY E 363 -55.56 -3.85 8.12
CA GLY E 363 -56.22 -3.47 6.88
C GLY E 363 -55.47 -2.38 6.14
N LEU E 364 -55.59 -2.40 4.82
CA LEU E 364 -54.90 -1.44 3.97
C LEU E 364 -55.86 -0.59 3.15
N THR E 365 -56.86 -1.21 2.51
CA THR E 365 -57.77 -0.48 1.64
C THR E 365 -58.69 0.40 2.48
N THR E 366 -58.43 1.71 2.47
CA THR E 366 -59.26 2.66 3.19
C THR E 366 -59.06 4.04 2.60
N ASN E 367 -60.00 4.94 2.89
CA ASN E 367 -59.91 6.32 2.44
C ASN E 367 -59.13 7.14 3.46
N ALA E 368 -57.92 6.70 3.78
CA ALA E 368 -57.07 7.31 4.80
C ALA E 368 -55.67 7.48 4.24
N PRO E 369 -54.87 8.37 4.83
CA PRO E 369 -53.47 8.52 4.39
C PRO E 369 -52.73 7.20 4.49
N PRO E 370 -51.82 6.93 3.55
CA PRO E 370 -51.17 5.62 3.49
C PRO E 370 -50.35 5.27 4.72
N GLN E 371 -50.02 6.27 5.55
CA GLN E 371 -49.23 6.08 6.77
C GLN E 371 -47.88 5.44 6.46
N GLY E 372 -47.25 5.90 5.38
CA GLY E 372 -45.95 5.39 4.98
C GLY E 372 -45.15 6.39 4.17
N ARG E 373 -44.00 5.96 3.66
CA ARG E 373 -43.15 6.83 2.86
C ARG E 373 -42.77 6.26 1.51
N ASP E 374 -43.26 5.07 1.15
CA ASP E 374 -42.95 4.51 -0.16
C ASP E 374 -43.61 5.34 -1.25
N VAL E 375 -42.87 5.56 -2.33
CA VAL E 375 -43.39 6.39 -3.41
C VAL E 375 -44.54 5.70 -4.14
N VAL E 376 -44.43 4.38 -4.34
CA VAL E 376 -45.45 3.67 -5.10
C VAL E 376 -46.77 3.61 -4.34
N GLU E 377 -46.72 3.46 -3.02
CA GLU E 377 -47.94 3.31 -2.24
C GLU E 377 -48.68 4.65 -2.12
N TRP E 378 -47.94 5.74 -1.89
CA TRP E 378 -48.55 7.06 -1.92
C TRP E 378 -49.06 7.41 -3.31
N LEU E 379 -48.34 7.00 -4.36
CA LEU E 379 -48.81 7.24 -5.72
C LEU E 379 -50.10 6.46 -6.00
N GLY E 380 -50.19 5.23 -5.50
CA GLY E 380 -51.42 4.47 -5.64
C GLY E 380 -52.59 5.12 -4.92
N TRP E 381 -52.33 5.64 -3.71
CA TRP E 381 -53.37 6.38 -3.01
C TRP E 381 -53.80 7.62 -3.80
N PHE E 382 -52.82 8.35 -4.35
CA PHE E 382 -53.14 9.56 -5.11
C PHE E 382 -53.95 9.26 -6.36
N GLU E 383 -53.59 8.18 -7.09
CA GLU E 383 -54.35 7.83 -8.27
C GLU E 383 -55.71 7.22 -7.94
N ASP E 384 -55.84 6.58 -6.77
CA ASP E 384 -57.16 6.23 -6.27
C ASP E 384 -57.96 7.49 -5.93
N GLN E 385 -57.28 8.58 -5.60
CA GLN E 385 -57.90 9.89 -5.45
C GLN E 385 -57.89 10.67 -6.77
N ASN E 386 -57.92 9.94 -7.90
CA ASN E 386 -57.98 10.43 -9.28
C ASN E 386 -57.16 11.69 -9.53
N ARG E 387 -55.96 11.75 -8.98
CA ARG E 387 -54.99 12.82 -9.22
C ARG E 387 -55.53 14.19 -8.85
N LYS E 388 -56.57 14.25 -8.04
CA LYS E 388 -57.09 15.51 -7.53
C LYS E 388 -56.77 15.61 -6.04
N PRO E 389 -55.81 16.46 -5.64
CA PRO E 389 -55.41 16.50 -4.22
C PRO E 389 -56.58 16.83 -3.31
N THR E 390 -56.59 16.17 -2.15
CA THR E 390 -57.68 16.30 -1.19
C THR E 390 -57.64 17.66 -0.50
N PRO E 391 -58.77 18.12 0.03
CA PRO E 391 -58.75 19.38 0.80
C PRO E 391 -57.87 19.32 2.04
N ASP E 392 -57.59 18.13 2.56
CA ASP E 392 -56.67 18.02 3.68
C ASP E 392 -55.26 18.44 3.28
N MET E 393 -54.85 18.14 2.05
CA MET E 393 -53.58 18.63 1.55
C MET E 393 -53.56 20.16 1.46
N MET E 394 -54.69 20.75 1.04
CA MET E 394 -54.81 22.20 1.05
C MET E 394 -54.68 22.76 2.46
N GLN E 395 -55.31 22.09 3.44
CA GLN E 395 -55.19 22.55 4.82
C GLN E 395 -53.75 22.45 5.33
N TYR E 396 -53.06 21.36 4.98
CA TYR E 396 -51.67 21.22 5.38
C TYR E 396 -50.80 22.31 4.75
N ALA E 397 -51.03 22.60 3.47
CA ALA E 397 -50.28 23.67 2.81
C ALA E 397 -50.58 25.02 3.45
N LYS E 398 -51.85 25.28 3.77
CA LYS E 398 -52.22 26.52 4.42
C LYS E 398 -51.53 26.67 5.77
N ARG E 399 -51.51 25.59 6.56
CA ARG E 399 -50.83 25.62 7.85
C ARG E 399 -49.32 25.81 7.69
N ALA E 400 -48.74 25.29 6.61
CA ALA E 400 -47.31 25.38 6.40
C ALA E 400 -46.88 26.66 5.68
N VAL E 401 -47.82 27.46 5.19
CA VAL E 401 -47.48 28.67 4.45
C VAL E 401 -47.98 29.91 5.20
N MET E 402 -49.02 29.74 6.01
CA MET E 402 -49.54 30.87 6.77
C MET E 402 -48.53 31.33 7.83
N SER E 403 -48.75 32.53 8.34
CA SER E 403 -47.89 33.18 9.33
C SER E 403 -46.49 33.46 8.79
N LEU E 404 -46.32 33.47 7.48
CA LEU E 404 -45.02 33.75 6.86
C LEU E 404 -44.94 35.23 6.49
N GLN E 405 -44.80 36.06 7.52
CA GLN E 405 -44.72 37.50 7.33
C GLN E 405 -43.39 37.90 6.72
N GLY E 406 -43.38 39.04 6.05
CA GLY E 406 -42.16 39.57 5.45
C GLY E 406 -41.62 38.74 4.30
N LEU E 407 -42.48 38.31 3.38
CA LEU E 407 -42.03 37.53 2.24
C LEU E 407 -41.23 38.41 1.28
N ARG E 408 -40.58 37.74 0.32
CA ARG E 408 -39.75 38.38 -0.68
C ARG E 408 -40.37 38.22 -2.05
N GLU E 409 -40.33 39.29 -2.84
CA GLU E 409 -40.96 39.29 -4.15
C GLU E 409 -40.27 38.30 -5.09
N LYS E 410 -41.08 37.66 -5.95
CA LYS E 410 -40.60 36.78 -7.01
C LYS E 410 -40.00 35.50 -6.43
N THR E 411 -40.07 35.34 -5.11
CA THR E 411 -39.49 34.17 -4.47
C THR E 411 -40.55 33.09 -4.27
N ILE E 412 -40.10 31.95 -3.71
CA ILE E 412 -40.99 30.80 -3.54
C ILE E 412 -42.07 31.10 -2.51
N GLY E 413 -41.71 31.82 -1.44
CA GLY E 413 -42.69 32.09 -0.39
C GLY E 413 -43.88 32.87 -0.88
N LYS E 414 -43.63 33.91 -1.71
CA LYS E 414 -44.73 34.71 -2.24
C LYS E 414 -45.64 33.88 -3.12
N TYR E 415 -45.06 33.04 -3.99
CA TYR E 415 -45.89 32.19 -4.84
C TYR E 415 -46.70 31.19 -4.03
N ALA E 416 -46.09 30.61 -2.99
CA ALA E 416 -46.82 29.67 -2.14
C ALA E 416 -47.96 30.35 -1.42
N LYS E 417 -47.74 31.57 -0.92
CA LYS E 417 -48.81 32.29 -0.23
C LYS E 417 -49.90 32.72 -1.21
N SER E 418 -49.55 32.96 -2.47
CA SER E 418 -50.56 33.33 -3.45
C SER E 418 -51.31 32.12 -3.99
N GLU E 419 -50.70 30.93 -3.93
CA GLU E 419 -51.27 29.72 -4.52
C GLU E 419 -51.93 28.81 -3.48
N PHE E 420 -51.18 28.40 -2.47
CA PHE E 420 -51.67 27.46 -1.47
C PHE E 420 -52.36 28.13 -0.30
N ASP E 421 -52.80 29.38 -0.46
CA ASP E 421 -53.50 30.13 0.58
C ASP E 421 -54.69 30.86 -0.03
N LYS E 422 -55.44 30.17 -0.88
CA LYS E 422 -56.61 30.75 -1.53
C LYS E 422 -57.66 31.17 -0.51
N MET F 1 -22.54 1.76 -2.90
CA MET F 1 -23.92 2.23 -2.86
C MET F 1 -24.80 1.20 -2.15
N SER F 2 -25.70 1.67 -1.30
CA SER F 2 -26.55 0.75 -0.53
C SER F 2 -27.45 -0.05 -1.46
N VAL F 3 -28.20 0.63 -2.32
CA VAL F 3 -29.05 -0.03 -3.31
C VAL F 3 -28.92 0.69 -4.65
N THR F 4 -29.69 0.26 -5.65
CA THR F 4 -29.59 0.81 -6.99
C THR F 4 -30.91 1.46 -7.39
N VAL F 5 -30.83 2.49 -8.23
CA VAL F 5 -31.98 3.21 -8.73
C VAL F 5 -31.96 3.14 -10.25
N LYS F 6 -33.11 2.81 -10.85
CA LYS F 6 -33.24 2.65 -12.28
C LYS F 6 -34.10 3.77 -12.86
N ARG F 7 -33.61 4.40 -13.93
CA ARG F 7 -34.41 5.31 -14.73
C ARG F 7 -35.31 4.48 -15.64
N ILE F 8 -36.60 4.44 -15.32
CA ILE F 8 -37.50 3.60 -16.11
C ILE F 8 -38.06 4.39 -17.29
N ILE F 9 -37.21 4.60 -18.30
CA ILE F 9 -37.63 4.84 -19.67
C ILE F 9 -36.77 3.90 -20.51
N ASP F 10 -35.59 3.58 -19.99
CA ASP F 10 -34.70 2.62 -20.62
C ASP F 10 -33.97 1.73 -19.61
N ASN F 11 -34.31 1.80 -18.32
CA ASN F 11 -33.67 1.00 -17.26
C ASN F 11 -32.17 1.30 -17.17
N THR F 12 -31.86 2.55 -16.81
CA THR F 12 -30.48 2.98 -16.58
C THR F 12 -30.31 3.46 -15.15
N VAL F 13 -29.10 3.30 -14.63
CA VAL F 13 -28.77 3.64 -13.25
C VAL F 13 -28.30 5.09 -13.18
N ILE F 14 -28.54 5.72 -12.03
CA ILE F 14 -28.14 7.12 -11.84
C ILE F 14 -27.29 7.35 -10.61
N VAL F 15 -27.22 6.40 -9.66
CA VAL F 15 -26.43 6.46 -8.44
C VAL F 15 -26.43 7.85 -7.80
N PRO F 16 -27.55 8.28 -7.21
CA PRO F 16 -27.60 9.61 -6.60
C PRO F 16 -26.63 9.75 -5.44
N LYS F 17 -26.14 10.96 -5.24
CA LYS F 17 -25.18 11.24 -4.17
C LYS F 17 -25.35 12.68 -3.70
N LEU F 18 -25.12 12.88 -2.40
CA LEU F 18 -25.24 14.21 -1.81
C LEU F 18 -24.13 15.14 -2.30
N PRO F 19 -24.41 16.44 -2.35
CA PRO F 19 -23.34 17.42 -2.62
C PRO F 19 -22.44 17.58 -1.40
N ALA F 20 -21.30 18.22 -1.65
CA ALA F 20 -20.32 18.47 -0.58
C ALA F 20 -20.55 19.86 0.02
N ASN F 21 -21.80 20.09 0.45
CA ASN F 21 -22.13 21.35 1.12
C ASN F 21 -21.39 21.48 2.43
N GLU F 22 -21.29 20.40 3.19
CA GLU F 22 -20.57 20.39 4.46
C GLU F 22 -19.45 19.36 4.40
N ASP F 23 -18.34 19.66 5.09
CA ASP F 23 -17.18 18.79 5.04
C ASP F 23 -17.50 17.43 5.66
N PRO F 24 -16.93 16.35 5.12
CA PRO F 24 -17.18 15.03 5.69
C PRO F 24 -16.50 14.88 7.05
N VAL F 25 -17.00 13.90 7.82
CA VAL F 25 -16.45 13.67 9.14
C VAL F 25 -15.03 13.13 9.05
N GLU F 26 -14.23 13.45 10.07
CA GLU F 26 -12.86 12.97 10.17
C GLU F 26 -12.64 12.42 11.56
N TYR F 27 -12.02 11.25 11.65
CA TYR F 27 -11.88 10.59 12.93
C TYR F 27 -10.43 10.65 13.42
N PRO F 28 -10.22 10.74 14.73
CA PRO F 28 -8.85 10.81 15.25
C PRO F 28 -8.02 9.59 14.93
N ALA F 29 -8.66 8.42 14.79
CA ALA F 29 -7.92 7.21 14.45
C ALA F 29 -7.24 7.34 13.10
N ASP F 30 -7.93 7.94 12.13
CA ASP F 30 -7.31 8.16 10.82
C ASP F 30 -6.12 9.09 10.92
N TYR F 31 -6.25 10.16 11.71
CA TYR F 31 -5.13 11.09 11.87
C TYR F 31 -3.93 10.41 12.51
N PHE F 32 -4.16 9.59 13.53
CA PHE F 32 -3.04 8.93 14.19
C PHE F 32 -2.49 7.77 13.39
N ARG F 33 -3.26 7.23 12.44
CA ARG F 33 -2.68 6.31 11.47
C ARG F 33 -1.80 7.06 10.46
N LYS F 34 -2.22 8.26 10.08
CA LYS F 34 -1.43 9.06 9.14
C LYS F 34 -0.11 9.50 9.77
N SER F 35 -0.18 10.08 10.97
CA SER F 35 0.99 10.54 11.69
C SER F 35 0.96 10.03 13.13
N LYS F 36 2.14 9.76 13.68
CA LYS F 36 2.27 9.16 15.00
C LYS F 36 2.58 10.17 16.09
N GLU F 37 2.29 11.45 15.86
CA GLU F 37 2.59 12.49 16.84
C GLU F 37 1.69 13.69 16.58
N ILE F 38 1.62 14.57 17.57
CA ILE F 38 0.87 15.82 17.45
C ILE F 38 1.87 16.97 17.43
N PRO F 39 2.15 17.56 16.27
CA PRO F 39 3.16 18.62 16.20
C PRO F 39 2.66 19.89 16.88
N LEU F 40 3.55 20.52 17.67
CA LEU F 40 3.28 21.80 18.31
C LEU F 40 4.38 22.75 17.91
N TYR F 41 4.05 23.72 17.04
CA TYR F 41 5.04 24.65 16.52
C TYR F 41 5.11 25.89 17.39
N ILE F 42 6.29 26.15 17.96
CA ILE F 42 6.52 27.30 18.83
C ILE F 42 7.89 27.88 18.50
N ASN F 43 8.08 29.14 18.89
CA ASN F 43 9.33 29.87 18.67
C ASN F 43 10.00 30.05 20.03
N THR F 44 10.95 29.17 20.34
CA THR F 44 11.59 29.13 21.65
C THR F 44 12.94 29.86 21.67
N THR F 45 13.19 30.75 20.73
CA THR F 45 14.45 31.48 20.69
C THR F 45 14.37 32.79 21.46
N LYS F 46 13.90 32.71 22.70
CA LYS F 46 13.80 33.86 23.58
C LYS F 46 13.84 33.38 25.03
N SER F 47 14.36 34.21 25.91
CA SER F 47 14.41 33.85 27.33
C SER F 47 13.02 33.92 27.95
N LEU F 48 12.86 33.19 29.05
CA LEU F 48 11.56 33.13 29.71
C LEU F 48 11.16 34.49 30.27
N SER F 49 12.09 35.21 30.89
CA SER F 49 11.77 36.52 31.45
C SER F 49 11.37 37.51 30.36
N ASP F 50 12.09 37.50 29.24
CA ASP F 50 11.76 38.41 28.15
C ASP F 50 10.38 38.09 27.57
N LEU F 51 10.08 36.80 27.42
CA LEU F 51 8.76 36.40 26.93
C LEU F 51 7.66 36.80 27.91
N ARG F 52 7.91 36.65 29.20
CA ARG F 52 6.94 37.07 30.21
C ARG F 52 6.70 38.57 30.14
N GLY F 53 7.76 39.35 29.97
CA GLY F 53 7.59 40.79 29.78
C GLY F 53 6.80 41.10 28.54
N TYR F 54 7.09 40.40 27.44
CA TYR F 54 6.34 40.57 26.20
C TYR F 54 4.85 40.37 26.43
N VAL F 55 4.48 39.22 27.03
CA VAL F 55 3.08 38.90 27.17
C VAL F 55 2.39 39.84 28.17
N TYR F 56 3.10 40.21 29.24
CA TYR F 56 2.51 41.12 30.23
C TYR F 56 2.22 42.48 29.62
N GLN F 57 3.20 43.05 28.92
CA GLN F 57 3.00 44.38 28.36
C GLN F 57 2.05 44.35 27.16
N GLY F 58 1.99 43.23 26.44
CA GLY F 58 1.00 43.10 25.38
C GLY F 58 -0.42 43.02 25.92
N LEU F 59 -0.61 42.27 27.01
CA LEU F 59 -1.92 42.20 27.63
C LEU F 59 -2.33 43.54 28.21
N LYS F 60 -1.39 44.25 28.84
CA LYS F 60 -1.71 45.56 29.39
C LYS F 60 -1.99 46.58 28.29
N SER F 61 -1.30 46.48 27.16
CA SER F 61 -1.52 47.37 26.03
C SER F 61 -2.53 46.82 25.03
N GLY F 62 -2.98 45.59 25.21
CA GLY F 62 -3.97 45.02 24.31
C GLY F 62 -3.46 44.71 22.93
N ASN F 63 -2.15 44.53 22.75
CA ASN F 63 -1.56 44.26 21.45
C ASN F 63 -0.54 43.14 21.55
N VAL F 64 -0.93 42.05 22.23
CA VAL F 64 -0.03 40.90 22.40
C VAL F 64 -0.17 39.99 21.18
N SER F 65 0.94 39.36 20.80
CA SER F 65 0.99 38.47 19.65
C SER F 65 0.78 37.03 20.07
N ILE F 66 0.15 36.25 19.19
CA ILE F 66 -0.14 34.85 19.50
C ILE F 66 1.14 34.03 19.60
N ILE F 67 2.14 34.35 18.78
CA ILE F 67 3.41 33.63 18.84
C ILE F 67 4.08 33.83 20.20
N HIS F 68 4.10 35.08 20.67
CA HIS F 68 4.71 35.37 21.97
C HIS F 68 3.98 34.66 23.10
N VAL F 69 2.64 34.67 23.08
CA VAL F 69 1.90 34.04 24.15
C VAL F 69 2.07 32.52 24.11
N ASN F 70 2.13 31.94 22.92
CA ASN F 70 2.36 30.49 22.81
C ASN F 70 3.73 30.12 23.35
N SER F 71 4.76 30.86 22.95
CA SER F 71 6.11 30.57 23.41
C SER F 71 6.22 30.75 24.93
N TYR F 72 5.62 31.79 25.47
CA TYR F 72 5.66 32.00 26.91
C TYR F 72 4.89 30.90 27.65
N LEU F 73 3.75 30.48 27.11
CA LEU F 73 2.98 29.40 27.73
C LEU F 73 3.78 28.12 27.76
N TYR F 74 4.52 27.83 26.68
CA TYR F 74 5.41 26.68 26.71
C TYR F 74 6.51 26.86 27.76
N GLY F 75 7.10 28.05 27.82
CA GLY F 75 8.20 28.28 28.74
C GLY F 75 7.83 28.20 30.21
N ALA F 76 6.62 28.65 30.55
CA ALA F 76 6.19 28.68 31.95
C ALA F 76 5.45 27.43 32.40
N LEU F 77 5.24 26.47 31.50
CA LEU F 77 4.52 25.25 31.82
C LEU F 77 5.38 24.02 31.56
N LYS F 78 6.68 24.13 31.81
CA LYS F 78 7.59 22.99 31.72
C LYS F 78 7.75 22.32 33.08
N ASP F 79 6.61 21.92 33.65
CA ASP F 79 6.58 21.23 34.93
C ASP F 79 6.56 19.74 34.67
N ILE F 80 7.76 19.14 34.68
CA ILE F 80 7.94 17.71 34.47
C ILE F 80 7.36 16.96 35.66
N ARG F 81 7.07 17.67 36.74
CA ARG F 81 6.50 17.07 37.91
C ARG F 81 5.12 16.47 37.59
N GLY F 82 4.68 15.57 38.46
CA GLY F 82 3.48 14.80 38.21
C GLY F 82 3.80 13.38 37.82
N LYS F 83 3.68 12.46 38.76
CA LYS F 83 4.12 11.08 38.58
C LYS F 83 2.91 10.21 38.24
N LEU F 84 2.99 9.53 37.10
CA LEU F 84 1.98 8.56 36.73
C LEU F 84 2.03 7.35 37.65
N ASP F 85 0.87 6.75 37.89
CA ASP F 85 0.77 5.50 38.61
C ASP F 85 0.41 4.31 37.72
N LYS F 86 -0.42 4.53 36.70
CA LYS F 86 -0.74 3.52 35.72
C LYS F 86 -0.23 3.95 34.34
N ASP F 87 -0.28 3.00 33.40
CA ASP F 87 0.07 3.31 32.02
C ASP F 87 -0.94 4.28 31.42
N TRP F 88 -0.43 5.16 30.55
CA TRP F 88 -1.25 6.19 29.92
C TRP F 88 -1.20 6.06 28.41
N SER F 89 -1.21 4.83 27.92
CA SER F 89 -1.25 4.59 26.48
C SER F 89 -2.61 4.95 25.92
N SER F 90 -2.60 5.60 24.75
CA SER F 90 -3.84 6.02 24.09
C SER F 90 -3.59 6.18 22.60
N PHE F 91 -4.46 5.59 21.79
CA PHE F 91 -4.41 5.70 20.34
C PHE F 91 -3.05 5.27 19.79
N GLY F 92 -2.50 4.20 20.37
CA GLY F 92 -1.21 3.69 19.93
C GLY F 92 -0.05 4.62 20.17
N ILE F 93 -0.07 5.37 21.27
CA ILE F 93 1.01 6.29 21.62
C ILE F 93 1.37 6.04 23.08
N ASN F 94 2.65 5.77 23.34
CA ASN F 94 3.14 5.49 24.69
C ASN F 94 3.46 6.82 25.39
N ILE F 95 2.44 7.36 26.06
CA ILE F 95 2.61 8.63 26.76
C ILE F 95 3.52 8.45 27.97
N GLY F 96 3.30 7.39 28.74
CA GLY F 96 4.14 7.12 29.89
C GLY F 96 4.00 5.69 30.35
N LYS F 97 4.87 5.30 31.30
CA LYS F 97 4.86 3.95 31.86
C LYS F 97 4.83 4.03 33.39
N ALA F 98 3.64 4.22 33.95
CA ALA F 98 3.28 3.85 35.32
C ALA F 98 4.41 4.08 36.32
N GLY F 99 4.84 5.33 36.43
CA GLY F 99 5.83 5.66 37.44
C GLY F 99 6.86 6.71 37.05
N ASP F 100 7.02 6.95 35.76
CA ASP F 100 7.95 7.96 35.28
C ASP F 100 7.30 9.33 35.32
N THR F 101 8.02 10.32 35.85
CA THR F 101 7.51 11.67 35.89
C THR F 101 7.32 12.21 34.48
N ILE F 102 6.22 12.94 34.27
CA ILE F 102 5.83 13.39 32.94
C ILE F 102 5.42 14.86 33.01
N GLY F 103 5.78 15.60 31.97
CA GLY F 103 5.41 17.00 31.86
C GLY F 103 4.15 17.20 31.03
N ILE F 104 3.74 18.47 30.95
CA ILE F 104 2.55 18.82 30.17
C ILE F 104 2.79 18.55 28.68
N PHE F 105 3.94 18.96 28.18
CA PHE F 105 4.23 18.89 26.75
C PHE F 105 4.91 17.60 26.33
N ASP F 106 5.06 16.64 27.24
CA ASP F 106 5.57 15.32 26.87
C ASP F 106 4.56 14.49 26.09
N LEU F 107 3.31 14.93 26.04
CA LEU F 107 2.24 14.22 25.35
C LEU F 107 1.92 14.81 23.98
N VAL F 108 2.63 15.85 23.56
CA VAL F 108 2.53 16.40 22.22
C VAL F 108 3.93 16.60 21.66
N SER F 109 4.12 16.27 20.38
CA SER F 109 5.40 16.50 19.74
C SER F 109 5.68 18.00 19.62
N LEU F 110 6.94 18.37 19.81
CA LEU F 110 7.36 19.76 19.80
C LEU F 110 8.28 20.00 18.60
N LYS F 111 7.97 21.02 17.83
CA LYS F 111 8.77 21.43 16.68
C LYS F 111 9.17 22.90 16.85
N ALA F 112 9.81 23.45 15.82
CA ALA F 112 10.25 24.83 15.81
C ALA F 112 9.42 25.60 14.79
N LEU F 113 8.76 26.66 15.25
CA LEU F 113 7.94 27.47 14.36
C LEU F 113 8.81 28.22 13.37
N ASP F 114 8.38 28.23 12.11
CA ASP F 114 9.09 28.91 11.02
C ASP F 114 8.33 30.19 10.69
N GLY F 115 8.90 31.33 11.10
CA GLY F 115 8.26 32.60 10.84
C GLY F 115 9.06 33.72 11.47
N VAL F 116 8.52 34.93 11.35
CA VAL F 116 9.16 36.13 11.89
C VAL F 116 8.60 36.40 13.28
N LEU F 117 9.48 36.65 14.23
CA LEU F 117 9.06 36.92 15.60
C LEU F 117 8.75 38.40 15.76
N PRO F 118 7.57 38.77 16.26
CA PRO F 118 7.27 40.19 16.46
C PRO F 118 8.22 40.83 17.48
N ASP F 119 8.37 42.15 17.35
CA ASP F 119 9.31 42.91 18.17
C ASP F 119 9.02 42.77 19.66
N GLY F 120 7.85 43.24 20.09
CA GLY F 120 7.44 43.11 21.47
C GLY F 120 7.56 44.40 22.25
N VAL F 121 7.09 44.34 23.50
CA VAL F 121 7.02 45.50 24.39
C VAL F 121 7.84 45.18 25.64
N SER F 122 8.94 44.46 25.46
CA SER F 122 9.76 43.89 26.53
C SER F 122 9.88 44.76 27.77
N ASP F 123 9.64 44.15 28.94
CA ASP F 123 9.77 44.82 30.23
C ASP F 123 10.71 43.99 31.10
N ALA F 124 11.38 44.69 32.03
CA ALA F 124 12.32 44.04 32.93
C ALA F 124 11.93 44.14 34.40
N SER F 125 10.86 44.85 34.74
CA SER F 125 10.45 45.00 36.13
C SER F 125 9.58 43.85 36.62
N ARG F 126 9.22 42.91 35.76
CA ARG F 126 8.41 41.76 36.14
C ARG F 126 9.33 40.67 36.71
N THR F 127 9.07 40.28 37.96
CA THR F 127 9.87 39.28 38.63
C THR F 127 9.41 37.87 38.22
N SER F 128 9.93 36.85 38.90
CA SER F 128 9.60 35.46 38.58
C SER F 128 8.35 35.02 39.35
N ALA F 129 7.26 35.77 39.14
CA ALA F 129 5.96 35.45 39.70
C ALA F 129 4.98 35.11 38.58
N ASP F 130 5.45 34.38 37.57
CA ASP F 130 4.67 34.09 36.38
C ASP F 130 3.80 32.84 36.55
N ASP F 131 4.42 31.71 36.89
CA ASP F 131 3.71 30.43 36.92
C ASP F 131 2.55 30.43 37.89
N LYS F 132 2.54 31.35 38.86
CA LYS F 132 1.46 31.38 39.84
C LYS F 132 0.12 31.69 39.19
N TRP F 133 0.06 32.75 38.38
CA TRP F 133 -1.22 33.18 37.84
C TRP F 133 -1.26 33.53 36.37
N LEU F 134 -0.12 33.76 35.71
CA LEU F 134 -0.19 34.28 34.34
C LEU F 134 -0.63 33.22 33.34
N PRO F 135 -0.08 31.99 33.37
CA PRO F 135 -0.64 30.94 32.50
C PRO F 135 -2.12 30.67 32.77
N LEU F 136 -2.54 30.75 34.04
CA LEU F 136 -3.94 30.55 34.36
C LEU F 136 -4.81 31.62 33.68
N TYR F 137 -4.39 32.88 33.75
CA TYR F 137 -5.14 33.95 33.11
C TYR F 137 -5.15 33.79 31.60
N LEU F 138 -3.99 33.43 31.01
CA LEU F 138 -3.93 33.26 29.57
C LEU F 138 -4.81 32.12 29.08
N LEU F 139 -4.88 31.02 29.82
CA LEU F 139 -5.77 29.92 29.47
C LEU F 139 -7.23 30.28 29.71
N GLY F 140 -7.52 31.05 30.77
CA GLY F 140 -8.88 31.48 31.01
C GLY F 140 -9.41 32.39 29.92
N LEU F 141 -8.54 33.21 29.33
CA LEU F 141 -8.96 34.03 28.19
C LEU F 141 -9.44 33.19 27.03
N TYR F 142 -8.88 31.99 26.85
CA TYR F 142 -9.32 31.12 25.76
C TYR F 142 -10.78 30.73 25.93
N ARG F 143 -11.17 30.34 27.14
CA ARG F 143 -12.57 30.01 27.40
C ARG F 143 -13.46 31.23 27.39
N VAL F 144 -12.95 32.38 27.86
CA VAL F 144 -13.74 33.60 27.89
C VAL F 144 -14.08 34.04 26.47
N GLY F 145 -13.11 33.97 25.57
CA GLY F 145 -13.30 34.41 24.20
C GLY F 145 -13.99 33.40 23.30
N ARG F 146 -14.96 32.67 23.86
CA ARG F 146 -15.78 31.77 23.07
C ARG F 146 -17.27 31.92 23.34
N THR F 147 -17.66 32.72 24.34
CA THR F 147 -19.07 32.87 24.67
C THR F 147 -19.79 33.73 23.65
N GLN F 148 -19.17 34.83 23.22
CA GLN F 148 -19.76 35.79 22.30
C GLN F 148 -21.06 36.37 22.84
N MET F 149 -21.16 36.49 24.17
CA MET F 149 -22.33 37.06 24.83
C MET F 149 -21.88 37.88 26.03
N PRO F 150 -22.23 39.16 26.10
CA PRO F 150 -21.68 40.04 27.15
C PRO F 150 -21.90 39.54 28.56
N GLU F 151 -23.07 39.01 28.88
CA GLU F 151 -23.36 38.60 30.25
C GLU F 151 -22.50 37.40 30.65
N TYR F 152 -22.51 36.35 29.82
CA TYR F 152 -21.73 35.16 30.14
C TYR F 152 -20.23 35.46 30.09
N ARG F 153 -19.81 36.31 29.15
CA ARG F 153 -18.40 36.69 29.08
C ARG F 153 -17.97 37.44 30.34
N LYS F 154 -18.81 38.35 30.82
CA LYS F 154 -18.49 39.08 32.04
C LYS F 154 -18.45 38.15 33.25
N LYS F 155 -19.39 37.20 33.32
CA LYS F 155 -19.38 36.25 34.42
C LYS F 155 -18.12 35.39 34.40
N LEU F 156 -17.73 34.93 33.21
CA LEU F 156 -16.52 34.12 33.09
C LEU F 156 -15.27 34.93 33.45
N MET F 157 -15.23 36.20 33.03
CA MET F 157 -14.10 37.05 33.38
C MET F 157 -14.02 37.27 34.88
N ASP F 158 -15.16 37.47 35.53
CA ASP F 158 -15.18 37.62 36.99
C ASP F 158 -14.70 36.35 37.68
N GLY F 159 -15.15 35.20 37.19
CA GLY F 159 -14.67 33.94 37.76
C GLY F 159 -13.18 33.74 37.57
N LEU F 160 -12.67 34.09 36.40
CA LEU F 160 -11.24 33.99 36.15
C LEU F 160 -10.45 34.92 37.06
N THR F 161 -10.95 36.15 37.25
CA THR F 161 -10.29 37.08 38.15
C THR F 161 -10.27 36.56 39.58
N ASN F 162 -11.39 35.98 40.03
CA ASN F 162 -11.43 35.40 41.37
C ASN F 162 -10.43 34.25 41.49
N GLN F 163 -10.38 33.38 40.48
CA GLN F 163 -9.45 32.25 40.52
C GLN F 163 -8.00 32.73 40.55
N CYS F 164 -7.69 33.79 39.81
CA CYS F 164 -6.34 34.32 39.82
C CYS F 164 -5.99 34.98 41.14
N LYS F 165 -6.93 35.73 41.72
CA LYS F 165 -6.70 36.32 43.03
C LYS F 165 -6.59 35.26 44.11
N MET F 166 -7.11 34.06 43.85
CA MET F 166 -6.94 32.97 44.81
C MET F 166 -5.47 32.64 45.03
N ILE F 167 -4.62 32.85 44.02
CA ILE F 167 -3.22 32.50 44.10
C ILE F 167 -2.32 33.72 44.20
N ASN F 168 -2.69 34.84 43.58
CA ASN F 168 -1.87 36.04 43.55
C ASN F 168 -2.37 37.16 44.43
N GLU F 169 -3.69 37.30 44.54
CA GLU F 169 -4.43 38.18 45.46
C GLU F 169 -4.13 39.66 45.26
N GLN F 170 -3.23 40.01 44.34
CA GLN F 170 -3.13 41.41 43.94
C GLN F 170 -3.88 41.64 42.63
N PHE F 171 -3.40 41.00 41.56
CA PHE F 171 -4.10 40.84 40.28
C PHE F 171 -4.92 42.05 39.85
N GLU F 172 -4.27 43.16 39.55
CA GLU F 172 -4.93 44.19 38.77
C GLU F 172 -5.21 43.64 37.38
N PRO F 173 -6.43 43.78 36.86
CA PRO F 173 -6.76 43.16 35.57
C PRO F 173 -5.84 43.65 34.46
N LEU F 174 -5.45 42.73 33.58
CA LEU F 174 -4.46 43.03 32.54
C LEU F 174 -5.12 43.53 31.26
N VAL F 175 -5.99 42.71 30.66
CA VAL F 175 -6.66 43.12 29.43
C VAL F 175 -7.58 44.29 29.72
N PRO F 176 -7.59 45.35 28.89
CA PRO F 176 -8.49 46.48 29.14
C PRO F 176 -9.95 46.04 29.04
N GLU F 177 -10.83 46.96 29.46
CA GLU F 177 -12.26 46.65 29.46
C GLU F 177 -12.77 46.37 28.06
N GLY F 178 -12.35 47.16 27.08
CA GLY F 178 -12.66 46.92 25.70
C GLY F 178 -11.52 46.24 24.96
N ARG F 179 -11.61 46.27 23.63
CA ARG F 179 -10.58 45.74 22.74
C ARG F 179 -10.31 44.25 23.05
N ASP F 180 -11.34 43.45 22.78
CA ASP F 180 -11.27 42.00 22.98
C ASP F 180 -10.36 41.41 21.92
N ILE F 181 -9.11 41.16 22.28
CA ILE F 181 -8.14 40.58 21.35
C ILE F 181 -8.01 39.07 21.53
N PHE F 182 -8.45 38.54 22.68
CA PHE F 182 -8.38 37.11 22.95
C PHE F 182 -9.39 36.29 22.16
N ASP F 183 -10.31 36.94 21.44
CA ASP F 183 -11.24 36.21 20.60
C ASP F 183 -10.52 35.46 19.49
N VAL F 184 -9.49 36.09 18.90
CA VAL F 184 -8.75 35.48 17.80
C VAL F 184 -7.91 34.30 18.28
N TRP F 185 -7.60 34.23 19.58
CA TRP F 185 -6.69 33.21 20.09
C TRP F 185 -7.21 31.80 19.81
N GLY F 186 -8.53 31.62 19.83
CA GLY F 186 -9.09 30.32 19.55
C GLY F 186 -8.84 29.85 18.13
N ASN F 187 -8.68 30.79 17.19
CA ASN F 187 -8.44 30.42 15.80
C ASN F 187 -7.07 29.77 15.63
N ASP F 188 -6.07 30.23 16.38
CA ASP F 188 -4.72 29.70 16.25
C ASP F 188 -4.69 28.22 16.66
N SER F 189 -4.01 27.41 15.84
CA SER F 189 -3.97 25.98 16.10
C SER F 189 -3.05 25.64 17.27
N ASN F 190 -1.88 26.28 17.34
CA ASN F 190 -0.92 25.96 18.39
C ASN F 190 -1.45 26.31 19.77
N TYR F 191 -2.16 27.43 19.90
CA TYR F 191 -2.74 27.80 21.19
C TYR F 191 -3.78 26.77 21.64
N THR F 192 -4.61 26.31 20.70
CA THR F 192 -5.59 25.27 21.02
C THR F 192 -4.88 23.97 21.44
N LYS F 193 -3.81 23.60 20.74
CA LYS F 193 -3.06 22.41 21.12
C LYS F 193 -2.50 22.55 22.53
N ILE F 194 -1.92 23.71 22.85
CA ILE F 194 -1.35 23.92 24.17
C ILE F 194 -2.42 23.84 25.25
N VAL F 195 -3.56 24.50 25.02
CA VAL F 195 -4.60 24.55 26.04
C VAL F 195 -5.22 23.17 26.24
N ALA F 196 -5.39 22.40 25.15
CA ALA F 196 -5.93 21.05 25.28
C ALA F 196 -4.95 20.12 25.98
N ALA F 197 -3.66 20.25 25.68
CA ALA F 197 -2.66 19.44 26.36
C ALA F 197 -2.64 19.74 27.86
N VAL F 198 -2.72 21.04 28.21
CA VAL F 198 -2.76 21.41 29.61
C VAL F 198 -4.00 20.83 30.29
N ASP F 199 -5.15 20.91 29.61
CA ASP F 199 -6.38 20.38 30.18
C ASP F 199 -6.28 18.88 30.43
N MET F 200 -5.76 18.13 29.46
CA MET F 200 -5.70 16.68 29.63
C MET F 200 -4.67 16.30 30.69
N PHE F 201 -3.54 17.01 30.75
CA PHE F 201 -2.55 16.73 31.76
C PHE F 201 -3.10 16.97 33.16
N PHE F 202 -3.82 18.08 33.36
CA PHE F 202 -4.36 18.35 34.67
C PHE F 202 -5.63 17.57 34.97
N HIS F 203 -6.26 16.99 33.95
CA HIS F 203 -7.34 16.04 34.18
C HIS F 203 -6.80 14.69 34.63
N MET F 204 -5.66 14.26 34.08
CA MET F 204 -5.01 13.05 34.58
C MET F 204 -4.51 13.25 36.00
N PHE F 205 -3.90 14.41 36.28
CA PHE F 205 -3.41 14.74 37.62
C PHE F 205 -4.38 15.74 38.24
N LYS F 206 -5.45 15.19 38.84
CA LYS F 206 -6.46 16.04 39.45
C LYS F 206 -5.91 16.76 40.68
N LYS F 207 -5.11 16.06 41.49
CA LYS F 207 -4.61 16.59 42.75
C LYS F 207 -3.28 17.31 42.62
N HIS F 208 -2.93 17.77 41.42
CA HIS F 208 -1.69 18.51 41.25
C HIS F 208 -1.80 19.89 41.90
N GLU F 209 -0.64 20.42 42.29
CA GLU F 209 -0.61 21.74 42.93
C GLU F 209 -1.01 22.86 41.97
N CYS F 210 -0.90 22.63 40.67
CA CYS F 210 -1.30 23.61 39.65
C CYS F 210 -2.59 23.20 38.96
N ALA F 211 -3.45 22.45 39.65
CA ALA F 211 -4.72 22.03 39.07
C ALA F 211 -5.66 23.19 38.85
N SER F 212 -5.37 24.36 39.42
CA SER F 212 -6.21 25.53 39.19
C SER F 212 -6.16 26.00 37.75
N PHE F 213 -5.17 25.54 36.97
CA PHE F 213 -5.12 25.87 35.54
C PHE F 213 -6.26 25.22 34.78
N ARG F 214 -6.99 24.28 35.39
CA ARG F 214 -8.12 23.66 34.73
C ARG F 214 -9.20 24.68 34.39
N TYR F 215 -9.26 25.78 35.14
CA TYR F 215 -10.17 26.86 34.77
C TYR F 215 -9.72 27.49 33.46
N GLY F 216 -10.70 27.74 32.57
CA GLY F 216 -10.41 28.31 31.28
C GLY F 216 -9.98 27.33 30.22
N THR F 217 -9.68 26.09 30.58
CA THR F 217 -9.33 25.06 29.63
C THR F 217 -10.30 23.88 29.65
N ILE F 218 -11.24 23.86 30.60
CA ILE F 218 -12.22 22.79 30.67
C ILE F 218 -13.12 22.78 29.45
N VAL F 219 -13.31 23.93 28.79
CA VAL F 219 -14.10 23.98 27.57
C VAL F 219 -13.47 23.14 26.47
N SER F 220 -12.15 22.95 26.52
CA SER F 220 -11.49 22.09 25.54
C SER F 220 -11.89 20.63 25.69
N ARG F 221 -12.21 20.20 26.91
CA ARG F 221 -12.65 18.82 27.13
C ARG F 221 -13.97 18.56 26.42
N PHE F 222 -13.98 17.52 25.59
CA PHE F 222 -15.16 17.16 24.79
C PHE F 222 -15.65 18.36 23.97
N LYS F 223 -14.71 19.13 23.43
CA LYS F 223 -15.07 20.27 22.62
C LYS F 223 -15.72 19.82 21.32
N ASP F 224 -16.79 20.52 20.93
CA ASP F 224 -17.52 20.21 19.71
C ASP F 224 -18.01 18.76 19.71
N CYS F 225 -18.47 18.30 20.86
CA CYS F 225 -18.95 16.93 21.03
C CYS F 225 -20.28 16.93 21.78
N ALA F 226 -21.19 17.80 21.36
CA ALA F 226 -22.50 17.88 21.98
C ALA F 226 -23.35 16.63 21.78
N ALA F 227 -23.11 15.87 20.71
CA ALA F 227 -23.87 14.65 20.49
C ALA F 227 -23.58 13.61 21.56
N LEU F 228 -22.31 13.42 21.91
CA LEU F 228 -22.00 12.46 22.97
C LEU F 228 -22.46 12.96 24.33
N ALA F 229 -22.40 14.27 24.55
CA ALA F 229 -22.92 14.84 25.79
C ALA F 229 -24.42 14.58 25.93
N THR F 230 -25.17 14.80 24.84
CA THR F 230 -26.61 14.56 24.91
C THR F 230 -26.93 13.07 25.00
N PHE F 231 -26.12 12.21 24.39
CA PHE F 231 -26.36 10.77 24.51
C PHE F 231 -26.12 10.30 25.93
N GLY F 232 -25.04 10.77 26.57
CA GLY F 232 -24.80 10.44 27.96
C GLY F 232 -25.87 10.98 28.88
N HIS F 233 -26.32 12.22 28.61
CA HIS F 233 -27.40 12.80 29.41
C HIS F 233 -28.68 12.00 29.27
N LEU F 234 -28.98 11.54 28.05
CA LEU F 234 -30.16 10.69 27.84
C LEU F 234 -30.01 9.37 28.59
N CYS F 235 -28.84 8.75 28.50
CA CYS F 235 -28.63 7.46 29.16
C CYS F 235 -28.65 7.57 30.67
N LYS F 236 -28.31 8.75 31.22
CA LYS F 236 -28.34 8.95 32.66
C LYS F 236 -29.67 9.46 33.18
N ILE F 237 -30.47 10.11 32.34
CA ILE F 237 -31.74 10.65 32.78
C ILE F 237 -32.85 9.60 32.75
N THR F 238 -32.72 8.57 31.92
CA THR F 238 -33.72 7.52 31.85
C THR F 238 -33.39 6.33 32.74
N GLY F 239 -32.14 6.16 33.15
CA GLY F 239 -31.75 4.98 33.89
C GLY F 239 -31.56 3.78 32.99
N MET F 240 -32.15 3.85 31.81
CA MET F 240 -32.01 2.79 30.82
C MET F 240 -30.57 2.68 30.35
N SER F 241 -30.08 1.46 30.24
CA SER F 241 -28.69 1.24 29.82
C SER F 241 -28.52 1.62 28.36
N THR F 242 -27.30 2.09 28.04
CA THR F 242 -27.01 2.52 26.67
C THR F 242 -27.24 1.39 25.68
N GLU F 243 -26.86 0.17 26.05
CA GLU F 243 -27.00 -0.98 25.18
C GLU F 243 -28.47 -1.24 24.84
N ASP F 244 -29.39 -0.79 25.69
CA ASP F 244 -30.81 -0.94 25.43
C ASP F 244 -31.47 0.37 24.99
N VAL F 245 -30.88 1.52 25.33
CA VAL F 245 -31.36 2.79 24.78
C VAL F 245 -31.17 2.83 23.27
N THR F 246 -30.01 2.35 22.79
CA THR F 246 -29.70 2.51 21.37
C THR F 246 -30.71 1.78 20.48
N THR F 247 -31.46 0.82 21.03
CA THR F 247 -32.48 0.14 20.25
C THR F 247 -33.68 1.06 20.00
N TRP F 248 -33.92 2.02 20.90
CA TRP F 248 -35.11 2.86 20.84
C TRP F 248 -35.01 3.96 19.79
N ILE F 249 -33.86 4.16 19.15
CA ILE F 249 -33.73 5.23 18.17
C ILE F 249 -34.58 4.91 16.95
N LEU F 250 -35.18 5.94 16.37
CA LEU F 250 -36.12 5.79 15.27
C LEU F 250 -35.91 6.86 14.20
N ASN F 251 -36.86 7.00 13.28
CA ASN F 251 -36.89 8.02 12.23
C ASN F 251 -35.85 7.75 11.14
N ARG F 252 -35.01 6.74 11.34
CA ARG F 252 -34.09 6.21 10.33
C ARG F 252 -32.98 7.18 9.95
N GLU F 253 -33.01 8.41 10.46
CA GLU F 253 -31.91 9.33 10.26
C GLU F 253 -31.02 9.46 11.49
N VAL F 254 -31.58 9.25 12.68
CA VAL F 254 -30.77 9.08 13.88
C VAL F 254 -29.90 7.84 13.74
N ALA F 255 -30.33 6.87 12.93
CA ALA F 255 -29.59 5.63 12.75
C ALA F 255 -28.20 5.88 12.17
N ASP F 256 -28.12 6.67 11.10
CA ASP F 256 -26.83 6.92 10.47
C ASP F 256 -25.90 7.70 11.40
N GLU F 257 -26.44 8.70 12.10
CA GLU F 257 -25.63 9.45 13.04
C GLU F 257 -25.12 8.56 14.17
N MET F 258 -25.97 7.67 14.68
CA MET F 258 -25.55 6.73 15.71
C MET F 258 -24.49 5.77 15.21
N VAL F 259 -24.62 5.30 13.96
CA VAL F 259 -23.67 4.34 13.43
C VAL F 259 -22.31 5.00 13.21
N GLN F 260 -22.29 6.19 12.60
CA GLN F 260 -21.02 6.89 12.45
C GLN F 260 -20.49 7.39 13.78
N MET F 261 -21.36 7.42 14.80
CA MET F 261 -20.94 7.86 16.12
C MET F 261 -20.13 6.79 16.84
N MET F 262 -20.49 5.51 16.66
CA MET F 262 -19.95 4.42 17.47
C MET F 262 -19.04 3.49 16.67
N LEU F 263 -18.18 3.99 15.79
CA LEU F 263 -17.19 3.12 15.18
C LEU F 263 -16.21 2.65 16.25
N PRO F 264 -15.78 1.39 16.21
CA PRO F 264 -15.02 0.82 17.34
C PRO F 264 -13.73 1.55 17.68
N GLY F 265 -12.89 1.79 16.68
CA GLY F 265 -11.55 2.29 16.93
C GLY F 265 -11.45 3.75 17.32
N GLN F 266 -12.26 4.18 18.29
CA GLN F 266 -12.22 5.54 18.80
C GLN F 266 -12.05 5.62 20.31
N GLU F 267 -12.33 4.54 21.03
CA GLU F 267 -12.27 4.46 22.50
C GLU F 267 -12.88 5.70 23.15
N ILE F 268 -14.06 6.07 22.66
CA ILE F 268 -14.79 7.22 23.19
C ILE F 268 -15.21 7.04 24.63
N ASP F 269 -15.07 5.83 25.18
CA ASP F 269 -15.39 5.57 26.58
C ASP F 269 -14.16 5.65 27.49
N LYS F 270 -13.01 6.05 26.95
CA LYS F 270 -11.78 6.17 27.72
C LYS F 270 -11.56 7.64 28.08
N ALA F 271 -11.49 7.92 29.38
CA ALA F 271 -11.36 9.31 29.83
C ALA F 271 -9.98 9.86 29.50
N ASP F 272 -8.92 9.11 29.81
CA ASP F 272 -7.55 9.57 29.60
C ASP F 272 -7.07 9.26 28.18
N SER F 273 -7.83 9.73 27.19
CA SER F 273 -7.52 9.49 25.79
C SER F 273 -7.50 10.83 25.04
N TYR F 274 -7.11 10.77 23.77
CA TYR F 274 -7.07 11.94 22.91
C TYR F 274 -8.42 12.26 22.28
N MET F 275 -9.43 11.42 22.51
CA MET F 275 -10.74 11.63 21.89
C MET F 275 -11.38 12.95 22.31
N PRO F 276 -11.42 13.34 23.58
CA PRO F 276 -12.11 14.60 23.93
C PRO F 276 -11.53 15.83 23.25
N TYR F 277 -10.26 15.80 22.86
CA TYR F 277 -9.60 16.92 22.19
C TYR F 277 -9.33 16.61 20.73
N LEU F 278 -10.27 15.94 20.07
CA LEU F 278 -10.09 15.52 18.68
C LEU F 278 -9.96 16.70 17.73
N ILE F 279 -10.42 17.89 18.13
CA ILE F 279 -10.40 19.07 17.27
C ILE F 279 -9.38 20.09 17.75
N ASP F 280 -9.18 20.22 19.06
CA ASP F 280 -8.20 21.17 19.58
C ASP F 280 -6.77 20.72 19.29
N PHE F 281 -6.51 19.42 19.42
CA PHE F 281 -5.21 18.86 19.03
C PHE F 281 -5.01 18.82 17.52
N GLY F 282 -6.05 19.10 16.74
CA GLY F 282 -5.94 19.01 15.31
C GLY F 282 -6.13 17.62 14.73
N LEU F 283 -6.54 16.65 15.55
CA LEU F 283 -6.75 15.30 15.05
C LEU F 283 -7.87 15.27 14.01
N SER F 284 -8.95 15.99 14.27
CA SER F 284 -10.10 16.03 13.36
C SER F 284 -10.45 17.49 13.07
N SER F 285 -10.39 17.86 11.79
CA SER F 285 -10.82 19.20 11.40
C SER F 285 -12.34 19.34 11.45
N LYS F 286 -13.07 18.29 11.09
CA LYS F 286 -14.52 18.26 11.19
C LYS F 286 -14.89 17.18 12.21
N SER F 287 -15.37 17.61 13.37
CA SER F 287 -15.68 16.67 14.44
C SER F 287 -16.94 15.90 14.10
N PRO F 288 -16.88 14.57 13.98
CA PRO F 288 -18.11 13.81 13.70
C PRO F 288 -19.12 13.85 14.82
N TYR F 289 -18.69 14.22 16.03
CA TYR F 289 -19.50 14.13 17.23
C TYR F 289 -20.21 15.43 17.56
N SER F 290 -20.20 16.40 16.65
CA SER F 290 -20.76 17.71 16.90
C SER F 290 -22.28 17.67 16.78
N SER F 291 -22.91 18.84 16.97
CA SER F 291 -24.35 18.99 16.89
C SER F 291 -24.82 19.35 15.48
N VAL F 292 -24.04 20.15 14.75
CA VAL F 292 -24.42 20.48 13.38
C VAL F 292 -24.31 19.26 12.48
N LYS F 293 -23.27 18.44 12.68
CA LYS F 293 -23.13 17.21 11.91
C LYS F 293 -24.10 16.13 12.36
N ASN F 294 -24.61 16.22 13.59
CA ASN F 294 -25.60 15.28 14.12
C ASN F 294 -26.77 16.06 14.67
N PRO F 295 -27.58 16.68 13.79
CA PRO F 295 -28.69 17.51 14.28
C PRO F 295 -29.88 16.68 14.75
N ALA F 296 -30.17 15.59 14.02
CA ALA F 296 -31.34 14.78 14.34
C ALA F 296 -31.18 14.10 15.70
N PHE F 297 -30.04 13.45 15.94
CA PHE F 297 -29.81 12.78 17.21
C PHE F 297 -29.79 13.77 18.36
N HIS F 298 -29.15 14.91 18.17
CA HIS F 298 -29.09 15.93 19.22
C HIS F 298 -30.49 16.43 19.57
N PHE F 299 -31.29 16.75 18.55
CA PHE F 299 -32.64 17.24 18.78
C PHE F 299 -33.49 16.19 19.49
N TRP F 300 -33.40 14.94 19.03
CA TRP F 300 -34.22 13.88 19.62
C TRP F 300 -33.83 13.66 21.08
N GLY F 301 -32.52 13.61 21.37
CA GLY F 301 -32.08 13.40 22.74
C GLY F 301 -32.49 14.54 23.66
N GLN F 302 -32.29 15.78 23.22
CA GLN F 302 -32.66 16.92 24.04
C GLN F 302 -34.16 16.97 24.28
N LEU F 303 -34.97 16.73 23.25
CA LEU F 303 -36.41 16.77 23.44
C LEU F 303 -36.86 15.66 24.38
N THR F 304 -36.31 14.45 24.23
CA THR F 304 -36.69 13.34 25.09
C THR F 304 -36.31 13.63 26.54
N ALA F 305 -35.11 14.13 26.76
CA ALA F 305 -34.70 14.46 28.13
C ALA F 305 -35.53 15.59 28.70
N LEU F 306 -35.95 16.53 27.86
CA LEU F 306 -36.82 17.62 28.33
C LEU F 306 -38.17 17.08 28.78
N LEU F 307 -38.73 16.15 28.01
CA LEU F 307 -40.01 15.56 28.41
C LEU F 307 -39.89 14.67 29.64
N LEU F 308 -38.67 14.36 30.08
CA LEU F 308 -38.43 13.62 31.30
C LEU F 308 -38.02 14.52 32.46
N ARG F 309 -38.23 15.83 32.34
CA ARG F 309 -37.97 16.80 33.41
C ARG F 309 -36.49 16.79 33.81
N SER F 310 -35.64 17.17 32.85
CA SER F 310 -34.21 17.32 33.09
C SER F 310 -33.83 18.79 33.00
N THR F 311 -33.05 19.25 33.97
CA THR F 311 -32.66 20.66 34.02
C THR F 311 -31.70 21.06 32.90
N ARG F 312 -31.04 20.09 32.27
CA ARG F 312 -30.09 20.41 31.20
C ARG F 312 -30.78 20.59 29.85
N ALA F 313 -31.77 19.75 29.54
CA ALA F 313 -32.38 19.77 28.22
C ALA F 313 -33.45 20.86 28.10
N ARG F 314 -33.09 22.10 28.46
CA ARG F 314 -33.98 23.23 28.29
C ARG F 314 -33.29 24.43 27.67
N ASN F 315 -31.98 24.37 27.46
CA ASN F 315 -31.24 25.46 26.83
C ASN F 315 -30.47 25.05 25.59
N ALA F 316 -30.46 23.76 25.24
CA ALA F 316 -29.78 23.32 24.03
C ALA F 316 -30.45 23.92 22.80
N ARG F 317 -29.63 24.45 21.88
CA ARG F 317 -30.17 25.10 20.69
C ARG F 317 -30.80 24.07 19.77
N GLN F 318 -32.02 24.34 19.32
CA GLN F 318 -32.71 23.46 18.40
C GLN F 318 -32.06 23.54 17.02
N PRO F 319 -31.65 22.43 16.43
CA PRO F 319 -31.02 22.47 15.11
C PRO F 319 -31.99 22.94 14.04
N ASP F 320 -31.44 23.21 12.86
CA ASP F 320 -32.21 23.74 11.74
C ASP F 320 -32.12 22.79 10.55
N ASP F 321 -33.13 22.87 9.67
CA ASP F 321 -33.19 22.09 8.44
C ASP F 321 -33.20 20.59 8.72
N ILE F 322 -34.14 20.19 9.59
CA ILE F 322 -34.36 18.79 9.89
C ILE F 322 -35.87 18.57 10.08
N GLU F 323 -36.31 17.35 9.79
CA GLU F 323 -37.72 17.00 9.99
C GLU F 323 -38.02 16.94 11.48
N TYR F 324 -38.97 17.75 11.93
CA TYR F 324 -39.25 17.84 13.35
C TYR F 324 -40.42 16.95 13.79
N THR F 325 -41.34 16.64 12.88
CA THR F 325 -42.54 15.92 13.28
C THR F 325 -42.23 14.50 13.73
N SER F 326 -41.48 13.76 12.91
CA SER F 326 -41.15 12.37 13.26
C SER F 326 -40.30 12.30 14.52
N LEU F 327 -39.32 13.20 14.63
CA LEU F 327 -38.46 13.21 15.80
C LEU F 327 -39.25 13.55 17.06
N THR F 328 -40.16 14.51 16.96
CA THR F 328 -41.00 14.83 18.12
C THR F 328 -41.88 13.66 18.51
N THR F 329 -42.45 12.96 17.52
CA THR F 329 -43.29 11.80 17.83
C THR F 329 -42.48 10.71 18.52
N ALA F 330 -41.29 10.41 18.00
CA ALA F 330 -40.46 9.37 18.59
C ALA F 330 -40.01 9.77 20.00
N GLY F 331 -39.61 11.02 20.19
CA GLY F 331 -39.21 11.47 21.52
C GLY F 331 -40.36 11.42 22.50
N LEU F 332 -41.56 11.82 22.08
CA LEU F 332 -42.72 11.74 22.94
C LEU F 332 -43.02 10.30 23.32
N LEU F 333 -42.94 9.38 22.35
CA LEU F 333 -43.21 7.97 22.63
C LEU F 333 -42.22 7.42 23.65
N TYR F 334 -40.92 7.67 23.43
CA TYR F 334 -39.91 7.16 24.36
C TYR F 334 -40.05 7.79 25.73
N ALA F 335 -40.32 9.10 25.78
CA ALA F 335 -40.45 9.76 27.08
C ALA F 335 -41.67 9.27 27.84
N TYR F 336 -42.79 9.03 27.16
CA TYR F 336 -43.95 8.47 27.81
C TYR F 336 -43.67 7.05 28.30
N ALA F 337 -42.93 6.27 27.50
CA ALA F 337 -42.57 4.93 27.94
C ALA F 337 -41.72 4.97 29.20
N VAL F 338 -40.76 5.89 29.26
CA VAL F 338 -39.89 5.98 30.43
C VAL F 338 -40.66 6.46 31.66
N GLY F 339 -41.44 7.53 31.50
CA GLY F 339 -42.11 8.16 32.62
C GLY F 339 -43.47 7.63 32.99
N SER F 340 -43.98 6.64 32.28
CA SER F 340 -45.29 6.06 32.57
C SER F 340 -45.21 4.65 33.13
N SER F 341 -44.27 3.85 32.67
CA SER F 341 -44.12 2.46 33.08
C SER F 341 -42.75 2.28 33.72
N ALA F 342 -42.69 2.43 35.03
CA ALA F 342 -41.46 2.14 35.77
C ALA F 342 -41.15 0.65 35.68
N ASP F 343 -39.87 0.31 35.49
CA ASP F 343 -39.49 -1.09 35.34
C ASP F 343 -39.85 -1.89 36.59
N LEU F 344 -39.21 -1.56 37.72
CA LEU F 344 -39.57 -2.10 39.03
C LEU F 344 -39.55 -3.64 39.00
N ALA F 345 -38.38 -4.19 38.67
CA ALA F 345 -38.22 -5.62 38.49
C ALA F 345 -37.22 -6.19 39.48
N GLN F 346 -37.51 -7.38 39.99
CA GLN F 346 -36.60 -8.06 40.90
C GLN F 346 -35.24 -8.28 40.24
N GLN F 347 -34.17 -7.98 40.97
CA GLN F 347 -32.82 -8.03 40.42
C GLN F 347 -31.97 -9.12 41.05
N PHE F 348 -31.80 -9.10 42.38
CA PHE F 348 -30.95 -10.04 43.08
C PHE F 348 -31.78 -10.97 43.95
N CYS F 349 -31.44 -12.25 43.92
CA CYS F 349 -32.16 -13.28 44.65
C CYS F 349 -31.21 -14.03 45.56
N VAL F 350 -31.69 -14.38 46.76
CA VAL F 350 -30.89 -15.20 47.69
C VAL F 350 -31.24 -16.66 47.39
N GLY F 351 -30.57 -17.20 46.39
CA GLY F 351 -30.78 -18.58 45.99
C GLY F 351 -32.10 -18.82 45.27
N ASP F 352 -33.20 -18.45 45.91
CA ASP F 352 -34.54 -18.66 45.37
C ASP F 352 -35.23 -17.30 45.30
N ASN F 353 -36.54 -17.32 45.08
CA ASN F 353 -37.37 -16.11 45.04
C ASN F 353 -36.93 -15.17 43.92
N LYS F 354 -37.13 -15.66 42.69
CA LYS F 354 -36.76 -14.91 41.49
C LYS F 354 -37.96 -14.55 40.63
N TYR F 355 -38.92 -15.46 40.47
CA TYR F 355 -39.91 -15.36 39.40
C TYR F 355 -40.99 -14.33 39.75
N THR F 356 -41.99 -14.23 38.87
CA THR F 356 -43.12 -13.32 38.96
C THR F 356 -44.41 -14.10 38.75
N PRO F 357 -45.52 -13.66 39.36
CA PRO F 357 -46.79 -14.36 39.16
C PRO F 357 -47.35 -14.19 37.76
N ASP F 358 -47.29 -15.25 36.95
CA ASP F 358 -47.85 -15.22 35.61
C ASP F 358 -49.25 -15.82 35.54
N ASP F 359 -49.58 -16.73 36.46
CA ASP F 359 -50.89 -17.37 36.49
C ASP F 359 -51.89 -16.61 37.35
N SER F 360 -51.49 -15.51 37.97
CA SER F 360 -52.38 -14.73 38.82
C SER F 360 -53.01 -13.59 38.01
N THR F 361 -53.86 -13.99 37.07
CA THR F 361 -54.61 -13.06 36.20
C THR F 361 -53.64 -12.16 35.42
N GLY F 362 -52.82 -12.79 34.60
CA GLY F 362 -51.85 -12.07 33.79
C GLY F 362 -52.43 -11.43 32.55
N GLY F 363 -53.41 -10.56 32.73
CA GLY F 363 -54.01 -9.87 31.59
C GLY F 363 -53.03 -8.89 30.98
N LEU F 364 -52.81 -9.01 29.68
CA LEU F 364 -51.85 -8.17 28.96
C LEU F 364 -52.50 -7.30 27.90
N THR F 365 -53.32 -7.89 27.02
CA THR F 365 -53.88 -7.16 25.89
C THR F 365 -55.05 -6.30 26.35
N THR F 366 -54.87 -4.98 26.26
CA THR F 366 -55.91 -4.01 26.61
C THR F 366 -55.45 -2.65 26.10
N ASN F 367 -56.31 -1.64 26.27
CA ASN F 367 -55.99 -0.28 25.85
C ASN F 367 -55.25 0.47 26.96
N ALA F 368 -54.13 -0.11 27.36
CA ALA F 368 -53.30 0.41 28.44
C ALA F 368 -51.84 0.32 28.03
N PRO F 369 -50.97 1.13 28.63
CA PRO F 369 -49.55 1.03 28.31
C PRO F 369 -49.02 -0.35 28.64
N PRO F 370 -48.01 -0.84 27.90
CA PRO F 370 -47.53 -2.21 28.09
C PRO F 370 -46.92 -2.46 29.46
N GLN F 371 -46.78 -1.41 30.27
CA GLN F 371 -46.25 -1.53 31.63
C GLN F 371 -44.85 -2.14 31.63
N GLY F 372 -44.04 -1.73 30.67
CA GLY F 372 -42.69 -2.23 30.56
C GLY F 372 -41.83 -1.28 29.77
N ARG F 373 -40.60 -1.72 29.49
CA ARG F 373 -39.65 -0.92 28.74
C ARG F 373 -39.15 -1.61 27.47
N ASP F 374 -39.83 -2.65 27.00
CA ASP F 374 -39.45 -3.25 25.72
C ASP F 374 -39.93 -2.39 24.57
N VAL F 375 -39.08 -2.25 23.55
CA VAL F 375 -39.38 -1.32 22.46
C VAL F 375 -40.52 -1.85 21.61
N VAL F 376 -40.57 -3.16 21.35
CA VAL F 376 -41.58 -3.71 20.47
C VAL F 376 -42.96 -3.71 21.12
N GLU F 377 -43.03 -3.88 22.44
CA GLU F 377 -44.32 -3.79 23.12
C GLU F 377 -44.93 -2.40 22.94
N TRP F 378 -44.12 -1.36 23.13
CA TRP F 378 -44.61 0.01 22.93
C TRP F 378 -44.90 0.29 21.46
N LEU F 379 -44.10 -0.27 20.55
CA LEU F 379 -44.38 -0.10 19.13
C LEU F 379 -45.71 -0.71 18.74
N GLY F 380 -46.00 -1.92 19.25
CA GLY F 380 -47.28 -2.54 18.98
C GLY F 380 -48.44 -1.76 19.60
N TRP F 381 -48.24 -1.26 20.83
CA TRP F 381 -49.27 -0.43 21.45
C TRP F 381 -49.54 0.82 20.63
N PHE F 382 -48.48 1.45 20.11
CA PHE F 382 -48.65 2.67 19.33
C PHE F 382 -49.30 2.39 17.98
N GLU F 383 -48.95 1.26 17.35
CA GLU F 383 -49.62 0.87 16.11
C GLU F 383 -51.09 0.53 16.36
N ASP F 384 -51.41 0.01 17.54
CA ASP F 384 -52.81 -0.19 17.89
C ASP F 384 -53.58 1.12 17.96
N GLN F 385 -52.87 2.25 18.08
CA GLN F 385 -53.48 3.58 18.04
C GLN F 385 -53.42 4.19 16.65
N ASN F 386 -53.03 3.41 15.64
CA ASN F 386 -52.94 3.86 14.25
C ASN F 386 -52.02 5.08 14.11
N ARG F 387 -50.89 5.02 14.84
CA ARG F 387 -49.80 5.99 14.70
C ARG F 387 -50.27 7.43 14.92
N LYS F 388 -51.02 7.66 15.98
CA LYS F 388 -51.31 9.02 16.41
C LYS F 388 -51.12 9.13 17.91
N PRO F 389 -50.70 10.29 18.41
CA PRO F 389 -50.46 10.44 19.85
C PRO F 389 -51.77 10.49 20.62
N THR F 390 -51.89 9.60 21.62
CA THR F 390 -53.07 9.58 22.48
C THR F 390 -53.09 10.82 23.35
N PRO F 391 -54.28 11.27 23.77
CA PRO F 391 -54.37 12.47 24.62
C PRO F 391 -53.67 12.31 25.95
N ASP F 392 -53.50 11.08 26.46
CA ASP F 392 -52.73 10.89 27.69
C ASP F 392 -51.27 11.24 27.47
N MET F 393 -50.71 10.87 26.31
CA MET F 393 -49.33 11.23 26.01
C MET F 393 -49.16 12.75 25.92
N MET F 394 -50.12 13.43 25.28
CA MET F 394 -50.07 14.88 25.20
C MET F 394 -50.21 15.52 26.57
N GLN F 395 -51.06 14.96 27.44
CA GLN F 395 -51.19 15.48 28.79
C GLN F 395 -49.89 15.30 29.58
N TYR F 396 -49.24 14.15 29.42
CA TYR F 396 -47.95 13.93 30.06
C TYR F 396 -46.91 14.93 29.57
N ALA F 397 -46.88 15.17 28.25
CA ALA F 397 -45.96 16.16 27.71
C ALA F 397 -46.26 17.55 28.26
N LYS F 398 -47.54 17.90 28.36
CA LYS F 398 -47.91 19.20 28.89
C LYS F 398 -47.46 19.36 30.33
N ARG F 399 -47.65 18.31 31.14
CA ARG F 399 -47.21 18.39 32.54
C ARG F 399 -45.69 18.42 32.65
N ALA F 400 -44.99 17.78 31.72
CA ALA F 400 -43.53 17.78 31.75
C ALA F 400 -42.92 19.06 31.17
N VAL F 401 -43.70 19.85 30.44
CA VAL F 401 -43.20 21.09 29.85
C VAL F 401 -43.77 22.34 30.52
N MET F 402 -44.92 22.26 31.18
CA MET F 402 -45.50 23.42 31.82
C MET F 402 -44.60 23.92 32.96
N SER F 403 -44.83 25.16 33.36
CA SER F 403 -44.07 25.81 34.43
C SER F 403 -42.58 25.91 34.10
N LEU F 404 -42.26 25.99 32.81
CA LEU F 404 -40.87 26.20 32.37
C LEU F 404 -40.63 27.70 32.16
N GLN F 405 -40.56 28.40 33.28
CA GLN F 405 -40.37 29.85 33.23
C GLN F 405 -38.95 30.20 32.81
N GLY F 406 -38.80 31.40 32.24
CA GLY F 406 -37.49 31.85 31.80
C GLY F 406 -36.89 31.03 30.68
N LEU F 407 -37.70 30.67 29.68
CA LEU F 407 -37.22 29.88 28.57
C LEU F 407 -36.31 30.71 27.68
N ARG F 408 -35.50 30.01 26.87
CA ARG F 408 -34.51 30.63 26.01
C ARG F 408 -34.89 30.42 24.55
N GLU F 409 -34.67 31.47 23.75
CA GLU F 409 -35.07 31.44 22.34
C GLU F 409 -34.21 30.45 21.55
N LYS F 410 -34.83 29.82 20.55
CA LYS F 410 -34.19 28.89 19.62
C LYS F 410 -33.74 27.61 20.33
N THR F 411 -34.17 27.43 21.57
CA THR F 411 -33.78 26.25 22.33
C THR F 411 -34.87 25.18 22.27
N ILE F 412 -34.53 24.02 22.81
CA ILE F 412 -35.49 22.91 22.84
C ILE F 412 -36.67 23.22 23.74
N GLY F 413 -36.43 23.95 24.84
CA GLY F 413 -37.51 24.27 25.75
C GLY F 413 -38.60 25.11 25.11
N LYS F 414 -38.19 26.15 24.39
CA LYS F 414 -39.16 27.02 23.72
C LYS F 414 -39.93 26.25 22.66
N TYR F 415 -39.25 25.41 21.88
CA TYR F 415 -39.92 24.63 20.87
C TYR F 415 -40.93 23.66 21.48
N ALA F 416 -40.55 23.00 22.58
CA ALA F 416 -41.46 22.07 23.24
C ALA F 416 -42.66 22.80 23.82
N LYS F 417 -42.44 23.97 24.41
CA LYS F 417 -43.55 24.75 24.95
C LYS F 417 -44.48 25.25 23.83
N SER F 418 -43.92 25.52 22.65
CA SER F 418 -44.75 25.91 21.52
C SER F 418 -45.48 24.72 20.91
N GLU F 419 -44.94 23.51 21.06
CA GLU F 419 -45.48 22.33 20.41
C GLU F 419 -46.26 21.42 21.38
N PHE F 420 -45.67 21.09 22.53
CA PHE F 420 -46.27 20.15 23.47
C PHE F 420 -47.01 20.85 24.60
N ASP F 421 -47.49 22.07 24.37
CA ASP F 421 -48.29 22.80 25.35
C ASP F 421 -49.47 23.47 24.67
N LYS F 422 -50.13 22.74 23.78
CA LYS F 422 -51.29 23.28 23.05
C LYS F 422 -52.48 23.47 23.98
N MET G 1 -18.86 -7.70 27.42
CA MET G 1 -19.97 -6.94 26.84
C MET G 1 -21.25 -7.76 27.01
N SER G 2 -22.26 -7.14 27.63
CA SER G 2 -23.44 -7.86 28.09
C SER G 2 -24.21 -8.53 26.96
N VAL G 3 -24.84 -7.72 26.11
CA VAL G 3 -25.62 -8.20 24.96
C VAL G 3 -25.29 -7.32 23.77
N THR G 4 -25.57 -7.82 22.57
CA THR G 4 -25.21 -7.12 21.35
C THR G 4 -26.42 -6.48 20.70
N VAL G 5 -26.22 -5.34 20.06
CA VAL G 5 -27.25 -4.67 19.28
C VAL G 5 -26.85 -4.73 17.82
N LYS G 6 -27.78 -5.18 16.98
CA LYS G 6 -27.57 -5.28 15.55
C LYS G 6 -28.57 -4.38 14.82
N ARG G 7 -28.09 -3.73 13.76
CA ARG G 7 -28.90 -2.82 12.97
C ARG G 7 -29.63 -3.62 11.89
N ILE G 8 -30.96 -3.53 11.86
CA ILE G 8 -31.70 -4.25 10.84
C ILE G 8 -31.88 -3.36 9.61
N ILE G 9 -30.81 -3.19 8.84
CA ILE G 9 -30.89 -2.76 7.46
C ILE G 9 -29.96 -3.68 6.66
N ASP G 10 -28.91 -4.18 7.34
CA ASP G 10 -27.91 -5.02 6.70
C ASP G 10 -27.38 -6.10 7.63
N ASN G 11 -27.97 -6.30 8.81
CA ASN G 11 -27.49 -7.26 9.80
C ASN G 11 -26.06 -6.90 10.25
N THR G 12 -25.93 -5.70 10.82
CA THR G 12 -24.65 -5.17 11.24
C THR G 12 -24.73 -4.68 12.69
N VAL G 13 -23.70 -4.98 13.47
CA VAL G 13 -23.64 -4.57 14.87
C VAL G 13 -23.08 -3.15 14.97
N ILE G 14 -23.28 -2.53 16.12
CA ILE G 14 -22.83 -1.15 16.34
C ILE G 14 -21.98 -0.98 17.60
N VAL G 15 -22.03 -1.91 18.55
CA VAL G 15 -21.33 -1.86 19.84
C VAL G 15 -21.34 -0.45 20.43
N PRO G 16 -22.48 0.04 20.91
CA PRO G 16 -22.53 1.38 21.49
C PRO G 16 -21.75 1.45 22.79
N LYS G 17 -21.24 2.65 23.09
CA LYS G 17 -20.46 2.87 24.31
C LYS G 17 -20.72 4.27 24.83
N LEU G 18 -20.84 4.39 26.15
CA LEU G 18 -21.10 5.67 26.77
C LEU G 18 -19.85 6.56 26.71
N PRO G 19 -20.03 7.87 26.63
CA PRO G 19 -18.88 8.78 26.70
C PRO G 19 -18.34 8.90 28.12
N ALA G 20 -17.08 9.32 28.19
CA ALA G 20 -16.41 9.49 29.49
C ALA G 20 -16.50 10.94 29.96
N ASN G 21 -17.73 11.43 30.05
CA ASN G 21 -17.95 12.75 30.63
C ASN G 21 -17.57 12.76 32.10
N GLU G 22 -17.92 11.70 32.82
CA GLU G 22 -17.52 11.52 34.21
C GLU G 22 -16.43 10.45 34.26
N ASP G 23 -15.36 10.75 34.99
CA ASP G 23 -14.21 9.86 35.02
C ASP G 23 -14.56 8.50 35.63
N PRO G 24 -13.98 7.42 35.11
CA PRO G 24 -14.28 6.10 35.67
C PRO G 24 -13.74 5.95 37.08
N VAL G 25 -14.33 4.99 37.80
CA VAL G 25 -13.94 4.77 39.18
C VAL G 25 -12.54 4.17 39.24
N GLU G 26 -11.89 4.39 40.39
CA GLU G 26 -10.60 3.77 40.68
C GLU G 26 -10.68 3.14 42.05
N TYR G 27 -10.11 1.97 42.19
CA TYR G 27 -10.27 1.32 43.48
C TYR G 27 -8.95 1.30 44.23
N PRO G 28 -9.01 1.40 45.56
CA PRO G 28 -7.75 1.41 46.34
C PRO G 28 -6.91 0.16 46.15
N ALA G 29 -7.57 -0.99 45.94
CA ALA G 29 -6.84 -2.22 45.67
C ALA G 29 -6.01 -2.11 44.40
N ASP G 30 -6.55 -1.46 43.37
CA ASP G 30 -5.80 -1.28 42.13
C ASP G 30 -4.53 -0.45 42.38
N TYR G 31 -4.65 0.63 43.16
CA TYR G 31 -3.48 1.44 43.46
C TYR G 31 -2.45 0.65 44.26
N PHE G 32 -2.91 -0.11 45.26
CA PHE G 32 -1.98 -0.87 46.08
C PHE G 32 -1.35 -2.03 45.31
N ARG G 33 -1.99 -2.52 44.25
CA ARG G 33 -1.30 -3.40 43.33
C ARG G 33 -0.29 -2.64 42.48
N LYS G 34 -0.62 -1.40 42.09
CA LYS G 34 0.32 -0.60 41.32
C LYS G 34 1.54 -0.20 42.15
N SER G 35 1.31 0.26 43.37
CA SER G 35 2.41 0.66 44.26
C SER G 35 2.15 0.10 45.65
N LYS G 36 3.23 -0.23 46.35
CA LYS G 36 3.15 -0.86 47.66
C LYS G 36 3.38 0.13 48.80
N GLU G 37 3.17 1.41 48.55
CA GLU G 37 3.41 2.43 49.57
C GLU G 37 2.63 3.68 49.22
N ILE G 38 2.48 4.56 50.22
CA ILE G 38 1.83 5.85 50.02
C ILE G 38 2.88 6.94 50.19
N PRO G 39 3.36 7.54 49.10
CA PRO G 39 4.40 8.56 49.22
C PRO G 39 3.86 9.85 49.82
N LEU G 40 4.61 10.41 50.77
CA LEU G 40 4.30 11.69 51.38
C LEU G 40 5.51 12.59 51.18
N TYR G 41 5.38 13.60 50.34
CA TYR G 41 6.50 14.47 49.97
C TYR G 41 6.50 15.71 50.86
N ILE G 42 7.60 15.92 51.58
CA ILE G 42 7.79 17.06 52.47
C ILE G 42 9.22 17.55 52.34
N ASN G 43 9.46 18.75 52.86
CA ASN G 43 10.79 19.37 52.86
C ASN G 43 11.24 19.50 54.31
N THR G 44 12.18 18.65 54.71
CA THR G 44 12.64 18.59 56.10
C THR G 44 13.94 19.35 56.33
N THR G 45 14.40 20.13 55.36
CA THR G 45 15.65 20.86 55.51
C THR G 45 15.46 22.16 56.29
N LYS G 46 14.81 22.07 57.44
CA LYS G 46 14.59 23.22 58.31
C LYS G 46 14.39 22.72 59.73
N SER G 47 14.83 23.52 60.70
CA SER G 47 14.66 23.15 62.10
C SER G 47 13.19 23.30 62.51
N LEU G 48 12.82 22.57 63.56
CA LEU G 48 11.45 22.59 64.04
C LEU G 48 11.06 23.98 64.53
N SER G 49 11.95 24.65 65.24
CA SER G 49 11.66 26.01 65.72
C SER G 49 11.45 26.97 64.55
N ASP G 50 12.30 26.86 63.52
CA ASP G 50 12.13 27.73 62.36
C ASP G 50 10.80 27.48 61.68
N LEU G 51 10.41 26.22 61.51
CA LEU G 51 9.15 25.91 60.84
C LEU G 51 7.95 26.36 61.66
N ARG G 52 7.99 26.16 62.98
CA ARG G 52 6.88 26.59 63.81
C ARG G 52 6.75 28.12 63.80
N GLY G 53 7.87 28.83 63.82
CA GLY G 53 7.81 30.27 63.67
C GLY G 53 7.27 30.67 62.31
N TYR G 54 7.68 29.96 61.26
CA TYR G 54 7.18 30.22 59.92
C TYR G 54 5.67 30.13 59.87
N VAL G 55 5.12 29.01 60.36
CA VAL G 55 3.68 28.79 60.28
C VAL G 55 2.93 29.76 61.20
N TYR G 56 3.52 30.07 62.36
CA TYR G 56 2.89 30.99 63.30
C TYR G 56 2.73 32.37 62.69
N GLN G 57 3.83 32.92 62.15
CA GLN G 57 3.79 34.25 61.56
C GLN G 57 3.00 34.27 60.26
N GLY G 58 3.02 33.17 59.49
CA GLY G 58 2.19 33.11 58.30
C GLY G 58 0.71 33.09 58.61
N LEU G 59 0.32 32.36 59.66
CA LEU G 59 -1.08 32.34 60.07
C LEU G 59 -1.52 33.70 60.59
N LYS G 60 -0.65 34.39 61.33
CA LYS G 60 -0.97 35.76 61.71
C LYS G 60 -1.10 36.67 60.49
N SER G 61 -0.20 36.52 59.52
CA SER G 61 -0.21 37.34 58.32
C SER G 61 -1.14 36.81 57.24
N GLY G 62 -1.66 35.59 57.40
CA GLY G 62 -2.56 35.04 56.40
C GLY G 62 -1.92 34.72 55.08
N ASN G 63 -0.62 34.49 55.06
CA ASN G 63 0.10 34.16 53.83
C ASN G 63 1.10 33.04 54.09
N VAL G 64 0.65 32.01 54.81
CA VAL G 64 1.51 30.88 55.13
C VAL G 64 1.53 29.91 53.95
N SER G 65 2.72 29.43 53.60
CA SER G 65 2.88 28.52 52.48
C SER G 65 2.51 27.10 52.90
N ILE G 66 2.03 26.32 51.92
CA ILE G 66 1.61 24.96 52.19
C ILE G 66 2.82 24.06 52.48
N ILE G 67 3.96 24.32 51.86
CA ILE G 67 5.15 23.53 52.12
C ILE G 67 5.60 23.71 53.56
N HIS G 68 5.60 24.95 54.05
CA HIS G 68 6.00 25.20 55.43
C HIS G 68 5.07 24.53 56.42
N VAL G 69 3.76 24.59 56.16
CA VAL G 69 2.80 24.00 57.10
C VAL G 69 2.92 22.48 57.06
N ASN G 70 3.17 21.88 55.89
CA ASN G 70 3.36 20.44 55.82
C ASN G 70 4.61 20.01 56.58
N SER G 71 5.71 20.74 56.39
CA SER G 71 6.94 20.41 57.08
C SER G 71 6.78 20.55 58.59
N TYR G 72 6.10 21.61 59.03
CA TYR G 72 5.88 21.80 60.45
C TYR G 72 4.96 20.72 61.02
N LEU G 73 3.93 20.32 60.28
CA LEU G 73 3.05 19.26 60.73
C LEU G 73 3.81 17.94 60.90
N TYR G 74 4.72 17.65 59.98
CA TYR G 74 5.59 16.50 60.17
C TYR G 74 6.46 16.67 61.41
N GLY G 75 7.07 17.84 61.59
CA GLY G 75 8.01 18.04 62.68
C GLY G 75 7.37 18.00 64.05
N ALA G 76 6.08 18.35 64.15
CA ALA G 76 5.40 18.40 65.43
C ALA G 76 4.57 17.15 65.73
N LEU G 77 4.53 16.18 64.82
CA LEU G 77 3.72 14.98 64.98
C LEU G 77 4.58 13.72 64.87
N LYS G 78 5.81 13.77 65.36
CA LYS G 78 6.65 12.58 65.43
C LYS G 78 6.54 11.95 66.82
N ASP G 79 5.32 11.52 67.13
CA ASP G 79 5.04 10.86 68.40
C ASP G 79 4.96 9.36 68.15
N ILE G 80 6.05 8.67 68.51
CA ILE G 80 6.14 7.23 68.35
C ILE G 80 5.27 6.54 69.41
N ARG G 81 4.70 7.34 70.31
CA ARG G 81 3.80 6.83 71.33
C ARG G 81 2.57 6.18 70.70
N GLY G 82 1.90 5.31 71.45
CA GLY G 82 0.81 4.53 70.92
C GLY G 82 1.22 3.09 70.69
N LYS G 83 0.86 2.22 71.62
CA LYS G 83 1.31 0.83 71.62
C LYS G 83 0.25 -0.03 70.96
N LEU G 84 0.59 -0.63 69.82
CA LEU G 84 -0.31 -1.56 69.16
C LEU G 84 -0.50 -2.81 70.01
N ASP G 85 -1.74 -3.29 70.06
CA ASP G 85 -2.07 -4.52 70.77
C ASP G 85 -2.27 -5.70 69.82
N LYS G 86 -2.95 -5.47 68.69
CA LYS G 86 -3.17 -6.49 67.68
C LYS G 86 -2.48 -6.10 66.38
N ASP G 87 -2.50 -7.02 65.43
CA ASP G 87 -1.95 -6.75 64.11
C ASP G 87 -2.78 -5.68 63.41
N TRP G 88 -2.10 -4.85 62.62
CA TRP G 88 -2.73 -3.73 61.92
C TRP G 88 -2.44 -3.81 60.44
N SER G 89 -2.50 -5.01 59.88
CA SER G 89 -2.27 -5.19 58.45
C SER G 89 -3.51 -4.78 57.66
N SER G 90 -3.28 -4.14 56.52
CA SER G 90 -4.37 -3.71 55.65
C SER G 90 -3.84 -3.55 54.23
N PHE G 91 -4.56 -4.14 53.28
CA PHE G 91 -4.22 -4.05 51.85
C PHE G 91 -2.80 -4.56 51.59
N GLY G 92 -2.42 -5.64 52.27
CA GLY G 92 -1.09 -6.20 52.10
C GLY G 92 0.03 -5.30 52.56
N ILE G 93 -0.20 -4.51 53.61
CA ILE G 93 0.80 -3.62 54.17
C ILE G 93 0.95 -3.96 55.65
N ASN G 94 2.17 -4.27 56.08
CA ASN G 94 2.45 -4.61 57.47
C ASN G 94 2.77 -3.33 58.23
N ILE G 95 1.71 -2.65 58.67
CA ILE G 95 1.87 -1.39 59.39
C ILE G 95 2.50 -1.63 60.76
N GLY G 96 2.12 -2.70 61.44
CA GLY G 96 2.71 -3.05 62.73
C GLY G 96 2.35 -4.46 63.09
N LYS G 97 3.02 -4.98 64.12
CA LYS G 97 2.85 -6.37 64.54
C LYS G 97 2.67 -6.47 66.05
N ALA G 98 1.42 -6.29 66.49
CA ALA G 98 0.91 -6.75 67.79
C ALA G 98 1.93 -6.57 68.93
N GLY G 99 2.28 -5.32 69.19
CA GLY G 99 3.11 -5.04 70.34
C GLY G 99 4.31 -4.16 70.10
N ASP G 100 4.37 -3.50 68.94
CA ASP G 100 5.47 -2.60 68.61
C ASP G 100 4.95 -1.17 68.55
N THR G 101 5.73 -0.24 69.10
CA THR G 101 5.36 1.16 69.07
C THR G 101 5.31 1.67 67.63
N ILE G 102 4.39 2.60 67.39
CA ILE G 102 4.13 3.08 66.04
C ILE G 102 3.87 4.57 66.09
N GLY G 103 4.19 5.26 64.99
CA GLY G 103 3.99 6.69 64.87
C GLY G 103 2.91 7.01 63.86
N ILE G 104 2.51 8.28 63.83
CA ILE G 104 1.49 8.72 62.88
C ILE G 104 1.95 8.55 61.45
N PHE G 105 3.19 8.92 61.17
CA PHE G 105 3.74 8.87 59.82
C PHE G 105 4.38 7.53 59.51
N ASP G 106 4.30 6.56 60.43
CA ASP G 106 4.81 5.23 60.20
C ASP G 106 3.98 4.47 59.17
N LEU G 107 2.72 4.82 59.00
CA LEU G 107 1.80 4.13 58.10
C LEU G 107 1.80 4.72 56.69
N VAL G 108 2.60 5.75 56.42
CA VAL G 108 2.77 6.28 55.08
C VAL G 108 4.27 6.41 54.81
N SER G 109 4.70 5.98 53.64
CA SER G 109 6.10 6.12 53.27
C SER G 109 6.43 7.57 53.00
N LEU G 110 7.67 7.96 53.33
CA LEU G 110 8.11 9.35 53.27
C LEU G 110 9.19 9.51 52.21
N LYS G 111 9.05 10.54 51.39
CA LYS G 111 10.06 10.94 50.42
C LYS G 111 10.42 12.40 50.68
N ALA G 112 11.28 12.94 49.81
CA ALA G 112 11.73 14.32 49.91
C ALA G 112 11.08 15.14 48.81
N LEU G 113 10.48 16.27 49.18
CA LEU G 113 9.81 17.11 48.22
C LEU G 113 10.82 17.74 47.26
N ASP G 114 10.46 17.75 45.98
CA ASP G 114 11.32 18.29 44.92
C ASP G 114 10.73 19.65 44.55
N GLY G 115 11.28 20.71 45.14
CA GLY G 115 10.81 22.05 44.86
C GLY G 115 11.64 23.07 45.60
N VAL G 116 11.25 24.33 45.45
CA VAL G 116 11.93 25.45 46.08
C VAL G 116 11.19 25.84 47.35
N LEU G 117 11.94 26.03 48.43
CA LEU G 117 11.34 26.37 49.72
C LEU G 117 11.06 27.86 49.78
N PRO G 118 9.83 28.28 50.09
CA PRO G 118 9.56 29.71 50.23
C PRO G 118 10.35 30.33 51.37
N ASP G 119 10.63 31.63 51.25
CA ASP G 119 11.45 32.35 52.21
C ASP G 119 10.84 32.29 53.61
N GLY G 120 9.66 32.88 53.79
CA GLY G 120 8.95 32.83 55.05
C GLY G 120 9.13 34.09 55.87
N VAL G 121 8.49 34.07 57.04
CA VAL G 121 8.41 35.23 57.93
C VAL G 121 9.01 34.78 59.27
N SER G 122 10.06 33.97 59.20
CA SER G 122 10.68 33.28 60.32
C SER G 122 10.70 34.06 61.64
N ASP G 123 10.26 33.42 62.71
CA ASP G 123 10.26 33.99 64.05
C ASP G 123 11.03 33.06 64.99
N ALA G 124 11.53 33.64 66.08
CA ALA G 124 12.27 32.88 67.08
C ALA G 124 11.68 32.94 68.47
N SER G 125 10.68 33.79 68.72
CA SER G 125 10.09 33.91 70.04
C SER G 125 9.03 32.86 70.32
N ARG G 126 8.63 32.07 69.32
CA ARG G 126 7.62 31.04 69.49
C ARG G 126 8.27 29.83 70.18
N THR G 127 7.82 29.53 71.39
CA THR G 127 8.42 28.48 72.21
C THR G 127 7.87 27.12 71.80
N SER G 128 8.17 26.09 72.60
CA SER G 128 7.76 24.73 72.28
C SER G 128 6.33 24.46 72.71
N ALA G 129 5.40 25.32 72.28
CA ALA G 129 3.97 25.11 72.49
C ALA G 129 3.30 24.50 71.26
N ASP G 130 4.03 23.70 70.48
CA ASP G 130 3.51 23.19 69.22
C ASP G 130 2.52 22.05 69.45
N ASP G 131 3.01 20.94 70.01
CA ASP G 131 2.21 19.73 70.16
C ASP G 131 0.95 19.95 70.98
N LYS G 132 0.93 20.99 71.81
CA LYS G 132 -0.25 21.28 72.62
C LYS G 132 -1.45 21.61 71.73
N TRP G 133 -1.31 22.60 70.85
CA TRP G 133 -2.47 23.11 70.14
C TRP G 133 -2.29 23.36 68.64
N LEU G 134 -1.06 23.56 68.13
CA LEU G 134 -0.99 24.16 66.81
C LEU G 134 -1.29 23.15 65.69
N PRO G 135 -0.77 21.92 65.73
CA PRO G 135 -1.24 20.92 64.75
C PRO G 135 -2.74 20.71 64.81
N LEU G 136 -3.35 20.77 66.00
CA LEU G 136 -4.79 20.61 66.11
C LEU G 136 -5.51 21.70 65.33
N TYR G 137 -5.08 22.96 65.48
CA TYR G 137 -5.72 24.06 64.77
C TYR G 137 -5.48 23.95 63.27
N LEU G 138 -4.26 23.56 62.87
CA LEU G 138 -3.95 23.42 61.46
C LEU G 138 -4.78 22.33 60.80
N LEU G 139 -5.02 21.21 61.50
CA LEU G 139 -5.86 20.15 60.98
C LEU G 139 -7.34 20.52 61.01
N GLY G 140 -7.77 21.29 62.03
CA GLY G 140 -9.14 21.77 62.05
C GLY G 140 -9.45 22.71 60.91
N LEU G 141 -8.46 23.49 60.48
CA LEU G 141 -8.64 24.34 59.31
C LEU G 141 -9.01 23.53 58.06
N TYR G 142 -8.53 22.29 57.95
CA TYR G 142 -8.91 21.46 56.81
C TYR G 142 -10.40 21.20 56.79
N ARG G 143 -10.98 20.82 57.94
CA ARG G 143 -12.42 20.60 58.01
C ARG G 143 -13.19 21.90 57.82
N VAL G 144 -12.68 23.00 58.37
CA VAL G 144 -13.37 24.28 58.24
C VAL G 144 -13.37 24.73 56.77
N GLY G 145 -12.36 24.31 56.00
CA GLY G 145 -12.30 24.64 54.59
C GLY G 145 -13.17 23.81 53.68
N ARG G 146 -13.87 22.81 54.20
CA ARG G 146 -14.75 21.96 53.40
C ARG G 146 -16.21 22.41 53.47
N THR G 147 -16.48 23.56 54.06
CA THR G 147 -17.86 23.99 54.26
C THR G 147 -18.40 24.75 53.05
N GLN G 148 -17.69 25.80 52.63
CA GLN G 148 -18.08 26.68 51.53
C GLN G 148 -19.40 27.40 51.80
N MET G 149 -19.71 27.71 53.06
CA MET G 149 -20.88 28.51 53.40
C MET G 149 -20.62 29.21 54.72
N PRO G 150 -21.07 30.46 54.88
CA PRO G 150 -20.62 31.26 56.03
C PRO G 150 -20.99 30.67 57.39
N GLU G 151 -22.22 30.21 57.57
CA GLU G 151 -22.69 29.83 58.90
C GLU G 151 -21.98 28.59 59.40
N TYR G 152 -21.92 27.54 58.57
CA TYR G 152 -21.33 26.29 59.01
C TYR G 152 -19.82 26.44 59.18
N ARG G 153 -19.20 27.25 58.32
CA ARG G 153 -17.79 27.59 58.50
C ARG G 153 -17.54 28.31 59.82
N LYS G 154 -18.40 29.28 60.16
CA LYS G 154 -18.25 30.01 61.40
C LYS G 154 -18.46 29.09 62.60
N LYS G 155 -19.43 28.18 62.51
CA LYS G 155 -19.69 27.24 63.60
C LYS G 155 -18.49 26.32 63.83
N LEU G 156 -17.91 25.79 62.75
CA LEU G 156 -16.73 24.95 62.90
C LEU G 156 -15.53 25.75 63.38
N MET G 157 -15.42 27.02 62.97
CA MET G 157 -14.35 27.86 63.48
C MET G 157 -14.48 28.07 64.99
N ASP G 158 -15.70 28.32 65.46
CA ASP G 158 -15.92 28.46 66.90
C ASP G 158 -15.63 27.15 67.63
N GLY G 159 -16.05 26.02 67.05
CA GLY G 159 -15.77 24.74 67.67
C GLY G 159 -14.28 24.46 67.76
N LEU G 160 -13.53 24.76 66.69
CA LEU G 160 -12.10 24.56 66.70
C LEU G 160 -11.42 25.50 67.70
N THR G 161 -11.92 26.73 67.81
CA THR G 161 -11.39 27.66 68.81
C THR G 161 -11.61 27.12 70.21
N ASN G 162 -12.80 26.57 70.48
CA ASN G 162 -13.05 25.96 71.78
C ASN G 162 -12.15 24.75 72.02
N GLN G 163 -11.95 23.93 71.00
CA GLN G 163 -11.11 22.74 71.14
C GLN G 163 -9.66 23.11 71.45
N CYS G 164 -9.12 24.11 70.76
CA CYS G 164 -7.76 24.54 71.03
C CYS G 164 -7.66 25.22 72.40
N PRO G 173 -7.09 33.80 67.90
CA PRO G 173 -7.20 33.28 66.52
C PRO G 173 -6.11 33.81 65.61
N LEU G 174 -5.25 32.90 65.12
CA LEU G 174 -4.12 33.32 64.29
C LEU G 174 -4.59 33.87 62.96
N VAL G 175 -5.44 33.14 62.26
CA VAL G 175 -5.93 33.59 60.95
C VAL G 175 -6.88 34.77 61.14
N PRO G 176 -6.73 35.86 60.39
CA PRO G 176 -7.66 36.98 60.51
C PRO G 176 -9.07 36.57 60.11
N GLU G 177 -10.05 37.37 60.55
CA GLU G 177 -11.45 37.04 60.31
C GLU G 177 -11.76 36.94 58.82
N GLY G 178 -11.21 37.84 58.02
CA GLY G 178 -11.42 37.82 56.59
C GLY G 178 -10.24 37.22 55.84
N ARG G 179 -10.44 37.06 54.52
CA ARG G 179 -9.42 36.56 53.61
C ARG G 179 -8.94 35.18 54.07
N ASP G 180 -9.83 34.21 53.91
CA ASP G 180 -9.49 32.83 54.21
C ASP G 180 -8.48 32.27 53.21
N ILE G 181 -7.52 31.49 53.72
CA ILE G 181 -6.52 30.86 52.88
C ILE G 181 -6.49 29.34 53.06
N PHE G 182 -7.10 28.81 54.11
CA PHE G 182 -7.18 27.38 54.38
C PHE G 182 -8.10 26.63 53.42
N ASP G 183 -8.87 27.33 52.59
CA ASP G 183 -9.67 26.65 51.58
C ASP G 183 -8.78 25.93 50.57
N VAL G 184 -7.67 26.56 50.19
CA VAL G 184 -6.78 25.99 49.19
C VAL G 184 -6.01 24.78 49.72
N TRP G 185 -5.88 24.63 51.04
CA TRP G 185 -5.11 23.53 51.59
C TRP G 185 -5.70 22.18 51.21
N GLY G 186 -7.02 22.12 51.02
CA GLY G 186 -7.64 20.88 50.59
C GLY G 186 -7.17 20.43 49.22
N ASN G 187 -6.83 21.38 48.34
CA ASN G 187 -6.36 21.03 47.00
C ASN G 187 -5.03 20.28 47.07
N ASP G 188 -4.14 20.67 47.98
CA ASP G 188 -2.85 20.03 48.09
C ASP G 188 -3.00 18.56 48.48
N SER G 189 -2.13 17.72 47.94
CA SER G 189 -2.18 16.28 48.17
C SER G 189 -1.47 15.88 49.45
N ASN G 190 -0.30 16.44 49.71
CA ASN G 190 0.48 16.05 50.89
C ASN G 190 -0.24 16.42 52.18
N TYR G 191 -0.91 17.57 52.23
CA TYR G 191 -1.67 17.94 53.41
C TYR G 191 -2.81 16.97 53.66
N THR G 192 -3.48 16.54 52.59
CA THR G 192 -4.54 15.54 52.74
C THR G 192 -3.98 14.22 53.23
N LYS G 193 -2.82 13.82 52.73
CA LYS G 193 -2.20 12.59 53.21
C LYS G 193 -1.88 12.69 54.70
N ILE G 194 -1.34 13.83 55.13
CA ILE G 194 -1.00 14.01 56.54
C ILE G 194 -2.25 13.97 57.41
N VAL G 195 -3.31 14.66 56.98
CA VAL G 195 -4.52 14.71 57.81
C VAL G 195 -5.19 13.33 57.87
N ALA G 196 -5.17 12.59 56.76
CA ALA G 196 -5.73 11.24 56.76
C ALA G 196 -4.93 10.30 57.65
N ALA G 197 -3.59 10.41 57.61
CA ALA G 197 -2.76 9.59 58.48
C ALA G 197 -3.03 9.91 59.95
N VAL G 198 -3.18 11.20 60.27
CA VAL G 198 -3.49 11.60 61.64
C VAL G 198 -4.83 11.00 62.07
N ASP G 199 -5.84 11.08 61.21
CA ASP G 199 -7.15 10.54 61.56
C ASP G 199 -7.09 9.04 61.78
N MET G 200 -6.40 8.31 60.91
CA MET G 200 -6.30 6.86 61.09
C MET G 200 -5.56 6.51 62.36
N PHE G 201 -4.45 7.20 62.64
CA PHE G 201 -3.66 6.91 63.83
C PHE G 201 -4.48 7.15 65.09
N PHE G 202 -5.22 8.26 65.13
CA PHE G 202 -5.99 8.56 66.34
C PHE G 202 -7.34 7.84 66.38
N HIS G 203 -7.74 7.20 65.27
CA HIS G 203 -8.89 6.31 65.33
C HIS G 203 -8.49 4.92 65.81
N MET G 204 -7.28 4.46 65.44
CA MET G 204 -6.76 3.22 66.00
C MET G 204 -6.49 3.37 67.49
N PHE G 205 -5.84 4.46 67.88
CA PHE G 205 -5.64 4.78 69.30
C PHE G 205 -6.64 5.86 69.72
N LYS G 206 -7.84 5.41 70.05
CA LYS G 206 -8.91 6.34 70.44
C LYS G 206 -8.57 7.06 71.74
N LYS G 207 -7.97 6.34 72.70
CA LYS G 207 -7.66 6.90 74.01
C LYS G 207 -6.24 7.44 74.11
N HIS G 208 -5.66 7.87 72.99
CA HIS G 208 -4.31 8.44 73.02
C HIS G 208 -4.33 9.81 73.69
N GLU G 209 -3.16 10.22 74.21
CA GLU G 209 -3.06 11.52 74.86
C GLU G 209 -3.29 12.66 73.88
N CYS G 210 -2.84 12.49 72.64
CA CYS G 210 -3.02 13.49 71.60
C CYS G 210 -4.24 13.21 70.73
N ALA G 211 -5.22 12.46 71.25
CA ALA G 211 -6.41 12.12 70.48
C ALA G 211 -7.30 13.34 70.22
N SER G 212 -7.04 14.47 70.88
CA SER G 212 -7.81 15.67 70.62
C SER G 212 -7.61 16.19 69.20
N PHE G 213 -6.56 15.73 68.51
CA PHE G 213 -6.35 16.13 67.12
C PHE G 213 -7.41 15.58 66.19
N ARG G 214 -8.25 14.65 66.68
CA ARG G 214 -9.31 14.08 65.85
C ARG G 214 -10.27 15.14 65.33
N TYR G 215 -10.40 16.26 66.03
CA TYR G 215 -11.23 17.34 65.51
C TYR G 215 -10.56 17.97 64.30
N GLY G 216 -11.33 18.13 63.23
CA GLY G 216 -10.80 18.67 61.99
C GLY G 216 -10.38 17.58 61.03
N THR G 217 -9.73 16.53 61.54
CA THR G 217 -9.35 15.42 60.70
C THR G 217 -10.41 14.32 60.64
N ILE G 218 -11.45 14.43 61.47
CA ILE G 218 -12.55 13.46 61.42
C ILE G 218 -13.26 13.52 60.07
N VAL G 219 -13.26 14.69 59.42
CA VAL G 219 -13.88 14.81 58.11
C VAL G 219 -13.17 13.97 57.07
N SER G 220 -11.90 13.61 57.31
CA SER G 220 -11.19 12.73 56.39
C SER G 220 -11.75 11.31 56.41
N ARG G 221 -12.34 10.89 57.53
CA ARG G 221 -12.91 9.56 57.62
C ARG G 221 -14.10 9.42 56.67
N PHE G 222 -14.04 8.39 55.83
CA PHE G 222 -15.08 8.11 54.84
C PHE G 222 -15.35 9.31 53.95
N LYS G 223 -14.29 10.02 53.57
CA LYS G 223 -14.44 11.17 52.71
C LYS G 223 -14.84 10.71 51.31
N ASP G 224 -15.81 11.42 50.72
CA ASP G 224 -16.33 11.10 49.39
C ASP G 224 -16.87 9.68 49.34
N CYS G 225 -17.51 9.25 50.43
CA CYS G 225 -18.07 7.91 50.54
C CYS G 225 -19.49 7.98 51.10
N ALA G 226 -20.30 8.90 50.56
CA ALA G 226 -21.67 9.07 51.03
C ALA G 226 -22.57 7.90 50.67
N ALA G 227 -22.28 7.18 49.58
CA ALA G 227 -23.10 6.03 49.21
C ALA G 227 -22.98 4.93 50.25
N LEU G 228 -21.77 4.65 50.74
CA LEU G 228 -21.61 3.66 51.79
C LEU G 228 -22.29 4.10 53.08
N ALA G 229 -22.19 5.39 53.40
CA ALA G 229 -22.84 5.91 54.60
C ALA G 229 -24.36 5.75 54.52
N THR G 230 -24.94 6.06 53.36
CA THR G 230 -26.39 5.91 53.22
C THR G 230 -26.82 4.45 53.17
N PHE G 231 -25.98 3.56 52.63
CA PHE G 231 -26.28 2.13 52.70
C PHE G 231 -26.26 1.64 54.14
N GLY G 232 -25.28 2.09 54.92
CA GLY G 232 -25.26 1.73 56.33
C GLY G 232 -26.46 2.28 57.09
N HIS G 233 -26.85 3.51 56.77
CA HIS G 233 -28.04 4.09 57.41
C HIS G 233 -29.29 3.30 57.03
N LEU G 234 -29.39 2.86 55.77
CA LEU G 234 -30.51 2.03 55.35
C LEU G 234 -30.53 0.71 56.09
N CYS G 235 -29.37 0.08 56.24
CA CYS G 235 -29.30 -1.21 56.94
C CYS G 235 -29.52 -1.07 58.44
N LYS G 236 -29.27 0.11 59.02
CA LYS G 236 -29.43 0.30 60.45
C LYS G 236 -30.80 0.80 60.86
N ILE G 237 -31.40 1.73 60.10
CA ILE G 237 -32.68 2.31 60.48
C ILE G 237 -33.84 1.33 60.35
N THR G 238 -33.61 0.19 59.70
CA THR G 238 -34.65 -0.82 59.51
C THR G 238 -34.47 -2.06 60.38
N GLY G 239 -33.24 -2.41 60.74
CA GLY G 239 -32.98 -3.65 61.44
C GLY G 239 -32.80 -4.79 60.47
N MET G 240 -33.11 -4.51 59.20
CA MET G 240 -32.97 -5.50 58.13
C MET G 240 -31.50 -5.81 57.90
N SER G 241 -31.20 -7.08 57.69
CA SER G 241 -29.82 -7.51 57.51
C SER G 241 -29.27 -7.04 56.18
N THR G 242 -27.94 -6.86 56.13
CA THR G 242 -27.30 -6.40 54.90
C THR G 242 -27.38 -7.44 53.80
N GLU G 243 -27.45 -8.73 54.16
CA GLU G 243 -27.59 -9.79 53.16
C GLU G 243 -28.98 -9.83 52.54
N ASP G 244 -30.00 -9.35 53.25
CA ASP G 244 -31.37 -9.40 52.75
C ASP G 244 -31.89 -8.05 52.28
N VAL G 245 -31.23 -6.95 52.68
CA VAL G 245 -31.53 -5.64 52.11
C VAL G 245 -31.18 -5.61 50.62
N THR G 246 -30.02 -6.16 50.27
CA THR G 246 -29.52 -6.04 48.90
C THR G 246 -30.43 -6.72 47.89
N THR G 247 -31.30 -7.64 48.32
CA THR G 247 -32.22 -8.27 47.38
C THR G 247 -33.42 -7.38 47.08
N TRP G 248 -33.63 -6.31 47.85
CA TRP G 248 -34.76 -5.41 47.59
C TRP G 248 -34.40 -4.28 46.64
N ILE G 249 -33.14 -4.15 46.24
CA ILE G 249 -32.76 -3.07 45.33
C ILE G 249 -33.34 -3.36 43.95
N LEU G 250 -33.71 -2.29 43.26
CA LEU G 250 -34.48 -2.40 42.02
C LEU G 250 -33.96 -1.36 41.05
N ASN G 251 -34.73 -1.13 39.97
CA ASN G 251 -34.51 -0.04 39.01
C ASN G 251 -33.34 -0.30 38.08
N ARG G 252 -32.60 -1.39 38.32
CA ARG G 252 -31.58 -1.91 37.42
C ARG G 252 -30.36 -0.99 37.36
N GLU G 253 -30.46 0.21 37.93
CA GLU G 253 -29.30 1.10 38.04
C GLU G 253 -28.78 1.18 39.47
N VAL G 254 -29.68 1.17 40.45
CA VAL G 254 -29.28 0.93 41.83
C VAL G 254 -28.55 -0.39 41.92
N ALA G 255 -28.96 -1.37 41.11
CA ALA G 255 -28.27 -2.66 41.06
C ALA G 255 -26.82 -2.50 40.61
N ASP G 256 -26.61 -1.77 39.52
CA ASP G 256 -25.25 -1.58 39.02
C ASP G 256 -24.39 -0.80 40.00
N GLU G 257 -24.97 0.23 40.63
CA GLU G 257 -24.21 1.00 41.61
C GLU G 257 -23.87 0.17 42.84
N MET G 258 -24.80 -0.68 43.27
CA MET G 258 -24.50 -1.60 44.37
C MET G 258 -23.43 -2.60 43.99
N VAL G 259 -23.47 -3.11 42.75
CA VAL G 259 -22.45 -4.06 42.30
C VAL G 259 -21.07 -3.40 42.31
N GLN G 260 -20.97 -2.19 41.77
CA GLN G 260 -19.68 -1.49 41.79
C GLN G 260 -19.30 -1.04 43.19
N MET G 261 -20.25 -1.01 44.11
CA MET G 261 -19.93 -0.74 45.51
C MET G 261 -19.26 -1.93 46.18
N MET G 262 -19.77 -3.14 45.92
CA MET G 262 -19.47 -4.31 46.73
C MET G 262 -18.51 -5.30 46.07
N LEU G 263 -17.47 -4.83 45.38
CA LEU G 263 -16.41 -5.72 44.98
C LEU G 263 -15.68 -6.24 46.21
N PRO G 264 -15.32 -7.54 46.25
CA PRO G 264 -14.78 -8.13 47.49
C PRO G 264 -13.48 -7.50 47.97
N GLY G 265 -12.49 -7.39 47.08
CA GLY G 265 -11.15 -7.02 47.51
C GLY G 265 -10.97 -5.57 47.90
N GLN G 266 -11.77 -5.08 48.85
CA GLN G 266 -11.61 -3.74 49.39
C GLN G 266 -11.71 -3.69 50.90
N GLU G 267 -12.13 -4.78 51.54
CA GLU G 267 -12.43 -4.86 52.98
C GLU G 267 -13.12 -3.59 53.48
N ILE G 268 -14.23 -3.25 52.82
CA ILE G 268 -15.02 -2.10 53.20
C ILE G 268 -15.66 -2.26 54.57
N ASP G 269 -15.63 -3.46 55.15
CA ASP G 269 -16.18 -3.73 56.46
C ASP G 269 -15.13 -3.69 57.56
N LYS G 270 -13.87 -3.41 57.23
CA LYS G 270 -12.79 -3.35 58.22
C LYS G 270 -12.52 -1.90 58.56
N ALA G 271 -12.70 -1.54 59.84
CA ALA G 271 -12.62 -0.15 60.24
C ALA G 271 -11.18 0.37 60.14
N ASP G 272 -10.23 -0.37 60.69
CA ASP G 272 -8.83 0.06 60.74
C ASP G 272 -8.09 -0.30 59.46
N SER G 273 -8.63 0.16 58.33
CA SER G 273 -8.06 -0.09 57.02
C SER G 273 -7.93 1.24 56.28
N TYR G 274 -7.34 1.16 55.08
CA TYR G 274 -7.12 2.35 54.26
C TYR G 274 -8.34 2.75 53.45
N MET G 275 -9.43 1.98 53.51
CA MET G 275 -10.60 2.27 52.69
C MET G 275 -11.23 3.62 52.99
N PRO G 276 -11.45 4.04 54.25
CA PRO G 276 -12.10 5.34 54.48
C PRO G 276 -11.34 6.52 53.88
N TYR G 277 -10.01 6.44 53.81
CA TYR G 277 -9.18 7.51 53.27
C TYR G 277 -8.75 7.22 51.83
N LEU G 278 -9.63 6.61 51.04
CA LEU G 278 -9.26 6.17 49.70
C LEU G 278 -8.96 7.35 48.76
N ILE G 279 -9.40 8.55 49.10
CA ILE G 279 -9.14 9.71 48.28
C ILE G 279 -8.22 10.73 48.96
N ASP G 280 -8.20 10.78 50.29
CA ASP G 280 -7.28 11.68 50.98
C ASP G 280 -5.84 11.20 50.87
N PHE G 281 -5.64 9.88 50.85
CA PHE G 281 -4.31 9.31 50.67
C PHE G 281 -3.88 9.23 49.21
N GLY G 282 -4.76 9.61 48.28
CA GLY G 282 -4.46 9.46 46.87
C GLY G 282 -4.61 8.06 46.34
N LEU G 283 -5.21 7.15 47.11
CA LEU G 283 -5.42 5.79 46.63
C LEU G 283 -6.33 5.77 45.41
N SER G 284 -7.39 6.57 45.44
CA SER G 284 -8.34 6.65 44.33
C SER G 284 -8.64 8.12 44.03
N SER G 285 -8.28 8.57 42.83
CA SER G 285 -8.60 9.93 42.42
C SER G 285 -10.11 10.12 42.35
N LYS G 286 -10.82 9.13 41.81
CA LYS G 286 -12.27 9.13 41.75
C LYS G 286 -12.79 8.07 42.71
N SER G 287 -13.64 8.49 43.65
CA SER G 287 -14.13 7.59 44.69
C SER G 287 -15.36 6.85 44.19
N PRO G 288 -15.32 5.53 44.08
CA PRO G 288 -16.50 4.79 43.59
C PRO G 288 -17.69 4.84 44.53
N TYR G 289 -17.47 5.07 45.82
CA TYR G 289 -18.55 5.10 46.81
C TYR G 289 -19.11 6.51 47.00
N SER G 290 -18.93 7.40 46.04
CA SER G 290 -19.40 8.77 46.17
C SER G 290 -20.89 8.86 45.87
N SER G 291 -21.44 10.06 46.06
CA SER G 291 -22.85 10.30 45.73
C SER G 291 -23.02 10.65 44.26
N VAL G 292 -22.06 11.36 43.67
CA VAL G 292 -22.17 11.74 42.27
C VAL G 292 -22.00 10.51 41.37
N LYS G 293 -21.06 9.64 41.70
CA LYS G 293 -20.86 8.42 40.92
C LYS G 293 -21.95 7.38 41.16
N ASN G 294 -22.61 7.42 42.31
CA ASN G 294 -23.71 6.52 42.64
C ASN G 294 -24.92 7.35 43.02
N PRO G 295 -25.52 8.04 42.05
CA PRO G 295 -26.67 8.91 42.38
C PRO G 295 -27.95 8.14 42.60
N ALA G 296 -28.19 7.08 41.82
CA ALA G 296 -29.44 6.33 41.96
C ALA G 296 -29.52 5.62 43.30
N PHE G 297 -28.44 4.92 43.69
CA PHE G 297 -28.43 4.24 44.98
C PHE G 297 -28.59 5.23 46.12
N HIS G 298 -27.87 6.34 46.06
CA HIS G 298 -27.96 7.35 47.11
C HIS G 298 -29.38 7.89 47.21
N PHE G 299 -29.98 8.26 46.08
CA PHE G 299 -31.32 8.82 46.10
C PHE G 299 -32.33 7.81 46.62
N TRP G 300 -32.25 6.56 46.15
CA TRP G 300 -33.21 5.54 46.56
C TRP G 300 -33.12 5.30 48.07
N GLY G 301 -31.92 5.00 48.56
CA GLY G 301 -31.75 4.76 49.98
C GLY G 301 -32.09 5.97 50.83
N GLN G 302 -31.79 7.16 50.33
CA GLN G 302 -32.02 8.37 51.11
C GLN G 302 -33.51 8.65 51.24
N LEU G 303 -34.25 8.54 50.14
CA LEU G 303 -35.70 8.70 50.20
C LEU G 303 -36.35 7.61 51.03
N THR G 304 -35.85 6.37 50.94
CA THR G 304 -36.40 5.29 51.75
C THR G 304 -36.20 5.58 53.23
N ALA G 305 -35.01 6.05 53.61
CA ALA G 305 -34.76 6.41 55.00
C ALA G 305 -35.65 7.56 55.44
N LEU G 306 -35.91 8.52 54.56
CA LEU G 306 -36.83 9.60 54.89
C LEU G 306 -38.24 9.07 55.13
N LEU G 307 -38.70 8.15 54.29
CA LEU G 307 -40.05 7.63 54.43
C LEU G 307 -40.22 6.79 55.68
N LEU G 308 -39.11 6.38 56.31
CA LEU G 308 -39.14 5.64 57.56
C LEU G 308 -38.90 6.53 58.78
N ARG G 309 -38.99 7.84 58.61
CA ARG G 309 -38.89 8.81 59.70
C ARG G 309 -37.55 8.70 60.43
N SER G 310 -36.48 8.97 59.69
CA SER G 310 -35.14 9.08 60.24
C SER G 310 -34.69 10.54 60.18
N THR G 311 -34.24 11.07 61.32
CA THR G 311 -33.90 12.49 61.39
C THR G 311 -32.72 12.85 60.50
N ARG G 312 -31.87 11.89 60.15
CA ARG G 312 -30.76 12.16 59.24
C ARG G 312 -31.28 12.45 57.84
N ALA G 313 -32.36 11.77 57.45
CA ALA G 313 -32.80 11.75 56.06
C ALA G 313 -33.66 12.95 55.69
N ARG G 314 -33.20 14.16 55.98
CA ARG G 314 -33.90 15.37 55.59
C ARG G 314 -32.97 16.48 55.11
N ASN G 315 -31.67 16.22 55.00
CA ASN G 315 -30.71 17.25 54.60
C ASN G 315 -29.80 16.82 53.46
N ALA G 316 -29.88 15.57 53.00
CA ALA G 316 -28.99 15.10 51.95
C ALA G 316 -29.37 15.72 50.60
N ARG G 317 -28.37 16.08 49.81
CA ARG G 317 -28.61 16.70 48.52
C ARG G 317 -29.25 15.69 47.57
N GLN G 318 -30.30 16.13 46.87
CA GLN G 318 -30.93 15.27 45.88
C GLN G 318 -30.08 15.23 44.62
N PRO G 319 -29.70 14.05 44.13
CA PRO G 319 -28.89 13.98 42.90
C PRO G 319 -29.61 14.54 41.69
N ASP G 320 -28.87 14.77 40.60
CA ASP G 320 -29.42 15.38 39.40
C ASP G 320 -29.22 14.48 38.21
N ASP G 321 -30.04 14.69 37.18
CA ASP G 321 -29.96 13.98 35.91
C ASP G 321 -30.14 12.48 36.10
N ILE G 322 -31.17 12.11 36.86
CA ILE G 322 -31.54 10.71 37.08
C ILE G 322 -33.06 10.62 37.09
N GLU G 323 -33.59 9.51 36.55
CA GLU G 323 -35.03 9.29 36.54
C GLU G 323 -35.54 9.09 37.96
N TYR G 324 -36.31 10.05 38.47
CA TYR G 324 -36.74 9.99 39.86
C TYR G 324 -38.00 9.17 40.07
N THR G 325 -38.82 8.98 39.05
CA THR G 325 -40.13 8.34 39.25
C THR G 325 -39.98 6.88 39.69
N SER G 326 -39.17 6.11 38.96
CA SER G 326 -39.02 4.70 39.28
C SER G 326 -38.36 4.50 40.63
N LEU G 327 -37.33 5.31 40.94
CA LEU G 327 -36.68 5.20 42.24
C LEU G 327 -37.63 5.58 43.37
N THR G 328 -38.46 6.60 43.17
CA THR G 328 -39.45 6.95 44.18
C THR G 328 -40.45 5.82 44.38
N THR G 329 -40.88 5.19 43.29
CA THR G 329 -41.81 4.06 43.42
C THR G 329 -41.19 2.91 44.20
N ALA G 330 -39.95 2.57 43.88
CA ALA G 330 -39.28 1.48 44.59
C ALA G 330 -39.07 1.81 46.06
N GLY G 331 -38.66 3.05 46.35
CA GLY G 331 -38.48 3.46 47.73
C GLY G 331 -39.79 3.45 48.52
N LEU G 332 -40.87 3.89 47.88
CA LEU G 332 -42.18 3.86 48.53
C LEU G 332 -42.61 2.42 48.81
N LEU G 333 -42.36 1.51 47.87
CA LEU G 333 -42.71 0.11 48.09
C LEU G 333 -41.93 -0.47 49.26
N TYR G 334 -40.62 -0.23 49.30
CA TYR G 334 -39.81 -0.76 50.40
C TYR G 334 -40.20 -0.14 51.73
N ALA G 335 -40.50 1.17 51.74
CA ALA G 335 -40.90 1.84 52.96
C ALA G 335 -42.24 1.32 53.46
N TYR G 336 -43.18 1.07 52.56
CA TYR G 336 -44.45 0.47 52.95
C TYR G 336 -44.23 -0.93 53.52
N ALA G 337 -43.32 -1.70 52.91
CA ALA G 337 -43.02 -3.03 53.42
C ALA G 337 -42.45 -2.95 54.83
N VAL G 338 -41.56 -1.98 55.08
CA VAL G 338 -40.94 -1.86 56.40
C VAL G 338 -41.98 -1.40 57.43
N GLY G 339 -42.77 -0.37 57.09
CA GLY G 339 -43.69 0.23 58.04
C GLY G 339 -45.03 -0.44 58.19
N GLY G 372 -45.28 -9.50 55.39
CA GLY G 372 -43.96 -10.05 55.63
C GLY G 372 -42.91 -9.23 54.91
N ARG G 373 -41.65 -9.51 55.22
CA ARG G 373 -40.53 -8.81 54.61
C ARG G 373 -39.96 -9.54 53.40
N ASP G 374 -40.66 -10.55 52.89
CA ASP G 374 -40.21 -11.23 51.69
C ASP G 374 -40.41 -10.33 50.48
N VAL G 375 -39.39 -10.23 49.63
CA VAL G 375 -39.43 -9.27 48.53
C VAL G 375 -40.36 -9.74 47.42
N VAL G 376 -40.27 -11.01 47.04
CA VAL G 376 -41.05 -11.50 45.90
C VAL G 376 -42.54 -11.47 46.21
N GLU G 377 -42.92 -11.72 47.47
CA GLU G 377 -44.32 -11.60 47.84
C GLU G 377 -44.82 -10.18 47.62
N TRP G 378 -44.01 -9.18 47.97
CA TRP G 378 -44.42 -7.80 47.79
C TRP G 378 -44.51 -7.42 46.32
N LEU G 379 -43.54 -7.86 45.49
CA LEU G 379 -43.66 -7.60 44.05
C LEU G 379 -44.87 -8.31 43.44
N GLY G 380 -45.14 -9.55 43.84
CA GLY G 380 -46.33 -10.23 43.34
C GLY G 380 -47.59 -9.51 43.75
N TRP G 381 -47.65 -9.04 44.99
CA TRP G 381 -48.79 -8.26 45.45
C TRP G 381 -48.93 -6.96 44.67
N PHE G 382 -47.81 -6.35 44.28
CA PHE G 382 -47.88 -5.13 43.47
C PHE G 382 -48.40 -5.42 42.07
N GLU G 383 -47.89 -6.47 41.41
CA GLU G 383 -48.37 -6.80 40.07
C GLU G 383 -49.78 -7.34 40.08
N ASP G 384 -50.27 -7.83 41.22
CA ASP G 384 -51.70 -8.08 41.33
C ASP G 384 -52.52 -6.80 41.24
N GLN G 385 -51.91 -5.64 41.51
CA GLN G 385 -52.53 -4.34 41.35
C GLN G 385 -52.00 -3.58 40.14
N ASN G 386 -51.61 -4.30 39.09
CA ASN G 386 -51.13 -3.75 37.81
C ASN G 386 -50.13 -2.61 38.01
N ARG G 387 -49.18 -2.83 38.93
CA ARG G 387 -48.01 -1.98 39.07
C ARG G 387 -48.35 -0.52 39.32
N LYS G 388 -49.28 -0.25 40.24
CA LYS G 388 -49.53 1.13 40.63
C LYS G 388 -49.63 1.24 42.15
N PRO G 389 -49.08 2.31 42.73
CA PRO G 389 -49.15 2.46 44.19
C PRO G 389 -50.56 2.79 44.65
N THR G 390 -50.95 2.23 45.78
CA THR G 390 -52.27 2.50 46.32
C THR G 390 -52.34 3.94 46.82
N PRO G 391 -53.50 4.58 46.77
CA PRO G 391 -53.65 5.89 47.44
C PRO G 391 -53.39 5.81 48.93
N ASP G 392 -53.57 4.63 49.53
CA ASP G 392 -53.16 4.42 50.90
C ASP G 392 -51.65 4.57 51.05
N MET G 393 -50.89 4.11 50.05
CA MET G 393 -49.43 4.27 50.11
C MET G 393 -49.03 5.74 50.01
N MET G 394 -49.71 6.53 49.17
CA MET G 394 -49.47 7.96 49.17
C MET G 394 -49.87 8.60 50.50
N GLN G 395 -50.95 8.13 51.12
CA GLN G 395 -51.32 8.65 52.44
C GLN G 395 -50.25 8.34 53.48
N TYR G 396 -49.72 7.12 53.47
CA TYR G 396 -48.66 6.76 54.40
C TYR G 396 -47.40 7.57 54.16
N ALA G 397 -47.03 7.76 52.89
CA ALA G 397 -45.88 8.60 52.58
C ALA G 397 -46.09 10.02 53.05
N LYS G 398 -47.29 10.56 52.81
CA LYS G 398 -47.62 11.92 53.26
C LYS G 398 -47.49 12.04 54.77
N ARG G 399 -48.00 11.05 55.51
CA ARG G 399 -47.85 11.06 56.96
C ARG G 399 -46.38 11.01 57.35
N ALA G 400 -45.57 10.28 56.57
CA ALA G 400 -44.15 10.18 56.89
C ALA G 400 -43.39 11.46 56.58
N VAL G 401 -43.89 12.28 55.65
CA VAL G 401 -43.17 13.47 55.22
C VAL G 401 -43.83 14.77 55.71
N MET G 402 -45.08 14.71 56.16
CA MET G 402 -45.74 15.95 56.59
C MET G 402 -45.09 16.48 57.87
N SER G 403 -45.33 17.77 58.13
CA SER G 403 -44.83 18.45 59.32
C SER G 403 -43.31 18.41 59.42
N LEU G 404 -42.64 18.42 58.27
CA LEU G 404 -41.18 18.53 58.24
C LEU G 404 -40.83 20.01 58.13
N GLN G 405 -40.76 20.67 59.27
CA GLN G 405 -40.51 22.11 59.30
C GLN G 405 -39.06 22.40 58.95
N GLY G 406 -38.85 23.50 58.22
CA GLY G 406 -37.52 23.96 57.88
C GLY G 406 -36.72 23.03 57.01
N LEU G 407 -37.34 22.50 55.95
CA LEU G 407 -36.61 21.66 55.02
C LEU G 407 -35.57 22.48 54.26
N ARG G 408 -34.35 21.93 54.21
CA ARG G 408 -33.27 22.57 53.46
C ARG G 408 -33.51 22.42 51.97
N GLU G 409 -33.07 23.44 51.21
CA GLU G 409 -33.36 23.50 49.79
C GLU G 409 -32.64 22.39 49.03
N LYS G 410 -33.31 21.87 48.00
CA LYS G 410 -32.75 20.94 47.02
C LYS G 410 -32.51 19.59 47.69
N THR G 411 -32.86 19.47 48.97
CA THR G 411 -32.64 18.22 49.69
C THR G 411 -33.76 17.22 49.41
N ILE G 412 -33.56 16.00 49.91
CA ILE G 412 -34.54 14.94 49.72
C ILE G 412 -35.84 15.24 50.44
N GLY G 413 -35.76 15.89 51.60
CA GLY G 413 -36.97 16.24 52.32
C GLY G 413 -37.89 17.15 51.52
N LYS G 414 -37.32 18.19 50.91
CA LYS G 414 -38.11 19.10 50.10
C LYS G 414 -38.73 18.40 48.91
N TYR G 415 -37.96 17.55 48.23
CA TYR G 415 -38.49 16.83 47.06
C TYR G 415 -39.61 15.88 47.48
N ALA G 416 -39.45 15.18 48.59
CA ALA G 416 -40.49 14.26 49.06
C ALA G 416 -41.74 15.02 49.47
N LYS G 417 -41.59 16.16 50.15
CA LYS G 417 -42.75 16.95 50.51
C LYS G 417 -43.47 17.47 49.27
N SER G 418 -42.72 17.90 48.26
CA SER G 418 -43.35 18.34 47.02
C SER G 418 -44.09 17.18 46.34
N GLU G 419 -43.46 16.00 46.31
CA GLU G 419 -44.04 14.87 45.60
C GLU G 419 -45.15 14.18 46.38
N PHE G 420 -45.00 14.04 47.69
CA PHE G 420 -45.89 13.19 48.48
C PHE G 420 -46.85 13.98 49.36
N ASP G 421 -47.07 15.26 49.06
CA ASP G 421 -48.06 16.07 49.77
C ASP G 421 -49.06 16.66 48.78
N LYS G 422 -49.48 15.84 47.83
CA LYS G 422 -50.43 16.28 46.82
C LYS G 422 -51.85 16.38 47.38
N GLU I 62 15.79 -35.22 -60.32
CA GLU I 62 14.39 -35.17 -59.88
C GLU I 62 13.79 -33.85 -60.31
N LYS I 63 12.70 -33.92 -61.06
CA LYS I 63 12.00 -32.73 -61.56
C LYS I 63 10.71 -32.54 -60.78
N PHE I 64 10.52 -31.33 -60.25
CA PHE I 64 9.42 -31.08 -59.33
C PHE I 64 9.19 -29.57 -59.21
N ARG I 65 7.99 -29.19 -58.77
CA ARG I 65 7.73 -27.79 -58.45
C ARG I 65 7.78 -27.60 -56.94
N PHE I 66 7.58 -26.35 -56.51
CA PHE I 66 7.67 -26.01 -55.09
C PHE I 66 6.92 -24.71 -54.85
N MET I 67 6.82 -24.31 -53.59
CA MET I 67 6.18 -23.06 -53.17
C MET I 67 6.69 -22.72 -51.78
N LEU I 68 6.75 -21.43 -51.47
CA LEU I 68 7.29 -20.99 -50.19
C LEU I 68 6.48 -19.86 -49.58
N LYS I 69 6.05 -20.05 -48.34
CA LYS I 69 5.72 -18.98 -47.42
C LYS I 69 6.79 -18.93 -46.35
N MET I 70 7.47 -17.78 -46.24
CA MET I 70 8.66 -17.68 -45.41
C MET I 70 8.49 -16.56 -44.39
N THR I 71 8.89 -16.85 -43.15
CA THR I 71 8.80 -15.84 -42.09
C THR I 71 9.88 -16.18 -41.05
N VAL I 72 10.94 -15.38 -41.03
CA VAL I 72 12.02 -15.52 -40.05
C VAL I 72 11.97 -14.30 -39.14
N ARG I 73 11.75 -14.53 -37.85
CA ARG I 73 11.59 -13.46 -36.87
C ARG I 73 12.79 -13.45 -35.94
N SER I 74 13.41 -12.28 -35.78
CA SER I 74 14.60 -12.14 -34.97
C SER I 74 14.48 -10.93 -34.05
N ASN I 75 15.11 -11.02 -32.88
CA ASN I 75 15.15 -9.89 -31.96
C ASN I 75 15.97 -8.75 -32.53
N LYS I 76 17.10 -9.07 -33.16
CA LYS I 76 17.96 -8.09 -33.80
C LYS I 76 18.14 -8.44 -35.28
N PRO I 77 18.37 -7.44 -36.13
CA PRO I 77 18.65 -7.72 -37.54
C PRO I 77 19.87 -8.63 -37.69
N PHE I 78 19.81 -9.52 -38.66
CA PHE I 78 20.88 -10.48 -38.90
C PHE I 78 22.12 -9.76 -39.42
N ARG I 79 23.29 -10.13 -38.89
CA ARG I 79 24.55 -9.54 -39.33
C ARG I 79 24.79 -9.82 -40.81
N SER I 80 24.91 -11.10 -41.16
CA SER I 80 25.22 -11.51 -42.53
C SER I 80 24.36 -12.72 -42.89
N TYR I 81 24.49 -13.14 -44.15
CA TYR I 81 23.67 -14.25 -44.64
C TYR I 81 24.08 -15.57 -44.00
N ASP I 82 25.33 -15.70 -43.56
CA ASP I 82 25.74 -16.91 -42.85
C ASP I 82 24.98 -17.06 -41.54
N ASP I 83 24.78 -15.95 -40.83
CA ASP I 83 23.94 -15.98 -39.63
C ASP I 83 22.51 -16.39 -39.98
N VAL I 84 22.01 -15.95 -41.14
CA VAL I 84 20.69 -16.35 -41.59
C VAL I 84 20.63 -17.87 -41.79
N THR I 85 21.65 -18.42 -42.45
CA THR I 85 21.67 -19.86 -42.68
C THR I 85 21.74 -20.62 -41.36
N ALA I 86 22.52 -20.12 -40.42
CA ALA I 86 22.60 -20.76 -39.10
C ALA I 86 21.25 -20.69 -38.38
N ALA I 87 20.55 -19.57 -38.48
CA ALA I 87 19.28 -19.37 -37.78
C ALA I 87 18.11 -20.08 -38.45
N VAL I 88 18.24 -20.47 -39.72
CA VAL I 88 17.15 -21.17 -40.39
C VAL I 88 17.41 -22.67 -40.31
N SER I 89 18.68 -23.06 -40.10
CA SER I 89 19.05 -24.47 -40.07
C SER I 89 18.43 -25.22 -38.90
N GLN I 90 17.88 -24.53 -37.92
CA GLN I 90 17.21 -25.16 -36.79
C GLN I 90 15.77 -25.53 -37.10
N TRP I 91 15.33 -25.37 -38.34
CA TRP I 91 13.93 -25.62 -38.68
C TRP I 91 13.58 -27.10 -38.56
N ASP I 92 14.51 -27.99 -38.91
CA ASP I 92 14.28 -29.43 -38.88
C ASP I 92 14.91 -30.09 -37.66
N ASN I 93 14.88 -29.41 -36.52
CA ASN I 93 15.43 -29.98 -35.29
C ASN I 93 14.67 -31.25 -34.89
N SER I 94 13.35 -31.22 -34.98
CA SER I 94 12.50 -32.39 -34.77
C SER I 94 11.60 -32.49 -35.99
N TYR I 95 12.13 -33.14 -37.03
CA TYR I 95 11.40 -33.25 -38.33
C TYR I 95 10.12 -34.06 -38.16
N ILE I 96 9.00 -33.52 -38.65
CA ILE I 96 7.71 -34.19 -38.54
C ILE I 96 7.04 -34.45 -39.88
N GLY I 97 7.30 -33.64 -40.92
CA GLY I 97 6.67 -33.84 -42.19
C GLY I 97 7.09 -35.12 -42.89
N MET I 98 6.72 -35.23 -44.16
CA MET I 98 7.03 -36.41 -44.96
C MET I 98 8.54 -36.63 -45.04
N VAL I 99 8.99 -37.82 -44.63
CA VAL I 99 10.41 -38.11 -44.56
C VAL I 99 11.09 -38.11 -45.93
N GLY I 100 10.40 -38.56 -46.97
CA GLY I 100 11.01 -38.61 -48.29
C GLY I 100 11.40 -37.24 -48.81
N LYS I 101 10.60 -36.22 -48.51
CA LYS I 101 10.85 -34.86 -48.98
C LYS I 101 11.86 -34.10 -48.12
N ARG I 102 12.50 -34.77 -47.17
CA ARG I 102 13.43 -34.07 -46.27
C ARG I 102 14.59 -33.42 -47.01
N PRO I 103 15.31 -34.09 -47.93
CA PRO I 103 16.36 -33.38 -48.67
C PRO I 103 15.81 -32.26 -49.54
N PHE I 104 14.69 -32.52 -50.21
CA PHE I 104 14.07 -31.48 -51.02
C PHE I 104 13.64 -30.31 -50.16
N TYR I 105 13.05 -30.58 -49.00
CA TYR I 105 12.63 -29.50 -48.10
C TYR I 105 13.84 -28.72 -47.60
N LYS I 106 14.94 -29.41 -47.33
CA LYS I 106 16.16 -28.71 -46.91
C LYS I 106 16.67 -27.77 -47.99
N ILE I 107 16.68 -28.24 -49.24
CA ILE I 107 17.17 -27.40 -50.34
C ILE I 107 16.24 -26.22 -50.58
N ILE I 108 14.93 -26.44 -50.49
CA ILE I 108 13.98 -25.36 -50.69
C ILE I 108 14.06 -24.35 -49.54
N ALA I 109 14.33 -24.82 -48.32
CA ALA I 109 14.59 -23.90 -47.22
C ALA I 109 15.86 -23.09 -47.47
N LEU I 110 16.89 -23.75 -48.01
CA LEU I 110 18.12 -23.04 -48.37
C LEU I 110 17.84 -21.90 -49.35
N ILE I 111 17.08 -22.18 -50.41
CA ILE I 111 16.83 -21.14 -51.41
C ILE I 111 15.92 -20.06 -50.84
N GLY I 112 14.94 -20.44 -50.02
CA GLY I 112 14.08 -19.45 -49.39
C GLY I 112 14.85 -18.51 -48.48
N SER I 113 15.81 -19.05 -47.72
CA SER I 113 16.70 -18.20 -46.95
C SER I 113 17.61 -17.36 -47.84
N SER I 114 18.01 -17.88 -48.99
CA SER I 114 18.83 -17.12 -49.92
C SER I 114 18.05 -15.93 -50.49
N HIS I 115 16.73 -16.04 -50.57
CA HIS I 115 15.91 -14.98 -51.14
C HIS I 115 15.09 -14.24 -50.09
N LEU I 116 15.68 -13.99 -48.91
CA LEU I 116 15.00 -13.28 -47.84
C LEU I 116 15.14 -11.77 -48.04
N GLN I 117 14.07 -11.18 -48.60
CA GLN I 117 13.94 -9.73 -48.58
C GLN I 117 13.32 -9.28 -47.28
N ALA I 118 13.80 -8.14 -46.76
CA ALA I 118 13.37 -7.67 -45.46
C ALA I 118 12.04 -6.92 -45.58
N THR I 119 11.63 -6.30 -44.49
CA THR I 119 10.39 -5.54 -44.38
C THR I 119 10.72 -4.20 -43.76
N PRO I 120 9.88 -3.18 -43.96
CA PRO I 120 10.16 -1.87 -43.33
C PRO I 120 10.27 -1.92 -41.81
N ALA I 121 9.88 -3.04 -41.18
CA ALA I 121 10.06 -3.14 -39.73
C ALA I 121 11.50 -3.44 -39.35
N VAL I 122 12.33 -3.81 -40.32
CA VAL I 122 13.73 -4.14 -40.06
C VAL I 122 14.56 -2.86 -40.03
N LEU I 123 13.89 -1.71 -40.10
CA LEU I 123 14.57 -0.42 -40.03
C LEU I 123 15.19 -0.20 -38.66
N ALA I 124 15.81 0.97 -38.47
CA ALA I 124 16.63 1.26 -37.31
C ALA I 124 15.99 0.83 -35.99
N ASP I 125 14.85 1.43 -35.64
CA ASP I 125 14.16 1.06 -34.41
C ASP I 125 12.66 1.27 -34.61
N LEU I 126 11.97 0.23 -35.05
CA LEU I 126 10.52 0.20 -35.10
C LEU I 126 9.93 -0.91 -34.26
N ASN I 127 10.38 -2.15 -34.47
CA ASN I 127 9.93 -3.31 -33.71
C ASN I 127 10.94 -4.43 -33.94
N GLN I 128 10.60 -5.62 -33.50
CA GLN I 128 11.44 -6.79 -33.75
C GLN I 128 11.37 -7.16 -35.23
N PRO I 129 12.49 -7.26 -35.94
CA PRO I 129 12.44 -7.51 -37.38
C PRO I 129 11.88 -8.88 -37.71
N GLU I 130 11.20 -8.97 -38.86
CA GLU I 130 10.73 -10.24 -39.40
C GLU I 130 11.03 -10.25 -40.90
N TYR I 131 11.49 -11.38 -41.40
CA TYR I 131 11.85 -11.51 -42.81
C TYR I 131 10.76 -12.27 -43.57
N TYR I 132 10.79 -12.15 -44.89
CA TYR I 132 9.77 -12.74 -45.73
C TYR I 132 10.38 -13.16 -47.06
N ALA I 133 9.79 -14.19 -47.67
CA ALA I 133 10.23 -14.69 -48.96
C ALA I 133 9.15 -15.58 -49.56
N THR I 134 8.95 -15.48 -50.87
CA THR I 134 8.05 -16.37 -51.58
C THR I 134 8.66 -16.73 -52.93
N LEU I 135 8.58 -18.02 -53.28
CA LEU I 135 9.15 -18.53 -54.52
C LEU I 135 8.25 -19.60 -55.08
N THR I 136 8.03 -19.56 -56.40
CA THR I 136 7.18 -20.53 -57.07
C THR I 136 7.68 -20.70 -58.50
N GLY I 137 7.46 -21.89 -59.05
CA GLY I 137 7.82 -22.19 -60.42
C GLY I 137 8.42 -23.57 -60.57
N ARG I 138 8.81 -23.86 -61.81
CA ARG I 138 9.40 -25.16 -62.13
C ARG I 138 10.80 -25.26 -61.53
N CYS I 139 11.32 -26.49 -61.48
CA CYS I 139 12.72 -26.73 -61.15
C CYS I 139 12.99 -28.23 -61.33
N PHE I 140 14.28 -28.56 -61.39
CA PHE I 140 14.72 -29.95 -61.37
C PHE I 140 16.06 -30.02 -60.66
N LEU I 141 16.28 -31.10 -59.91
CA LEU I 141 17.36 -31.18 -58.95
C LEU I 141 18.29 -32.35 -59.24
N PRO I 142 19.58 -32.09 -59.47
CA PRO I 142 20.56 -33.19 -59.44
C PRO I 142 20.88 -33.61 -58.02
N HIS I 143 20.62 -34.86 -57.67
CA HIS I 143 20.86 -35.36 -56.32
C HIS I 143 21.33 -36.81 -56.41
N ARG I 144 21.95 -37.27 -55.32
CA ARG I 144 22.54 -38.60 -55.23
C ARG I 144 22.02 -39.33 -54.00
N LEU I 145 20.71 -39.30 -53.80
CA LEU I 145 20.07 -39.93 -52.64
C LEU I 145 19.06 -41.00 -53.06
N GLY I 146 19.29 -41.63 -54.22
CA GLY I 146 18.45 -42.74 -54.64
C GLY I 146 17.07 -42.30 -55.10
N LEU I 147 16.21 -43.30 -55.27
CA LEU I 147 14.84 -43.06 -55.70
C LEU I 147 14.08 -42.29 -54.63
N ILE I 148 13.21 -41.38 -55.06
CA ILE I 148 12.47 -40.54 -54.13
C ILE I 148 11.05 -41.10 -53.99
N PRO I 149 10.45 -41.03 -52.81
CA PRO I 149 9.05 -41.42 -52.65
C PRO I 149 8.15 -40.56 -53.51
N PRO I 150 6.99 -41.07 -53.93
CA PRO I 150 6.06 -40.26 -54.71
C PRO I 150 5.64 -39.01 -53.96
N MET I 151 5.52 -37.91 -54.70
CA MET I 151 5.26 -36.60 -54.12
C MET I 151 3.92 -36.08 -54.62
N PHE I 152 3.13 -35.50 -53.71
CA PHE I 152 1.80 -35.01 -54.02
C PHE I 152 1.66 -33.57 -53.55
N ASN I 153 0.48 -33.00 -53.80
CA ASN I 153 0.21 -31.61 -53.44
C ASN I 153 -0.16 -31.48 -51.97
N VAL I 154 0.81 -31.67 -51.09
CA VAL I 154 0.60 -31.55 -49.65
C VAL I 154 1.43 -30.37 -49.14
N SER I 155 0.78 -29.45 -48.44
CA SER I 155 1.42 -28.26 -47.87
C SER I 155 1.40 -28.38 -46.36
N GLU I 156 2.58 -28.58 -45.75
CA GLU I 156 2.70 -28.70 -44.31
C GLU I 156 3.55 -27.54 -43.77
N THR I 157 3.05 -26.89 -42.74
CA THR I 157 3.77 -25.78 -42.13
C THR I 157 4.82 -26.29 -41.16
N PHE I 158 5.88 -25.49 -41.00
CA PHE I 158 6.97 -25.79 -40.08
C PHE I 158 7.18 -24.58 -39.18
N ARG I 159 6.97 -24.76 -37.88
CA ARG I 159 7.13 -23.71 -36.90
C ARG I 159 8.09 -24.19 -35.82
N LYS I 160 9.31 -23.67 -35.84
CA LYS I 160 10.32 -24.06 -34.87
C LYS I 160 11.09 -22.82 -34.42
N PRO I 161 11.50 -22.76 -33.15
CA PRO I 161 12.33 -21.64 -32.69
C PRO I 161 13.81 -21.95 -32.81
N PHE I 162 14.58 -20.92 -33.16
CA PHE I 162 16.02 -21.05 -33.33
C PHE I 162 16.74 -20.32 -32.21
N ASN I 163 17.88 -20.89 -31.80
CA ASN I 163 18.68 -20.32 -30.72
C ASN I 163 20.15 -20.46 -31.14
N ILE I 164 20.69 -19.39 -31.73
CA ILE I 164 22.07 -19.37 -32.19
C ILE I 164 22.85 -18.33 -31.39
N GLY I 165 22.37 -18.01 -30.20
CA GLY I 165 23.06 -17.05 -29.36
C GLY I 165 22.48 -15.66 -29.42
N ILE I 166 23.11 -14.78 -30.22
CA ILE I 166 22.70 -13.39 -30.29
C ILE I 166 21.28 -13.25 -30.83
N TYR I 167 20.85 -14.18 -31.68
CA TYR I 167 19.58 -14.08 -32.38
C TYR I 167 18.55 -15.03 -31.78
N LYS I 168 17.35 -14.51 -31.56
CA LYS I 168 16.22 -15.27 -31.02
C LYS I 168 15.07 -15.24 -32.02
N GLY I 169 14.09 -16.13 -31.81
CA GLY I 169 12.88 -16.08 -32.59
C GLY I 169 12.50 -17.44 -33.14
N THR I 170 11.51 -17.45 -34.02
CA THR I 170 10.96 -18.68 -34.59
C THR I 170 10.96 -18.63 -36.12
N LEU I 171 10.33 -19.61 -36.76
CA LEU I 171 10.27 -19.67 -38.22
C LEU I 171 8.83 -19.96 -38.64
N ASP I 172 8.61 -20.03 -39.95
CA ASP I 172 7.31 -20.37 -40.52
C ASP I 172 7.49 -20.80 -41.98
N PHE I 173 7.08 -22.02 -42.31
CA PHE I 173 7.30 -22.58 -43.64
C PHE I 173 5.99 -23.01 -44.28
N THR I 174 6.04 -23.18 -45.61
CA THR I 174 4.97 -23.81 -46.36
C THR I 174 5.57 -24.30 -47.68
N PHE I 175 5.70 -25.61 -47.83
CA PHE I 175 6.24 -26.21 -49.04
C PHE I 175 5.14 -26.93 -49.82
N THR I 176 5.31 -26.97 -51.14
CA THR I 176 4.40 -27.67 -52.03
C THR I 176 5.22 -28.49 -53.03
N VAL I 177 6.20 -29.23 -52.52
CA VAL I 177 7.10 -30.02 -53.36
C VAL I 177 6.35 -31.25 -53.86
N SER I 178 6.09 -31.30 -55.17
CA SER I 178 5.40 -32.43 -55.79
C SER I 178 6.00 -32.71 -57.15
N ASP I 179 5.81 -33.93 -57.63
CA ASP I 179 6.42 -34.37 -58.88
C ASP I 179 5.90 -33.58 -60.06
N ASP I 180 6.72 -33.50 -61.10
CA ASP I 180 6.38 -32.83 -62.36
C ASP I 180 6.71 -33.79 -63.50
N VAL I 186 12.52 -27.51 -67.74
CA VAL I 186 12.29 -26.70 -66.55
C VAL I 186 13.59 -25.99 -66.17
N PRO I 187 13.52 -24.79 -65.60
CA PRO I 187 14.75 -24.11 -65.17
C PRO I 187 15.45 -24.87 -64.06
N HIS I 188 16.78 -24.72 -64.02
CA HIS I 188 17.58 -25.38 -63.00
C HIS I 188 17.26 -24.83 -61.62
N VAL I 189 17.20 -25.72 -60.63
CA VAL I 189 16.89 -25.29 -59.26
C VAL I 189 18.02 -24.43 -58.71
N TRP I 190 19.27 -24.75 -59.06
CA TRP I 190 20.39 -23.93 -58.63
C TRP I 190 20.52 -22.66 -59.44
N GLU I 191 19.87 -22.58 -60.61
CA GLU I 191 19.90 -21.35 -61.38
C GLU I 191 19.14 -20.23 -60.67
N TYR I 192 18.14 -20.57 -59.86
CA TYR I 192 17.43 -19.57 -59.09
C TYR I 192 18.36 -18.86 -58.11
N MET I 193 19.36 -19.59 -57.59
CA MET I 193 20.33 -18.99 -56.68
C MET I 193 21.14 -17.92 -57.40
N ASN I 194 20.87 -16.66 -57.11
CA ASN I 194 21.57 -15.58 -57.79
C ASN I 194 23.04 -15.52 -57.38
N PRO I 195 23.94 -15.12 -58.28
CA PRO I 195 25.35 -14.96 -57.90
C PRO I 195 25.62 -13.71 -57.10
N LYS I 196 24.66 -12.79 -57.00
CA LYS I 196 24.86 -11.58 -56.22
C LYS I 196 25.07 -11.90 -54.74
N TYR I 197 24.26 -12.81 -54.20
CA TYR I 197 24.49 -13.36 -52.88
C TYR I 197 25.36 -14.61 -53.02
N GLN I 198 25.52 -15.35 -51.92
CA GLN I 198 26.14 -16.68 -51.95
C GLN I 198 27.55 -16.62 -52.53
N SER I 199 28.43 -15.97 -51.77
CA SER I 199 29.84 -15.88 -52.16
C SER I 199 30.44 -17.27 -52.38
N GLN I 200 30.06 -18.24 -51.55
CA GLN I 200 30.45 -19.63 -51.74
C GLN I 200 29.21 -20.49 -51.49
N ILE I 201 28.60 -20.97 -52.58
CA ILE I 201 27.41 -21.81 -52.47
C ILE I 201 27.73 -23.14 -51.79
N GLN I 202 28.98 -23.61 -51.91
CA GLN I 202 29.33 -24.95 -51.44
C GLN I 202 29.12 -25.09 -49.93
N LYS I 203 29.54 -24.09 -49.15
CA LYS I 203 29.40 -24.18 -47.70
C LYS I 203 28.04 -23.69 -47.21
N GLU I 204 27.48 -22.68 -47.87
CA GLU I 204 26.16 -22.20 -47.45
C GLU I 204 25.07 -23.23 -47.74
N GLY I 205 25.22 -24.06 -48.77
CA GLY I 205 24.31 -25.16 -48.96
C GLY I 205 24.44 -26.21 -47.87
N LEU I 206 25.68 -26.50 -47.47
CA LEU I 206 25.92 -27.46 -46.39
C LEU I 206 25.42 -26.92 -45.05
N LYS I 207 25.33 -25.59 -44.93
CA LYS I 207 24.83 -24.98 -43.70
C LYS I 207 23.46 -25.51 -43.31
N PHE I 208 22.64 -25.86 -44.29
CA PHE I 208 21.31 -26.40 -44.04
C PHE I 208 21.30 -27.91 -43.92
N GLY I 209 22.47 -28.55 -43.85
CA GLY I 209 22.57 -29.98 -43.74
C GLY I 209 22.95 -30.70 -45.01
N LEU I 210 23.04 -30.00 -46.13
CA LEU I 210 23.32 -30.64 -47.41
C LEU I 210 24.80 -30.95 -47.55
N ILE I 211 25.15 -31.60 -48.66
CA ILE I 211 26.53 -31.80 -49.08
C ILE I 211 26.57 -31.68 -50.59
N LEU I 212 27.38 -30.76 -51.09
CA LEU I 212 27.42 -30.42 -52.50
C LEU I 212 28.78 -30.77 -53.10
N SER I 213 28.84 -30.74 -54.43
CA SER I 213 30.06 -31.01 -55.18
C SER I 213 29.88 -30.47 -56.59
N TRP I 220 25.19 -27.90 -59.62
CA TRP I 220 25.57 -28.51 -58.35
C TRP I 220 24.68 -29.70 -58.06
N VAL I 221 25.31 -30.81 -57.64
CA VAL I 221 24.61 -32.05 -57.36
C VAL I 221 24.66 -32.31 -55.86
N LEU I 222 23.52 -32.68 -55.29
CA LEU I 222 23.43 -32.97 -53.86
C LEU I 222 23.90 -34.41 -53.62
N ASP I 223 25.00 -34.56 -52.90
CA ASP I 223 25.55 -35.89 -52.63
C ASP I 223 24.73 -36.62 -51.58
N GLN I 224 24.69 -36.08 -50.36
CA GLN I 224 23.79 -36.57 -49.33
C GLN I 224 23.62 -35.46 -48.30
N LEU I 225 22.87 -35.77 -47.24
CA LEU I 225 22.71 -34.84 -46.15
C LEU I 225 23.88 -34.97 -45.16
N SER I 226 23.74 -34.29 -44.03
CA SER I 226 24.69 -34.44 -42.94
C SER I 226 24.61 -35.86 -42.39
N PRO I 227 25.68 -36.33 -41.71
CA PRO I 227 25.67 -37.70 -41.17
C PRO I 227 24.42 -38.03 -40.38
N PHE I 228 23.66 -39.01 -40.88
CA PHE I 228 22.49 -39.56 -40.22
C PHE I 228 21.36 -38.54 -40.04
N LYS I 229 21.41 -37.44 -40.79
CA LYS I 229 20.34 -36.46 -40.76
C LYS I 229 19.50 -36.53 -42.04
N LYS J 56 33.37 -58.89 -19.23
CA LYS J 56 33.43 -58.07 -18.03
C LYS J 56 33.10 -56.60 -18.31
N ASP J 57 33.80 -56.02 -19.29
CA ASP J 57 33.78 -54.58 -19.52
C ASP J 57 33.68 -54.26 -21.01
N SER J 58 32.75 -54.90 -21.71
CA SER J 58 32.56 -54.64 -23.14
C SER J 58 32.11 -53.20 -23.33
N LEU J 59 32.98 -52.39 -23.93
CA LEU J 59 32.67 -50.97 -24.16
C LEU J 59 31.56 -50.83 -25.20
N ARG J 60 30.60 -49.95 -24.93
CA ARG J 60 29.48 -49.72 -25.82
C ARG J 60 29.02 -48.27 -25.72
N TYR J 61 28.34 -47.81 -26.76
CA TYR J 61 27.78 -46.46 -26.81
C TYR J 61 26.27 -46.53 -26.69
N GLU J 62 25.71 -45.73 -25.79
CA GLU J 62 24.27 -45.71 -25.54
C GLU J 62 23.72 -44.33 -25.92
N LYS J 63 22.94 -44.29 -26.99
CA LYS J 63 22.29 -43.06 -27.40
C LYS J 63 21.03 -42.82 -26.59
N PHE J 64 20.81 -41.58 -26.15
CA PHE J 64 19.67 -41.27 -25.31
C PHE J 64 19.46 -39.77 -25.27
N ARG J 65 18.20 -39.35 -25.15
CA ARG J 65 17.89 -37.96 -24.89
C ARG J 65 17.68 -37.74 -23.38
N PHE J 66 17.62 -36.47 -22.98
CA PHE J 66 17.59 -36.14 -21.57
C PHE J 66 16.90 -34.80 -21.37
N MET J 67 16.70 -34.43 -20.11
CA MET J 67 16.13 -33.16 -19.70
C MET J 67 16.57 -32.93 -18.25
N LEU J 68 16.43 -31.67 -17.80
CA LEU J 68 16.94 -31.34 -16.48
C LEU J 68 16.25 -30.09 -15.94
N LYS J 69 15.68 -30.23 -14.74
CA LYS J 69 15.27 -29.10 -13.91
C LYS J 69 16.12 -29.13 -12.65
N MET J 70 16.70 -27.98 -12.29
CA MET J 70 17.59 -27.89 -11.14
C MET J 70 17.25 -26.68 -10.29
N THR J 71 17.45 -26.83 -8.98
CA THR J 71 17.22 -25.73 -8.03
C THR J 71 18.00 -26.05 -6.77
N VAL J 72 18.99 -25.22 -6.44
CA VAL J 72 19.83 -25.41 -5.27
C VAL J 72 19.72 -24.16 -4.40
N ARG J 73 19.45 -24.37 -3.11
CA ARG J 73 19.39 -23.30 -2.13
C ARG J 73 20.45 -23.53 -1.06
N SER J 74 20.98 -22.43 -0.52
CA SER J 74 22.04 -22.51 0.47
C SER J 74 21.95 -21.31 1.42
N ASN J 75 22.58 -21.46 2.58
CA ASN J 75 22.63 -20.34 3.52
C ASN J 75 23.55 -19.24 3.04
N LYS J 76 24.65 -19.60 2.38
CA LYS J 76 25.62 -18.65 1.86
C LYS J 76 25.92 -18.98 0.40
N PRO J 77 26.32 -17.99 -0.38
CA PRO J 77 26.75 -18.27 -1.76
C PRO J 77 27.96 -19.20 -1.79
N PHE J 78 28.01 -20.04 -2.81
CA PHE J 78 29.05 -21.06 -2.90
C PHE J 78 30.40 -20.42 -3.19
N ARG J 79 31.41 -20.84 -2.41
CA ARG J 79 32.76 -20.30 -2.58
C ARG J 79 33.33 -20.66 -3.94
N SER J 80 33.15 -21.90 -4.37
CA SER J 80 33.72 -22.37 -5.62
C SER J 80 32.87 -23.51 -6.16
N TYR J 81 33.26 -24.00 -7.34
CA TYR J 81 32.51 -25.07 -7.98
C TYR J 81 32.68 -26.40 -7.24
N ASP J 82 33.82 -26.60 -6.58
CA ASP J 82 34.01 -27.83 -5.81
C ASP J 82 32.99 -27.92 -4.67
N ASP J 83 32.70 -26.79 -4.02
CA ASP J 83 31.65 -26.77 -3.01
C ASP J 83 30.30 -27.14 -3.61
N VAL J 84 30.03 -26.67 -4.82
CA VAL J 84 28.77 -27.01 -5.49
C VAL J 84 28.70 -28.51 -5.75
N THR J 85 29.80 -29.10 -6.23
CA THR J 85 29.82 -30.53 -6.49
C THR J 85 29.61 -31.32 -5.21
N ALA J 86 30.24 -30.89 -4.11
CA ALA J 86 30.00 -31.54 -2.82
C ALA J 86 28.54 -31.37 -2.38
N ALA J 87 27.95 -30.23 -2.66
CA ALA J 87 26.57 -29.94 -2.27
C ALA J 87 25.54 -30.74 -3.07
N VAL J 88 25.83 -31.07 -4.32
CA VAL J 88 24.90 -31.81 -5.16
C VAL J 88 25.17 -33.31 -5.13
N SER J 89 26.38 -33.74 -4.78
CA SER J 89 26.69 -35.17 -4.74
C SER J 89 25.83 -35.94 -3.75
N GLN J 90 25.23 -35.26 -2.77
CA GLN J 90 24.34 -35.91 -1.81
C GLN J 90 22.90 -35.95 -2.31
N TRP J 91 22.68 -35.82 -3.62
CA TRP J 91 21.32 -35.82 -4.15
C TRP J 91 20.68 -37.20 -4.03
N ASP J 92 21.47 -38.26 -4.14
CA ASP J 92 20.97 -39.63 -4.14
C ASP J 92 21.47 -40.39 -2.91
N ASN J 93 21.49 -39.73 -1.76
CA ASN J 93 21.81 -40.43 -0.52
C ASN J 93 20.79 -41.53 -0.23
N SER J 94 19.52 -41.24 -0.45
CA SER J 94 18.45 -42.23 -0.39
C SER J 94 17.82 -42.31 -1.78
N TYR J 95 18.09 -43.40 -2.49
CA TYR J 95 17.71 -43.55 -3.88
C TYR J 95 16.40 -44.33 -3.97
N ILE J 96 15.44 -43.78 -4.71
CA ILE J 96 14.15 -44.42 -4.92
C ILE J 96 13.90 -44.58 -6.41
N GLY J 97 14.59 -43.76 -7.21
CA GLY J 97 14.39 -43.78 -8.65
C GLY J 97 14.89 -45.07 -9.29
N MET J 98 14.66 -45.15 -10.61
CA MET J 98 15.01 -46.34 -11.37
C MET J 98 16.50 -46.63 -11.31
N VAL J 99 16.86 -47.83 -10.84
CA VAL J 99 18.26 -48.23 -10.71
C VAL J 99 18.96 -48.31 -12.05
N GLY J 100 18.26 -48.71 -13.11
CA GLY J 100 18.89 -48.88 -14.41
C GLY J 100 19.39 -47.59 -15.03
N LYS J 101 18.99 -46.44 -14.49
CA LYS J 101 19.44 -45.15 -14.99
C LYS J 101 20.30 -44.39 -13.98
N ARG J 102 20.84 -45.08 -12.98
CA ARG J 102 21.63 -44.39 -11.96
C ARG J 102 22.87 -43.70 -12.52
N PRO J 103 23.73 -44.36 -13.31
CA PRO J 103 24.87 -43.61 -13.89
C PRO J 103 24.44 -42.46 -14.80
N PHE J 104 23.36 -42.64 -15.56
CA PHE J 104 22.88 -41.56 -16.42
C PHE J 104 22.32 -40.42 -15.60
N TYR J 105 21.62 -40.75 -14.51
CA TYR J 105 21.16 -39.69 -13.62
C TYR J 105 22.34 -38.96 -13.01
N LYS J 106 23.42 -39.67 -12.72
CA LYS J 106 24.62 -39.04 -12.19
C LYS J 106 25.27 -38.10 -13.20
N ILE J 107 25.35 -38.51 -14.47
CA ILE J 107 25.96 -37.63 -15.47
C ILE J 107 25.08 -36.40 -15.68
N ILE J 108 23.76 -36.57 -15.63
CA ILE J 108 22.88 -35.41 -15.77
C ILE J 108 23.01 -34.49 -14.57
N ALA J 109 23.19 -35.05 -13.37
CA ALA J 109 23.49 -34.21 -12.21
C ALA J 109 24.81 -33.46 -12.40
N LEU J 110 25.80 -34.13 -12.99
CA LEU J 110 27.07 -33.47 -13.30
C LEU J 110 26.88 -32.27 -14.22
N ILE J 111 26.12 -32.46 -15.31
CA ILE J 111 25.93 -31.37 -16.26
C ILE J 111 25.12 -30.24 -15.62
N GLY J 112 24.16 -30.59 -14.77
CA GLY J 112 23.38 -29.56 -14.09
C GLY J 112 24.21 -28.75 -13.12
N SER J 113 25.05 -29.42 -12.33
CA SER J 113 25.96 -28.71 -11.45
C SER J 113 26.95 -27.86 -12.23
N SER J 114 27.37 -28.33 -13.41
CA SER J 114 28.26 -27.55 -14.26
C SER J 114 27.58 -26.27 -14.75
N HIS J 115 26.30 -26.36 -15.12
CA HIS J 115 25.58 -25.23 -15.71
C HIS J 115 24.63 -24.55 -14.71
N LEU J 116 25.04 -24.43 -13.45
CA LEU J 116 24.24 -23.77 -12.44
C LEU J 116 24.47 -22.25 -12.50
N GLN J 117 23.60 -21.58 -13.26
CA GLN J 117 23.60 -20.13 -13.29
C GLN J 117 22.85 -19.59 -12.07
N ALA J 118 23.35 -18.48 -11.54
CA ALA J 118 22.77 -17.89 -10.34
C ALA J 118 21.52 -17.09 -10.68
N THR J 119 20.96 -16.42 -9.68
CA THR J 119 19.73 -15.66 -9.80
C THR J 119 19.95 -14.31 -9.14
N PRO J 120 19.09 -13.33 -9.42
CA PRO J 120 19.22 -12.03 -8.73
C PRO J 120 19.12 -12.12 -7.21
N ALA J 121 18.53 -13.20 -6.67
CA ALA J 121 18.49 -13.36 -5.22
C ALA J 121 19.87 -13.65 -4.65
N VAL J 122 20.80 -14.12 -5.48
CA VAL J 122 22.15 -14.45 -5.03
C VAL J 122 22.99 -13.20 -4.75
N LEU J 123 22.44 -12.01 -5.02
CA LEU J 123 23.16 -10.78 -4.77
C LEU J 123 23.34 -10.56 -3.26
N ALA J 124 23.91 -9.39 -2.92
CA ALA J 124 24.48 -9.12 -1.60
C ALA J 124 23.62 -9.63 -0.44
N ASP J 125 22.40 -9.10 -0.31
CA ASP J 125 21.51 -9.54 0.77
C ASP J 125 20.06 -9.35 0.32
N LEU J 126 19.48 -10.43 -0.22
CA LEU J 126 18.04 -10.47 -0.48
C LEU J 126 17.36 -11.59 0.28
N ASN J 127 17.84 -12.82 0.14
CA ASN J 127 17.27 -13.98 0.81
C ASN J 127 18.31 -15.11 0.74
N GLN J 128 17.89 -16.32 1.05
CA GLN J 128 18.76 -17.47 0.86
C GLN J 128 19.10 -17.60 -0.63
N PRO J 129 20.38 -17.62 -0.99
CA PRO J 129 20.75 -17.69 -2.41
C PRO J 129 20.27 -18.99 -3.03
N GLU J 130 19.42 -18.86 -4.05
CA GLU J 130 18.83 -19.99 -4.76
C GLU J 130 19.44 -20.06 -6.15
N TYR J 131 19.88 -21.26 -6.54
CA TYR J 131 20.50 -21.47 -7.84
C TYR J 131 19.50 -22.13 -8.78
N TYR J 132 19.85 -22.19 -10.07
CA TYR J 132 18.94 -22.72 -11.07
C TYR J 132 19.75 -23.21 -12.26
N ALA J 133 19.22 -24.22 -12.95
CA ALA J 133 19.85 -24.75 -14.15
C ALA J 133 18.78 -25.43 -15.00
N THR J 134 19.07 -25.54 -16.30
CA THR J 134 18.13 -26.16 -17.23
C THR J 134 18.91 -26.62 -18.44
N LEU J 135 18.97 -27.93 -18.65
CA LEU J 135 19.65 -28.52 -19.80
C LEU J 135 18.76 -29.58 -20.44
N THR J 136 18.65 -29.53 -21.76
CA THR J 136 17.80 -30.46 -22.49
C THR J 136 18.43 -30.75 -23.85
N GLY J 137 18.31 -32.00 -24.29
CA GLY J 137 18.83 -32.37 -25.59
C GLY J 137 18.96 -33.87 -25.78
N ARG J 138 20.05 -34.29 -26.43
CA ARG J 138 20.27 -35.69 -26.75
C ARG J 138 21.77 -35.90 -26.94
N CYS J 139 22.23 -37.09 -26.57
CA CYS J 139 23.67 -37.37 -26.56
C CYS J 139 23.87 -38.88 -26.46
N PHE J 140 25.14 -39.29 -26.43
CA PHE J 140 25.52 -40.68 -26.24
C PHE J 140 26.74 -40.74 -25.33
N LEU J 141 26.81 -41.77 -24.49
CA LEU J 141 27.92 -41.92 -23.56
C LEU J 141 28.58 -43.27 -23.75
N PRO J 142 29.89 -43.32 -24.05
CA PRO J 142 30.62 -44.59 -24.05
C PRO J 142 30.85 -45.05 -22.62
N HIS J 143 30.29 -46.21 -22.28
CA HIS J 143 30.41 -46.75 -20.93
C HIS J 143 30.81 -48.21 -20.98
N ARG J 144 31.46 -48.66 -19.91
CA ARG J 144 31.89 -50.04 -19.77
C ARG J 144 31.10 -50.73 -18.66
N LEU J 145 29.81 -50.41 -18.57
CA LEU J 145 28.93 -50.97 -17.56
C LEU J 145 28.08 -52.13 -18.08
N GLY J 146 28.37 -52.60 -19.30
CA GLY J 146 27.60 -53.69 -19.87
C GLY J 146 26.26 -53.25 -20.40
N LEU J 147 25.42 -54.26 -20.67
CA LEU J 147 24.08 -54.00 -21.20
C LEU J 147 23.23 -53.28 -20.16
N ILE J 148 22.31 -52.46 -20.65
CA ILE J 148 21.52 -51.60 -19.78
C ILE J 148 20.04 -51.89 -20.06
N PRO J 149 19.16 -51.88 -19.06
CA PRO J 149 17.74 -52.11 -19.35
C PRO J 149 17.17 -50.98 -20.17
N PRO J 150 16.12 -51.24 -20.95
CA PRO J 150 15.52 -50.18 -21.77
C PRO J 150 14.99 -49.03 -20.92
N MET J 151 15.06 -47.83 -21.48
CA MET J 151 14.66 -46.62 -20.78
C MET J 151 13.38 -46.05 -21.40
N PHE J 152 12.49 -45.56 -20.54
CA PHE J 152 11.20 -45.02 -20.94
C PHE J 152 11.13 -43.53 -20.66
N ASN J 153 10.29 -42.84 -21.44
CA ASN J 153 10.11 -41.38 -21.32
C ASN J 153 9.21 -41.09 -20.12
N VAL J 154 9.82 -41.10 -18.94
CA VAL J 154 9.12 -40.81 -17.69
C VAL J 154 9.92 -39.77 -16.91
N SER J 155 9.22 -38.98 -16.12
CA SER J 155 9.81 -37.90 -15.34
C SER J 155 9.62 -38.15 -13.84
N GLU J 156 10.70 -37.99 -13.08
CA GLU J 156 10.73 -38.25 -11.64
C GLU J 156 11.39 -37.08 -10.93
N THR J 157 10.83 -36.68 -9.79
CA THR J 157 11.45 -35.63 -8.99
C THR J 157 12.37 -36.21 -7.91
N PHE J 158 13.35 -35.42 -7.50
CA PHE J 158 14.23 -35.74 -6.37
C PHE J 158 14.27 -34.55 -5.42
N ARG J 159 14.17 -34.83 -4.12
CA ARG J 159 14.31 -33.82 -3.09
C ARG J 159 15.12 -34.40 -1.95
N LYS J 160 16.22 -33.73 -1.60
CA LYS J 160 17.10 -34.23 -0.55
C LYS J 160 17.92 -33.10 0.03
N PRO J 161 17.86 -32.87 1.34
CA PRO J 161 18.71 -31.86 1.96
C PRO J 161 20.17 -32.30 1.98
N PHE J 162 21.06 -31.32 1.99
CA PHE J 162 22.50 -31.58 2.03
C PHE J 162 23.13 -30.76 3.15
N ASN J 163 24.18 -31.34 3.74
CA ASN J 163 24.93 -30.69 4.82
C ASN J 163 26.40 -30.99 4.58
N ILE J 164 27.11 -30.03 3.98
CA ILE J 164 28.53 -30.18 3.70
C ILE J 164 29.31 -29.29 4.65
N GLY J 165 28.76 -29.04 5.82
CA GLY J 165 29.41 -28.18 6.79
C GLY J 165 28.93 -26.74 6.73
N ILE J 166 29.69 -25.90 6.02
CA ILE J 166 29.37 -24.48 5.96
C ILE J 166 28.02 -24.26 5.28
N TYR J 167 27.72 -25.05 4.27
CA TYR J 167 26.54 -24.83 3.43
C TYR J 167 25.41 -25.78 3.80
N LYS J 168 24.21 -25.22 3.97
CA LYS J 168 22.98 -25.96 4.21
C LYS J 168 22.09 -25.83 2.97
N GLY J 169 20.87 -26.38 3.06
CA GLY J 169 19.87 -26.18 2.04
C GLY J 169 19.29 -27.49 1.56
N THR J 170 18.51 -27.40 0.48
CA THR J 170 17.85 -28.55 -0.12
C THR J 170 18.17 -28.64 -1.61
N LEU J 171 17.49 -29.54 -2.33
CA LEU J 171 17.73 -29.75 -3.75
C LEU J 171 16.40 -29.98 -4.46
N ASP J 172 16.44 -29.92 -5.79
CA ASP J 172 15.28 -30.17 -6.63
C ASP J 172 15.71 -30.68 -8.00
N PHE J 173 15.08 -31.76 -8.46
CA PHE J 173 15.51 -32.43 -9.68
C PHE J 173 14.32 -32.84 -10.52
N THR J 174 14.56 -32.99 -11.83
CA THR J 174 13.58 -33.57 -12.74
C THR J 174 14.34 -34.16 -13.93
N PHE J 175 14.51 -35.47 -13.93
CA PHE J 175 15.24 -36.16 -14.98
C PHE J 175 14.29 -36.78 -15.99
N THR J 176 14.72 -36.77 -17.25
CA THR J 176 13.97 -37.39 -18.34
C THR J 176 14.93 -38.18 -19.23
N VAL J 177 15.76 -39.02 -18.63
CA VAL J 177 16.70 -39.84 -19.37
C VAL J 177 15.96 -41.01 -19.99
N SER J 178 15.87 -41.05 -21.32
CA SER J 178 15.19 -42.12 -22.03
C SER J 178 15.94 -42.46 -23.30
N ASP J 179 15.79 -43.70 -23.76
CA ASP J 179 16.46 -44.16 -24.95
C ASP J 179 15.93 -43.43 -26.18
N ASP J 180 16.78 -43.31 -27.20
CA ASP J 180 16.43 -42.63 -28.45
C ASP J 180 16.84 -43.55 -29.59
N GLU J 181 15.85 -44.23 -30.18
CA GLU J 181 16.11 -45.14 -31.29
C GLU J 181 16.35 -44.42 -32.61
N SER J 182 16.14 -43.11 -32.66
CA SER J 182 16.36 -42.37 -33.90
C SER J 182 17.83 -42.46 -34.32
N ASN J 183 18.04 -42.63 -35.63
CA ASN J 183 19.38 -42.80 -36.17
C ASN J 183 20.16 -41.50 -36.23
N GLU J 184 19.54 -40.36 -35.95
CA GLU J 184 20.21 -39.07 -36.04
C GLU J 184 21.41 -39.03 -35.11
N LYS J 185 22.52 -38.49 -35.61
CA LYS J 185 23.75 -38.40 -34.82
C LYS J 185 23.55 -37.45 -33.64
N VAL J 186 24.27 -37.72 -32.55
CA VAL J 186 24.14 -36.96 -31.32
C VAL J 186 25.48 -36.37 -30.93
N PRO J 187 25.52 -35.24 -30.25
CA PRO J 187 26.80 -34.73 -29.74
C PRO J 187 27.27 -35.53 -28.54
N HIS J 188 28.59 -35.62 -28.39
CA HIS J 188 29.18 -36.36 -27.29
C HIS J 188 28.78 -35.74 -25.96
N VAL J 189 28.37 -36.58 -25.02
CA VAL J 189 27.76 -36.08 -23.78
C VAL J 189 28.75 -35.30 -22.94
N TRP J 190 30.00 -35.75 -22.88
CA TRP J 190 31.00 -35.07 -22.05
C TRP J 190 31.38 -33.71 -22.60
N GLU J 191 31.06 -33.43 -23.86
CA GLU J 191 31.31 -32.10 -24.42
C GLU J 191 30.37 -31.04 -23.89
N TYR J 192 29.28 -31.43 -23.22
CA TYR J 192 28.29 -30.46 -22.77
C TYR J 192 28.84 -29.52 -21.71
N MET J 193 29.71 -29.99 -20.82
CA MET J 193 30.38 -29.07 -19.89
C MET J 193 31.30 -28.14 -20.65
N ASN J 194 31.24 -26.87 -20.30
CA ASN J 194 31.99 -25.84 -20.99
C ASN J 194 33.45 -25.81 -20.55
N PRO J 195 34.34 -25.35 -21.42
CA PRO J 195 35.76 -25.20 -21.02
C PRO J 195 35.97 -24.18 -19.92
N LYS J 196 35.03 -23.25 -19.73
CA LYS J 196 35.20 -22.24 -18.69
C LYS J 196 35.29 -22.86 -17.30
N TYR J 197 34.37 -23.78 -16.99
CA TYR J 197 34.41 -24.54 -15.76
C TYR J 197 35.16 -25.84 -15.99
N GLN J 198 35.05 -26.77 -15.05
CA GLN J 198 35.62 -28.12 -15.18
C GLN J 198 37.14 -28.05 -15.37
N SER J 199 37.80 -27.56 -14.32
CA SER J 199 39.26 -27.50 -14.35
C SER J 199 39.87 -28.88 -14.54
N GLN J 200 39.26 -29.91 -13.97
CA GLN J 200 39.73 -31.29 -14.18
C GLN J 200 38.52 -32.21 -14.00
N ILE J 201 37.95 -32.64 -15.13
CA ILE J 201 36.75 -33.48 -15.07
C ILE J 201 37.06 -34.84 -14.45
N GLN J 202 38.35 -35.20 -14.36
CA GLN J 202 38.73 -36.47 -13.78
C GLN J 202 38.27 -36.62 -12.34
N LYS J 203 38.00 -35.51 -11.64
CA LYS J 203 37.41 -35.55 -10.32
C LYS J 203 36.16 -34.70 -10.17
N GLU J 204 36.03 -33.60 -10.91
CA GLU J 204 34.77 -32.88 -10.90
C GLU J 204 33.62 -33.76 -11.39
N GLY J 205 33.91 -34.70 -12.28
CA GLY J 205 32.99 -35.76 -12.64
C GLY J 205 33.03 -36.96 -11.73
N LEU J 206 33.89 -36.94 -10.70
CA LEU J 206 34.01 -38.03 -9.74
C LEU J 206 33.44 -37.69 -8.37
N LYS J 207 33.23 -36.41 -8.06
CA LYS J 207 32.61 -36.03 -6.80
C LYS J 207 31.25 -36.69 -6.63
N PHE J 208 30.51 -36.85 -7.73
CA PHE J 208 29.22 -37.50 -7.69
C PHE J 208 29.31 -39.02 -7.72
N GLY J 209 30.52 -39.57 -7.80
CA GLY J 209 30.74 -41.00 -7.65
C GLY J 209 31.28 -41.70 -8.88
N LEU J 210 31.24 -41.07 -10.05
CA LEU J 210 31.66 -41.74 -11.27
C LEU J 210 33.16 -41.96 -11.30
N ILE J 211 33.59 -43.01 -11.99
CA ILE J 211 34.99 -43.29 -12.24
C ILE J 211 35.24 -43.09 -13.73
N LEU J 212 36.09 -42.14 -14.07
CA LEU J 212 36.34 -41.77 -15.45
C LEU J 212 37.71 -42.25 -15.90
N SER J 213 37.91 -42.25 -17.22
CA SER J 213 39.18 -42.60 -17.83
C SER J 213 39.17 -42.09 -19.26
N LYS J 214 40.34 -42.11 -19.90
CA LYS J 214 40.50 -41.60 -21.24
C LYS J 214 40.60 -42.75 -22.24
N LYS J 215 39.94 -42.59 -23.39
CA LYS J 215 39.96 -43.59 -24.45
C LYS J 215 41.11 -43.37 -25.44
N ALA J 216 42.05 -42.49 -25.10
CA ALA J 216 43.24 -42.12 -25.87
C ALA J 216 42.90 -41.37 -27.15
N THR J 217 41.64 -40.98 -27.36
CA THR J 217 41.25 -40.22 -28.54
C THR J 217 40.72 -38.83 -28.20
N GLY J 218 40.27 -38.61 -26.97
CA GLY J 218 39.68 -37.34 -26.57
C GLY J 218 38.30 -37.45 -25.97
N THR J 219 37.76 -38.66 -25.86
CA THR J 219 36.46 -38.89 -25.25
C THR J 219 36.64 -39.67 -23.96
N TRP J 220 35.82 -39.34 -22.95
CA TRP J 220 35.92 -39.97 -21.64
C TRP J 220 34.89 -41.10 -21.56
N VAL J 221 35.35 -42.27 -21.11
CA VAL J 221 34.52 -43.46 -21.00
C VAL J 221 34.24 -43.71 -19.52
N LEU J 222 32.97 -43.94 -19.20
CA LEU J 222 32.56 -44.18 -17.82
C LEU J 222 32.79 -45.65 -17.47
N ASP J 223 33.65 -45.90 -16.48
CA ASP J 223 33.94 -47.26 -16.08
C ASP J 223 32.85 -47.80 -15.14
N GLN J 224 32.67 -47.16 -14.00
CA GLN J 224 31.66 -47.56 -13.02
C GLN J 224 31.51 -46.41 -12.03
N LEU J 225 30.56 -46.57 -11.10
CA LEU J 225 30.35 -45.58 -10.07
C LEU J 225 31.33 -45.79 -8.92
N SER J 226 31.08 -45.10 -7.80
CA SER J 226 31.86 -45.33 -6.60
C SER J 226 31.59 -46.75 -6.09
N PRO J 227 32.53 -47.31 -5.28
CA PRO J 227 32.39 -48.72 -4.86
C PRO J 227 31.01 -49.07 -4.32
N PHE J 228 30.32 -49.94 -5.05
CA PHE J 228 29.00 -50.45 -4.68
C PHE J 228 27.98 -49.33 -4.50
N LYS J 229 28.11 -48.24 -5.26
CA LYS J 229 27.13 -47.16 -5.21
C LYS J 229 26.35 -47.06 -6.52
N TYR K 61 32.31 -58.73 9.44
CA TYR K 61 31.95 -57.33 9.30
C TYR K 61 30.43 -57.24 9.23
N GLU K 62 29.80 -56.85 10.34
CA GLU K 62 28.35 -56.82 10.44
C GLU K 62 27.85 -55.45 10.02
N LYS K 63 27.48 -55.34 8.74
CA LYS K 63 26.95 -54.09 8.21
C LYS K 63 25.58 -53.80 8.81
N PHE K 64 25.36 -52.53 9.18
CA PHE K 64 24.12 -52.15 9.84
C PHE K 64 23.99 -50.63 9.86
N ARG K 65 22.78 -50.14 9.61
CA ARG K 65 22.51 -48.73 9.81
C ARG K 65 21.94 -48.51 11.21
N PHE K 66 21.99 -47.26 11.67
CA PHE K 66 21.66 -46.96 13.05
C PHE K 66 21.03 -45.58 13.14
N MET K 67 20.58 -45.23 14.34
CA MET K 67 20.05 -43.91 14.68
C MET K 67 20.19 -43.76 16.19
N LEU K 68 20.18 -42.52 16.65
CA LEU K 68 20.48 -42.28 18.06
C LEU K 68 19.89 -40.95 18.51
N LYS K 69 19.30 -40.96 19.70
CA LYS K 69 18.92 -39.74 20.41
C LYS K 69 19.37 -39.88 21.85
N MET K 70 19.92 -38.79 22.39
CA MET K 70 20.52 -38.84 23.72
C MET K 70 20.15 -37.58 24.49
N THR K 71 20.06 -37.74 25.81
CA THR K 71 19.76 -36.63 26.71
C THR K 71 20.30 -36.98 28.09
N VAL K 72 21.25 -36.17 28.57
CA VAL K 72 21.88 -36.39 29.87
C VAL K 72 21.66 -35.14 30.72
N ARG K 73 21.19 -35.34 31.94
CA ARG K 73 21.01 -34.27 32.90
C ARG K 73 21.86 -34.52 34.13
N SER K 74 22.50 -33.47 34.63
CA SER K 74 23.36 -33.57 35.79
C SER K 74 23.12 -32.41 36.73
N ASN K 75 23.37 -32.63 38.02
CA ASN K 75 23.27 -31.56 38.99
C ASN K 75 24.32 -30.47 38.74
N LYS K 76 25.53 -30.88 38.36
CA LYS K 76 26.59 -29.96 38.00
C LYS K 76 27.16 -30.37 36.65
N PRO K 77 27.65 -29.42 35.86
CA PRO K 77 28.22 -29.76 34.56
C PRO K 77 29.44 -30.66 34.70
N PHE K 78 29.62 -31.55 33.73
CA PHE K 78 30.61 -32.61 33.82
C PHE K 78 32.03 -32.05 33.79
N ARG K 79 32.91 -32.65 34.59
CA ARG K 79 34.34 -32.35 34.59
C ARG K 79 34.96 -32.59 33.22
N SER K 80 34.98 -33.85 32.77
CA SER K 80 35.65 -34.21 31.54
C SER K 80 34.95 -35.41 30.92
N TYR K 81 35.60 -36.02 29.93
CA TYR K 81 35.02 -37.14 29.22
C TYR K 81 34.87 -38.37 30.12
N ASP K 82 35.82 -38.59 31.02
CA ASP K 82 35.75 -39.75 31.91
C ASP K 82 34.53 -39.68 32.82
N ASP K 83 34.23 -38.50 33.35
CA ASP K 83 33.03 -38.36 34.17
C ASP K 83 31.77 -38.59 33.35
N VAL K 84 31.78 -38.17 32.09
CA VAL K 84 30.64 -38.44 31.21
C VAL K 84 30.46 -39.94 31.03
N THR K 85 31.56 -40.66 30.80
CA THR K 85 31.48 -42.11 30.67
C THR K 85 30.94 -42.75 31.95
N ALA K 86 31.42 -42.28 33.10
CA ALA K 86 30.94 -42.82 34.37
C ALA K 86 29.45 -42.59 34.54
N ALA K 87 28.97 -41.39 34.19
CA ALA K 87 27.55 -41.07 34.30
C ALA K 87 26.70 -41.73 33.23
N VAL K 88 27.30 -42.23 32.16
CA VAL K 88 26.55 -42.86 31.08
C VAL K 88 26.66 -44.38 31.08
N SER K 89 27.77 -44.95 31.56
CA SER K 89 27.98 -46.39 31.51
C SER K 89 26.96 -47.14 32.36
N GLN K 90 26.27 -46.45 33.26
CA GLN K 90 25.21 -47.04 34.07
C GLN K 90 23.87 -47.01 33.38
N TRP K 91 23.85 -46.79 32.06
CA TRP K 91 22.59 -46.73 31.33
C TRP K 91 21.90 -48.10 31.26
N ASP K 92 22.68 -49.18 31.20
CA ASP K 92 22.14 -50.53 31.10
C ASP K 92 22.33 -51.31 32.40
N ASN K 93 22.16 -50.61 33.54
CA ASN K 93 22.22 -51.29 34.83
C ASN K 93 21.10 -52.32 34.95
N SER K 94 19.90 -51.95 34.51
CA SER K 94 18.77 -52.87 34.39
C SER K 94 18.37 -52.89 32.92
N TYR K 95 18.75 -53.94 32.21
CA TYR K 95 18.59 -54.01 30.77
C TYR K 95 17.29 -54.71 30.42
N ILE K 96 16.44 -54.01 29.65
CA ILE K 96 15.14 -54.55 29.26
C ILE K 96 14.99 -54.68 27.75
N GLY K 97 15.67 -53.88 26.94
CA GLY K 97 15.51 -53.94 25.50
C GLY K 97 16.04 -55.23 24.90
N MET K 98 16.08 -55.24 23.57
CA MET K 98 16.49 -56.42 22.82
C MET K 98 17.91 -56.83 23.19
N VAL K 99 18.06 -58.01 23.79
CA VAL K 99 19.36 -58.49 24.27
C VAL K 99 20.35 -58.74 23.14
N GLY K 100 19.86 -59.04 21.94
CA GLY K 100 20.76 -59.37 20.84
C GLY K 100 21.67 -58.22 20.45
N LYS K 101 21.14 -57.00 20.44
CA LYS K 101 21.89 -55.83 19.99
C LYS K 101 22.59 -55.09 21.12
N ARG K 102 22.92 -55.78 22.22
CA ARG K 102 23.53 -55.10 23.35
C ARG K 102 24.90 -54.51 23.03
N PRO K 103 25.84 -55.22 22.38
CA PRO K 103 27.11 -54.56 22.00
C PRO K 103 26.91 -53.36 21.08
N PHE K 104 25.98 -53.47 20.14
CA PHE K 104 25.70 -52.33 19.25
C PHE K 104 25.09 -51.18 20.05
N TYR K 105 24.22 -51.48 21.02
CA TYR K 105 23.69 -50.43 21.87
C TYR K 105 24.81 -49.75 22.66
N LYS K 106 25.77 -50.52 23.15
CA LYS K 106 26.89 -49.93 23.87
C LYS K 106 27.74 -49.03 22.98
N ILE K 107 28.03 -49.47 21.75
CA ILE K 107 28.83 -48.63 20.88
C ILE K 107 28.07 -47.36 20.48
N ILE K 108 26.75 -47.47 20.31
CA ILE K 108 25.96 -46.27 20.00
C ILE K 108 25.94 -45.33 21.19
N ALA K 109 25.88 -45.88 22.41
CA ALA K 109 25.98 -45.04 23.60
C ALA K 109 27.34 -44.35 23.66
N LEU K 110 28.40 -45.06 23.28
CA LEU K 110 29.73 -44.47 23.25
C LEU K 110 29.80 -43.30 22.27
N ILE K 111 29.25 -43.49 21.07
CA ILE K 111 29.29 -42.39 20.11
C ILE K 111 28.41 -41.22 20.58
N GLY K 112 27.29 -41.51 21.23
CA GLY K 112 26.47 -40.44 21.77
C GLY K 112 27.18 -39.65 22.84
N SER K 113 27.89 -40.33 23.74
CA SER K 113 28.69 -39.64 24.75
C SER K 113 29.82 -38.85 24.10
N SER K 114 30.39 -39.36 23.00
CA SER K 114 31.42 -38.64 22.28
C SER K 114 30.88 -37.41 21.58
N HIS K 115 29.58 -37.37 21.26
CA HIS K 115 28.99 -36.24 20.57
C HIS K 115 27.98 -35.50 21.45
N LEU K 116 28.20 -35.47 22.76
CA LEU K 116 27.30 -34.79 23.69
C LEU K 116 27.57 -33.29 23.66
N GLN K 117 26.95 -32.61 22.70
CA GLN K 117 27.02 -31.16 22.66
C GLN K 117 26.15 -30.57 23.77
N ALA K 118 26.61 -29.46 24.34
CA ALA K 118 25.92 -28.84 25.47
C ALA K 118 24.78 -27.95 24.97
N THR K 119 24.13 -27.27 25.90
CA THR K 119 23.00 -26.38 25.64
C THR K 119 23.24 -25.07 26.37
N PRO K 120 22.51 -24.01 26.01
CA PRO K 120 22.66 -22.74 26.74
C PRO K 120 22.40 -22.87 28.23
N ALA K 121 21.57 -23.82 28.66
CA ALA K 121 21.31 -24.00 30.08
C ALA K 121 22.53 -24.53 30.82
N VAL K 122 23.54 -25.02 30.11
CA VAL K 122 24.76 -25.53 30.74
C VAL K 122 25.64 -24.42 31.28
N LEU K 123 25.25 -23.15 31.06
CA LEU K 123 26.07 -22.02 31.47
C LEU K 123 26.08 -21.89 32.99
N ALA K 124 26.69 -20.80 33.46
CA ALA K 124 27.04 -20.59 34.87
C ALA K 124 25.93 -20.98 35.84
N ASP K 125 24.78 -20.29 35.79
CA ASP K 125 23.66 -20.59 36.67
C ASP K 125 22.36 -20.24 35.94
N LEU K 126 21.81 -21.23 35.22
CA LEU K 126 20.47 -21.13 34.66
C LEU K 126 19.57 -22.25 35.14
N ASN K 127 20.03 -23.49 35.07
CA ASN K 127 19.28 -24.67 35.49
C ASN K 127 20.24 -25.85 35.54
N GLN K 128 19.70 -27.04 35.72
CA GLN K 128 20.52 -28.24 35.66
C GLN K 128 21.01 -28.45 34.23
N PRO K 129 22.32 -28.61 34.01
CA PRO K 129 22.84 -28.82 32.65
C PRO K 129 22.23 -30.05 32.00
N GLU K 130 21.50 -29.83 30.91
CA GLU K 130 20.83 -30.89 30.17
C GLU K 130 21.54 -31.06 28.83
N TYR K 131 22.47 -32.01 28.78
CA TYR K 131 23.20 -32.29 27.56
C TYR K 131 22.29 -33.00 26.56
N TYR K 132 22.66 -32.92 25.28
CA TYR K 132 21.84 -33.49 24.22
C TYR K 132 22.76 -33.95 23.10
N ALA K 133 22.40 -35.06 22.47
CA ALA K 133 23.16 -35.60 21.36
C ALA K 133 22.25 -36.46 20.49
N THR K 134 22.29 -36.23 19.19
CA THR K 134 21.58 -37.05 18.23
C THR K 134 22.52 -37.40 17.08
N LEU K 135 22.46 -38.65 16.64
CA LEU K 135 23.33 -39.15 15.58
C LEU K 135 22.58 -40.15 14.73
N THR K 136 22.64 -39.99 13.42
CA THR K 136 22.00 -40.89 12.47
C THR K 136 22.99 -41.20 11.36
N GLY K 137 23.07 -42.47 10.97
CA GLY K 137 24.01 -42.85 9.94
C GLY K 137 23.94 -44.30 9.50
N ARG K 138 25.09 -44.87 9.18
CA ARG K 138 25.21 -46.18 8.56
C ARG K 138 26.67 -46.59 8.61
N CYS K 139 26.93 -47.85 8.98
CA CYS K 139 28.30 -48.28 9.21
C CYS K 139 28.36 -49.80 9.23
N PHE K 140 29.55 -50.31 9.56
CA PHE K 140 29.78 -51.74 9.76
C PHE K 140 30.70 -51.92 10.96
N LEU K 141 30.40 -52.91 11.79
CA LEU K 141 31.15 -53.12 13.03
C LEU K 141 31.97 -54.39 12.95
N PRO K 142 33.30 -54.30 12.84
CA PRO K 142 34.13 -55.51 12.91
C PRO K 142 34.15 -56.06 14.33
N HIS K 143 33.69 -57.30 14.49
CA HIS K 143 33.64 -57.93 15.81
C HIS K 143 33.73 -59.44 15.65
N ILE K 148 25.27 -62.04 14.72
CA ILE K 148 24.30 -61.39 15.58
C ILE K 148 22.91 -61.78 15.10
N PRO K 149 21.90 -61.85 15.96
CA PRO K 149 20.54 -62.11 15.49
C PRO K 149 20.09 -61.02 14.55
N PRO K 150 19.25 -61.34 13.57
CA PRO K 150 18.85 -60.33 12.58
C PRO K 150 17.99 -59.24 13.18
N MET K 151 18.57 -58.05 13.31
CA MET K 151 17.88 -56.93 13.95
C MET K 151 16.91 -56.27 12.98
N PHE K 152 15.90 -55.60 13.54
CA PHE K 152 14.83 -55.00 12.76
C PHE K 152 14.68 -53.53 13.15
N ASN K 153 14.04 -52.77 12.26
CA ASN K 153 13.89 -51.32 12.43
C ASN K 153 12.84 -51.08 13.52
N VAL K 154 13.28 -51.21 14.77
CA VAL K 154 12.44 -50.99 15.94
C VAL K 154 13.19 -50.07 16.90
N SER K 155 12.46 -49.13 17.50
CA SER K 155 13.05 -48.17 18.41
C SER K 155 12.61 -48.43 19.85
N GLU K 156 13.55 -48.33 20.78
CA GLU K 156 13.28 -48.51 22.20
C GLU K 156 13.95 -47.39 22.98
N THR K 157 13.26 -46.89 24.01
CA THR K 157 13.81 -45.87 24.87
C THR K 157 14.43 -46.49 26.12
N PHE K 158 15.39 -45.76 26.71
CA PHE K 158 16.03 -46.18 27.95
C PHE K 158 16.05 -45.01 28.92
N ARG K 159 15.68 -45.28 30.17
CA ARG K 159 15.66 -44.28 31.22
C ARG K 159 16.24 -44.89 32.49
N LYS K 160 17.41 -44.42 32.89
CA LYS K 160 18.08 -44.93 34.07
C LYS K 160 18.82 -43.80 34.79
N PRO K 161 18.68 -43.70 36.10
CA PRO K 161 19.44 -42.71 36.87
C PRO K 161 20.84 -43.20 37.18
N PHE K 162 21.76 -42.24 37.29
CA PHE K 162 23.15 -42.53 37.59
C PHE K 162 23.56 -41.89 38.91
N ASN K 163 24.42 -42.59 39.65
CA ASN K 163 24.93 -42.12 40.94
C ASN K 163 26.43 -42.41 40.94
N ILE K 164 27.21 -41.42 40.49
CA ILE K 164 28.66 -41.57 40.39
C ILE K 164 29.34 -40.68 41.42
N GLY K 165 28.61 -40.33 42.48
CA GLY K 165 29.19 -39.51 43.52
C GLY K 165 28.91 -38.03 43.33
N ILE K 166 29.87 -37.32 42.74
CA ILE K 166 29.77 -35.87 42.58
C ILE K 166 28.63 -35.48 41.65
N TYR K 167 28.14 -36.41 40.83
CA TYR K 167 27.11 -36.09 39.84
C TYR K 167 25.89 -36.96 40.06
N LYS K 168 24.73 -36.39 39.74
CA LYS K 168 23.44 -37.06 39.86
C LYS K 168 22.60 -36.72 38.64
N GLY K 169 21.65 -37.59 38.31
CA GLY K 169 20.73 -37.35 37.23
C GLY K 169 20.34 -38.64 36.53
N THR K 170 19.64 -38.49 35.41
CA THR K 170 19.12 -39.61 34.63
C THR K 170 19.61 -39.51 33.18
N LEU K 171 19.10 -40.41 32.34
CA LEU K 171 19.47 -40.45 30.93
C LEU K 171 18.25 -40.63 30.04
N ASP K 172 18.46 -40.73 28.72
CA ASP K 172 17.40 -40.96 27.75
C ASP K 172 18.02 -41.36 26.43
N PHE K 173 17.58 -42.50 25.90
CA PHE K 173 18.13 -43.06 24.67
C PHE K 173 17.01 -43.38 23.69
N THR K 174 17.41 -43.53 22.42
CA THR K 174 16.52 -44.02 21.36
C THR K 174 17.41 -44.74 20.35
N PHE K 175 17.49 -46.07 20.50
CA PHE K 175 18.33 -46.88 19.63
C PHE K 175 17.53 -47.46 18.48
N THR K 176 18.13 -47.44 17.29
CA THR K 176 17.50 -47.94 16.07
C THR K 176 18.50 -48.81 15.29
N VAL K 177 19.13 -49.75 15.99
CA VAL K 177 20.11 -50.62 15.33
C VAL K 177 19.38 -51.74 14.61
N SER K 178 19.67 -51.89 13.31
CA SER K 178 18.99 -52.87 12.48
C SER K 178 19.88 -53.28 11.32
N ASP K 179 19.48 -54.37 10.65
CA ASP K 179 20.21 -54.87 9.50
C ASP K 179 20.14 -53.87 8.34
N ASP K 180 21.02 -54.08 7.36
CA ASP K 180 20.98 -53.33 6.11
C ASP K 180 21.57 -54.23 5.02
N GLU K 181 20.70 -54.86 4.25
CA GLU K 181 21.14 -55.78 3.20
C GLU K 181 21.64 -55.07 1.95
N SER K 182 21.48 -53.75 1.86
CA SER K 182 21.98 -53.01 0.72
C SER K 182 23.50 -53.10 0.65
N ASN K 183 24.03 -53.24 -0.56
CA ASN K 183 25.47 -53.41 -0.75
C ASN K 183 26.21 -52.07 -0.74
N GLU K 184 25.51 -50.95 -0.58
CA GLU K 184 26.16 -49.65 -0.61
C GLU K 184 27.26 -49.56 0.43
N LYS K 185 28.40 -48.99 0.04
CA LYS K 185 29.56 -48.94 0.91
C LYS K 185 29.25 -48.14 2.18
N VAL K 186 29.80 -48.59 3.29
CA VAL K 186 29.50 -48.04 4.61
C VAL K 186 30.79 -47.52 5.22
N PRO K 187 30.79 -46.39 5.90
CA PRO K 187 31.99 -45.95 6.63
C PRO K 187 32.21 -46.81 7.86
N HIS K 188 33.47 -46.87 8.29
CA HIS K 188 33.84 -47.62 9.48
C HIS K 188 33.20 -47.00 10.72
N VAL K 189 32.68 -47.86 11.60
CA VAL K 189 31.88 -47.37 12.73
C VAL K 189 32.74 -46.60 13.72
N TRP K 190 33.96 -47.08 13.99
CA TRP K 190 34.82 -46.41 14.96
C TRP K 190 35.35 -45.09 14.44
N GLU K 191 35.21 -44.81 13.15
CA GLU K 191 35.61 -43.52 12.61
C GLU K 191 34.67 -42.40 12.98
N TYR K 192 33.45 -42.72 13.42
CA TYR K 192 32.47 -41.69 13.74
C TYR K 192 32.89 -40.81 14.91
N MET K 193 33.82 -41.26 15.74
CA MET K 193 34.30 -40.46 16.86
C MET K 193 35.39 -39.51 16.37
N ASN K 194 35.22 -38.22 16.67
CA ASN K 194 36.20 -37.23 16.27
C ASN K 194 37.50 -37.40 17.04
N PRO K 195 38.64 -37.07 16.43
CA PRO K 195 39.92 -37.18 17.13
C PRO K 195 40.08 -36.18 18.27
N LYS K 196 39.23 -35.16 18.36
CA LYS K 196 39.38 -34.14 19.39
C LYS K 196 39.20 -34.74 20.77
N TYR K 197 38.24 -35.64 20.95
CA TYR K 197 37.96 -36.24 22.23
C TYR K 197 38.69 -37.58 22.35
N GLN K 198 38.55 -38.23 23.51
CA GLN K 198 39.03 -39.60 23.73
C GLN K 198 40.53 -39.72 23.47
N SER K 199 41.29 -39.05 24.35
CA SER K 199 42.76 -39.13 24.29
C SER K 199 43.23 -40.58 24.33
N GLN K 200 42.57 -41.42 25.12
CA GLN K 200 42.86 -42.85 25.20
C GLN K 200 41.62 -43.61 24.74
N ILE K 201 41.67 -44.15 23.52
CA ILE K 201 40.52 -44.83 22.95
C ILE K 201 40.15 -46.05 23.77
N GLN K 202 41.16 -46.86 24.14
CA GLN K 202 40.91 -48.11 24.83
C GLN K 202 40.28 -47.88 26.19
N LYS K 203 40.75 -46.87 26.92
CA LYS K 203 40.20 -46.60 28.25
C LYS K 203 38.74 -46.18 28.18
N GLU K 204 38.40 -45.27 27.27
CA GLU K 204 37.00 -44.85 27.13
C GLU K 204 36.12 -46.00 26.66
N GLY K 205 36.64 -46.85 25.77
CA GLY K 205 35.90 -48.03 25.38
C GLY K 205 35.66 -48.97 26.55
N LEU K 206 36.66 -49.11 27.43
CA LEU K 206 36.52 -49.98 28.58
C LEU K 206 35.53 -49.41 29.59
N LYS K 207 35.44 -48.08 29.67
CA LYS K 207 34.50 -47.46 30.61
C LYS K 207 33.06 -47.87 30.31
N PHE K 208 32.69 -47.90 29.03
CA PHE K 208 31.36 -48.38 28.65
C PHE K 208 31.23 -49.89 28.76
N GLY K 209 32.32 -50.61 29.00
CA GLY K 209 32.31 -52.05 29.03
C GLY K 209 32.80 -52.70 27.76
N LEU K 210 32.96 -51.92 26.68
CA LEU K 210 33.44 -52.47 25.43
C LEU K 210 34.91 -52.88 25.56
N ILE K 211 35.27 -53.96 24.85
CA ILE K 211 36.62 -54.48 24.86
C ILE K 211 37.20 -54.36 23.45
N LEU K 212 38.36 -53.72 23.33
CA LEU K 212 39.01 -53.50 22.05
C LEU K 212 40.38 -54.15 22.06
N THR K 217 45.83 -53.03 11.61
CA THR K 217 45.35 -52.52 10.33
C THR K 217 44.88 -51.07 10.42
N GLY K 218 44.80 -50.51 11.62
CA GLY K 218 44.28 -49.18 11.82
C GLY K 218 42.79 -49.10 12.04
N THR K 219 42.08 -50.22 11.97
CA THR K 219 40.64 -50.27 12.23
C THR K 219 40.43 -51.09 13.50
N TRP K 220 39.80 -50.47 14.50
CA TRP K 220 39.53 -51.16 15.75
C TRP K 220 38.52 -52.26 15.54
N VAL K 221 38.66 -53.33 16.32
CA VAL K 221 37.76 -54.48 16.26
C VAL K 221 37.23 -54.76 17.66
N LEU K 222 35.91 -54.95 17.75
CA LEU K 222 35.27 -55.17 19.04
C LEU K 222 35.46 -56.62 19.48
N ASP K 223 36.01 -56.82 20.68
CA ASP K 223 36.21 -58.16 21.20
C ASP K 223 34.94 -58.71 21.82
N GLN K 224 34.46 -58.08 22.88
CA GLN K 224 33.26 -58.48 23.61
C GLN K 224 32.92 -57.36 24.58
N LEU K 225 31.93 -57.60 25.44
CA LEU K 225 31.54 -56.65 26.46
C LEU K 225 32.26 -56.99 27.77
N LEU L 41 21.89 0.81 -44.26
CA LEU L 41 21.99 0.36 -45.64
C LEU L 41 22.42 -1.10 -45.72
N SER L 42 22.76 -1.55 -46.92
CA SER L 42 23.13 -2.95 -47.12
C SER L 42 24.38 -3.32 -46.32
N ASN L 43 25.24 -2.34 -46.02
CA ASN L 43 26.43 -2.64 -45.23
C ASN L 43 26.06 -2.98 -43.79
N ASP L 44 24.94 -2.47 -43.29
CA ASP L 44 24.55 -2.69 -41.90
C ASP L 44 23.90 -4.07 -41.71
N PHE L 45 22.79 -4.31 -42.39
CA PHE L 45 22.02 -5.53 -42.24
C PHE L 45 22.01 -6.31 -43.55
N PHE L 46 21.18 -7.34 -43.60
CA PHE L 46 21.12 -8.26 -44.74
C PHE L 46 19.79 -8.12 -45.46
N GLY L 47 19.85 -8.05 -46.79
CA GLY L 47 18.66 -8.13 -47.62
C GLY L 47 17.77 -6.90 -47.65
N MET L 48 18.28 -5.80 -48.19
CA MET L 48 17.50 -4.58 -48.38
C MET L 48 17.55 -4.14 -49.84
N GLU L 49 17.32 -5.09 -50.75
CA GLU L 49 17.29 -4.77 -52.17
C GLU L 49 16.15 -3.82 -52.47
N ASP L 50 16.46 -2.75 -53.21
CA ASP L 50 15.46 -1.74 -53.54
C ASP L 50 14.58 -2.22 -54.70
N MET L 51 13.39 -1.62 -54.79
CA MET L 51 12.46 -1.95 -55.85
C MET L 51 12.99 -1.46 -57.20
N ASP L 52 12.69 -2.22 -58.25
CA ASP L 52 13.15 -1.88 -59.59
C ASP L 52 12.19 -0.95 -60.33
N LEU L 53 11.04 -0.62 -59.74
CA LEU L 53 10.15 0.36 -60.35
C LEU L 53 10.84 1.72 -60.44
N TYR L 54 11.18 2.29 -59.29
CA TYR L 54 12.09 3.43 -59.20
C TYR L 54 13.31 2.99 -58.42
N ASP L 55 14.49 3.15 -59.03
CA ASP L 55 15.69 2.55 -58.46
C ASP L 55 16.01 3.12 -57.08
N LYS L 56 16.43 4.38 -57.03
CA LYS L 56 16.58 5.06 -55.75
C LYS L 56 15.80 6.37 -55.71
N ASP L 57 16.03 7.22 -56.71
CA ASP L 57 15.51 8.59 -56.71
C ASP L 57 15.05 8.98 -58.11
N SER L 58 14.29 8.10 -58.76
CA SER L 58 13.81 8.33 -60.12
C SER L 58 13.07 9.66 -60.23
N LEU L 59 13.60 10.57 -61.05
CA LEU L 59 13.03 11.90 -61.19
C LEU L 59 11.69 11.84 -61.91
N ARG L 60 10.76 12.69 -61.48
CA ARG L 60 9.44 12.79 -62.11
C ARG L 60 8.80 14.10 -61.73
N TYR L 61 7.97 14.62 -62.64
CA TYR L 61 7.26 15.88 -62.43
C TYR L 61 5.84 15.59 -61.96
N GLU L 62 5.41 16.27 -60.91
CA GLU L 62 4.09 16.09 -60.32
C GLU L 62 3.27 17.35 -60.58
N LYS L 63 2.41 17.28 -61.59
CA LYS L 63 1.54 18.41 -61.92
C LYS L 63 0.53 18.63 -60.80
N PHE L 64 0.39 19.90 -60.38
CA PHE L 64 -0.53 20.23 -59.30
C PHE L 64 -0.80 21.73 -59.23
N ARG L 65 -2.07 22.10 -59.04
CA ARG L 65 -2.40 23.48 -58.70
C ARG L 65 -2.39 23.64 -57.18
N PHE L 66 -2.48 24.90 -56.74
CA PHE L 66 -2.35 25.20 -55.32
C PHE L 66 -3.04 26.52 -55.01
N MET L 67 -3.09 26.84 -53.73
CA MET L 67 -3.58 28.11 -53.21
C MET L 67 -2.91 28.33 -51.85
N LEU L 68 -2.76 29.59 -51.49
CA LEU L 68 -2.03 29.91 -50.26
C LEU L 68 -2.58 31.18 -49.62
N LYS L 69 -2.72 31.13 -48.30
CA LYS L 69 -2.92 32.32 -47.49
C LYS L 69 -1.95 32.25 -46.32
N MET L 70 -1.37 33.40 -45.96
CA MET L 70 -0.32 33.40 -44.96
C MET L 70 -0.36 34.72 -44.19
N THR L 71 -0.09 34.64 -42.89
CA THR L 71 -0.17 35.81 -42.02
C THR L 71 0.82 35.60 -40.87
N VAL L 72 1.88 36.39 -40.85
CA VAL L 72 2.92 36.30 -39.82
C VAL L 72 2.85 37.56 -38.97
N ARG L 73 2.68 37.38 -37.66
CA ARG L 73 2.66 38.48 -36.72
C ARG L 73 3.92 38.43 -35.87
N SER L 74 4.59 39.57 -35.74
CA SER L 74 5.83 39.65 -34.97
C SER L 74 5.79 40.89 -34.08
N ASN L 75 6.57 40.84 -33.00
CA ASN L 75 6.68 41.98 -32.10
C ASN L 75 7.53 43.11 -32.67
N LYS L 76 8.45 42.80 -33.58
CA LYS L 76 9.29 43.79 -34.24
C LYS L 76 9.37 43.48 -35.72
N PRO L 77 9.56 44.49 -36.57
CA PRO L 77 9.68 44.22 -38.00
C PRO L 77 10.90 43.37 -38.32
N PHE L 78 10.76 42.55 -39.37
CA PHE L 78 11.83 41.67 -39.81
C PHE L 78 12.82 42.47 -40.66
N ARG L 79 14.06 42.60 -40.16
CA ARG L 79 15.05 43.41 -40.85
C ARG L 79 15.40 42.82 -42.21
N SER L 80 15.56 41.50 -42.29
CA SER L 80 15.98 40.86 -43.53
C SER L 80 15.19 39.57 -43.72
N TYR L 81 15.33 38.99 -44.91
CA TYR L 81 14.64 37.74 -45.21
C TYR L 81 15.16 36.61 -44.32
N ASP L 82 16.37 36.74 -43.78
CA ASP L 82 16.93 35.73 -42.90
C ASP L 82 16.03 35.50 -41.68
N ASP L 83 15.63 36.59 -41.02
CA ASP L 83 14.75 36.46 -39.86
C ASP L 83 13.39 35.94 -40.27
N VAL L 84 12.92 36.31 -41.46
CA VAL L 84 11.64 35.81 -41.96
C VAL L 84 11.68 34.29 -42.08
N THR L 85 12.74 33.76 -42.71
CA THR L 85 12.87 32.31 -42.84
C THR L 85 13.01 31.66 -41.48
N ALA L 86 13.78 32.27 -40.58
CA ALA L 86 13.95 31.70 -39.24
C ALA L 86 12.61 31.60 -38.51
N ALA L 87 11.78 32.63 -38.62
CA ALA L 87 10.48 32.62 -37.94
C ALA L 87 9.51 31.66 -38.62
N VAL L 88 9.60 31.52 -39.95
CA VAL L 88 8.61 30.72 -40.66
C VAL L 88 8.93 29.22 -40.58
N SER L 89 10.21 28.85 -40.56
CA SER L 89 10.59 27.44 -40.63
C SER L 89 10.10 26.61 -39.45
N GLN L 90 9.46 27.26 -38.47
CA GLN L 90 8.90 26.57 -37.32
C GLN L 90 7.39 26.37 -37.44
N TRP L 91 6.83 26.54 -38.64
CA TRP L 91 5.40 26.35 -38.82
C TRP L 91 5.00 24.90 -38.61
N ASP L 92 5.86 23.96 -39.00
CA ASP L 92 5.58 22.53 -38.88
C ASP L 92 6.35 21.89 -37.73
N ASN L 93 6.51 22.61 -36.62
CA ASN L 93 7.19 22.04 -35.46
C ASN L 93 6.42 20.84 -34.92
N SER L 94 5.10 20.97 -34.81
CA SER L 94 4.21 19.87 -34.44
C SER L 94 3.26 19.67 -35.62
N TYR L 95 3.58 18.70 -36.47
CA TYR L 95 2.86 18.49 -37.72
C TYR L 95 1.60 17.67 -37.44
N ILE L 96 0.44 18.28 -37.71
CA ILE L 96 -0.85 17.62 -37.50
C ILE L 96 -1.53 17.50 -38.85
N GLY L 97 -1.16 18.35 -39.78
CA GLY L 97 -1.79 18.41 -41.08
C GLY L 97 -1.45 17.20 -41.94
N MET L 98 -1.93 17.27 -43.18
CA MET L 98 -1.77 16.16 -44.12
C MET L 98 -0.28 15.94 -44.42
N VAL L 99 0.13 14.68 -44.35
CA VAL L 99 1.55 14.32 -44.47
C VAL L 99 1.95 13.99 -45.90
N GLY L 100 1.05 13.50 -46.74
CA GLY L 100 1.38 13.24 -48.13
C GLY L 100 1.69 14.48 -48.93
N LYS L 101 1.45 15.66 -48.37
CA LYS L 101 1.76 16.93 -49.03
C LYS L 101 2.83 17.73 -48.28
N ARG L 102 3.57 17.09 -47.38
CA ARG L 102 4.53 17.83 -46.56
C ARG L 102 5.62 18.53 -47.36
N PRO L 103 6.32 17.88 -48.31
CA PRO L 103 7.28 18.66 -49.12
C PRO L 103 6.63 19.77 -49.91
N PHE L 104 5.43 19.54 -50.44
CA PHE L 104 4.74 20.58 -51.19
C PHE L 104 4.27 21.69 -50.27
N TYR L 105 3.84 21.35 -49.05
CA TYR L 105 3.53 22.37 -48.06
C TYR L 105 4.75 23.20 -47.73
N LYS L 106 5.92 22.55 -47.65
CA LYS L 106 7.16 23.27 -47.38
C LYS L 106 7.49 24.25 -48.50
N ILE L 107 7.36 23.81 -49.76
CA ILE L 107 7.67 24.70 -50.87
C ILE L 107 6.65 25.84 -50.96
N ILE L 108 5.39 25.58 -50.61
CA ILE L 108 4.39 26.64 -50.62
C ILE L 108 4.69 27.65 -49.51
N ALA L 109 5.14 27.16 -48.35
CA ALA L 109 5.59 28.07 -47.30
C ALA L 109 6.78 28.88 -47.77
N LEU L 110 7.67 28.26 -48.56
CA LEU L 110 8.82 28.99 -49.09
C LEU L 110 8.38 30.13 -50.00
N ILE L 111 7.45 29.85 -50.92
CA ILE L 111 6.99 30.92 -51.81
C ILE L 111 6.23 31.98 -51.04
N GLY L 112 5.47 31.59 -50.00
CA GLY L 112 4.78 32.57 -49.18
C GLY L 112 5.74 33.49 -48.45
N SER L 113 6.79 32.91 -47.85
CA SER L 113 7.82 33.72 -47.21
C SER L 113 8.53 34.62 -48.22
N SER L 114 8.69 34.13 -49.45
CA SER L 114 9.27 34.97 -50.50
C SER L 114 8.39 36.17 -50.80
N HIS L 115 7.07 35.98 -50.80
CA HIS L 115 6.13 37.04 -51.18
C HIS L 115 5.41 37.65 -49.98
N LEU L 116 6.07 37.78 -48.83
CA LEU L 116 5.48 38.44 -47.67
C LEU L 116 5.56 39.96 -47.83
N GLN L 117 4.50 40.52 -48.40
CA GLN L 117 4.35 41.97 -48.44
C GLN L 117 3.95 42.50 -47.07
N ALA L 118 4.34 43.73 -46.79
CA ALA L 118 4.09 44.35 -45.50
C ALA L 118 2.71 45.00 -45.49
N THR L 119 2.36 45.62 -44.37
CA THR L 119 1.08 46.28 -44.16
C THR L 119 1.32 47.63 -43.52
N PRO L 120 0.36 48.55 -43.60
CA PRO L 120 0.56 49.87 -42.97
C PRO L 120 0.84 49.83 -41.48
N ALA L 121 0.55 48.72 -40.81
CA ALA L 121 0.86 48.59 -39.39
C ALA L 121 2.34 48.30 -39.14
N VAL L 122 3.13 48.08 -40.18
CA VAL L 122 4.53 47.68 -40.05
C VAL L 122 5.38 48.95 -39.91
N LEU L 123 4.72 50.11 -39.91
CA LEU L 123 5.43 51.38 -39.82
C LEU L 123 6.05 51.55 -38.43
N ALA L 124 6.66 52.72 -38.21
CA ALA L 124 7.52 52.97 -37.07
C ALA L 124 6.95 52.48 -35.74
N ASP L 125 5.82 53.05 -35.32
CA ASP L 125 5.19 52.62 -34.07
C ASP L 125 3.68 52.83 -34.19
N LEU L 126 2.97 51.80 -34.65
CA LEU L 126 1.52 51.80 -34.63
C LEU L 126 0.96 50.62 -33.83
N ASN L 127 1.44 49.42 -34.11
CA ASN L 127 1.03 48.20 -33.42
C ASN L 127 2.05 47.12 -33.72
N GLN L 128 1.72 45.88 -33.36
CA GLN L 128 2.58 44.76 -33.70
C GLN L 128 2.50 44.51 -35.21
N PRO L 129 3.63 44.51 -35.92
CA PRO L 129 3.58 44.30 -37.38
C PRO L 129 2.95 42.95 -37.72
N GLU L 130 2.15 42.94 -38.78
CA GLU L 130 1.41 41.77 -39.22
C GLU L 130 1.57 41.65 -40.73
N TYR L 131 2.42 40.71 -41.17
CA TYR L 131 2.65 40.50 -42.59
C TYR L 131 1.52 39.67 -43.20
N TYR L 132 1.43 39.73 -44.53
CA TYR L 132 0.39 39.02 -45.25
C TYR L 132 0.91 38.59 -46.61
N ALA L 133 0.43 37.44 -47.08
CA ALA L 133 0.84 36.91 -48.38
C ALA L 133 -0.14 35.86 -48.88
N THR L 134 -0.60 36.00 -50.12
CA THR L 134 -1.45 35.01 -50.77
C THR L 134 -0.98 34.78 -52.19
N LEU L 135 -0.98 33.51 -52.60
CA LEU L 135 -0.56 33.13 -53.95
C LEU L 135 -1.45 32.01 -54.45
N THR L 136 -1.83 32.08 -55.73
CA THR L 136 -2.71 31.11 -56.34
C THR L 136 -2.26 30.85 -57.77
N GLY L 137 -2.19 29.57 -58.14
CA GLY L 137 -1.80 29.22 -59.49
C GLY L 137 -1.55 27.72 -59.60
N ARG L 138 -0.87 27.35 -60.69
CA ARG L 138 -0.55 25.96 -60.97
C ARG L 138 0.92 25.87 -61.36
N CYS L 139 1.55 24.75 -60.99
CA CYS L 139 2.97 24.57 -61.25
C CYS L 139 3.31 23.08 -61.15
N PHE L 140 4.47 22.72 -61.69
CA PHE L 140 4.98 21.36 -61.63
C PHE L 140 6.36 21.39 -60.97
N LEU L 141 6.58 20.50 -60.02
CA LEU L 141 7.83 20.46 -59.28
C LEU L 141 8.58 19.17 -59.57
N PRO L 142 9.75 19.24 -60.20
CA PRO L 142 10.58 18.03 -60.34
C PRO L 142 11.15 17.62 -58.99
N HIS L 143 10.94 16.36 -58.63
CA HIS L 143 11.37 15.86 -57.32
C HIS L 143 11.68 14.38 -57.42
N ARG L 144 12.41 13.89 -56.42
CA ARG L 144 12.88 12.51 -56.36
C ARG L 144 12.54 11.89 -55.01
N LEU L 145 11.37 12.25 -54.48
CA LEU L 145 10.91 11.77 -53.18
C LEU L 145 10.03 10.53 -53.28
N GLY L 146 9.98 9.90 -54.44
CA GLY L 146 9.13 8.74 -54.64
C GLY L 146 7.75 9.12 -55.12
N LEU L 147 6.99 8.10 -55.55
CA LEU L 147 5.66 8.34 -56.08
C LEU L 147 4.76 8.90 -54.99
N ILE L 148 4.22 10.09 -55.24
CA ILE L 148 3.43 10.81 -54.24
C ILE L 148 2.02 10.22 -54.23
N PRO L 149 1.40 10.04 -53.06
CA PRO L 149 0.02 9.56 -53.04
C PRO L 149 -0.91 10.59 -53.64
N PRO L 150 -2.06 10.16 -54.19
CA PRO L 150 -2.99 11.11 -54.81
C PRO L 150 -3.47 12.16 -53.81
N MET L 151 -3.61 13.39 -54.30
CA MET L 151 -4.00 14.52 -53.48
C MET L 151 -5.44 14.92 -53.76
N PHE L 152 -6.06 15.59 -52.80
CA PHE L 152 -7.44 16.03 -52.92
C PHE L 152 -7.53 17.51 -52.57
N ASN L 153 -8.55 18.17 -53.12
CA ASN L 153 -8.75 19.59 -52.92
C ASN L 153 -9.34 19.87 -51.53
N VAL L 154 -8.51 19.74 -50.50
CA VAL L 154 -8.93 19.99 -49.12
C VAL L 154 -8.03 21.05 -48.52
N SER L 155 -8.64 22.00 -47.81
CA SER L 155 -7.87 23.06 -47.18
C SER L 155 -7.29 22.60 -45.85
N GLU L 156 -6.09 23.11 -45.55
CA GLU L 156 -5.40 22.79 -44.30
C GLU L 156 -4.87 24.08 -43.69
N THR L 157 -5.13 24.26 -42.41
CA THR L 157 -4.71 25.46 -41.68
C THR L 157 -3.67 25.09 -40.63
N PHE L 158 -2.73 26.00 -40.40
CA PHE L 158 -1.66 25.81 -39.43
C PHE L 158 -1.56 27.04 -38.54
N ARG L 159 -1.42 26.82 -37.24
CA ARG L 159 -1.34 27.92 -36.27
C ARG L 159 -0.36 27.50 -35.18
N LYS L 160 0.90 27.92 -35.31
CA LYS L 160 1.93 27.64 -34.34
C LYS L 160 2.69 28.90 -34.01
N PRO L 161 3.15 29.05 -32.77
CA PRO L 161 3.99 30.19 -32.41
C PRO L 161 5.45 29.94 -32.77
N PHE L 162 6.21 31.04 -32.80
CA PHE L 162 7.64 30.95 -33.05
C PHE L 162 8.39 31.82 -32.05
N ASN L 163 9.61 31.40 -31.74
CA ASN L 163 10.50 32.14 -30.85
C ASN L 163 11.92 31.93 -31.36
N ILE L 164 12.39 32.88 -32.17
CA ILE L 164 13.72 32.79 -32.77
C ILE L 164 14.68 33.69 -32.02
N GLY L 165 14.35 34.00 -30.76
CA GLY L 165 15.16 34.90 -29.98
C GLY L 165 14.66 36.33 -30.01
N ILE L 166 15.24 37.14 -30.91
CA ILE L 166 14.89 38.55 -30.98
C ILE L 166 13.41 38.74 -31.28
N TYR L 167 12.85 37.89 -32.15
CA TYR L 167 11.47 38.05 -32.60
C TYR L 167 10.59 36.93 -32.04
N LYS L 168 9.31 37.25 -31.90
CA LYS L 168 8.31 36.32 -31.37
C LYS L 168 6.99 36.56 -32.10
N GLY L 169 6.08 35.59 -31.97
CA GLY L 169 4.76 35.72 -32.57
C GLY L 169 4.19 34.41 -33.06
N THR L 170 3.21 34.49 -33.97
CA THR L 170 2.56 33.30 -34.51
C THR L 170 2.55 33.34 -36.04
N LEU L 171 1.91 32.35 -36.66
CA LEU L 171 1.79 32.29 -38.11
C LEU L 171 0.34 31.90 -38.45
N ASP L 172 0.09 31.72 -39.75
CA ASP L 172 -1.21 31.31 -40.26
C ASP L 172 -1.05 30.79 -41.68
N PHE L 173 -1.79 29.73 -42.04
CA PHE L 173 -1.60 29.10 -43.33
C PHE L 173 -2.93 28.58 -43.84
N THR L 174 -3.04 28.47 -45.17
CA THR L 174 -4.20 27.86 -45.83
C THR L 174 -3.70 27.24 -47.13
N PHE L 175 -3.40 25.95 -47.09
CA PHE L 175 -2.92 25.23 -48.25
C PHE L 175 -4.08 24.57 -48.99
N THR L 176 -3.95 24.52 -50.32
CA THR L 176 -4.92 23.84 -51.18
C THR L 176 -4.17 23.06 -52.25
N VAL L 177 -3.12 22.35 -51.83
CA VAL L 177 -2.30 21.57 -52.76
C VAL L 177 -3.10 20.34 -53.18
N SER L 178 -3.42 20.25 -54.47
CA SER L 178 -4.19 19.13 -55.00
C SER L 178 -3.64 18.76 -56.38
N ASP L 179 -3.86 17.51 -56.77
CA ASP L 179 -3.38 17.03 -58.06
C ASP L 179 -4.12 17.73 -59.20
N ASP L 180 -3.46 17.77 -60.36
CA ASP L 180 -4.01 18.38 -61.57
C ASP L 180 -3.82 17.38 -62.71
N GLU L 181 -4.85 16.56 -62.94
CA GLU L 181 -4.82 15.53 -63.98
C GLU L 181 -5.00 16.10 -65.39
N SER L 182 -5.11 17.41 -65.55
CA SER L 182 -5.26 18.02 -66.86
C SER L 182 -3.92 17.98 -67.59
N ASN L 183 -3.89 18.51 -68.82
CA ASN L 183 -2.69 18.50 -69.65
C ASN L 183 -2.24 19.89 -70.05
N GLU L 184 -2.83 20.94 -69.50
CA GLU L 184 -2.40 22.29 -69.83
C GLU L 184 -0.99 22.55 -69.29
N LYS L 185 -0.17 23.19 -70.11
CA LYS L 185 1.18 23.53 -69.68
C LYS L 185 1.13 24.54 -68.54
N VAL L 186 2.03 24.35 -67.57
CA VAL L 186 2.05 25.21 -66.38
C VAL L 186 3.46 25.77 -66.22
N PRO L 187 3.59 26.95 -65.63
CA PRO L 187 4.92 27.50 -65.36
C PRO L 187 5.62 26.71 -64.25
N HIS L 188 6.95 26.76 -64.27
CA HIS L 188 7.75 26.01 -63.31
C HIS L 188 7.51 26.54 -61.91
N VAL L 189 7.62 25.65 -60.91
CA VAL L 189 7.36 26.02 -59.54
C VAL L 189 8.37 27.05 -59.03
N TRP L 190 9.64 26.90 -59.41
CA TRP L 190 10.66 27.84 -58.95
C TRP L 190 10.57 29.18 -59.65
N GLU L 191 9.82 29.27 -60.75
CA GLU L 191 9.64 30.54 -61.45
C GLU L 191 8.85 31.53 -60.60
N TYR L 192 7.93 31.03 -59.77
CA TYR L 192 7.05 31.90 -58.99
C TYR L 192 7.81 32.78 -58.01
N MET L 193 9.01 32.38 -57.60
CA MET L 193 9.83 33.20 -56.70
C MET L 193 10.69 34.13 -57.54
N ASN L 194 10.41 35.42 -57.46
CA ASN L 194 11.18 36.39 -58.23
C ASN L 194 12.61 36.46 -57.70
N PRO L 195 13.60 36.70 -58.57
CA PRO L 195 14.99 36.77 -58.11
C PRO L 195 15.35 38.05 -57.38
N LYS L 196 14.41 39.00 -57.24
CA LYS L 196 14.71 40.22 -56.49
C LYS L 196 15.00 39.89 -55.03
N TYR L 197 14.20 39.03 -54.42
CA TYR L 197 14.53 38.46 -53.11
C TYR L 197 15.40 37.23 -53.34
N GLN L 198 15.74 36.52 -52.26
CA GLN L 198 16.46 35.25 -52.34
C GLN L 198 17.79 35.42 -53.10
N SER L 199 18.69 36.17 -52.48
CA SER L 199 20.01 36.44 -53.01
C SER L 199 20.65 35.18 -53.60
N GLN L 200 20.47 34.05 -52.92
CA GLN L 200 20.80 32.74 -53.48
C GLN L 200 19.81 31.74 -52.91
N ILE L 201 19.18 30.96 -53.81
CA ILE L 201 18.03 30.16 -53.40
C ILE L 201 18.46 28.81 -52.84
N GLN L 202 19.66 28.34 -53.17
CA GLN L 202 20.10 27.01 -52.75
C GLN L 202 20.10 26.85 -51.24
N LYS L 203 20.25 27.95 -50.49
CA LYS L 203 20.22 27.89 -49.03
C LYS L 203 18.93 28.43 -48.44
N GLU L 204 18.27 29.37 -49.13
CA GLU L 204 16.96 29.81 -48.67
C GLU L 204 15.96 28.66 -48.69
N GLY L 205 16.04 27.80 -49.70
CA GLY L 205 15.22 26.60 -49.71
C GLY L 205 15.58 25.66 -48.57
N LEU L 206 16.86 25.51 -48.29
CA LEU L 206 17.30 24.62 -47.22
C LEU L 206 16.82 25.13 -45.85
N LYS L 207 16.71 26.44 -45.70
CA LYS L 207 16.29 27.01 -44.41
C LYS L 207 14.94 26.43 -43.96
N PHE L 208 14.06 26.12 -44.91
CA PHE L 208 12.76 25.54 -44.60
C PHE L 208 12.77 24.02 -44.61
N GLY L 209 13.93 23.38 -44.79
CA GLY L 209 14.04 21.94 -44.76
C GLY L 209 14.28 21.30 -46.12
N LEU L 210 14.13 22.06 -47.21
CA LEU L 210 14.31 21.50 -48.53
C LEU L 210 15.78 21.16 -48.79
N ILE L 211 15.98 20.24 -49.73
CA ILE L 211 17.32 19.92 -50.24
C ILE L 211 17.29 20.09 -51.75
N LEU L 212 18.11 21.00 -52.26
CA LEU L 212 18.12 21.33 -53.67
C LEU L 212 19.45 20.95 -54.31
N SER L 213 19.42 20.81 -55.63
CA SER L 213 20.63 20.52 -56.39
C SER L 213 20.39 21.02 -57.82
N LYS L 214 21.07 22.09 -58.20
CA LYS L 214 20.91 22.66 -59.53
C LYS L 214 21.42 21.68 -60.58
N LYS L 215 20.56 21.33 -61.53
CA LYS L 215 20.88 20.38 -62.60
C LYS L 215 21.70 21.04 -63.73
N ALA L 216 22.02 22.32 -63.55
CA ALA L 216 22.76 23.15 -64.51
C ALA L 216 21.92 23.41 -65.75
N THR L 217 20.69 22.89 -65.78
CA THR L 217 19.73 23.19 -66.83
C THR L 217 18.90 24.43 -66.50
N GLY L 218 18.89 24.86 -65.24
CA GLY L 218 18.07 25.96 -64.81
C GLY L 218 16.82 25.57 -64.04
N THR L 219 16.53 24.27 -63.93
CA THR L 219 15.36 23.77 -63.21
C THR L 219 15.84 23.06 -61.95
N TRP L 220 15.66 23.70 -60.80
CA TRP L 220 16.02 23.08 -59.54
C TRP L 220 15.09 21.89 -59.24
N VAL L 221 15.66 20.85 -58.65
CA VAL L 221 14.93 19.63 -58.30
C VAL L 221 15.01 19.43 -56.80
N LEU L 222 13.87 19.07 -56.20
CA LEU L 222 13.81 18.81 -54.76
C LEU L 222 14.29 17.40 -54.49
N ASP L 223 15.43 17.27 -53.82
CA ASP L 223 16.03 15.96 -53.58
C ASP L 223 15.34 15.24 -52.43
N GLN L 224 15.41 15.80 -51.22
CA GLN L 224 14.64 15.28 -50.09
C GLN L 224 14.42 16.44 -49.12
N LEU L 225 13.93 16.12 -47.92
CA LEU L 225 13.70 17.10 -46.88
C LEU L 225 14.81 17.04 -45.85
N SER L 226 14.63 17.74 -44.73
CA SER L 226 15.54 17.67 -43.61
C SER L 226 15.48 16.27 -43.02
N PRO L 227 16.52 15.85 -42.26
CA PRO L 227 16.58 14.48 -41.75
C PRO L 227 15.29 13.99 -41.10
N PHE L 228 14.71 12.95 -41.71
CA PHE L 228 13.51 12.28 -41.21
C PHE L 228 12.33 13.26 -41.06
N LYS L 229 12.18 14.12 -42.05
CA LYS L 229 11.02 15.02 -42.11
C LYS L 229 10.22 14.79 -43.38
N LEU M 41 31.07 -9.95 -7.32
CA LEU M 41 31.26 -10.23 -8.73
C LEU M 41 31.80 -11.64 -8.94
N SER M 42 32.17 -11.94 -10.19
CA SER M 42 32.60 -13.30 -10.54
C SER M 42 33.80 -13.75 -9.70
N ASN M 43 34.62 -12.79 -9.25
CA ASN M 43 35.74 -13.13 -8.38
C ASN M 43 35.29 -13.65 -7.03
N ASP M 44 34.06 -13.37 -6.63
CA ASP M 44 33.57 -13.73 -5.30
C ASP M 44 32.89 -15.10 -5.28
N PHE M 45 31.87 -15.29 -6.11
CA PHE M 45 31.03 -16.47 -6.04
C PHE M 45 31.00 -17.18 -7.39
N PHE M 46 30.11 -18.17 -7.51
CA PHE M 46 30.08 -19.08 -8.64
C PHE M 46 28.89 -18.78 -9.55
N GLY M 47 29.15 -18.65 -10.84
CA GLY M 47 28.11 -18.60 -11.85
C GLY M 47 27.31 -17.31 -11.94
N MET M 48 27.96 -16.20 -12.28
CA MET M 48 27.29 -14.94 -12.58
C MET M 48 27.69 -14.45 -13.97
N GLU M 49 27.61 -15.36 -14.94
CA GLU M 49 27.94 -15.03 -16.32
C GLU M 49 26.95 -14.01 -16.88
N ASP M 50 27.47 -13.08 -17.68
CA ASP M 50 26.66 -12.02 -18.25
C ASP M 50 25.83 -12.54 -19.42
N MET M 51 24.79 -11.78 -19.77
CA MET M 51 23.88 -12.14 -20.84
C MET M 51 24.49 -11.83 -22.21
N ASP M 52 23.93 -12.47 -23.24
CA ASP M 52 24.40 -12.29 -24.60
C ASP M 52 23.72 -11.14 -25.34
N LEU M 53 22.68 -10.54 -24.76
CA LEU M 53 22.01 -9.42 -25.41
C LEU M 53 22.89 -8.16 -25.35
N TYR M 54 23.17 -7.69 -24.15
CA TYR M 54 24.14 -6.63 -23.92
C TYR M 54 25.28 -7.21 -23.10
N ASP M 55 26.51 -7.08 -23.60
CA ASP M 55 27.63 -7.78 -23.01
C ASP M 55 27.87 -7.33 -21.57
N LYS M 56 28.35 -6.10 -21.40
CA LYS M 56 28.37 -5.49 -20.08
C LYS M 56 27.66 -4.14 -20.09
N ASP M 57 28.06 -3.28 -21.02
CA ASP M 57 27.58 -1.90 -21.11
C ASP M 57 27.31 -1.53 -22.56
N SER M 58 26.56 -2.37 -23.27
CA SER M 58 26.27 -2.12 -24.68
C SER M 58 25.60 -0.76 -24.86
N LEU M 59 26.29 0.17 -25.52
CA LEU M 59 25.79 1.52 -25.67
C LEU M 59 24.56 1.55 -26.56
N ARG M 60 23.57 2.34 -26.16
CA ARG M 60 22.34 2.48 -26.92
C ARG M 60 21.83 3.91 -26.77
N TYR M 61 21.10 4.37 -27.78
CA TYR M 61 20.55 5.73 -27.82
C TYR M 61 19.06 5.65 -27.55
N GLU M 62 18.59 6.46 -26.60
CA GLU M 62 17.19 6.46 -26.18
C GLU M 62 16.59 7.83 -26.48
N LYS M 63 15.93 7.95 -27.63
CA LYS M 63 15.25 9.19 -27.98
C LYS M 63 14.02 9.38 -27.12
N PHE M 64 13.82 10.61 -26.63
CA PHE M 64 12.69 10.89 -25.75
C PHE M 64 12.39 12.38 -25.66
N ARG M 65 11.13 12.76 -25.77
CA ARG M 65 10.73 14.13 -25.48
C ARG M 65 10.44 14.28 -23.98
N PHE M 66 10.39 15.52 -23.53
CA PHE M 66 10.31 15.79 -22.10
C PHE M 66 9.70 17.17 -21.87
N MET M 67 9.44 17.46 -20.61
CA MET M 67 9.00 18.77 -20.14
C MET M 67 9.45 18.89 -18.69
N LEU M 68 9.61 20.15 -18.24
CA LEU M 68 10.20 20.35 -16.93
C LEU M 68 9.70 21.66 -16.33
N LYS M 69 9.39 21.64 -15.04
CA LYS M 69 9.08 22.82 -14.27
C LYS M 69 9.87 22.78 -12.97
N MET M 70 10.30 23.95 -12.51
CA MET M 70 11.17 24.00 -11.33
C MET M 70 10.83 25.23 -10.51
N THR M 71 11.03 25.12 -9.20
CA THR M 71 10.84 26.24 -8.28
C THR M 71 11.68 25.98 -7.05
N VAL M 72 12.75 26.76 -6.89
CA VAL M 72 13.67 26.61 -5.77
C VAL M 72 13.54 27.83 -4.87
N ARG M 73 13.13 27.60 -3.63
CA ARG M 73 13.07 28.65 -2.62
C ARG M 73 14.26 28.52 -1.69
N SER M 74 14.80 29.66 -1.27
CA SER M 74 15.99 29.65 -0.41
C SER M 74 15.96 30.87 0.49
N ASN M 75 16.72 30.80 1.58
CA ASN M 75 16.81 31.93 2.49
C ASN M 75 17.70 33.03 1.92
N LYS M 76 18.79 32.66 1.27
CA LYS M 76 19.73 33.59 0.66
C LYS M 76 19.98 33.20 -0.78
N PRO M 77 20.28 34.17 -1.64
CA PRO M 77 20.58 33.85 -3.04
C PRO M 77 21.80 32.94 -3.15
N PHE M 78 21.78 32.08 -4.16
CA PHE M 78 22.90 31.18 -4.44
C PHE M 78 24.04 31.98 -5.06
N ARG M 79 25.16 32.08 -4.35
CA ARG M 79 26.30 32.85 -4.85
C ARG M 79 26.88 32.22 -6.10
N SER M 80 27.02 30.89 -6.13
CA SER M 80 27.62 30.19 -7.25
C SER M 80 26.71 29.05 -7.69
N TYR M 81 26.87 28.66 -8.96
CA TYR M 81 26.08 27.54 -9.50
C TYR M 81 26.40 26.23 -8.79
N ASP M 82 27.60 26.12 -8.22
CA ASP M 82 27.95 24.93 -7.45
C ASP M 82 27.03 24.76 -6.25
N ASP M 83 26.70 25.86 -5.56
CA ASP M 83 25.74 25.79 -4.48
C ASP M 83 24.36 25.39 -4.98
N VAL M 84 24.01 25.81 -6.19
CA VAL M 84 22.74 25.40 -6.78
C VAL M 84 22.71 23.89 -6.99
N THR M 85 23.80 23.34 -7.54
CA THR M 85 23.86 21.89 -7.72
C THR M 85 23.81 21.17 -6.39
N ALA M 86 24.48 21.71 -5.36
CA ALA M 86 24.41 21.12 -4.04
C ALA M 86 22.99 21.12 -3.48
N ALA M 87 22.27 22.22 -3.68
CA ALA M 87 20.91 22.34 -3.16
C ALA M 87 19.90 21.49 -3.93
N VAL M 88 20.16 21.22 -5.21
CA VAL M 88 19.24 20.43 -6.02
C VAL M 88 19.61 18.96 -6.05
N SER M 89 20.87 18.59 -5.81
CA SER M 89 21.30 17.20 -5.90
C SER M 89 20.54 16.28 -4.95
N GLN M 90 20.00 16.81 -3.84
CA GLN M 90 19.24 16.02 -2.90
C GLN M 90 17.73 16.11 -3.13
N TRP M 91 17.33 16.35 -4.38
CA TRP M 91 15.90 16.40 -4.71
C TRP M 91 15.23 15.04 -4.58
N ASP M 92 15.99 13.97 -4.53
CA ASP M 92 15.48 12.61 -4.44
C ASP M 92 16.04 11.89 -3.23
N ASN M 93 16.08 12.59 -2.10
CA ASN M 93 16.56 11.96 -0.86
C ASN M 93 15.65 10.81 -0.44
N SER M 94 14.34 11.02 -0.48
CA SER M 94 13.35 9.97 -0.31
C SER M 94 12.62 9.84 -1.64
N TYR M 95 12.98 8.83 -2.43
CA TYR M 95 12.55 8.72 -3.81
C TYR M 95 11.30 7.85 -3.91
N ILE M 96 10.24 8.43 -4.46
CA ILE M 96 9.00 7.70 -4.74
C ILE M 96 8.77 7.54 -6.23
N GLY M 97 9.48 8.28 -7.07
CA GLY M 97 9.15 8.40 -8.47
C GLY M 97 9.59 7.22 -9.32
N MET M 98 9.81 7.50 -10.59
CA MET M 98 9.98 6.49 -11.62
C MET M 98 11.40 5.91 -11.58
N VAL M 99 11.51 4.63 -11.95
CA VAL M 99 12.78 3.95 -12.03
C VAL M 99 13.36 3.99 -13.44
N GLY M 100 12.55 3.70 -14.45
CA GLY M 100 13.01 3.80 -15.83
C GLY M 100 13.30 5.22 -16.27
N LYS M 101 12.92 6.21 -15.48
CA LYS M 101 13.18 7.61 -15.80
C LYS M 101 14.04 8.27 -14.74
N ARG M 102 14.51 7.51 -13.76
CA ARG M 102 15.32 8.07 -12.68
C ARG M 102 16.61 8.69 -13.20
N PRO M 103 17.39 8.01 -14.05
CA PRO M 103 18.50 8.72 -14.70
C PRO M 103 18.04 9.88 -15.55
N PHE M 104 16.92 9.71 -16.26
CA PHE M 104 16.36 10.80 -17.05
C PHE M 104 15.89 11.93 -16.15
N TYR M 105 15.28 11.60 -15.02
CA TYR M 105 14.89 12.65 -14.08
C TYR M 105 16.10 13.38 -13.54
N LYS M 106 17.20 12.67 -13.29
CA LYS M 106 18.42 13.32 -12.82
C LYS M 106 18.98 14.27 -13.88
N ILE M 107 19.00 13.84 -15.14
CA ILE M 107 19.53 14.73 -16.17
C ILE M 107 18.61 15.93 -16.37
N ILE M 108 17.29 15.73 -16.23
CA ILE M 108 16.37 16.87 -16.35
C ILE M 108 16.55 17.82 -15.18
N ALA M 109 16.80 17.29 -13.98
CA ALA M 109 17.12 18.16 -12.85
C ALA M 109 18.39 18.95 -13.12
N LEU M 110 19.39 18.31 -13.72
CA LEU M 110 20.63 19.02 -14.06
C LEU M 110 20.38 20.15 -15.04
N ILE M 111 19.59 19.87 -16.10
CA ILE M 111 19.32 20.90 -17.09
C ILE M 111 18.49 22.04 -16.49
N GLY M 112 17.58 21.71 -15.56
CA GLY M 112 16.82 22.76 -14.89
C GLY M 112 17.69 23.62 -13.98
N SER M 113 18.63 22.99 -13.27
CA SER M 113 19.55 23.75 -12.44
C SER M 113 20.47 24.62 -13.29
N SER M 114 20.81 24.16 -14.50
CA SER M 114 21.64 24.97 -15.39
C SER M 114 20.94 26.25 -15.79
N HIS M 115 19.64 26.19 -16.06
CA HIS M 115 18.86 27.34 -16.51
C HIS M 115 18.00 27.95 -15.41
N LEU M 116 18.43 27.85 -14.16
CA LEU M 116 17.66 28.41 -13.05
C LEU M 116 17.79 29.93 -13.01
N GLN M 117 17.06 30.62 -13.88
CA GLN M 117 17.09 32.08 -13.89
C GLN M 117 16.42 32.63 -12.64
N ALA M 118 16.87 33.80 -12.20
CA ALA M 118 16.37 34.41 -10.99
C ALA M 118 15.01 35.06 -11.25
N THR M 119 14.49 35.74 -10.24
CA THR M 119 13.20 36.42 -10.28
C THR M 119 13.37 37.82 -9.69
N PRO M 120 12.41 38.71 -9.93
CA PRO M 120 12.52 40.05 -9.31
C PRO M 120 12.55 40.02 -7.79
N ALA M 121 12.06 38.95 -7.16
CA ALA M 121 12.15 38.85 -5.71
C ALA M 121 13.59 38.62 -5.24
N VAL M 122 14.47 38.17 -6.14
CA VAL M 122 15.85 37.90 -5.78
C VAL M 122 16.65 39.18 -5.54
N LEU M 123 16.07 40.34 -5.84
CA LEU M 123 16.77 41.62 -5.67
C LEU M 123 17.08 41.90 -4.21
N ALA M 124 17.68 43.07 -3.95
CA ALA M 124 18.37 43.35 -2.69
C ALA M 124 17.62 42.87 -1.45
N ASP M 125 16.43 43.41 -1.20
CA ASP M 125 15.64 42.98 -0.05
C ASP M 125 14.16 43.17 -0.38
N LEU M 126 13.52 42.12 -0.86
CA LEU M 126 12.07 42.07 -1.01
C LEU M 126 11.45 40.93 -0.22
N ASN M 127 11.91 39.70 -0.46
CA ASN M 127 11.43 38.53 0.25
C ASN M 127 12.50 37.45 0.09
N GLN M 128 12.16 36.21 0.43
CA GLN M 128 13.07 35.10 0.19
C GLN M 128 13.29 34.92 -1.31
N PRO M 129 14.52 34.69 -1.75
CA PRO M 129 14.77 34.50 -3.19
C PRO M 129 14.14 33.23 -3.71
N GLU M 130 13.22 33.39 -4.67
CA GLU M 130 12.52 32.27 -5.29
C GLU M 130 13.02 32.14 -6.73
N TYR M 131 13.53 30.96 -7.06
CA TYR M 131 14.05 30.69 -8.39
C TYR M 131 13.03 29.92 -9.22
N TYR M 132 13.21 29.95 -10.54
CA TYR M 132 12.29 29.28 -11.45
C TYR M 132 13.02 28.92 -12.73
N ALA M 133 12.62 27.80 -13.32
CA ALA M 133 13.20 27.33 -14.57
C ALA M 133 12.26 26.30 -15.18
N THR M 134 12.05 26.41 -16.49
CA THR M 134 11.24 25.45 -17.23
C THR M 134 11.87 25.19 -18.59
N LEU M 135 11.83 23.92 -19.01
CA LEU M 135 12.40 23.51 -20.28
C LEU M 135 11.52 22.43 -20.91
N THR M 136 11.36 22.53 -22.23
CA THR M 136 10.55 21.57 -22.97
C THR M 136 11.23 21.31 -24.31
N GLY M 137 11.08 20.09 -24.81
CA GLY M 137 11.65 19.72 -26.08
C GLY M 137 11.86 18.22 -26.15
N ARG M 138 12.70 17.81 -27.11
CA ARG M 138 13.00 16.41 -27.34
C ARG M 138 14.50 16.24 -27.47
N CYS M 139 15.00 15.09 -27.02
CA CYS M 139 16.44 14.82 -27.04
C CYS M 139 16.66 13.32 -26.94
N PHE M 140 17.88 12.91 -27.29
CA PHE M 140 18.30 11.52 -27.17
C PHE M 140 19.54 11.46 -26.27
N LEU M 141 19.54 10.52 -25.33
CA LEU M 141 20.64 10.41 -24.38
C LEU M 141 21.39 9.11 -24.62
N PRO M 142 22.63 9.16 -25.10
CA PRO M 142 23.46 7.95 -25.13
C PRO M 142 23.85 7.52 -23.72
N HIS M 143 23.59 6.26 -23.40
CA HIS M 143 23.83 5.77 -22.06
C HIS M 143 24.17 4.28 -22.13
N ARG M 144 24.83 3.79 -21.08
CA ARG M 144 25.22 2.39 -20.95
C ARG M 144 24.56 1.79 -19.73
N LEU M 145 23.27 2.10 -19.53
CA LEU M 145 22.51 1.62 -18.38
C LEU M 145 21.61 0.44 -18.73
N GLY M 146 21.81 -0.16 -19.91
CA GLY M 146 20.98 -1.27 -20.33
C GLY M 146 19.67 -0.81 -20.94
N LEU M 147 18.87 -1.77 -21.41
CA LEU M 147 17.58 -1.43 -22.02
C LEU M 147 16.65 -0.82 -20.98
N ILE M 148 15.94 0.22 -21.39
CA ILE M 148 15.04 0.97 -20.51
C ILE M 148 13.62 0.45 -20.73
N PRO M 149 12.78 0.38 -19.70
CA PRO M 149 11.38 0.00 -19.90
C PRO M 149 10.64 1.07 -20.66
N PRO M 150 9.55 0.71 -21.36
CA PRO M 150 8.81 1.70 -22.15
C PRO M 150 8.15 2.76 -21.28
N MET M 151 8.48 4.03 -21.52
CA MET M 151 8.01 5.14 -20.70
C MET M 151 6.68 5.65 -21.25
N PHE M 152 5.84 6.18 -20.37
CA PHE M 152 4.54 6.71 -20.73
C PHE M 152 4.48 8.22 -20.49
N ASN M 153 3.49 8.85 -21.12
CA ASN M 153 3.29 10.29 -20.99
C ASN M 153 2.52 10.58 -19.70
N VAL M 154 3.24 10.52 -18.59
CA VAL M 154 2.67 10.77 -17.26
C VAL M 154 3.59 11.75 -16.53
N SER M 155 2.98 12.68 -15.79
CA SER M 155 3.74 13.68 -15.05
C SER M 155 3.74 13.36 -13.56
N GLU M 156 4.88 13.61 -12.92
CA GLU M 156 5.04 13.37 -11.48
C GLU M 156 5.66 14.61 -10.86
N THR M 157 5.03 15.11 -9.80
CA THR M 157 5.57 16.23 -9.06
C THR M 157 6.51 15.75 -7.96
N PHE M 158 7.46 16.59 -7.58
CA PHE M 158 8.42 16.28 -6.54
C PHE M 158 8.57 17.46 -5.60
N ARG M 159 8.59 17.18 -4.30
CA ARG M 159 8.76 18.20 -3.28
C ARG M 159 9.65 17.67 -2.18
N LYS M 160 10.69 18.44 -1.84
CA LYS M 160 11.62 18.04 -0.80
C LYS M 160 12.43 19.23 -0.29
N PRO M 161 12.43 19.50 1.01
CA PRO M 161 13.30 20.54 1.54
C PRO M 161 14.76 20.14 1.45
N PHE M 162 15.64 21.14 1.38
CA PHE M 162 17.06 20.89 1.30
C PHE M 162 17.78 21.64 2.41
N ASN M 163 18.87 21.04 2.88
CA ASN M 163 19.69 21.64 3.94
C ASN M 163 21.16 21.40 3.55
N ILE M 164 21.75 22.37 2.88
CA ILE M 164 23.15 22.28 2.46
C ILE M 164 24.00 23.12 3.40
N GLY M 165 23.51 23.34 4.62
CA GLY M 165 24.23 24.15 5.57
C GLY M 165 23.74 25.59 5.64
N ILE M 166 24.43 26.49 4.94
CA ILE M 166 24.10 27.91 4.99
C ILE M 166 22.70 28.16 4.45
N TYR M 167 22.30 27.40 3.43
CA TYR M 167 21.08 27.67 2.68
C TYR M 167 19.97 26.73 3.08
N LYS M 168 18.78 27.29 3.35
CA LYS M 168 17.58 26.55 3.66
C LYS M 168 16.64 26.60 2.44
N GLY M 169 15.51 25.89 2.53
CA GLY M 169 14.48 26.01 1.53
C GLY M 169 14.00 24.66 1.03
N THR M 170 13.17 24.70 -0.01
CA THR M 170 12.60 23.49 -0.60
C THR M 170 12.78 23.49 -2.12
N LEU M 171 12.16 22.53 -2.81
CA LEU M 171 12.24 22.43 -4.26
C LEU M 171 10.84 22.24 -4.82
N ASP M 172 10.78 21.97 -6.13
CA ASP M 172 9.55 21.68 -6.85
C ASP M 172 9.94 21.14 -8.22
N PHE M 173 9.17 20.18 -8.72
CA PHE M 173 9.51 19.53 -9.97
C PHE M 173 8.24 19.08 -10.68
N THR M 174 8.35 18.98 -12.01
CA THR M 174 7.29 18.38 -12.82
C THR M 174 7.94 17.84 -14.09
N PHE M 175 8.18 16.53 -14.12
CA PHE M 175 8.78 15.89 -15.28
C PHE M 175 7.72 15.28 -16.18
N THR M 176 8.01 15.25 -17.48
CA THR M 176 7.14 14.62 -18.46
C THR M 176 8.00 13.78 -19.42
N VAL M 177 8.87 12.94 -18.87
CA VAL M 177 9.75 12.12 -19.69
C VAL M 177 8.97 10.94 -20.25
N SER M 178 9.02 10.78 -21.58
CA SER M 178 8.34 9.67 -22.24
C SER M 178 9.03 9.39 -23.55
N ASP M 179 8.77 8.19 -24.10
CA ASP M 179 9.41 7.77 -25.33
C ASP M 179 8.93 8.60 -26.52
N ASP M 180 9.68 8.50 -27.62
CA ASP M 180 9.32 9.19 -28.86
C ASP M 180 9.69 8.27 -30.01
N GLU M 181 8.69 7.59 -30.57
CA GLU M 181 8.91 6.64 -31.65
C GLU M 181 9.05 7.30 -33.02
N SER M 182 8.80 8.61 -33.12
CA SER M 182 8.94 9.29 -34.39
C SER M 182 10.41 9.34 -34.81
N ASN M 183 10.63 9.22 -36.13
CA ASN M 183 11.98 9.26 -36.67
C ASN M 183 12.59 10.65 -36.61
N GLU M 184 11.80 11.68 -36.26
CA GLU M 184 12.27 13.06 -36.19
C GLU M 184 13.56 13.16 -35.38
N LYS M 185 14.62 13.64 -36.03
CA LYS M 185 15.89 13.80 -35.35
C LYS M 185 15.78 14.83 -34.24
N VAL M 186 16.47 14.56 -33.13
CA VAL M 186 16.36 15.39 -31.94
C VAL M 186 17.73 15.92 -31.56
N PRO M 187 17.81 17.10 -30.94
CA PRO M 187 19.11 17.60 -30.48
C PRO M 187 19.68 16.73 -29.37
N HIS M 188 21.02 16.69 -29.31
CA HIS M 188 21.69 15.95 -28.25
C HIS M 188 21.32 16.52 -26.90
N VAL M 189 21.07 15.64 -25.93
CA VAL M 189 20.55 16.07 -24.63
C VAL M 189 21.52 16.96 -23.89
N TRP M 190 22.82 16.62 -23.93
CA TRP M 190 23.80 17.41 -23.18
C TRP M 190 24.01 18.78 -23.80
N GLU M 191 23.57 18.97 -25.04
CA GLU M 191 23.63 20.27 -25.69
C GLU M 191 22.69 21.29 -25.07
N TYR M 192 21.66 20.84 -24.34
CA TYR M 192 20.67 21.76 -23.79
C TYR M 192 21.22 22.65 -22.70
N MET M 193 22.42 22.36 -22.18
CA MET M 193 23.08 23.23 -21.24
C MET M 193 23.92 24.24 -22.00
N ASN M 194 23.71 25.52 -21.75
CA ASN M 194 24.51 26.55 -22.38
C ASN M 194 25.96 26.45 -21.91
N PRO M 195 26.94 26.75 -22.78
CA PRO M 195 28.35 26.74 -22.35
C PRO M 195 28.69 27.88 -21.41
N LYS M 196 27.78 28.82 -21.18
CA LYS M 196 28.04 29.93 -20.29
C LYS M 196 28.30 29.44 -18.86
N TYR M 197 27.48 28.50 -18.41
CA TYR M 197 27.65 27.89 -17.09
C TYR M 197 28.35 26.54 -17.26
N GLN M 198 28.56 25.83 -16.14
CA GLN M 198 29.09 24.47 -16.13
C GLN M 198 30.45 24.41 -16.85
N SER M 199 31.43 25.08 -16.24
CA SER M 199 32.78 25.07 -16.78
C SER M 199 33.35 23.66 -16.87
N GLN M 200 32.86 22.73 -16.05
CA GLN M 200 33.29 21.33 -16.09
C GLN M 200 32.06 20.46 -15.87
N ILE M 201 31.41 20.06 -16.96
CA ILE M 201 30.20 19.26 -16.85
C ILE M 201 30.52 17.88 -16.30
N GLN M 202 31.77 17.45 -16.41
CA GLN M 202 32.19 16.16 -15.87
C GLN M 202 31.94 16.06 -14.36
N LYS M 203 31.92 17.19 -13.66
CA LYS M 203 31.59 17.22 -12.23
C LYS M 203 30.29 17.95 -11.95
N GLU M 204 30.00 19.03 -12.68
CA GLU M 204 28.71 19.69 -12.51
C GLU M 204 27.56 18.74 -12.85
N GLY M 205 27.75 17.90 -13.86
CA GLY M 205 26.81 16.83 -14.12
C GLY M 205 26.92 15.66 -13.18
N LEU M 206 28.02 15.56 -12.46
CA LEU M 206 28.23 14.50 -11.47
C LEU M 206 27.72 14.88 -10.09
N LYS M 207 27.46 16.16 -9.84
CA LYS M 207 26.95 16.60 -8.54
C LYS M 207 25.62 15.93 -8.21
N PHE M 208 24.82 15.62 -9.22
CA PHE M 208 23.51 15.02 -9.02
C PHE M 208 23.57 13.50 -8.87
N GLY M 209 24.77 12.91 -8.90
CA GLY M 209 24.94 11.49 -8.76
C GLY M 209 25.31 10.76 -10.03
N LEU M 210 25.29 11.45 -11.17
CA LEU M 210 25.61 10.82 -12.44
C LEU M 210 27.12 10.53 -12.53
N ILE M 211 27.46 9.57 -13.38
CA ILE M 211 28.84 9.26 -13.72
C ILE M 211 28.98 9.46 -15.22
N LEU M 212 29.82 10.42 -15.62
CA LEU M 212 29.95 10.80 -17.02
C LEU M 212 31.24 10.23 -17.61
N SER M 213 31.30 10.27 -18.93
CA SER M 213 32.49 9.90 -19.69
C SER M 213 32.36 10.53 -21.06
N LYS M 214 33.41 10.40 -21.87
CA LYS M 214 33.46 11.02 -23.19
C LYS M 214 33.64 9.94 -24.24
N LYS M 215 32.86 10.01 -25.32
CA LYS M 215 32.86 9.02 -26.37
C LYS M 215 33.95 9.24 -27.42
N ALA M 216 34.99 10.01 -27.07
CA ALA M 216 36.11 10.31 -27.97
C ALA M 216 35.67 11.03 -29.24
N THR M 217 34.51 11.68 -29.20
CA THR M 217 34.01 12.43 -30.35
C THR M 217 33.43 13.78 -29.95
N GLY M 218 33.27 14.05 -28.66
CA GLY M 218 32.61 15.25 -28.19
C GLY M 218 31.20 15.05 -27.69
N THR M 219 30.72 13.81 -27.64
CA THR M 219 29.41 13.49 -27.11
C THR M 219 29.56 12.75 -25.79
N TRP M 220 28.86 13.21 -24.77
CA TRP M 220 28.95 12.62 -23.44
C TRP M 220 27.93 11.49 -23.32
N VAL M 221 28.41 10.31 -22.94
CA VAL M 221 27.55 9.15 -22.73
C VAL M 221 27.42 8.91 -21.23
N LEU M 222 26.20 8.64 -20.78
CA LEU M 222 25.93 8.44 -19.36
C LEU M 222 26.35 7.02 -18.98
N ASP M 223 27.37 6.90 -18.13
CA ASP M 223 27.84 5.60 -17.71
C ASP M 223 26.82 4.92 -16.80
N GLN M 224 26.55 5.53 -15.65
CA GLN M 224 25.58 5.03 -14.69
C GLN M 224 25.38 6.10 -13.63
N LEU M 225 24.45 5.84 -12.71
CA LEU M 225 24.22 6.75 -11.60
C LEU M 225 25.30 6.55 -10.54
N SER M 226 25.09 7.13 -9.37
CA SER M 226 25.97 6.88 -8.25
C SER M 226 25.93 5.38 -7.92
N PRO M 227 27.07 4.78 -7.56
CA PRO M 227 27.10 3.32 -7.37
C PRO M 227 26.10 2.88 -6.32
N PHE M 228 25.42 1.77 -6.60
CA PHE M 228 24.37 1.20 -5.76
C PHE M 228 23.18 2.13 -5.61
N LYS M 229 23.08 3.16 -6.45
CA LYS M 229 21.95 4.08 -6.41
C LYS M 229 21.29 4.20 -7.78
N LEU N 41 33.87 -21.62 30.65
CA LEU N 41 33.99 -21.78 29.20
C LEU N 41 34.52 -23.17 28.86
N SER N 42 34.93 -23.35 27.59
CA SER N 42 35.39 -24.66 27.12
C SER N 42 36.55 -25.18 27.95
N ASN N 43 37.40 -24.29 28.45
CA ASN N 43 38.52 -24.72 29.29
C ASN N 43 38.05 -25.28 30.62
N ASP N 44 36.82 -24.98 31.03
CA ASP N 44 36.32 -25.41 32.33
C ASP N 44 35.57 -26.74 32.25
N PHE N 45 34.59 -26.83 31.37
CA PHE N 45 33.68 -27.98 31.32
C PHE N 45 33.80 -28.68 29.97
N PHE N 46 32.89 -29.62 29.74
CA PHE N 46 32.96 -30.55 28.60
C PHE N 46 32.00 -30.15 27.50
N GLY N 47 32.51 -30.09 26.27
CA GLY N 47 31.67 -30.00 25.08
C GLY N 47 30.92 -28.71 24.85
N MET N 48 31.64 -27.64 24.52
CA MET N 48 31.02 -26.36 24.15
C MET N 48 31.63 -25.83 22.86
N GLU N 49 31.67 -26.69 21.84
CA GLU N 49 32.17 -26.28 20.53
C GLU N 49 31.29 -25.18 19.95
N ASP N 50 31.92 -24.24 19.26
CA ASP N 50 31.23 -23.07 18.72
C ASP N 50 30.45 -23.44 17.45
N MET N 51 29.73 -22.47 16.91
CA MET N 51 28.86 -22.68 15.77
C MET N 51 29.68 -22.72 14.47
N ASP N 52 28.98 -22.98 13.37
CA ASP N 52 29.61 -23.12 12.05
C ASP N 52 29.37 -21.93 11.15
N LEU N 53 28.21 -21.27 11.25
CA LEU N 53 27.94 -20.10 10.41
C LEU N 53 28.88 -18.95 10.75
N TYR N 54 28.81 -18.48 12.00
CA TYR N 54 29.78 -17.53 12.53
C TYR N 54 30.70 -18.27 13.49
N ASP N 55 32.00 -18.27 13.20
CA ASP N 55 32.92 -19.11 13.96
C ASP N 55 32.98 -18.69 15.42
N LYS N 56 33.56 -17.52 15.70
CA LYS N 56 33.44 -16.91 17.02
C LYS N 56 32.92 -15.48 16.90
N ASP N 57 33.55 -14.69 16.04
CA ASP N 57 33.29 -13.26 15.92
C ASP N 57 33.24 -12.86 14.45
N SER N 58 32.46 -13.59 13.65
CA SER N 58 32.37 -13.28 12.23
C SER N 58 31.88 -11.86 11.99
N LEU N 59 32.74 -11.01 11.45
CA LEU N 59 32.41 -9.61 11.23
C LEU N 59 31.36 -9.47 10.13
N ARG N 60 30.34 -8.65 10.39
CA ARG N 60 29.27 -8.43 9.43
C ARG N 60 28.83 -6.98 9.48
N TYR N 61 28.26 -6.51 8.38
CA TYR N 61 27.79 -5.14 8.23
C TYR N 61 26.26 -5.16 8.14
N GLU N 62 25.61 -4.34 8.96
CA GLU N 62 24.15 -4.28 9.01
C GLU N 62 23.70 -2.84 8.78
N LYS N 63 23.23 -2.56 7.57
CA LYS N 63 22.68 -1.25 7.26
C LYS N 63 21.34 -1.05 7.97
N PHE N 64 21.11 0.17 8.48
CA PHE N 64 19.88 0.46 9.20
C PHE N 64 19.66 1.97 9.23
N ARG N 65 18.43 2.40 8.98
CA ARG N 65 18.09 3.81 9.11
C ARG N 65 17.54 4.08 10.50
N PHE N 66 17.94 5.20 11.08
CA PHE N 66 17.70 5.49 12.48
C PHE N 66 17.01 6.84 12.65
N MET N 67 16.59 7.11 13.88
CA MET N 67 16.05 8.39 14.29
C MET N 67 16.31 8.55 15.78
N LEU N 68 16.31 9.80 16.24
CA LEU N 68 16.73 10.03 17.62
C LEU N 68 16.14 11.33 18.13
N LYS N 69 15.74 11.32 19.41
CA LYS N 69 15.38 12.53 20.13
C LYS N 69 16.08 12.50 21.48
N MET N 70 16.52 13.68 21.92
CA MET N 70 17.31 13.80 23.15
C MET N 70 16.76 14.93 24.01
N THR N 71 16.80 14.71 25.32
CA THR N 71 16.41 15.74 26.27
C THR N 71 17.08 15.41 27.60
N VAL N 72 18.05 16.23 28.01
CA VAL N 72 18.79 16.02 29.25
C VAL N 72 18.62 17.26 30.12
N ARG N 73 18.21 17.06 31.36
CA ARG N 73 18.09 18.13 32.33
C ARG N 73 19.05 17.88 33.48
N SER N 74 19.47 18.95 34.15
CA SER N 74 20.41 18.85 35.25
C SER N 74 20.25 20.04 36.18
N ASN N 75 20.75 19.88 37.40
CA ASN N 75 20.77 20.99 38.34
C ASN N 75 21.74 22.09 37.89
N LYS N 76 22.88 21.69 37.35
CA LYS N 76 23.89 22.60 36.84
C LYS N 76 24.32 22.18 35.45
N PRO N 77 24.73 23.13 34.60
CA PRO N 77 25.20 22.76 33.26
C PRO N 77 26.44 21.88 33.34
N PHE N 78 26.54 20.96 32.37
CA PHE N 78 27.68 20.05 32.31
C PHE N 78 28.90 20.81 31.80
N ARG N 79 29.95 20.85 32.62
CA ARG N 79 31.16 21.58 32.25
C ARG N 79 31.83 20.95 31.03
N SER N 80 31.85 19.62 30.96
CA SER N 80 32.52 18.92 29.87
C SER N 80 31.59 17.86 29.29
N TYR N 81 31.83 17.53 28.02
CA TYR N 81 31.11 16.43 27.38
C TYR N 81 31.35 15.10 28.07
N ASP N 82 32.48 14.96 28.78
CA ASP N 82 32.74 13.73 29.50
C ASP N 82 31.70 13.51 30.60
N ASP N 83 31.35 14.57 31.33
CA ASP N 83 30.27 14.48 32.30
C ASP N 83 28.93 14.22 31.61
N VAL N 84 28.77 14.69 30.37
CA VAL N 84 27.57 14.37 29.61
C VAL N 84 27.48 12.86 29.37
N THR N 85 28.60 12.25 28.98
CA THR N 85 28.63 10.81 28.80
C THR N 85 28.34 10.09 30.11
N ALA N 86 28.90 10.59 31.21
CA ALA N 86 28.63 9.98 32.51
C ALA N 86 27.15 10.05 32.87
N ALA N 87 26.51 11.19 32.61
CA ALA N 87 25.11 11.37 32.97
C ALA N 87 24.17 10.59 32.07
N VAL N 88 24.49 10.47 30.78
CA VAL N 88 23.59 9.80 29.86
C VAL N 88 23.72 8.28 29.92
N SER N 89 24.91 7.77 30.23
CA SER N 89 25.14 6.32 30.21
C SER N 89 24.27 5.56 31.20
N GLN N 90 23.69 6.24 32.20
CA GLN N 90 22.81 5.61 33.16
C GLN N 90 21.36 5.56 32.68
N TRP N 91 21.14 5.69 31.37
CA TRP N 91 19.78 5.64 30.83
C TRP N 91 19.20 4.23 30.88
N ASP N 92 20.05 3.20 30.80
CA ASP N 92 19.60 1.82 30.78
C ASP N 92 19.84 1.10 32.10
N ASN N 93 19.67 1.81 33.22
CA ASN N 93 19.81 1.17 34.53
C ASN N 93 18.79 0.05 34.70
N SER N 94 17.54 0.31 34.32
CA SER N 94 16.50 -0.71 34.25
C SER N 94 16.00 -0.75 32.81
N TYR N 95 16.38 -1.79 32.09
CA TYR N 95 16.13 -1.88 30.66
C TYR N 95 14.82 -2.62 30.40
N ILE N 96 13.85 -1.92 29.81
CA ILE N 96 12.59 -2.51 29.40
C ILE N 96 12.46 -2.57 27.88
N GLY N 97 13.25 -1.80 27.15
CA GLY N 97 13.09 -1.67 25.71
C GLY N 97 13.46 -2.87 24.88
N MET N 98 13.83 -2.64 23.63
CA MET N 98 14.00 -3.69 22.64
C MET N 98 15.32 -4.42 22.93
N VAL N 99 15.52 -5.58 22.32
CA VAL N 99 16.69 -6.41 22.56
C VAL N 99 17.62 -6.46 21.35
N GLY N 100 17.07 -6.59 20.15
CA GLY N 100 17.88 -6.62 18.95
C GLY N 100 18.45 -5.26 18.60
N LYS N 101 18.13 -4.26 19.41
CA LYS N 101 18.60 -2.90 19.19
C LYS N 101 19.38 -2.33 20.35
N ARG N 102 19.66 -3.12 21.39
CA ARG N 102 20.35 -2.59 22.57
C ARG N 102 21.72 -2.02 22.26
N PRO N 103 22.63 -2.73 21.57
CA PRO N 103 23.87 -2.07 21.15
C PRO N 103 23.62 -0.89 20.22
N PHE N 104 22.64 -1.02 19.33
CA PHE N 104 22.30 0.09 18.45
C PHE N 104 21.74 1.26 19.25
N TYR N 105 20.91 0.98 20.25
CA TYR N 105 20.43 2.05 21.11
C TYR N 105 21.57 2.71 21.86
N LYS N 106 22.58 1.95 22.28
CA LYS N 106 23.73 2.54 22.95
C LYS N 106 24.49 3.46 22.00
N ILE N 107 24.71 3.03 20.75
CA ILE N 107 25.44 3.90 19.83
C ILE N 107 24.63 5.14 19.50
N ILE N 108 23.30 5.02 19.41
CA ILE N 108 22.48 6.18 19.13
C ILE N 108 22.47 7.14 20.32
N ALA N 109 22.50 6.60 21.53
CA ALA N 109 22.65 7.45 22.71
C ALA N 109 23.99 8.17 22.69
N LEU N 110 25.05 7.48 22.25
CA LEU N 110 26.35 8.12 22.13
C LEU N 110 26.31 9.28 21.13
N ILE N 111 25.70 9.05 19.96
CA ILE N 111 25.65 10.12 18.96
C ILE N 111 24.77 11.27 19.45
N GLY N 112 23.72 10.97 20.22
CA GLY N 112 22.90 12.03 20.79
C GLY N 112 23.65 12.86 21.81
N SER N 113 24.43 12.20 22.68
CA SER N 113 25.26 12.92 23.62
C SER N 113 26.33 13.75 22.93
N SER N 114 26.85 13.28 21.80
CA SER N 114 27.85 14.05 21.07
C SER N 114 27.28 15.36 20.55
N HIS N 115 26.03 15.35 20.08
CA HIS N 115 25.40 16.53 19.48
C HIS N 115 24.46 17.23 20.45
N LEU N 116 24.74 17.19 21.74
CA LEU N 116 23.88 17.86 22.71
C LEU N 116 24.10 19.37 22.73
N GLN N 117 23.52 20.06 21.75
CA GLN N 117 23.58 21.52 21.74
C GLN N 117 22.75 22.10 22.88
N ALA N 118 23.19 23.21 23.44
CA ALA N 118 22.54 23.81 24.58
C ALA N 118 21.28 24.55 24.14
N THR N 119 20.62 25.20 25.09
CA THR N 119 19.39 25.95 24.89
C THR N 119 19.53 27.32 25.55
N PRO N 120 18.69 28.29 25.18
CA PRO N 120 18.76 29.59 25.87
C PRO N 120 18.55 29.50 27.37
N ALA N 121 17.85 28.47 27.85
CA ALA N 121 17.71 28.27 29.28
C ALA N 121 19.04 27.91 29.96
N VAL N 122 20.02 27.45 29.18
CA VAL N 122 21.32 27.10 29.73
C VAL N 122 22.14 28.34 30.08
N LEU N 123 21.60 29.53 29.84
CA LEU N 123 22.31 30.77 30.15
C LEU N 123 22.44 30.92 31.67
N ALA N 124 23.02 32.05 32.08
CA ALA N 124 23.57 32.22 33.42
C ALA N 124 22.64 31.71 34.53
N ASP N 125 21.47 32.32 34.69
CA ASP N 125 20.54 31.94 35.76
C ASP N 125 19.12 32.14 35.23
N LEU N 126 18.56 31.12 34.59
CA LEU N 126 17.14 31.11 34.24
C LEU N 126 16.39 29.96 34.88
N ASN N 127 16.85 28.73 34.69
CA ASN N 127 16.21 27.54 35.22
C ASN N 127 17.20 26.38 35.13
N GLN N 128 16.71 25.17 35.36
CA GLN N 128 17.54 23.99 35.17
C GLN N 128 17.93 23.87 33.69
N PRO N 129 19.22 23.74 33.38
CA PRO N 129 19.63 23.64 31.96
C PRO N 129 19.09 22.40 31.28
N GLU N 130 18.24 22.59 30.28
CA GLU N 130 17.63 21.50 29.53
C GLU N 130 18.30 21.40 28.17
N TYR N 131 19.06 20.33 27.96
CA TYR N 131 19.73 20.10 26.68
C TYR N 131 18.79 19.39 25.71
N TYR N 132 19.12 19.49 24.42
CA TYR N 132 18.28 18.89 23.39
C TYR N 132 19.14 18.52 22.20
N ALA N 133 18.72 17.47 21.50
CA ALA N 133 19.43 17.01 20.31
C ALA N 133 18.51 16.09 19.52
N THR N 134 18.58 16.20 18.20
CA THR N 134 17.80 15.35 17.30
C THR N 134 18.65 14.96 16.11
N LEU N 135 18.69 13.66 15.81
CA LEU N 135 19.47 13.14 14.70
C LEU N 135 18.63 12.11 13.93
N THR N 136 18.71 12.16 12.61
CA THR N 136 17.93 11.27 11.77
C THR N 136 18.72 10.98 10.50
N GLY N 137 18.66 9.73 10.04
CA GLY N 137 19.34 9.35 8.82
C GLY N 137 19.45 7.84 8.73
N ARG N 138 20.42 7.41 7.92
CA ARG N 138 20.70 6.00 7.71
C ARG N 138 22.19 5.77 7.87
N CYS N 139 22.55 4.57 8.31
CA CYS N 139 23.95 4.24 8.56
C CYS N 139 24.11 2.73 8.64
N PHE N 140 25.36 2.28 8.49
CA PHE N 140 25.72 0.89 8.68
C PHE N 140 26.79 0.79 9.76
N LEU N 141 26.61 -0.15 10.69
CA LEU N 141 27.51 -0.31 11.81
C LEU N 141 28.22 -1.65 11.72
N PRO N 142 29.55 -1.68 11.61
CA PRO N 142 30.28 -2.94 11.69
C PRO N 142 30.38 -3.42 13.12
N HIS N 143 30.02 -4.67 13.34
CA HIS N 143 30.05 -5.23 14.69
C HIS N 143 30.38 -6.71 14.62
N ARG N 144 30.90 -7.23 15.73
CA ARG N 144 31.24 -8.64 15.83
C ARG N 144 30.40 -9.29 16.92
N LEU N 145 29.12 -8.94 16.96
CA LEU N 145 28.18 -9.48 17.94
C LEU N 145 27.34 -10.62 17.39
N GLY N 146 27.66 -11.11 16.18
CA GLY N 146 26.88 -12.16 15.58
C GLY N 146 25.65 -11.62 14.87
N LEU N 147 24.88 -12.52 14.24
CA LEU N 147 23.68 -12.09 13.53
C LEU N 147 22.67 -11.50 14.49
N ILE N 148 22.10 -10.38 14.12
CA ILE N 148 21.10 -9.68 14.93
C ILE N 148 19.72 -10.03 14.39
N PRO N 149 18.73 -10.25 15.24
CA PRO N 149 17.38 -10.54 14.75
C PRO N 149 16.80 -9.34 14.02
N PRO N 150 15.93 -9.58 13.02
CA PRO N 150 15.37 -8.46 12.25
C PRO N 150 14.62 -7.45 13.11
N MET N 151 14.89 -6.16 12.88
CA MET N 151 14.26 -5.08 13.63
C MET N 151 13.11 -4.48 12.83
N PHE N 152 12.19 -3.83 13.54
CA PHE N 152 11.01 -3.26 12.92
C PHE N 152 10.92 -1.77 13.23
N ASN N 153 10.15 -1.06 12.40
CA ASN N 153 9.98 0.39 12.52
C ASN N 153 9.02 0.69 13.67
N VAL N 154 9.57 0.63 14.89
CA VAL N 154 8.83 0.92 16.11
C VAL N 154 9.65 1.90 16.95
N SER N 155 8.96 2.83 17.60
CA SER N 155 9.60 3.84 18.43
C SER N 155 9.17 3.67 19.88
N GLU N 156 10.15 3.62 20.79
CA GLU N 156 9.90 3.49 22.22
C GLU N 156 10.68 4.55 22.96
N THR N 157 10.02 5.20 23.93
CA THR N 157 10.65 6.25 24.71
C THR N 157 11.38 5.65 25.91
N PHE N 158 12.34 6.42 26.43
CA PHE N 158 13.13 6.00 27.59
C PHE N 158 13.23 7.18 28.57
N ARG N 159 12.92 6.91 29.83
CA ARG N 159 13.03 7.90 30.89
C ARG N 159 13.69 7.27 32.11
N LYS N 160 14.72 7.93 32.63
CA LYS N 160 15.42 7.42 33.80
C LYS N 160 16.21 8.53 34.49
N PRO N 161 15.99 8.77 35.77
CA PRO N 161 16.82 9.73 36.49
C PRO N 161 18.22 9.20 36.69
N PHE N 162 19.18 10.12 36.82
CA PHE N 162 20.58 9.77 36.99
C PHE N 162 21.18 10.59 38.13
N ASN N 163 22.29 10.08 38.68
CA ASN N 163 23.00 10.78 39.73
C ASN N 163 24.48 10.41 39.59
N ILE N 164 25.27 11.34 39.05
CA ILE N 164 26.70 11.12 38.85
C ILE N 164 27.47 11.84 39.95
N GLY N 165 26.81 12.09 41.08
CA GLY N 165 27.42 12.83 42.16
C GLY N 165 27.00 14.28 42.19
N ILE N 166 27.83 15.17 41.64
CA ILE N 166 27.55 16.59 41.67
C ILE N 166 26.27 16.90 40.91
N TYR N 167 26.08 16.27 39.76
CA TYR N 167 24.96 16.58 38.87
C TYR N 167 23.78 15.64 39.13
N LYS N 168 22.59 16.13 38.81
CA LYS N 168 21.35 15.36 38.89
C LYS N 168 20.57 15.51 37.59
N GLY N 169 19.34 15.02 37.55
CA GLY N 169 18.45 15.27 36.44
C GLY N 169 17.83 14.00 35.90
N THR N 170 17.10 14.14 34.80
CA THR N 170 16.42 13.03 34.17
C THR N 170 16.82 12.92 32.69
N LEU N 171 16.15 12.05 31.94
CA LEU N 171 16.47 11.80 30.55
C LEU N 171 15.19 11.56 29.77
N ASP N 172 15.29 11.68 28.44
CA ASP N 172 14.15 11.46 27.56
C ASP N 172 14.63 11.05 26.18
N PHE N 173 14.43 9.79 25.80
CA PHE N 173 14.95 9.23 24.57
C PHE N 173 13.81 8.86 23.63
N THR N 174 14.15 8.71 22.35
CA THR N 174 13.19 8.26 21.34
C THR N 174 13.99 7.66 20.17
N PHE N 175 14.03 6.33 20.09
CA PHE N 175 14.75 5.64 19.05
C PHE N 175 13.80 5.09 17.99
N THR N 176 14.30 5.01 16.76
CA THR N 176 13.56 4.42 15.64
C THR N 176 14.50 3.56 14.80
N VAL N 177 15.28 2.71 15.46
CA VAL N 177 16.24 1.87 14.75
C VAL N 177 15.53 0.71 14.08
N SER N 178 15.77 0.55 12.78
CA SER N 178 15.19 -0.55 12.02
C SER N 178 16.04 -0.79 10.77
N ASP N 179 15.87 -1.97 10.19
CA ASP N 179 16.65 -2.35 9.02
C ASP N 179 16.29 -1.49 7.81
N ASP N 180 17.10 -1.61 6.76
CA ASP N 180 16.85 -0.93 5.49
C ASP N 180 17.35 -1.86 4.39
N GLU N 181 16.42 -2.50 3.67
CA GLU N 181 16.74 -3.43 2.60
C GLU N 181 17.01 -2.74 1.28
N SER N 182 17.26 -1.43 1.28
CA SER N 182 17.65 -0.74 0.07
C SER N 182 19.11 -1.03 -0.27
N ASN N 183 19.55 -0.53 -1.41
CA ASN N 183 20.91 -0.76 -1.86
C ASN N 183 21.78 0.49 -1.85
N GLU N 184 21.20 1.68 -1.70
CA GLU N 184 21.99 2.90 -1.70
C GLU N 184 22.96 2.92 -0.54
N LYS N 185 24.17 3.44 -0.79
CA LYS N 185 25.17 3.51 0.25
C LYS N 185 24.74 4.50 1.33
N VAL N 186 25.21 4.26 2.55
CA VAL N 186 24.84 5.06 3.71
C VAL N 186 26.12 5.54 4.39
N PRO N 187 26.11 6.70 5.06
CA PRO N 187 27.31 7.17 5.74
C PRO N 187 27.61 6.29 6.96
N HIS N 188 28.89 5.99 7.15
CA HIS N 188 29.34 5.16 8.25
C HIS N 188 28.93 5.77 9.59
N VAL N 189 28.44 4.92 10.48
CA VAL N 189 27.76 5.40 11.69
C VAL N 189 28.71 6.17 12.60
N TRP N 190 29.96 5.70 12.73
CA TRP N 190 30.91 6.39 13.59
C TRP N 190 31.30 7.76 13.02
N GLU N 191 31.09 7.97 11.72
CA GLU N 191 31.38 9.28 11.14
C GLU N 191 30.37 10.34 11.57
N TYR N 192 29.19 9.94 12.06
CA TYR N 192 28.18 10.90 12.47
C TYR N 192 28.64 11.77 13.65
N MET N 193 29.69 11.38 14.35
CA MET N 193 30.25 12.20 15.42
C MET N 193 31.30 13.11 14.81
N ASN N 194 31.12 14.42 14.98
CA ASN N 194 32.09 15.37 14.48
C ASN N 194 33.42 15.24 15.23
N PRO N 195 34.54 15.53 14.57
CA PRO N 195 35.84 15.46 15.26
C PRO N 195 36.04 16.55 16.31
N LYS N 196 35.17 17.56 16.36
CA LYS N 196 35.31 18.61 17.36
C LYS N 196 35.17 18.04 18.77
N TYR N 197 34.19 17.17 18.98
CA TYR N 197 34.01 16.49 20.25
C TYR N 197 34.73 15.15 20.21
N GLN N 198 34.77 14.44 21.35
CA GLN N 198 35.33 13.09 21.45
C GLN N 198 36.79 13.07 20.98
N SER N 199 37.63 13.74 21.77
CA SER N 199 39.06 13.79 21.48
C SER N 199 39.64 12.39 21.32
N GLN N 200 39.12 11.42 22.08
CA GLN N 200 39.52 10.03 21.98
C GLN N 200 38.28 9.16 22.13
N ILE N 201 37.82 8.59 21.02
CA ILE N 201 36.52 7.92 21.01
C ILE N 201 36.60 6.54 21.66
N GLN N 202 37.80 5.95 21.72
CA GLN N 202 37.97 4.58 22.18
C GLN N 202 37.46 4.40 23.60
N LYS N 203 37.39 5.48 24.36
CA LYS N 203 36.83 5.46 25.71
C LYS N 203 35.56 6.27 25.87
N GLU N 204 35.31 7.27 25.03
CA GLU N 204 34.03 7.97 25.06
C GLU N 204 32.90 7.01 24.68
N GLY N 205 33.13 6.15 23.71
CA GLY N 205 32.19 5.08 23.43
C GLY N 205 32.16 3.98 24.47
N LEU N 206 33.26 3.80 25.21
CA LEU N 206 33.31 2.84 26.31
C LEU N 206 32.54 3.31 27.55
N LYS N 207 32.43 4.62 27.75
CA LYS N 207 31.65 5.14 28.87
C LYS N 207 30.21 4.67 28.80
N PHE N 208 29.64 4.63 27.59
CA PHE N 208 28.29 4.12 27.40
C PHE N 208 28.21 2.61 27.57
N GLY N 209 29.36 1.92 27.65
CA GLY N 209 29.39 0.49 27.83
C GLY N 209 29.91 -0.30 26.66
N LEU N 210 30.16 0.35 25.52
CA LEU N 210 30.61 -0.35 24.32
C LEU N 210 32.08 -0.76 24.45
N ILE N 211 32.45 -1.78 23.70
CA ILE N 211 33.83 -2.22 23.57
C ILE N 211 34.22 -2.02 22.11
N LEU N 212 35.20 -1.15 21.87
CA LEU N 212 35.62 -0.80 20.52
C LEU N 212 36.99 -1.37 20.21
N SER N 213 37.23 -1.60 18.92
CA SER N 213 38.53 -2.01 18.42
C SER N 213 38.74 -1.37 17.05
N LYS N 214 40.00 -1.26 16.65
CA LYS N 214 40.38 -0.52 15.45
C LYS N 214 40.65 -1.51 14.33
N LYS N 215 39.99 -1.30 13.19
CA LYS N 215 40.17 -2.16 12.02
C LYS N 215 41.38 -1.77 11.18
N ALA N 216 42.18 -0.81 11.66
CA ALA N 216 43.42 -0.39 11.02
C ALA N 216 43.18 0.28 9.67
N THR N 217 41.91 0.49 9.31
CA THR N 217 41.54 1.14 8.07
C THR N 217 40.96 2.54 8.28
N GLY N 218 40.41 2.82 9.46
CA GLY N 218 39.73 4.06 9.73
C GLY N 218 38.27 3.91 10.07
N THR N 219 37.75 2.68 10.10
CA THR N 219 36.38 2.40 10.49
C THR N 219 36.39 1.55 11.76
N TRP N 220 35.65 2.00 12.77
CA TRP N 220 35.58 1.30 14.04
C TRP N 220 34.56 0.18 13.98
N VAL N 221 34.89 -0.94 14.61
CA VAL N 221 34.00 -2.10 14.70
C VAL N 221 33.64 -2.33 16.15
N LEU N 222 32.38 -2.70 16.39
CA LEU N 222 31.88 -2.90 17.75
C LEU N 222 32.15 -4.34 18.18
N ASP N 223 32.96 -4.50 19.23
CA ASP N 223 33.26 -5.83 19.74
C ASP N 223 32.09 -6.40 20.52
N GLN N 224 31.75 -5.76 21.64
CA GLN N 224 30.63 -6.18 22.48
C GLN N 224 30.26 -5.03 23.40
N LEU N 225 29.27 -5.26 24.25
CA LEU N 225 28.84 -4.26 25.21
C LEU N 225 29.60 -4.43 26.52
N SER N 226 29.13 -3.75 27.55
CA SER N 226 29.67 -3.98 28.89
C SER N 226 29.43 -5.44 29.26
N PRO N 227 30.34 -6.05 30.04
CA PRO N 227 30.29 -7.51 30.27
C PRO N 227 28.91 -8.04 30.61
N PHE N 228 28.36 -8.85 29.70
CA PHE N 228 27.05 -9.47 29.86
C PHE N 228 25.95 -8.43 30.09
N LYS N 229 26.05 -7.30 29.39
CA LYS N 229 25.02 -6.26 29.46
C LYS N 229 24.48 -5.94 28.08
N ASP O 50 30.46 -35.98 55.78
CA ASP O 50 29.91 -34.88 54.98
C ASP O 50 29.49 -35.37 53.59
N MET O 51 28.69 -34.56 52.90
CA MET O 51 28.21 -34.91 51.57
C MET O 51 29.31 -34.70 50.54
N ASP O 52 28.98 -34.98 49.27
CA ASP O 52 29.92 -34.84 48.18
C ASP O 52 29.67 -33.62 47.31
N LEU O 53 28.46 -33.05 47.32
CA LEU O 53 28.19 -31.86 46.54
C LEU O 53 28.96 -30.66 47.10
N TYR O 54 28.70 -30.30 48.36
CA TYR O 54 29.44 -29.28 49.07
C TYR O 54 29.91 -29.90 50.39
N ASP O 55 31.21 -30.20 50.48
CA ASP O 55 31.72 -30.98 51.61
C ASP O 55 31.53 -30.25 52.94
N LYS O 56 32.27 -29.17 53.16
CA LYS O 56 32.09 -28.40 54.38
C LYS O 56 31.81 -26.93 54.10
N ASP O 57 32.66 -26.30 53.29
CA ASP O 57 32.64 -24.84 53.10
C ASP O 57 32.82 -24.50 51.63
N SER O 58 32.06 -25.15 50.75
CA SER O 58 32.14 -24.85 49.32
C SER O 58 31.74 -23.40 49.06
N LEU O 59 32.70 -22.58 48.65
CA LEU O 59 32.45 -21.16 48.45
C LEU O 59 31.60 -20.94 47.21
N ARG O 60 30.55 -20.13 47.35
CA ARG O 60 29.63 -19.83 46.26
C ARG O 60 29.31 -18.35 46.24
N TYR O 61 28.99 -17.85 45.05
CA TYR O 61 28.62 -16.45 44.85
C TYR O 61 27.13 -16.38 44.54
N GLU O 62 26.43 -15.49 45.23
CA GLU O 62 24.97 -15.36 45.09
C GLU O 62 24.62 -13.91 44.76
N LYS O 63 24.33 -13.65 43.49
CA LYS O 63 23.87 -12.34 43.08
C LYS O 63 22.47 -12.07 43.60
N PHE O 64 22.23 -10.85 44.07
CA PHE O 64 20.93 -10.50 44.64
C PHE O 64 20.78 -8.99 44.71
N ARG O 65 19.59 -8.50 44.39
CA ARG O 65 19.29 -7.09 44.59
C ARG O 65 18.97 -6.84 46.06
N PHE O 66 18.98 -5.56 46.45
CA PHE O 66 18.69 -5.21 47.83
C PHE O 66 18.07 -3.83 47.89
N MET O 67 17.34 -3.59 48.97
CA MET O 67 16.77 -2.28 49.29
C MET O 67 16.71 -2.18 50.80
N LEU O 68 16.79 -0.95 51.31
CA LEU O 68 16.90 -0.79 52.75
C LEU O 68 16.40 0.58 53.17
N LYS O 69 15.62 0.60 54.25
CA LYS O 69 15.23 1.83 54.91
C LYS O 69 15.74 1.80 56.34
N MET O 70 16.18 2.96 56.82
CA MET O 70 16.88 3.04 58.09
C MET O 70 16.34 4.20 58.90
N THR O 71 16.20 3.97 60.20
CA THR O 71 15.74 5.01 61.12
C THR O 71 16.18 4.61 62.53
N VAL O 72 17.08 5.40 63.11
CA VAL O 72 17.59 5.15 64.46
C VAL O 72 17.35 6.40 65.30
N ARG O 73 16.78 6.21 66.49
CA ARG O 73 16.56 7.29 67.43
C ARG O 73 17.32 7.02 68.72
N SER O 74 17.75 8.09 69.38
CA SER O 74 18.53 7.95 70.61
C SER O 74 18.32 9.18 71.47
N ASN O 75 18.62 9.02 72.76
CA ASN O 75 18.56 10.17 73.67
C ASN O 75 19.61 11.22 73.31
N LYS O 76 20.80 10.78 72.95
CA LYS O 76 21.88 11.65 72.49
C LYS O 76 22.43 11.13 71.18
N PRO O 77 22.94 12.02 70.32
CA PRO O 77 23.52 11.57 69.05
C PRO O 77 24.73 10.66 69.29
N PHE O 78 24.88 9.68 68.41
CA PHE O 78 26.00 8.75 68.49
C PHE O 78 27.28 9.45 68.03
N ARG O 79 28.33 9.32 68.81
CA ARG O 79 29.61 9.97 68.50
C ARG O 79 30.37 9.19 67.44
N SER O 80 30.69 7.93 67.73
CA SER O 80 31.52 7.12 66.86
C SER O 80 30.70 6.02 66.19
N TYR O 81 31.35 5.35 65.23
CA TYR O 81 30.68 4.28 64.49
C TYR O 81 30.40 3.08 65.38
N ASP O 82 31.29 2.81 66.34
CA ASP O 82 31.11 1.65 67.22
C ASP O 82 29.82 1.77 68.02
N ASP O 83 29.49 2.97 68.49
CA ASP O 83 28.23 3.18 69.21
C ASP O 83 27.03 2.88 68.31
N VAL O 84 27.10 3.30 67.05
CA VAL O 84 26.02 3.03 66.11
C VAL O 84 25.85 1.53 65.91
N THR O 85 26.97 0.82 65.70
CA THR O 85 26.89 -0.62 65.51
C THR O 85 26.33 -1.31 66.74
N ALA O 86 26.75 -0.89 67.93
CA ALA O 86 26.21 -1.48 69.16
C ALA O 86 24.71 -1.23 69.27
N ALA O 87 24.27 -0.02 68.91
CA ALA O 87 22.85 0.31 68.96
C ALA O 87 22.04 -0.37 67.87
N VAL O 88 22.68 -0.86 66.81
CA VAL O 88 21.99 -1.50 65.70
C VAL O 88 22.05 -3.02 65.79
N SER O 89 23.12 -3.56 66.36
CA SER O 89 23.36 -5.01 66.35
C SER O 89 22.28 -5.78 67.09
N GLN O 90 21.55 -5.13 67.98
CA GLN O 90 20.48 -5.78 68.75
C GLN O 90 19.13 -5.67 68.05
N TRP O 91 19.13 -5.51 66.72
CA TRP O 91 17.88 -5.42 65.98
C TRP O 91 17.15 -6.76 65.92
N ASP O 92 17.90 -7.86 65.89
CA ASP O 92 17.35 -9.21 65.76
C ASP O 92 17.29 -9.94 67.09
N ASN O 93 17.01 -9.23 68.18
CA ASN O 93 16.89 -9.84 69.50
C ASN O 93 15.82 -10.94 69.48
N SER O 94 14.65 -10.61 68.93
CA SER O 94 13.63 -11.60 68.62
C SER O 94 13.38 -11.55 67.12
N TYR O 95 13.69 -12.65 66.44
CA TYR O 95 13.68 -12.71 64.98
C TYR O 95 12.41 -13.41 64.52
N ILE O 96 11.66 -12.73 63.64
CA ILE O 96 10.41 -13.27 63.12
C ILE O 96 10.46 -13.53 61.62
N GLY O 97 11.28 -12.80 60.87
CA GLY O 97 11.29 -12.92 59.42
C GLY O 97 11.90 -14.23 58.94
N MET O 98 12.13 -14.27 57.63
CA MET O 98 12.67 -15.48 57.00
C MET O 98 14.08 -15.76 57.50
N VAL O 99 14.37 -17.05 57.74
CA VAL O 99 15.67 -17.47 58.21
C VAL O 99 16.73 -17.47 57.10
N GLY O 100 16.34 -17.78 55.85
CA GLY O 100 17.30 -17.83 54.78
C GLY O 100 17.91 -16.50 54.41
N LYS O 101 17.26 -15.39 54.77
CA LYS O 101 17.79 -14.07 54.50
C LYS O 101 18.46 -13.45 55.73
N ARG O 102 18.66 -14.22 56.80
CA ARG O 102 19.27 -13.67 58.00
C ARG O 102 20.69 -13.15 57.77
N PRO O 103 21.62 -13.89 57.15
CA PRO O 103 22.94 -13.31 56.89
C PRO O 103 22.87 -12.07 56.00
N PHE O 104 22.02 -12.10 54.98
CA PHE O 104 21.91 -10.94 54.10
C PHE O 104 21.24 -9.77 54.81
N TYR O 105 20.27 -10.06 55.69
CA TYR O 105 19.70 -9.00 56.51
C TYR O 105 20.76 -8.37 57.41
N LYS O 106 21.65 -9.20 57.96
CA LYS O 106 22.74 -8.68 58.79
C LYS O 106 23.67 -7.79 57.99
N ILE O 107 24.04 -8.21 56.78
CA ILE O 107 24.95 -7.38 55.99
C ILE O 107 24.28 -6.08 55.56
N ILE O 108 22.97 -6.13 55.25
CA ILE O 108 22.28 -4.89 54.88
C ILE O 108 22.16 -3.97 56.09
N ALA O 109 21.94 -4.53 57.28
CA ALA O 109 21.93 -3.70 58.48
C ALA O 109 23.30 -3.06 58.70
N LEU O 110 24.37 -3.81 58.44
CA LEU O 110 25.71 -3.24 58.58
C LEU O 110 25.94 -2.09 57.60
N ILE O 111 25.55 -2.28 56.34
CA ILE O 111 25.76 -1.21 55.35
C ILE O 111 24.88 -0.01 55.67
N GLY O 112 23.68 -0.23 56.22
CA GLY O 112 22.86 0.89 56.66
C GLY O 112 23.47 1.63 57.82
N SER O 113 24.09 0.90 58.75
CA SER O 113 24.85 1.52 59.82
C SER O 113 26.00 2.35 59.27
N SER O 114 26.60 1.87 58.17
CA SER O 114 27.73 2.59 57.59
C SER O 114 27.33 3.96 57.07
N HIS O 115 26.17 4.05 56.43
CA HIS O 115 25.73 5.28 55.77
C HIS O 115 24.67 6.03 56.56
N LEU O 116 24.79 6.06 57.89
CA LEU O 116 23.83 6.80 58.73
C LEU O 116 24.14 8.29 58.64
N GLN O 117 23.56 8.92 57.61
CA GLN O 117 23.64 10.37 57.47
C GLN O 117 22.64 11.01 58.42
N ALA O 118 23.12 11.91 59.27
CA ALA O 118 22.28 12.54 60.28
C ALA O 118 21.29 13.52 59.67
N THR O 119 20.25 13.86 60.41
CA THR O 119 19.23 14.82 60.04
C THR O 119 19.51 16.16 60.72
N PRO O 120 18.86 17.24 60.27
CA PRO O 120 19.06 18.53 60.95
C PRO O 120 18.64 18.52 62.41
N ALA O 121 17.78 17.58 62.82
CA ALA O 121 17.41 17.48 64.23
C ALA O 121 18.55 16.92 65.08
N VAL O 122 19.59 16.37 64.46
CA VAL O 122 20.70 15.78 65.20
C VAL O 122 21.66 16.84 65.74
N LEU O 123 21.42 18.12 65.45
CA LEU O 123 22.31 19.19 65.89
C LEU O 123 22.31 19.34 67.40
N ALA O 124 23.05 20.34 67.90
CA ALA O 124 23.39 20.47 69.31
C ALA O 124 22.21 20.19 70.24
N ASP O 125 21.16 21.00 70.16
CA ASP O 125 19.96 20.75 70.98
C ASP O 125 18.75 21.27 70.21
N LEU O 126 18.14 20.39 69.42
CA LEU O 126 16.89 20.68 68.74
C LEU O 126 15.77 19.72 69.14
N ASN O 127 16.02 18.42 69.03
CA ASN O 127 15.03 17.40 69.34
C ASN O 127 15.76 16.07 69.50
N GLN O 128 14.99 14.98 69.54
CA GLN O 128 15.58 13.66 69.62
C GLN O 128 16.31 13.34 68.33
N PRO O 129 17.61 13.01 68.36
CA PRO O 129 18.34 12.73 67.11
C PRO O 129 17.81 11.51 66.38
N GLU O 130 17.26 11.72 65.19
CA GLU O 130 16.73 10.65 64.35
C GLU O 130 17.65 10.49 63.14
N TYR O 131 18.25 9.32 62.99
CA TYR O 131 19.14 9.04 61.88
C TYR O 131 18.34 8.47 60.70
N TYR O 132 18.99 8.33 59.55
CA TYR O 132 18.33 7.84 58.35
C TYR O 132 19.39 7.34 57.38
N ALA O 133 19.01 6.35 56.58
CA ALA O 133 19.87 5.82 55.54
C ALA O 133 19.01 5.06 54.54
N THR O 134 19.48 4.99 53.30
CA THR O 134 18.75 4.29 52.25
C THR O 134 19.75 3.85 51.19
N LEU O 135 19.88 2.55 50.99
CA LEU O 135 20.82 1.99 50.01
C LEU O 135 20.08 1.02 49.12
N THR O 136 20.18 1.24 47.81
CA THR O 136 19.55 0.38 46.81
C THR O 136 20.57 0.01 45.75
N GLY O 137 20.33 -1.13 45.10
CA GLY O 137 21.22 -1.56 44.04
C GLY O 137 21.24 -3.08 43.96
N ARG O 138 22.31 -3.59 43.36
CA ARG O 138 22.51 -5.02 43.17
C ARG O 138 23.92 -5.39 43.61
N CYS O 139 24.07 -6.59 44.17
CA CYS O 139 25.37 -7.02 44.66
C CYS O 139 25.38 -8.53 44.83
N PHE O 140 26.58 -9.09 44.95
CA PHE O 140 26.77 -10.51 45.20
C PHE O 140 27.64 -10.67 46.43
N LEU O 141 27.29 -11.62 47.29
CA LEU O 141 28.03 -11.85 48.54
C LEU O 141 28.75 -13.19 48.48
N PRO O 142 30.07 -13.21 48.49
CA PRO O 142 30.80 -14.48 48.64
C PRO O 142 30.64 -15.00 50.06
N HIS O 143 30.15 -16.23 50.19
CA HIS O 143 29.90 -16.81 51.51
C HIS O 143 30.12 -18.32 51.45
N ARG O 144 30.37 -18.89 52.62
CA ARG O 144 30.56 -20.33 52.74
C ARG O 144 29.49 -20.92 53.67
N LEU O 145 28.24 -20.46 53.51
CA LEU O 145 27.12 -20.95 54.29
C LEU O 145 26.33 -22.04 53.56
N GLY O 146 26.86 -22.54 52.45
CA GLY O 146 26.16 -23.54 51.66
C GLY O 146 25.08 -22.91 50.81
N LEU O 147 24.35 -23.78 50.10
CA LEU O 147 23.26 -23.32 49.24
C LEU O 147 22.18 -22.67 50.09
N ILE O 148 21.69 -21.53 49.63
CA ILE O 148 20.70 -20.75 50.38
C ILE O 148 19.35 -20.94 49.69
N PRO O 149 18.25 -21.03 50.42
CA PRO O 149 16.94 -21.18 49.78
C PRO O 149 16.61 -19.97 48.91
N PRO O 150 15.79 -20.16 47.87
CA PRO O 150 15.46 -19.04 46.98
C PRO O 150 14.78 -17.91 47.73
N MET O 151 15.02 -16.68 47.26
CA MET O 151 14.53 -15.47 47.91
C MET O 151 13.54 -14.76 47.00
N PHE O 152 12.51 -14.16 47.59
CA PHE O 152 11.45 -13.50 46.86
C PHE O 152 11.39 -12.03 47.24
N ASN O 153 10.79 -11.23 46.35
CA ASN O 153 10.64 -9.80 46.56
C ASN O 153 9.53 -9.56 47.57
N VAL O 154 9.90 -9.56 48.85
CA VAL O 154 8.97 -9.32 49.95
C VAL O 154 9.63 -8.37 50.93
N SER O 155 9.05 -7.18 51.10
CA SER O 155 9.55 -6.25 52.10
C SER O 155 9.31 -6.79 53.50
N GLU O 156 10.28 -6.56 54.40
CA GLU O 156 10.21 -7.11 55.76
C GLU O 156 10.63 -6.02 56.73
N THR O 157 9.68 -5.52 57.51
CA THR O 157 9.96 -4.50 58.51
C THR O 157 10.54 -5.13 59.77
N PHE O 158 11.31 -4.33 60.50
CA PHE O 158 11.90 -4.75 61.77
C PHE O 158 11.85 -3.57 62.73
N ARG O 159 11.14 -3.73 63.84
CA ARG O 159 10.91 -2.65 64.80
C ARG O 159 11.23 -3.18 66.19
N LYS O 160 12.49 -3.07 66.59
CA LYS O 160 12.94 -3.55 67.89
C LYS O 160 13.77 -2.48 68.59
N PRO O 161 13.54 -2.24 69.87
CA PRO O 161 14.37 -1.28 70.60
C PRO O 161 15.70 -1.89 71.02
N PHE O 162 16.64 -1.01 71.36
CA PHE O 162 17.98 -1.42 71.75
C PHE O 162 18.37 -0.74 73.06
N GLY O 169 16.63 3.87 72.49
CA GLY O 169 15.83 4.18 71.32
C GLY O 169 15.34 2.93 70.61
N THR O 170 14.70 3.16 69.47
CA THR O 170 14.09 2.13 68.65
C THR O 170 14.74 2.09 67.27
N LEU O 171 14.29 1.14 66.45
CA LEU O 171 14.82 0.94 65.11
C LEU O 171 13.68 0.77 64.12
N ASP O 172 14.01 0.83 62.84
CA ASP O 172 13.02 0.69 61.77
C ASP O 172 13.71 0.24 60.48
N PHE O 173 13.37 -0.95 60.01
CA PHE O 173 14.01 -1.55 58.84
C PHE O 173 12.99 -1.83 57.74
N THR O 174 13.50 -1.95 56.51
CA THR O 174 12.71 -2.43 55.38
C THR O 174 13.68 -3.08 54.40
N PHE O 175 13.81 -4.41 54.48
CA PHE O 175 14.70 -5.14 53.60
C PHE O 175 13.93 -5.70 52.40
N THR O 176 14.60 -5.72 51.25
CA THR O 176 14.04 -6.25 50.02
C THR O 176 15.08 -7.14 49.35
N VAL O 177 15.67 -8.05 50.14
CA VAL O 177 16.68 -8.97 49.64
C VAL O 177 16.00 -10.05 48.81
N SER O 178 16.24 -10.04 47.49
CA SER O 178 15.60 -10.98 46.59
C SER O 178 16.62 -11.46 45.55
N ASP O 179 16.26 -12.56 44.88
CA ASP O 179 17.14 -13.19 43.91
C ASP O 179 17.25 -12.34 42.65
N ASP O 180 18.21 -12.71 41.81
CA ASP O 180 18.39 -12.08 40.50
C ASP O 180 18.99 -13.10 39.55
N GLU O 181 18.34 -13.29 38.40
CA GLU O 181 18.80 -14.25 37.39
C GLU O 181 19.43 -13.59 36.18
N SER O 182 19.64 -12.27 36.22
CA SER O 182 20.27 -11.58 35.11
C SER O 182 21.76 -11.90 35.06
N ASN O 183 22.33 -11.81 33.86
CA ASN O 183 23.74 -12.08 33.65
C ASN O 183 24.63 -10.87 33.84
N GLU O 184 24.05 -9.67 33.97
CA GLU O 184 24.83 -8.46 34.08
C GLU O 184 25.61 -8.45 35.40
N LYS O 185 26.83 -7.93 35.34
CA LYS O 185 27.74 -7.94 36.48
C LYS O 185 27.35 -6.85 37.48
N VAL O 186 27.43 -7.19 38.76
CA VAL O 186 26.99 -6.30 39.83
C VAL O 186 28.17 -6.01 40.76
N PRO O 187 28.17 -4.87 41.46
CA PRO O 187 29.30 -4.55 42.34
C PRO O 187 29.36 -5.47 43.54
N HIS O 188 30.58 -5.61 44.07
CA HIS O 188 30.80 -6.42 45.27
C HIS O 188 30.10 -5.80 46.47
N VAL O 189 29.47 -6.64 47.29
CA VAL O 189 28.63 -6.13 48.36
C VAL O 189 29.47 -5.48 49.46
N TRP O 190 30.60 -6.10 49.82
CA TRP O 190 31.48 -5.50 50.82
C TRP O 190 32.09 -4.19 50.32
N GLU O 191 32.07 -3.98 49.01
CA GLU O 191 32.62 -2.78 48.39
C GLU O 191 31.67 -1.59 48.45
N TYR O 192 30.40 -1.82 48.82
CA TYR O 192 29.47 -0.71 49.02
C TYR O 192 29.79 0.11 50.26
N MET O 193 30.58 -0.43 51.19
CA MET O 193 30.97 0.30 52.39
C MET O 193 32.17 1.17 52.05
N ASN O 194 32.00 2.49 52.16
CA ASN O 194 33.09 3.41 51.85
C ASN O 194 34.23 3.28 52.84
N PRO O 195 35.47 3.55 52.41
CA PRO O 195 36.61 3.49 53.33
C PRO O 195 36.65 4.63 54.33
N LYS O 196 35.75 5.61 54.23
CA LYS O 196 35.76 6.72 55.17
C LYS O 196 35.54 6.25 56.60
N TYR O 197 34.58 5.35 56.80
CA TYR O 197 34.34 4.74 58.10
C TYR O 197 35.01 3.38 58.15
N GLN O 198 34.80 2.63 59.24
CA GLN O 198 35.26 1.26 59.38
C GLN O 198 36.78 1.16 59.21
N SER O 199 37.47 1.77 60.18
CA SER O 199 38.93 1.73 60.19
C SER O 199 39.45 0.29 60.11
N GLN O 200 38.85 -0.60 60.90
CA GLN O 200 39.12 -2.04 60.83
C GLN O 200 37.78 -2.73 60.60
N ILE O 201 37.41 -2.89 59.33
CA ILE O 201 36.07 -3.35 59.00
C ILE O 201 35.81 -4.78 59.44
N GLN O 202 36.87 -5.56 59.72
CA GLN O 202 36.64 -6.92 60.22
C GLN O 202 35.89 -6.87 61.56
N LYS O 203 36.36 -6.05 62.50
CA LYS O 203 35.67 -5.93 63.77
C LYS O 203 34.33 -5.22 63.62
N GLU O 204 34.26 -4.23 62.73
CA GLU O 204 33.01 -3.49 62.55
C GLU O 204 31.90 -4.39 62.03
N GLY O 205 32.20 -5.22 61.04
CA GLY O 205 31.27 -6.17 60.51
C GLY O 205 31.18 -7.48 61.25
N LEU O 206 32.03 -7.70 62.25
CA LEU O 206 32.00 -8.93 63.03
C LEU O 206 31.07 -8.84 64.24
N LYS O 207 30.94 -7.66 64.85
CA LYS O 207 30.06 -7.50 66.00
C LYS O 207 28.61 -7.27 65.62
N PHE O 208 28.26 -7.49 64.35
CA PHE O 208 26.87 -7.61 63.93
C PHE O 208 26.38 -9.05 63.96
N GLY O 209 27.22 -9.98 64.42
CA GLY O 209 26.93 -11.40 64.39
C GLY O 209 27.69 -12.16 63.32
N LEU O 210 28.34 -11.45 62.40
CA LEU O 210 29.05 -12.10 61.31
C LEU O 210 30.47 -12.47 61.72
N ILE O 211 31.07 -13.36 60.93
CA ILE O 211 32.50 -13.67 61.01
C ILE O 211 33.04 -13.65 59.59
N LEU O 212 34.02 -12.78 59.35
CA LEU O 212 34.59 -12.57 58.02
C LEU O 212 36.00 -13.14 57.96
N SER O 213 36.54 -13.20 56.75
CA SER O 213 37.90 -13.69 56.52
C SER O 213 38.39 -13.16 55.19
N LYS O 214 39.55 -12.49 55.21
CA LYS O 214 40.13 -11.96 53.99
C LYS O 214 40.64 -13.08 53.10
N LYS O 215 40.37 -12.95 51.80
CA LYS O 215 40.79 -13.93 50.81
C LYS O 215 42.16 -13.60 50.20
N ALA O 216 42.83 -12.56 50.72
CA ALA O 216 44.10 -12.04 50.24
C ALA O 216 43.99 -11.39 48.88
N THR O 217 42.79 -11.31 48.30
CA THR O 217 42.56 -10.64 47.03
C THR O 217 41.85 -9.30 47.20
N GLY O 218 41.22 -9.07 48.34
CA GLY O 218 40.48 -7.85 48.59
C GLY O 218 38.98 -8.00 48.62
N THR O 219 38.47 -9.22 48.50
CA THR O 219 37.03 -9.48 48.56
C THR O 219 36.77 -10.37 49.77
N TRP O 220 36.13 -9.81 50.79
CA TRP O 220 35.83 -10.58 51.99
C TRP O 220 34.82 -11.68 51.68
N VAL O 221 34.95 -12.80 52.40
CA VAL O 221 34.04 -13.93 52.26
C VAL O 221 33.41 -14.21 53.62
N LEU O 222 32.11 -14.43 53.63
CA LEU O 222 31.38 -14.68 54.87
C LEU O 222 31.54 -16.14 55.25
N ASP O 223 32.12 -16.38 56.44
CA ASP O 223 32.34 -17.76 56.88
C ASP O 223 31.06 -18.34 57.48
N GLN O 224 30.60 -17.77 58.59
CA GLN O 224 29.30 -18.09 59.15
C GLN O 224 28.88 -16.96 60.08
N LEU O 225 27.64 -17.04 60.54
CA LEU O 225 27.14 -16.06 61.50
C LEU O 225 27.48 -16.50 62.92
N SER O 226 26.90 -15.81 63.89
CA SER O 226 27.04 -16.22 65.28
C SER O 226 26.36 -17.58 65.47
N PRO O 227 26.81 -18.38 66.46
CA PRO O 227 26.28 -19.74 66.62
C PRO O 227 24.76 -19.80 66.68
N PHE O 228 24.16 -20.42 65.67
CA PHE O 228 22.71 -20.64 65.59
C PHE O 228 21.92 -19.34 65.68
N LYS O 229 22.40 -18.30 65.00
CA LYS O 229 21.66 -17.04 64.92
C LYS O 229 21.01 -16.90 63.55
N PHE P 66 43.44 -32.09 -46.81
CA PHE P 66 42.33 -31.44 -46.13
C PHE P 66 41.98 -30.15 -46.86
N MET P 67 41.03 -29.41 -46.28
CA MET P 67 40.67 -28.07 -46.72
C MET P 67 40.12 -27.33 -45.50
N LEU P 68 40.48 -26.04 -45.39
CA LEU P 68 40.15 -25.28 -44.18
C LEU P 68 39.74 -23.86 -44.55
N LYS P 69 38.77 -23.32 -43.81
CA LYS P 69 38.38 -21.91 -43.93
C LYS P 69 37.90 -21.44 -42.55
N MET P 70 38.74 -20.65 -41.89
CA MET P 70 38.37 -20.07 -40.61
C MET P 70 37.63 -18.75 -40.80
N THR P 71 36.68 -18.50 -39.90
CA THR P 71 35.92 -17.25 -39.91
C THR P 71 35.48 -16.97 -38.48
N VAL P 72 36.03 -15.92 -37.87
CA VAL P 72 35.76 -15.55 -36.49
C VAL P 72 35.24 -14.12 -36.45
N ARG P 73 34.17 -13.90 -35.71
CA ARG P 73 33.59 -12.59 -35.54
C ARG P 73 33.45 -12.26 -34.06
N SER P 74 33.60 -10.98 -33.73
CA SER P 74 33.52 -10.52 -32.35
C SER P 74 33.16 -9.05 -32.35
N ASN P 75 32.73 -8.57 -31.19
CA ASN P 75 32.38 -7.15 -31.04
C ASN P 75 33.59 -6.26 -31.24
N LYS P 76 34.73 -6.66 -30.66
CA LYS P 76 35.98 -5.90 -30.74
C LYS P 76 37.11 -6.86 -31.05
N PRO P 77 38.17 -6.37 -31.69
CA PRO P 77 39.32 -7.24 -32.00
C PRO P 77 40.03 -7.70 -30.74
N PHE P 78 40.63 -8.90 -30.84
CA PHE P 78 41.20 -9.57 -29.68
C PHE P 78 42.48 -8.87 -29.23
N ARG P 79 42.81 -9.07 -27.94
CA ARG P 79 44.02 -8.49 -27.38
C ARG P 79 45.27 -9.14 -27.98
N SER P 80 45.34 -10.47 -27.93
CA SER P 80 46.48 -11.22 -28.43
C SER P 80 46.00 -12.61 -28.84
N TYR P 81 46.97 -13.53 -29.00
CA TYR P 81 46.62 -14.89 -29.37
C TYR P 81 45.91 -15.63 -28.26
N ASP P 82 46.07 -15.19 -27.00
CA ASP P 82 45.39 -15.83 -25.89
C ASP P 82 43.88 -15.64 -25.99
N ASP P 83 43.43 -14.44 -26.34
CA ASP P 83 42.00 -14.24 -26.55
C ASP P 83 41.51 -15.02 -27.76
N VAL P 84 42.35 -15.16 -28.78
CA VAL P 84 41.98 -15.94 -29.96
C VAL P 84 41.74 -17.39 -29.59
N THR P 85 42.66 -17.99 -28.83
CA THR P 85 42.51 -19.39 -28.44
C THR P 85 41.36 -19.56 -27.44
N ALA P 86 41.11 -18.56 -26.60
CA ALA P 86 39.93 -18.62 -25.73
C ALA P 86 38.65 -18.59 -26.55
N ALA P 87 38.65 -17.84 -27.66
CA ALA P 87 37.45 -17.76 -28.49
C ALA P 87 37.23 -19.03 -29.29
N VAL P 88 38.30 -19.60 -29.86
CA VAL P 88 38.15 -20.69 -30.81
C VAL P 88 38.07 -22.06 -30.13
N SER P 89 38.58 -22.18 -28.90
CA SER P 89 38.60 -23.48 -28.23
C SER P 89 37.20 -24.00 -27.93
N GLN P 90 36.19 -23.15 -27.92
CA GLN P 90 34.81 -23.54 -27.68
C GLN P 90 34.05 -23.79 -28.97
N TRP P 91 34.74 -24.20 -30.03
CA TRP P 91 34.11 -24.46 -31.32
C TRP P 91 33.32 -25.76 -31.35
N ASP P 92 33.57 -26.67 -30.40
CA ASP P 92 32.97 -28.00 -30.39
C ASP P 92 32.28 -28.26 -29.06
N ASN P 93 31.48 -27.29 -28.62
CA ASN P 93 30.68 -27.49 -27.41
C ASN P 93 29.69 -28.64 -27.60
N SER P 94 29.10 -28.73 -28.79
CA SER P 94 28.24 -29.86 -29.17
C SER P 94 28.75 -30.37 -30.52
N TYR P 95 29.74 -31.26 -30.47
CA TYR P 95 30.33 -31.80 -31.69
C TYR P 95 29.40 -32.82 -32.31
N ILE P 96 28.85 -32.50 -33.47
CA ILE P 96 27.88 -33.35 -34.15
C ILE P 96 28.55 -34.28 -35.15
N GLY P 97 29.63 -33.83 -35.78
CA GLY P 97 30.32 -34.62 -36.79
C GLY P 97 30.92 -35.91 -36.25
N MET P 98 31.50 -36.71 -37.15
CA MET P 98 32.04 -38.01 -36.74
C MET P 98 33.20 -37.83 -35.76
N VAL P 99 33.20 -38.67 -34.73
CA VAL P 99 34.15 -38.52 -33.62
C VAL P 99 35.58 -38.82 -34.08
N GLY P 100 35.76 -39.76 -35.00
CA GLY P 100 37.09 -40.20 -35.39
C GLY P 100 37.98 -39.11 -35.95
N LYS P 101 37.40 -38.02 -36.45
CA LYS P 101 38.17 -36.92 -37.02
C LYS P 101 38.33 -35.75 -36.06
N ARG P 102 37.98 -35.94 -34.79
CA ARG P 102 38.05 -34.84 -33.82
C ARG P 102 39.48 -34.34 -33.59
N PRO P 103 40.48 -35.18 -33.32
CA PRO P 103 41.84 -34.64 -33.15
C PRO P 103 42.37 -33.94 -34.39
N PHE P 104 42.09 -34.49 -35.58
CA PHE P 104 42.53 -33.84 -36.80
C PHE P 104 41.80 -32.52 -37.02
N TYR P 105 40.53 -32.46 -36.63
CA TYR P 105 39.81 -31.20 -36.66
C TYR P 105 40.47 -30.18 -35.73
N LYS P 106 40.92 -30.64 -34.55
CA LYS P 106 41.59 -29.73 -33.62
C LYS P 106 42.90 -29.22 -34.21
N ILE P 107 43.69 -30.09 -34.85
CA ILE P 107 44.96 -29.63 -35.41
C ILE P 107 44.72 -28.69 -36.59
N ILE P 108 43.68 -28.94 -37.39
CA ILE P 108 43.37 -28.01 -38.48
C ILE P 108 42.89 -26.68 -37.91
N ALA P 109 42.16 -26.69 -36.79
CA ALA P 109 41.81 -25.45 -36.12
C ALA P 109 43.07 -24.73 -35.65
N LEU P 110 44.07 -25.48 -35.19
CA LEU P 110 45.34 -24.88 -34.80
C LEU P 110 46.02 -24.20 -35.97
N ILE P 111 46.07 -24.87 -37.12
CA ILE P 111 46.74 -24.27 -38.27
C ILE P 111 45.95 -23.07 -38.78
N GLY P 112 44.62 -23.09 -38.62
CA GLY P 112 43.84 -21.90 -38.97
C GLY P 112 44.08 -20.74 -38.02
N SER P 113 44.18 -21.03 -36.73
CA SER P 113 44.41 -19.97 -35.75
C SER P 113 45.79 -19.34 -35.91
N SER P 114 46.80 -20.17 -36.18
CA SER P 114 48.15 -19.63 -36.40
C SER P 114 48.26 -18.83 -37.69
N HIS P 115 47.30 -18.96 -38.60
CA HIS P 115 47.33 -18.25 -39.87
C HIS P 115 46.12 -17.34 -40.02
N LEU P 116 45.78 -16.58 -38.99
CA LEU P 116 44.63 -15.69 -39.02
C LEU P 116 45.06 -14.28 -39.42
N GLN P 117 44.40 -13.74 -40.45
CA GLN P 117 44.62 -12.37 -40.89
C GLN P 117 43.28 -11.66 -40.96
N ALA P 118 43.22 -10.46 -40.39
CA ALA P 118 41.99 -9.68 -40.44
C ALA P 118 41.72 -9.17 -41.84
N THR P 119 40.44 -9.04 -42.17
CA THR P 119 40.05 -8.53 -43.48
C THR P 119 40.44 -7.05 -43.60
N PRO P 120 40.67 -6.57 -44.83
CA PRO P 120 41.06 -5.16 -45.00
C PRO P 120 40.03 -4.17 -44.47
N ALA P 121 38.75 -4.56 -44.43
CA ALA P 121 37.72 -3.67 -43.89
C ALA P 121 37.93 -3.36 -42.42
N VAL P 122 38.59 -4.23 -41.68
CA VAL P 122 38.86 -3.99 -40.27
C VAL P 122 39.99 -2.99 -40.11
N ASN P 127 32.61 -1.24 -39.04
CA ASN P 127 31.86 -2.45 -38.76
C ASN P 127 32.59 -3.32 -37.74
N GLN P 128 31.96 -4.42 -37.35
CA GLN P 128 32.56 -5.32 -36.38
C GLN P 128 33.78 -6.03 -37.00
N PRO P 129 34.79 -6.35 -36.19
CA PRO P 129 35.97 -7.04 -36.73
C PRO P 129 35.65 -8.47 -37.13
N GLU P 130 35.68 -8.73 -38.44
CA GLU P 130 35.39 -10.05 -38.99
C GLU P 130 36.70 -10.67 -39.47
N TYR P 131 37.21 -11.63 -38.70
CA TYR P 131 38.44 -12.30 -39.06
C TYR P 131 38.19 -13.33 -40.15
N TYR P 132 39.26 -13.77 -40.80
CA TYR P 132 39.15 -14.74 -41.88
C TYR P 132 40.49 -15.44 -42.04
N ALA P 133 40.41 -16.71 -42.46
CA ALA P 133 41.59 -17.52 -42.76
C ALA P 133 41.15 -18.72 -43.57
N THR P 134 42.05 -19.20 -44.42
CA THR P 134 41.80 -20.41 -45.19
C THR P 134 43.13 -20.99 -45.65
N LEU P 135 43.23 -22.31 -45.57
CA LEU P 135 44.42 -23.05 -45.95
C LEU P 135 44.01 -24.39 -46.54
N THR P 136 44.71 -24.82 -47.58
CA THR P 136 44.48 -26.11 -48.21
C THR P 136 45.82 -26.76 -48.52
N GLY P 137 45.95 -28.04 -48.20
CA GLY P 137 47.20 -28.73 -48.45
C GLY P 137 47.10 -30.20 -48.08
N ASN P 153 35.61 -38.87 -47.35
CA ASN P 153 35.86 -37.54 -47.90
C ASN P 153 34.59 -36.71 -47.95
N VAL P 154 34.12 -36.27 -46.78
CA VAL P 154 32.93 -35.43 -46.66
C VAL P 154 33.30 -34.16 -45.90
N SER P 155 32.79 -33.03 -46.37
CA SER P 155 33.03 -31.75 -45.70
C SER P 155 31.96 -31.49 -44.65
N GLU P 156 32.36 -30.85 -43.56
CA GLU P 156 31.48 -30.58 -42.42
C GLU P 156 31.62 -29.13 -41.99
N THR P 157 30.54 -28.58 -41.44
CA THR P 157 30.52 -27.21 -40.97
C THR P 157 30.47 -27.18 -39.43
N PHE P 158 30.82 -26.02 -38.88
CA PHE P 158 30.79 -25.83 -37.44
C PHE P 158 30.50 -24.37 -37.13
N ARG P 159 29.66 -24.15 -36.12
CA ARG P 159 29.41 -22.80 -35.62
C ARG P 159 28.89 -22.90 -34.20
N LYS P 160 29.63 -22.35 -33.25
CA LYS P 160 29.20 -22.31 -31.86
C LYS P 160 29.51 -20.94 -31.28
N PRO P 161 28.51 -20.22 -30.78
CA PRO P 161 28.79 -18.90 -30.17
C PRO P 161 29.61 -19.06 -28.91
N PHE P 162 30.51 -18.11 -28.69
CA PHE P 162 31.41 -18.15 -27.55
C PHE P 162 31.21 -16.90 -26.70
N ASN P 163 31.30 -17.06 -25.39
CA ASN P 163 31.38 -15.94 -24.47
C ASN P 163 32.49 -16.19 -23.46
N ILE P 164 33.43 -15.25 -23.38
CA ILE P 164 34.57 -15.33 -22.47
C ILE P 164 34.71 -14.06 -21.65
N GLY P 165 33.61 -13.33 -21.45
CA GLY P 165 33.66 -12.05 -20.77
C GLY P 165 33.67 -10.88 -21.73
N ILE P 166 34.85 -10.32 -21.98
CA ILE P 166 34.95 -9.15 -22.85
C ILE P 166 34.57 -9.49 -24.29
N TYR P 167 34.91 -10.69 -24.74
CA TYR P 167 34.86 -11.05 -26.15
C TYR P 167 33.73 -12.03 -26.41
N LYS P 168 32.87 -11.71 -27.37
CA LYS P 168 31.71 -12.54 -27.68
C LYS P 168 31.42 -12.48 -29.17
N GLY P 169 31.00 -13.61 -29.74
CA GLY P 169 30.67 -13.66 -31.16
C GLY P 169 30.28 -15.06 -31.63
N THR P 170 30.64 -15.39 -32.88
CA THR P 170 30.36 -16.69 -33.47
C THR P 170 31.60 -17.16 -34.23
N LEU P 171 31.51 -18.37 -34.80
CA LEU P 171 32.57 -18.94 -35.62
C LEU P 171 31.98 -19.47 -36.92
N ASP P 172 32.86 -19.99 -37.78
CA ASP P 172 32.46 -20.65 -39.02
C ASP P 172 33.63 -21.46 -39.57
N PHE P 173 33.40 -22.75 -39.81
CA PHE P 173 34.47 -23.66 -40.24
C PHE P 173 34.16 -24.27 -41.60
N THR P 174 35.21 -24.87 -42.17
CA THR P 174 35.12 -25.63 -43.41
C THR P 174 36.20 -26.71 -43.34
N PHE P 175 35.81 -27.93 -42.97
CA PHE P 175 36.75 -29.01 -42.73
C PHE P 175 36.48 -30.16 -43.70
N THR P 176 37.51 -30.53 -44.46
CA THR P 176 37.43 -31.60 -45.45
C THR P 176 38.67 -32.50 -45.35
N VAL P 177 39.00 -32.92 -44.13
CA VAL P 177 40.16 -33.78 -43.92
C VAL P 177 39.89 -35.13 -44.57
N SER P 178 40.64 -35.44 -45.62
CA SER P 178 40.46 -36.68 -46.37
C SER P 178 41.78 -37.44 -46.45
N VAL P 189 52.82 -31.80 -41.02
CA VAL P 189 51.65 -30.99 -40.66
C VAL P 189 52.07 -29.82 -39.77
N TRP P 190 53.04 -30.05 -38.88
CA TRP P 190 53.52 -28.98 -38.01
C TRP P 190 54.47 -28.02 -38.74
N GLU P 191 54.81 -28.30 -40.00
CA GLU P 191 55.54 -27.33 -40.79
C GLU P 191 54.66 -26.13 -41.17
N TYR P 192 53.33 -26.31 -41.14
CA TYR P 192 52.44 -25.17 -41.30
C TYR P 192 52.56 -24.19 -40.14
N MET P 193 52.93 -24.69 -38.96
CA MET P 193 53.21 -23.83 -37.82
C MET P 193 54.39 -22.90 -38.11
N ASN P 194 54.31 -21.68 -37.56
CA ASN P 194 55.47 -20.78 -37.53
C ASN P 194 55.67 -20.22 -36.13
N PRO P 195 55.73 -21.08 -35.10
CA PRO P 195 55.85 -20.59 -33.72
C PRO P 195 57.29 -20.57 -33.23
N LYS P 196 57.49 -20.08 -32.01
CA LYS P 196 58.76 -20.29 -31.31
C LYS P 196 58.78 -21.75 -30.85
N TYR P 197 59.67 -22.55 -31.46
CA TYR P 197 59.67 -23.99 -31.20
C TYR P 197 60.01 -24.32 -29.76
N GLN P 198 60.71 -23.42 -29.06
CA GLN P 198 61.21 -23.70 -27.72
C GLN P 198 60.10 -23.99 -26.73
N SER P 199 59.28 -22.98 -26.41
CA SER P 199 58.24 -23.16 -25.39
C SER P 199 56.95 -22.44 -25.73
N GLN P 200 56.70 -22.11 -27.00
CA GLN P 200 55.49 -21.39 -27.39
C GLN P 200 54.40 -22.32 -27.88
N ILE P 201 54.67 -23.10 -28.93
CA ILE P 201 53.66 -23.99 -29.50
C ILE P 201 53.19 -25.02 -28.48
N GLN P 202 54.08 -25.41 -27.55
CA GLN P 202 53.73 -26.41 -26.55
C GLN P 202 52.52 -26.01 -25.71
N LYS P 203 52.25 -24.71 -25.57
CA LYS P 203 51.06 -24.24 -24.87
C LYS P 203 49.95 -23.79 -25.81
N GLU P 204 50.29 -23.25 -26.99
CA GLU P 204 49.25 -22.88 -27.95
C GLU P 204 48.45 -24.10 -28.37
N GLY P 205 49.13 -25.21 -28.66
CA GLY P 205 48.42 -26.45 -28.88
C GLY P 205 47.74 -26.97 -27.63
N LEU P 206 48.38 -26.77 -26.47
CA LEU P 206 47.85 -27.33 -25.23
C LEU P 206 46.48 -26.75 -24.89
N LYS P 207 46.30 -25.45 -25.07
CA LYS P 207 45.02 -24.84 -24.71
C LYS P 207 43.95 -25.00 -25.80
N PHE P 208 44.24 -25.71 -26.88
CA PHE P 208 43.20 -26.22 -27.77
C PHE P 208 42.68 -27.59 -27.34
N GLY P 209 43.26 -28.17 -26.29
CA GLY P 209 42.97 -29.54 -25.90
C GLY P 209 44.02 -30.53 -26.33
N LEU P 210 44.99 -30.12 -27.15
CA LEU P 210 46.06 -30.99 -27.59
C LEU P 210 47.08 -31.17 -26.45
N ILE P 211 47.84 -32.26 -26.54
CA ILE P 211 48.98 -32.49 -25.66
C ILE P 211 50.18 -32.86 -26.51
N LEU P 212 51.29 -32.17 -26.31
CA LEU P 212 52.50 -32.32 -27.10
C LEU P 212 53.66 -32.68 -26.18
N SER P 213 54.73 -33.21 -26.76
CA SER P 213 55.89 -33.64 -25.99
C SER P 213 57.12 -33.67 -26.91
N TRP P 220 57.20 -32.38 -33.52
CA TRP P 220 56.23 -32.45 -32.44
C TRP P 220 55.31 -33.65 -32.62
N VAL P 221 55.05 -34.36 -31.52
CA VAL P 221 54.26 -35.59 -31.53
C VAL P 221 53.02 -35.39 -30.68
N LEU P 222 51.87 -35.81 -31.20
CA LEU P 222 50.60 -35.69 -30.49
C LEU P 222 50.41 -36.91 -29.61
N ASP P 223 50.19 -36.68 -28.31
CA ASP P 223 50.04 -37.78 -27.35
C ASP P 223 48.59 -38.01 -26.96
N GLN P 224 47.84 -36.96 -26.68
CA GLN P 224 46.50 -37.09 -26.13
C GLN P 224 45.66 -35.89 -26.52
N LEU P 225 44.34 -36.07 -26.44
CA LEU P 225 43.39 -34.98 -26.57
C LEU P 225 42.63 -34.84 -25.26
N SER P 226 42.68 -33.66 -24.66
CA SER P 226 42.03 -33.38 -23.38
C SER P 226 41.16 -32.13 -23.50
N PRO P 227 39.99 -32.25 -24.11
CA PRO P 227 39.08 -31.10 -24.18
C PRO P 227 38.64 -30.66 -22.79
N PHE P 228 38.48 -29.34 -22.65
CA PHE P 228 37.98 -28.69 -21.42
C PHE P 228 38.66 -29.21 -20.15
N LYS P 229 39.89 -29.71 -20.26
CA LYS P 229 40.59 -30.26 -19.11
C LYS P 229 41.67 -29.30 -18.62
N PHE Q 64 54.49 -49.38 -5.00
CA PHE Q 64 53.27 -48.94 -5.64
C PHE Q 64 53.46 -47.54 -6.20
N ARG Q 65 52.76 -47.25 -7.30
CA ARG Q 65 52.73 -45.91 -7.87
C ARG Q 65 51.38 -45.25 -7.57
N PHE Q 66 51.41 -43.94 -7.37
CA PHE Q 66 50.23 -43.20 -6.93
C PHE Q 66 50.21 -41.84 -7.61
N MET Q 67 49.21 -41.04 -7.25
CA MET Q 67 49.07 -39.67 -7.72
C MET Q 67 48.26 -38.91 -6.68
N LEU Q 68 48.60 -37.63 -6.51
CA LEU Q 68 48.04 -36.85 -5.41
C LEU Q 68 47.82 -35.41 -5.84
N LYS Q 69 46.75 -34.80 -5.32
CA LYS Q 69 46.42 -33.39 -5.56
C LYS Q 69 45.78 -32.84 -4.28
N MET Q 70 46.60 -32.19 -3.45
CA MET Q 70 46.12 -31.61 -2.21
C MET Q 70 45.28 -30.36 -2.46
N THR Q 71 44.34 -30.11 -1.54
CA THR Q 71 43.53 -28.90 -1.58
C THR Q 71 42.98 -28.66 -0.19
N VAL Q 72 43.38 -27.56 0.44
CA VAL Q 72 42.96 -27.21 1.79
C VAL Q 72 42.45 -25.78 1.79
N ARG Q 73 41.35 -25.53 2.49
CA ARG Q 73 40.78 -24.20 2.63
C ARG Q 73 40.50 -23.92 4.09
N SER Q 74 40.62 -22.65 4.47
CA SER Q 74 40.38 -22.22 5.84
C SER Q 74 39.94 -20.77 5.83
N ASN Q 75 39.34 -20.35 6.95
CA ASN Q 75 38.91 -18.96 7.07
C ASN Q 75 40.10 -18.01 7.05
N LYS Q 76 41.19 -18.37 7.73
CA LYS Q 76 42.41 -17.58 7.76
C LYS Q 76 43.59 -18.52 7.60
N PRO Q 77 44.70 -18.04 7.03
CA PRO Q 77 45.84 -18.93 6.78
C PRO Q 77 46.46 -19.42 8.09
N PHE Q 78 46.99 -20.64 8.04
CA PHE Q 78 47.44 -21.32 9.25
C PHE Q 78 48.70 -20.66 9.81
N ARG Q 79 48.84 -20.75 11.14
CA ARG Q 79 49.98 -20.15 11.82
C ARG Q 79 51.22 -21.04 11.68
N SER Q 80 51.12 -22.29 12.11
CA SER Q 80 52.25 -23.22 12.11
C SER Q 80 51.82 -24.53 11.46
N TYR Q 81 52.78 -25.45 11.34
CA TYR Q 81 52.49 -26.76 10.77
C TYR Q 81 51.55 -27.56 11.68
N ASP Q 82 51.56 -27.27 12.98
CA ASP Q 82 50.66 -27.96 13.90
C ASP Q 82 49.20 -27.71 13.55
N ASP Q 83 48.85 -26.46 13.24
CA ASP Q 83 47.49 -26.16 12.82
C ASP Q 83 47.15 -26.87 11.53
N VAL Q 84 48.10 -26.94 10.59
CA VAL Q 84 47.86 -27.61 9.31
C VAL Q 84 47.57 -29.09 9.52
N THR Q 85 48.39 -29.76 10.33
CA THR Q 85 48.18 -31.19 10.54
C THR Q 85 46.92 -31.46 11.34
N ALA Q 86 46.60 -30.59 12.31
CA ALA Q 86 45.34 -30.75 13.04
C ALA Q 86 44.15 -30.59 12.12
N ALA Q 87 44.22 -29.66 11.16
CA ALA Q 87 43.13 -29.46 10.22
C ALA Q 87 43.00 -30.66 9.27
N VAL Q 88 44.13 -31.19 8.79
CA VAL Q 88 44.07 -32.22 7.76
C VAL Q 88 43.81 -33.60 8.35
N SER Q 89 44.09 -33.82 9.64
CA SER Q 89 43.91 -35.14 10.23
C SER Q 89 42.45 -35.58 10.31
N GLN Q 90 41.50 -34.65 10.13
CA GLN Q 90 40.08 -34.97 10.18
C GLN Q 90 39.52 -35.24 8.79
N TRP Q 91 40.34 -35.75 7.87
CA TRP Q 91 39.90 -35.99 6.50
C TRP Q 91 39.09 -37.26 6.35
N ASP Q 92 39.25 -38.22 7.26
CA ASP Q 92 38.62 -39.53 7.15
C ASP Q 92 37.69 -39.79 8.33
N ASN Q 93 36.88 -38.78 8.69
CA ASN Q 93 35.87 -38.98 9.71
C ASN Q 93 34.84 -40.00 9.27
N SER Q 94 34.56 -40.08 7.96
CA SER Q 94 33.71 -41.11 7.39
C SER Q 94 34.43 -41.64 6.15
N TYR Q 95 35.28 -42.64 6.36
CA TYR Q 95 36.09 -43.20 5.28
C TYR Q 95 35.25 -44.16 4.46
N ILE Q 96 35.15 -43.89 3.16
CA ILE Q 96 34.29 -44.68 2.27
C ILE Q 96 35.16 -45.51 1.33
N GLY Q 97 36.39 -45.08 1.13
CA GLY Q 97 37.29 -45.75 0.21
C GLY Q 97 37.68 -47.15 0.69
N MET Q 98 38.64 -47.73 -0.04
CA MET Q 98 39.10 -49.07 0.27
C MET Q 98 39.85 -49.09 1.59
N VAL Q 99 39.45 -50.02 2.47
CA VAL Q 99 40.06 -50.10 3.80
C VAL Q 99 41.53 -50.48 3.73
N GLY Q 100 41.91 -51.34 2.78
CA GLY Q 100 43.30 -51.75 2.67
C GLY Q 100 44.24 -50.59 2.36
N LYS Q 101 43.76 -49.61 1.61
CA LYS Q 101 44.56 -48.45 1.23
C LYS Q 101 44.53 -47.35 2.27
N ARG Q 102 43.84 -47.55 3.39
CA ARG Q 102 43.78 -46.50 4.41
C ARG Q 102 45.15 -46.11 4.95
N PRO Q 103 46.04 -47.04 5.33
CA PRO Q 103 47.40 -46.60 5.71
C PRO Q 103 48.13 -45.92 4.57
N PHE Q 104 47.98 -46.44 3.35
CA PHE Q 104 48.57 -45.78 2.19
C PHE Q 104 47.97 -44.40 1.98
N TYR Q 105 46.65 -44.27 2.19
CA TYR Q 105 46.01 -42.97 2.07
C TYR Q 105 46.56 -42.00 3.11
N LYS Q 106 46.77 -42.48 4.34
CA LYS Q 106 47.32 -41.62 5.38
C LYS Q 106 48.73 -41.17 5.04
N ILE Q 107 49.57 -42.07 4.54
CA ILE Q 107 50.94 -41.67 4.23
C ILE Q 107 50.97 -40.70 3.04
N ILE Q 108 50.09 -40.90 2.05
CA ILE Q 108 50.05 -39.98 0.92
C ILE Q 108 49.53 -38.62 1.36
N ALA Q 109 48.54 -38.59 2.25
CA ALA Q 109 48.08 -37.32 2.80
C ALA Q 109 49.19 -36.64 3.59
N LEU Q 110 50.02 -37.43 4.30
CA LEU Q 110 51.15 -36.86 5.03
C LEU Q 110 52.16 -36.22 4.07
N ILE Q 111 52.50 -36.93 2.99
CA ILE Q 111 53.48 -36.38 2.06
C ILE Q 111 52.91 -35.16 1.35
N GLY Q 112 51.59 -35.12 1.14
CA GLY Q 112 50.98 -33.92 0.60
C GLY Q 112 51.02 -32.75 1.56
N SER Q 113 50.74 -33.01 2.84
CA SER Q 113 50.80 -31.95 3.85
C SER Q 113 52.21 -31.42 4.02
N SER Q 114 53.21 -32.28 3.79
CA SER Q 114 54.60 -31.82 3.87
C SER Q 114 54.92 -30.81 2.77
N HIS Q 115 54.30 -30.96 1.59
CA HIS Q 115 54.61 -30.13 0.44
C HIS Q 115 53.53 -29.10 0.12
N LEU Q 116 52.78 -28.66 1.13
CA LEU Q 116 51.75 -27.65 0.89
C LEU Q 116 52.39 -26.30 0.65
N GLN Q 117 52.16 -25.73 -0.54
CA GLN Q 117 52.61 -24.40 -0.89
C GLN Q 117 51.42 -23.61 -1.42
N ALA Q 118 51.05 -22.54 -0.73
CA ALA Q 118 49.86 -21.79 -1.07
C ALA Q 118 49.99 -21.15 -2.46
N THR Q 119 48.85 -20.92 -3.09
CA THR Q 119 48.83 -20.32 -4.42
C THR Q 119 49.34 -18.89 -4.35
N PRO Q 120 49.89 -18.37 -5.45
CA PRO Q 120 50.40 -16.99 -5.44
C PRO Q 120 49.35 -15.95 -5.07
N ALA Q 121 48.08 -16.21 -5.34
CA ALA Q 121 47.02 -15.28 -4.97
C ALA Q 121 46.92 -15.11 -3.46
N VAL Q 122 47.34 -16.09 -2.68
CA VAL Q 122 47.31 -15.99 -1.22
C VAL Q 122 48.39 -15.01 -0.74
N ASN Q 127 39.71 -13.21 -1.19
CA ASN Q 127 38.89 -14.31 -0.69
C ASN Q 127 39.59 -15.06 0.42
N GLN Q 128 39.03 -16.20 0.82
CA GLN Q 128 39.64 -17.01 1.87
C GLN Q 128 40.92 -17.64 1.36
N PRO Q 129 41.89 -17.87 2.25
CA PRO Q 129 43.15 -18.50 1.82
C PRO Q 129 42.96 -19.94 1.37
N GLU Q 130 43.40 -20.25 0.15
CA GLU Q 130 43.24 -21.58 -0.44
C GLU Q 130 44.62 -22.24 -0.51
N TYR Q 131 44.85 -23.19 0.39
CA TYR Q 131 46.09 -23.95 0.35
C TYR Q 131 46.03 -24.99 -0.78
N TYR Q 132 47.20 -25.34 -1.30
CA TYR Q 132 47.25 -26.17 -2.49
C TYR Q 132 48.58 -26.90 -2.54
N ALA Q 133 48.57 -28.08 -3.16
CA ALA Q 133 49.78 -28.88 -3.40
C ALA Q 133 49.43 -30.03 -4.32
N THR Q 134 50.44 -30.53 -5.04
CA THR Q 134 50.29 -31.67 -5.90
C THR Q 134 51.56 -32.53 -5.79
N LEU Q 135 51.41 -33.82 -6.11
CA LEU Q 135 52.53 -34.74 -6.11
C LEU Q 135 52.13 -36.00 -6.86
N THR Q 136 53.01 -36.46 -7.75
CA THR Q 136 52.83 -37.70 -8.48
C THR Q 136 54.15 -38.46 -8.45
N GLY Q 137 54.15 -39.64 -7.86
CA GLY Q 137 55.38 -40.40 -7.72
C GLY Q 137 55.13 -41.87 -7.47
N PHE Q 152 43.82 -52.07 -6.66
CA PHE Q 152 43.37 -51.66 -7.99
C PHE Q 152 43.78 -50.23 -8.29
N ASN Q 153 43.65 -49.86 -9.55
CA ASN Q 153 43.96 -48.50 -10.01
C ASN Q 153 42.67 -47.67 -10.09
N VAL Q 154 42.11 -47.39 -8.91
CA VAL Q 154 40.87 -46.64 -8.80
C VAL Q 154 41.16 -45.39 -7.97
N SER Q 155 40.81 -44.22 -8.52
CA SER Q 155 40.99 -42.95 -7.84
C SER Q 155 39.73 -42.60 -7.06
N GLU Q 156 39.90 -42.31 -5.77
CA GLU Q 156 38.79 -41.99 -4.88
C GLU Q 156 39.02 -40.64 -4.23
N THR Q 157 38.00 -39.79 -4.26
CA THR Q 157 38.10 -38.46 -3.67
C THR Q 157 37.73 -38.49 -2.18
N PHE Q 158 38.04 -37.40 -1.51
CA PHE Q 158 37.73 -37.26 -0.09
C PHE Q 158 37.51 -35.80 0.24
N ARG Q 159 36.54 -35.54 1.12
CA ARG Q 159 36.25 -34.18 1.56
C ARG Q 159 35.51 -34.25 2.89
N LYS Q 160 36.10 -33.68 3.94
CA LYS Q 160 35.49 -33.63 5.25
C LYS Q 160 35.86 -32.29 5.88
N PRO Q 161 34.88 -31.50 6.33
CA PRO Q 161 35.19 -30.23 6.99
C PRO Q 161 35.83 -30.46 8.34
N PHE Q 162 36.64 -29.49 8.77
CA PHE Q 162 37.35 -29.57 10.03
C PHE Q 162 36.98 -28.38 10.91
N ASN Q 163 36.89 -28.63 12.22
CA ASN Q 163 36.62 -27.60 13.21
C ASN Q 163 37.54 -27.86 14.39
N ILE Q 164 38.72 -27.24 14.35
CA ILE Q 164 39.70 -27.38 15.42
C ILE Q 164 39.69 -26.10 16.26
N GLY Q 165 38.57 -25.38 16.22
CA GLY Q 165 38.45 -24.14 16.96
C GLY Q 165 38.73 -22.92 16.12
N ILE Q 166 39.95 -22.39 16.22
CA ILE Q 166 40.31 -21.17 15.51
C ILE Q 166 40.22 -21.38 14.00
N TYR Q 167 40.72 -22.52 13.51
CA TYR Q 167 40.85 -22.76 12.09
C TYR Q 167 39.72 -23.68 11.62
N LYS Q 168 38.98 -23.24 10.60
CA LYS Q 168 37.81 -23.98 10.14
C LYS Q 168 37.72 -23.86 8.62
N GLY Q 169 37.44 -24.97 7.95
CA GLY Q 169 37.31 -24.99 6.50
C GLY Q 169 36.94 -26.34 5.94
N THR Q 170 37.41 -26.65 4.73
CA THR Q 170 37.13 -27.91 4.06
C THR Q 170 38.43 -28.50 3.52
N LEU Q 171 38.33 -29.70 2.97
CA LEU Q 171 39.47 -30.42 2.39
C LEU Q 171 39.08 -30.97 1.03
N ASP Q 172 40.08 -31.44 0.29
CA ASP Q 172 39.89 -32.13 -0.98
C ASP Q 172 41.14 -32.91 -1.34
N PHE Q 173 41.02 -34.23 -1.47
CA PHE Q 173 42.18 -35.09 -1.68
C PHE Q 173 42.14 -35.70 -3.08
N THR Q 174 43.21 -36.43 -3.40
CA THR Q 174 43.30 -37.17 -4.66
C THR Q 174 44.21 -38.37 -4.41
N PHE Q 175 43.62 -39.55 -4.29
CA PHE Q 175 44.34 -40.76 -3.95
C PHE Q 175 44.18 -41.79 -5.06
N THR Q 176 45.30 -42.22 -5.63
CA THR Q 176 45.31 -43.21 -6.70
C THR Q 176 46.37 -44.27 -6.42
N VAL Q 177 46.39 -44.80 -5.20
CA VAL Q 177 47.38 -45.79 -4.81
C VAL Q 177 47.06 -47.09 -5.53
N SER Q 178 47.93 -47.48 -6.47
CA SER Q 178 47.75 -48.69 -7.25
C SER Q 178 49.03 -49.51 -7.21
N TYR Q 192 60.57 -38.74 0.03
CA TYR Q 192 59.74 -37.63 -0.42
C TYR Q 192 59.59 -36.56 0.65
N MET Q 193 59.82 -36.92 1.92
CA MET Q 193 59.73 -35.96 3.01
C MET Q 193 60.88 -34.95 2.93
N ASN Q 194 60.69 -33.82 3.61
CA ASN Q 194 61.77 -32.86 3.88
C ASN Q 194 61.78 -32.52 5.36
N PRO Q 195 62.01 -33.52 6.23
CA PRO Q 195 61.85 -33.29 7.66
C PRO Q 195 63.17 -33.00 8.37
N GLN Q 200 61.04 -34.18 14.25
CA GLN Q 200 60.06 -33.45 13.46
C GLN Q 200 59.07 -34.37 12.77
N ILE Q 201 59.55 -35.31 11.95
CA ILE Q 201 58.64 -36.21 11.24
C ILE Q 201 57.97 -37.18 12.22
N GLN Q 202 58.71 -37.64 13.22
CA GLN Q 202 58.19 -38.64 14.15
C GLN Q 202 57.00 -38.14 14.96
N LYS Q 203 56.79 -36.83 15.04
CA LYS Q 203 55.65 -36.26 15.75
C LYS Q 203 54.52 -35.84 14.82
N GLU Q 204 54.84 -35.09 13.76
CA GLU Q 204 53.81 -34.67 12.82
C GLU Q 204 53.17 -35.87 12.13
N GLY Q 205 53.99 -36.83 11.70
CA GLY Q 205 53.43 -38.04 11.09
C GLY Q 205 52.63 -38.87 12.07
N LEU Q 206 53.10 -38.97 13.31
CA LEU Q 206 52.37 -39.72 14.33
C LEU Q 206 51.01 -39.09 14.59
N LYS Q 207 50.95 -37.76 14.61
CA LYS Q 207 49.69 -37.06 14.82
C LYS Q 207 48.71 -37.27 13.68
N PHE Q 208 49.19 -37.62 12.48
CA PHE Q 208 48.31 -38.07 11.42
C PHE Q 208 47.62 -39.39 11.74
N GLY Q 209 48.08 -40.11 12.76
CA GLY Q 209 47.64 -41.45 13.04
C GLY Q 209 48.66 -42.52 12.74
N LEU Q 210 49.85 -42.14 12.26
CA LEU Q 210 50.90 -43.08 11.92
C LEU Q 210 51.70 -43.45 13.17
N ILE Q 211 52.51 -44.50 13.04
CA ILE Q 211 53.41 -44.91 14.10
C ILE Q 211 54.77 -45.22 13.48
N GLN Q 224 52.08 -49.32 12.89
CA GLN Q 224 50.63 -49.45 12.95
C GLN Q 224 50.00 -48.09 12.73
N LEU Q 225 48.68 -48.08 12.56
CA LEU Q 225 47.90 -46.87 12.38
C LEU Q 225 47.00 -46.67 13.57
N SER Q 226 46.95 -45.44 14.09
CA SER Q 226 46.13 -45.09 15.26
C SER Q 226 45.28 -43.87 14.95
N PRO Q 227 44.19 -44.04 14.20
CA PRO Q 227 43.31 -42.90 13.92
C PRO Q 227 42.58 -42.45 15.17
N PHE Q 228 42.19 -41.18 15.16
CA PHE Q 228 41.43 -40.51 16.21
C PHE Q 228 41.93 -40.86 17.62
N LYS Q 229 43.23 -41.08 17.74
CA LYS Q 229 43.84 -41.37 19.03
C LYS Q 229 43.86 -40.13 19.91
N MET R 51 40.04 -0.40 -25.98
CA MET R 51 41.18 -0.27 -26.87
C MET R 51 41.22 -1.42 -27.87
N ASP R 52 41.63 -1.13 -29.10
CA ASP R 52 41.70 -2.11 -30.17
C ASP R 52 43.12 -2.15 -30.74
N LEU R 53 43.51 -3.33 -31.22
CA LEU R 53 44.84 -3.49 -31.80
C LEU R 53 44.99 -2.66 -33.07
N TYR R 54 43.97 -2.65 -33.92
CA TYR R 54 44.07 -2.04 -35.24
C TYR R 54 43.55 -0.60 -35.20
N ASP R 55 44.39 0.26 -34.63
CA ASP R 55 44.18 1.72 -34.66
C ASP R 55 42.82 2.11 -34.07
N LYS R 56 42.67 1.83 -32.77
CA LYS R 56 41.44 2.20 -32.06
C LYS R 56 41.27 3.71 -32.02
N ASP R 57 42.18 4.40 -31.36
CA ASP R 57 42.08 5.85 -31.16
C ASP R 57 43.36 6.55 -31.60
N SER R 58 44.04 6.01 -32.62
CA SER R 58 45.28 6.59 -33.10
C SER R 58 44.98 7.68 -34.14
N LEU R 59 46.03 8.24 -34.71
CA LEU R 59 45.88 9.30 -35.71
C LEU R 59 45.23 8.74 -36.97
N ARG R 60 44.30 9.51 -37.53
CA ARG R 60 43.60 9.13 -38.75
C ARG R 60 43.57 10.31 -39.71
N TYR R 61 44.00 10.08 -40.95
CA TYR R 61 43.99 11.10 -41.99
C TYR R 61 42.71 10.97 -42.79
N GLU R 62 41.83 11.97 -42.67
CA GLU R 62 40.55 12.00 -43.35
C GLU R 62 40.48 13.22 -44.26
N LYS R 63 40.31 13.00 -45.56
CA LYS R 63 40.20 14.06 -46.54
C LYS R 63 38.75 14.25 -46.94
N PHE R 64 38.36 15.49 -47.20
CA PHE R 64 36.96 15.80 -47.42
C PHE R 64 36.83 17.02 -48.34
N ARG R 65 35.64 17.15 -48.92
CA ARG R 65 35.27 18.32 -49.72
C ARG R 65 34.20 19.08 -48.95
N PHE R 66 34.45 20.36 -48.69
CA PHE R 66 33.57 21.16 -47.84
C PHE R 66 33.11 22.41 -48.58
N MET R 67 32.12 23.08 -47.99
CA MET R 67 31.60 24.33 -48.48
C MET R 67 31.05 25.12 -47.30
N LEU R 68 31.39 26.40 -47.23
CA LEU R 68 31.06 27.24 -46.08
C LEU R 68 30.51 28.58 -46.55
N LYS R 69 29.46 29.05 -45.89
CA LYS R 69 28.89 30.38 -46.11
C LYS R 69 28.61 30.97 -44.74
N MET R 70 29.58 31.73 -44.21
CA MET R 70 29.47 32.32 -42.89
C MET R 70 28.63 33.60 -42.93
N THR R 71 27.79 33.77 -41.92
CA THR R 71 26.98 34.98 -41.78
C THR R 71 26.74 35.23 -40.30
N VAL R 72 27.30 36.33 -39.78
CA VAL R 72 27.17 36.69 -38.38
C VAL R 72 26.65 38.11 -38.27
N ARG R 73 25.67 38.32 -37.40
CA ARG R 73 25.12 39.63 -37.14
C ARG R 73 25.21 39.94 -35.65
N SER R 74 25.44 41.21 -35.34
CA SER R 74 25.61 41.65 -33.96
C SER R 74 24.95 43.00 -33.77
N ASN R 75 24.74 43.38 -32.51
CA ASN R 75 24.10 44.65 -32.21
C ASN R 75 25.00 45.83 -32.59
N LYS R 76 26.27 45.76 -32.23
CA LYS R 76 27.26 46.77 -32.58
C LYS R 76 28.56 46.08 -32.97
N PRO R 77 29.41 46.75 -33.74
CA PRO R 77 30.57 46.07 -34.35
C PRO R 77 31.44 45.36 -33.31
N PHE R 78 32.02 44.24 -33.75
CA PHE R 78 32.82 43.41 -32.87
C PHE R 78 34.12 44.13 -32.47
N ARG R 79 34.54 43.91 -31.23
CA ARG R 79 35.72 44.58 -30.70
C ARG R 79 36.97 43.71 -30.81
N SER R 80 36.92 42.50 -30.26
CA SER R 80 38.05 41.59 -30.27
C SER R 80 37.66 40.25 -30.87
N TYR R 81 38.67 39.51 -31.32
CA TYR R 81 38.44 38.19 -31.89
C TYR R 81 37.89 37.23 -30.84
N ASP R 82 38.14 37.49 -29.56
CA ASP R 82 37.56 36.70 -28.49
C ASP R 82 36.04 36.81 -28.51
N ASP R 83 35.51 38.01 -28.73
CA ASP R 83 34.07 38.18 -28.85
C ASP R 83 33.53 37.44 -30.07
N VAL R 84 34.27 37.45 -31.18
CA VAL R 84 33.84 36.70 -32.35
C VAL R 84 33.75 35.22 -32.03
N THR R 85 34.76 34.68 -31.35
CA THR R 85 34.74 33.27 -30.96
C THR R 85 33.57 32.97 -30.03
N ALA R 86 33.32 33.85 -29.06
CA ALA R 86 32.22 33.63 -28.13
C ALA R 86 30.88 33.64 -28.86
N ALA R 87 30.69 34.55 -29.81
CA ALA R 87 29.44 34.60 -30.55
C ALA R 87 29.27 33.37 -31.43
N VAL R 88 30.35 32.93 -32.10
CA VAL R 88 30.24 31.81 -33.03
C VAL R 88 30.02 30.50 -32.28
N SER R 89 30.68 30.33 -31.13
CA SER R 89 30.68 29.04 -30.44
C SER R 89 29.30 28.57 -30.02
N GLN R 90 28.31 29.46 -29.94
CA GLN R 90 26.95 29.08 -29.58
C GLN R 90 26.11 28.74 -30.80
N TRP R 91 26.75 28.31 -31.89
CA TRP R 91 26.01 27.96 -33.11
C TRP R 91 25.34 26.60 -33.00
N ASP R 92 25.78 25.73 -32.11
CA ASP R 92 25.28 24.37 -31.99
C ASP R 92 24.65 24.14 -30.61
N ASN R 93 23.86 25.11 -30.17
CA ASN R 93 23.14 24.95 -28.91
C ASN R 93 22.16 23.79 -28.99
N SER R 94 21.48 23.64 -30.14
CA SER R 94 20.60 22.50 -30.41
C SER R 94 21.03 21.93 -31.76
N TYR R 95 22.01 21.02 -31.73
CA TYR R 95 22.53 20.43 -32.95
C TYR R 95 21.59 19.35 -33.45
N ILE R 96 21.08 19.53 -34.67
CA ILE R 96 20.14 18.58 -35.26
C ILE R 96 20.77 17.77 -36.39
N GLY R 97 21.78 18.31 -37.07
CA GLY R 97 22.40 17.63 -38.19
C GLY R 97 23.14 16.35 -37.83
N MET R 98 23.87 15.79 -38.80
CA MET R 98 24.55 14.52 -38.60
C MET R 98 25.57 14.61 -37.48
N VAL R 99 25.53 13.64 -36.57
CA VAL R 99 26.43 13.65 -35.42
C VAL R 99 27.87 13.38 -35.86
N GLY R 100 28.04 12.46 -36.80
CA GLY R 100 29.38 12.10 -37.25
C GLY R 100 30.14 13.23 -37.92
N LYS R 101 29.43 14.24 -38.40
CA LYS R 101 30.05 15.39 -39.05
C LYS R 101 30.26 16.56 -38.10
N ARG R 102 30.01 16.37 -36.80
CA ARG R 102 30.12 17.48 -35.86
C ARG R 102 31.53 18.06 -35.76
N PRO R 103 32.59 17.27 -35.53
CA PRO R 103 33.93 17.90 -35.43
C PRO R 103 34.32 18.65 -36.69
N PHE R 104 33.98 18.10 -37.86
CA PHE R 104 34.27 18.79 -39.11
C PHE R 104 33.49 20.09 -39.21
N TYR R 105 32.24 20.08 -38.74
CA TYR R 105 31.44 21.30 -38.74
C TYR R 105 32.05 22.35 -37.81
N LYS R 106 32.55 21.93 -36.65
CA LYS R 106 33.16 22.89 -35.73
C LYS R 106 34.45 23.46 -36.32
N ILE R 107 35.25 22.64 -36.99
CA ILE R 107 36.46 23.20 -37.61
C ILE R 107 36.11 24.13 -38.77
N ILE R 108 35.02 23.84 -39.50
CA ILE R 108 34.60 24.74 -40.57
C ILE R 108 34.11 26.07 -39.99
N ALA R 109 33.37 26.01 -38.89
CA ALA R 109 32.98 27.23 -38.20
C ALA R 109 34.20 27.99 -37.72
N LEU R 110 35.25 27.27 -37.31
CA LEU R 110 36.49 27.90 -36.89
C LEU R 110 37.14 28.66 -38.05
N ILE R 111 37.24 28.01 -39.22
CA ILE R 111 37.85 28.67 -40.38
C ILE R 111 37.00 29.85 -40.82
N GLY R 112 35.67 29.75 -40.65
CA GLY R 112 34.82 30.89 -40.93
C GLY R 112 35.07 32.05 -39.98
N SER R 113 35.26 31.74 -38.69
CA SER R 113 35.58 32.78 -37.72
C SER R 113 36.91 33.45 -38.05
N SER R 114 37.91 32.66 -38.46
CA SER R 114 39.20 33.25 -38.79
C SER R 114 39.12 34.12 -40.03
N HIS R 115 38.26 33.77 -40.98
CA HIS R 115 38.14 34.46 -42.26
C HIS R 115 36.90 35.35 -42.34
N LEU R 116 36.55 36.04 -41.27
CA LEU R 116 35.39 36.90 -41.25
C LEU R 116 35.78 38.33 -41.61
N GLN R 117 35.15 38.89 -42.65
CA GLN R 117 35.35 40.27 -43.05
C GLN R 117 33.99 40.97 -43.07
N ALA R 118 33.95 42.20 -42.57
CA ALA R 118 32.71 42.95 -42.53
C ALA R 118 32.31 43.40 -43.94
N THR R 119 31.01 43.47 -44.17
CA THR R 119 30.49 43.92 -45.45
C THR R 119 30.72 45.42 -45.61
N PRO R 120 30.76 45.90 -46.86
CA PRO R 120 30.94 47.35 -47.08
C PRO R 120 29.85 48.20 -46.47
N ALA R 121 28.65 47.65 -46.24
CA ALA R 121 27.58 48.42 -45.63
C ALA R 121 27.92 48.83 -44.21
N VAL R 122 28.75 48.05 -43.54
CA VAL R 122 29.17 48.37 -42.16
C VAL R 122 30.19 49.49 -42.18
N ASN R 127 23.32 50.26 -41.09
CA ASN R 127 22.52 49.97 -39.90
C ASN R 127 23.24 48.99 -38.99
N GLN R 128 22.61 47.87 -38.70
CA GLN R 128 23.21 46.86 -37.85
C GLN R 128 24.43 46.26 -38.54
N PRO R 129 25.51 45.98 -37.81
CA PRO R 129 26.69 45.36 -38.44
C PRO R 129 26.39 43.94 -38.89
N GLU R 130 26.53 43.70 -40.20
CA GLU R 130 26.24 42.41 -40.80
C GLU R 130 27.52 41.88 -41.43
N TYR R 131 28.16 40.92 -40.74
CA TYR R 131 29.37 40.29 -41.25
C TYR R 131 29.02 39.21 -42.27
N TYR R 132 30.02 38.80 -43.04
CA TYR R 132 29.81 37.81 -44.10
C TYR R 132 31.15 37.15 -44.42
N ALA R 133 31.08 35.90 -44.83
CA ALA R 133 32.25 35.15 -45.26
C ALA R 133 31.79 33.93 -46.04
N THR R 134 32.70 33.40 -46.85
CA THR R 134 32.40 32.23 -47.68
C THR R 134 33.71 31.54 -48.01
N LEU R 135 33.86 30.29 -47.56
CA LEU R 135 35.10 29.54 -47.76
C LEU R 135 34.78 28.20 -48.41
N THR R 136 35.68 27.78 -49.30
CA THR R 136 35.58 26.49 -49.97
C THR R 136 36.98 26.02 -50.32
N GLY R 137 37.22 24.72 -50.19
CA GLY R 137 38.54 24.20 -50.46
C GLY R 137 38.58 22.70 -50.33
N ARG R 138 39.76 22.14 -50.61
CA ARG R 138 40.02 20.71 -50.57
C ARG R 138 41.15 20.47 -49.58
N CYS R 139 40.93 19.57 -48.61
CA CYS R 139 41.84 19.46 -47.48
C CYS R 139 41.60 18.14 -46.76
N PHE R 140 42.54 17.79 -45.87
CA PHE R 140 42.47 16.56 -45.08
C PHE R 140 42.69 16.88 -43.61
N LEU R 141 42.02 16.12 -42.75
CA LEU R 141 42.08 16.33 -41.31
C LEU R 141 42.75 15.16 -40.61
N PRO R 142 43.83 15.39 -39.86
CA PRO R 142 44.33 14.36 -38.94
C PRO R 142 43.62 14.44 -37.60
N HIS R 143 42.89 13.39 -37.23
CA HIS R 143 42.08 13.41 -36.02
C HIS R 143 42.27 12.12 -35.24
N ARG R 144 42.02 12.19 -33.94
CA ARG R 144 42.14 11.06 -33.02
C ARG R 144 40.79 10.73 -32.41
N LEU R 145 39.74 10.71 -33.24
CA LEU R 145 38.39 10.40 -32.80
C LEU R 145 37.91 9.03 -33.25
N GLY R 146 38.79 8.19 -33.78
CA GLY R 146 38.40 6.88 -34.23
C GLY R 146 37.73 6.91 -35.60
N LEU R 147 37.11 5.79 -35.94
CA LEU R 147 36.43 5.67 -37.21
C LEU R 147 35.25 6.64 -37.29
N ILE R 148 35.12 7.31 -38.43
CA ILE R 148 34.03 8.26 -38.65
C ILE R 148 33.07 7.66 -39.68
N PRO R 149 31.77 7.90 -39.57
CA PRO R 149 30.86 7.42 -40.59
C PRO R 149 31.10 8.14 -41.91
N PRO R 150 30.83 7.49 -43.03
CA PRO R 150 30.98 8.16 -44.33
C PRO R 150 30.02 9.33 -44.45
N MET R 151 30.48 10.38 -45.12
CA MET R 151 29.70 11.60 -45.30
C MET R 151 29.13 11.67 -46.71
N PHE R 152 28.26 12.65 -46.92
CA PHE R 152 27.57 12.81 -48.20
C PHE R 152 27.60 14.27 -48.61
N ASN R 153 27.28 14.52 -49.88
CA ASN R 153 27.29 15.86 -50.45
C ASN R 153 25.92 16.53 -50.27
N VAL R 154 25.53 16.69 -49.02
CA VAL R 154 24.26 17.31 -48.65
C VAL R 154 24.55 18.48 -47.72
N SER R 155 23.84 19.58 -47.93
CA SER R 155 24.04 20.77 -47.09
C SER R 155 23.05 20.78 -45.93
N GLU R 156 23.50 21.33 -44.80
CA GLU R 156 22.69 21.41 -43.59
C GLU R 156 22.68 22.83 -43.08
N THR R 157 21.54 23.27 -42.57
CA THR R 157 21.36 24.63 -42.09
C THR R 157 21.67 24.73 -40.60
N PHE R 158 21.93 25.96 -40.15
CA PHE R 158 22.24 26.22 -38.75
C PHE R 158 21.87 27.65 -38.40
N ARG R 159 21.25 27.82 -37.22
CA ARG R 159 21.03 29.13 -36.65
C ARG R 159 20.67 29.03 -35.17
N LYS R 160 21.38 29.76 -34.33
CA LYS R 160 21.09 29.88 -32.92
C LYS R 160 21.45 31.29 -32.50
N PRO R 161 20.56 32.02 -31.81
CA PRO R 161 20.90 33.37 -31.37
C PRO R 161 21.82 33.31 -30.16
N PHE R 162 22.99 33.92 -30.28
CA PHE R 162 24.02 33.87 -29.25
C PHE R 162 23.70 34.92 -28.18
N ASN R 163 23.88 34.53 -26.92
CA ASN R 163 23.67 35.42 -25.78
C ASN R 163 24.95 35.40 -24.96
N ILE R 164 25.90 36.25 -25.34
CA ILE R 164 27.18 36.34 -24.65
C ILE R 164 27.24 37.58 -23.75
N GLY R 165 26.09 38.12 -23.36
CA GLY R 165 26.06 39.30 -22.53
C GLY R 165 25.95 40.58 -23.32
N ILE R 166 27.09 41.20 -23.59
CA ILE R 166 27.11 42.49 -24.27
C ILE R 166 26.50 42.41 -25.66
N TYR R 167 26.71 41.30 -26.37
CA TYR R 167 26.42 41.22 -27.79
C TYR R 167 25.12 40.45 -28.03
N LYS R 168 24.27 41.00 -28.90
CA LYS R 168 23.03 40.37 -29.31
C LYS R 168 23.06 40.15 -30.82
N GLY R 169 22.56 38.98 -31.25
CA GLY R 169 22.50 38.70 -32.67
C GLY R 169 22.21 37.24 -32.92
N THR R 170 22.33 36.85 -34.20
CA THR R 170 22.07 35.50 -34.66
C THR R 170 23.21 35.04 -35.56
N LEU R 171 23.08 33.82 -36.10
CA LEU R 171 24.08 33.25 -36.99
C LEU R 171 23.37 32.59 -38.16
N ASP R 172 24.15 32.25 -39.19
CA ASP R 172 23.62 31.56 -40.37
C ASP R 172 24.76 30.79 -41.02
N PHE R 173 24.66 29.47 -41.01
CA PHE R 173 25.70 28.59 -41.54
C PHE R 173 25.21 27.92 -42.81
N THR R 174 26.18 27.42 -43.60
CA THR R 174 25.85 26.62 -44.79
C THR R 174 27.02 25.64 -44.98
N PHE R 175 26.84 24.41 -44.51
CA PHE R 175 27.91 23.43 -44.43
C PHE R 175 27.62 22.27 -45.37
N THR R 176 28.58 21.93 -46.22
CA THR R 176 28.42 20.87 -47.21
C THR R 176 29.66 19.97 -47.21
N VAL R 177 30.08 19.54 -46.02
CA VAL R 177 31.24 18.66 -45.91
C VAL R 177 30.87 17.28 -46.47
N SER R 178 31.67 16.79 -47.40
CA SER R 178 31.41 15.54 -48.09
C SER R 178 32.69 14.73 -48.23
N ASP R 179 32.51 13.43 -48.45
CA ASP R 179 33.65 12.53 -48.63
C ASP R 179 34.35 12.82 -49.96
N ASP R 180 35.57 12.30 -50.09
CA ASP R 180 36.35 12.47 -51.31
C ASP R 180 37.32 11.29 -51.41
N GLU R 181 37.01 10.35 -52.29
CA GLU R 181 37.84 9.16 -52.50
C GLU R 181 38.84 9.34 -53.62
N SER R 182 38.96 10.54 -54.18
CA SER R 182 39.91 10.78 -55.27
C SER R 182 41.34 10.58 -54.77
N ASN R 183 42.19 10.06 -55.67
CA ASN R 183 43.57 9.76 -55.30
C ASN R 183 44.48 10.98 -55.36
N GLU R 184 43.96 12.13 -55.80
CA GLU R 184 44.79 13.34 -55.89
C GLU R 184 45.23 13.78 -54.50
N LYS R 185 46.49 14.21 -54.40
CA LYS R 185 47.01 14.73 -53.14
C LYS R 185 46.28 16.00 -52.76
N VAL R 186 45.90 16.11 -51.49
CA VAL R 186 45.09 17.23 -51.01
C VAL R 186 45.88 18.04 -49.98
N PRO R 187 45.70 19.36 -49.93
CA PRO R 187 46.43 20.18 -48.97
C PRO R 187 45.93 19.96 -47.54
N HIS R 188 46.70 20.47 -46.58
CA HIS R 188 46.33 20.36 -45.18
C HIS R 188 45.31 21.43 -44.81
N VAL R 189 44.54 21.15 -43.76
CA VAL R 189 43.51 22.10 -43.32
C VAL R 189 44.13 23.33 -42.67
N TRP R 190 45.26 23.17 -41.99
CA TRP R 190 45.70 24.19 -41.04
C TRP R 190 46.38 25.39 -41.70
N GLU R 191 46.72 25.31 -42.99
CA GLU R 191 47.24 26.49 -43.67
C GLU R 191 46.14 27.37 -44.25
N TYR R 192 44.88 26.92 -44.22
CA TYR R 192 43.77 27.79 -44.57
C TYR R 192 43.63 28.95 -43.59
N MET R 193 44.27 28.85 -42.42
CA MET R 193 44.15 29.85 -41.38
C MET R 193 45.04 31.06 -41.71
N ASN R 194 45.10 31.99 -40.76
CA ASN R 194 46.16 33.00 -40.70
C ASN R 194 46.69 33.06 -39.27
N PRO R 195 47.25 31.96 -38.76
CA PRO R 195 47.47 31.84 -37.32
C PRO R 195 48.85 32.22 -36.86
N LYS R 196 49.05 32.21 -35.55
CA LYS R 196 50.37 32.23 -34.92
C LYS R 196 50.56 30.87 -34.27
N TYR R 197 51.53 30.10 -34.76
CA TYR R 197 51.68 28.72 -34.31
C TYR R 197 52.14 28.63 -32.85
N GLN R 198 52.62 29.72 -32.27
CA GLN R 198 53.12 29.67 -30.90
C GLN R 198 52.02 29.32 -29.92
N SER R 199 51.06 30.24 -29.71
CA SER R 199 50.00 29.98 -28.74
C SER R 199 48.63 30.47 -29.18
N GLN R 200 48.41 30.73 -30.48
CA GLN R 200 47.16 31.33 -30.92
C GLN R 200 46.17 30.30 -31.44
N ILE R 201 46.52 29.56 -32.49
CA ILE R 201 45.60 28.60 -33.08
C ILE R 201 45.29 27.48 -32.11
N GLN R 202 46.20 27.17 -31.18
CA GLN R 202 45.91 26.18 -30.16
C GLN R 202 44.95 26.71 -29.10
N LYS R 203 44.85 28.03 -28.97
CA LYS R 203 43.99 28.65 -27.96
C LYS R 203 42.77 29.34 -28.52
N GLU R 204 42.88 29.97 -29.70
CA GLU R 204 41.71 30.60 -30.31
C GLU R 204 40.64 29.55 -30.62
N GLY R 205 41.06 28.39 -31.14
CA GLY R 205 40.12 27.31 -31.41
C GLY R 205 39.86 26.41 -30.21
N LEU R 206 40.59 26.59 -29.11
CA LEU R 206 40.41 25.73 -27.95
C LEU R 206 39.02 25.89 -27.35
N LYS R 207 38.59 27.13 -27.15
CA LYS R 207 37.28 27.43 -26.58
C LYS R 207 36.14 27.33 -27.61
N PHE R 208 36.41 26.81 -28.79
CA PHE R 208 35.39 26.20 -29.64
C PHE R 208 35.14 24.75 -29.26
N GLY R 209 35.89 24.21 -28.30
CA GLY R 209 35.85 22.81 -27.97
C GLY R 209 36.97 21.99 -28.59
N LEU R 210 37.69 22.56 -29.55
CA LEU R 210 38.78 21.84 -30.21
C LEU R 210 39.97 21.69 -29.27
N ILE R 211 40.66 20.57 -29.38
CA ILE R 211 41.86 20.30 -28.60
C ILE R 211 42.97 19.86 -29.57
N LEU R 212 44.14 20.48 -29.44
CA LEU R 212 45.28 20.22 -30.31
C LEU R 212 46.46 19.72 -29.47
N SER R 213 47.41 19.07 -30.15
CA SER R 213 48.60 18.54 -29.50
C SER R 213 49.81 18.78 -30.38
N LYS R 214 50.98 18.42 -29.84
CA LYS R 214 52.27 18.57 -30.52
C LYS R 214 52.83 17.20 -30.85
N LYS R 215 53.19 17.00 -32.12
CA LYS R 215 53.89 15.82 -32.58
C LYS R 215 55.30 16.13 -33.07
N ALA R 216 55.76 17.38 -32.87
CA ALA R 216 57.08 17.89 -33.26
C ALA R 216 57.27 17.98 -34.76
N THR R 217 56.28 17.57 -35.56
CA THR R 217 56.36 17.65 -37.01
C THR R 217 55.81 18.95 -37.56
N GLY R 218 55.02 19.68 -36.76
CA GLY R 218 54.35 20.87 -37.23
C GLY R 218 52.96 20.65 -37.77
N THR R 219 52.49 19.40 -37.83
CA THR R 219 51.15 19.08 -38.29
C THR R 219 50.22 19.08 -37.10
N TRP R 220 49.28 20.03 -37.07
CA TRP R 220 48.31 20.13 -35.99
C TRP R 220 47.30 18.99 -36.11
N VAL R 221 47.31 18.07 -35.15
CA VAL R 221 46.43 16.91 -35.16
C VAL R 221 45.33 17.13 -34.13
N LEU R 222 44.09 16.86 -34.53
CA LEU R 222 42.95 17.07 -33.66
C LEU R 222 42.92 16.00 -32.58
N ASP R 223 42.75 16.44 -31.33
CA ASP R 223 42.74 15.50 -30.21
C ASP R 223 41.32 15.08 -29.83
N GLN R 224 40.49 16.05 -29.44
CA GLN R 224 39.20 15.75 -28.82
C GLN R 224 38.35 17.00 -28.87
N LEU R 225 37.03 16.81 -28.86
CA LEU R 225 36.07 17.90 -28.81
C LEU R 225 35.51 17.99 -27.40
N SER R 226 35.58 19.17 -26.80
CA SER R 226 35.18 19.39 -25.42
C SER R 226 34.22 20.57 -25.34
N PRO R 227 32.97 20.39 -25.74
CA PRO R 227 31.99 21.46 -25.58
C PRO R 227 31.58 21.63 -24.13
N PHE R 228 31.20 22.86 -23.79
CA PHE R 228 30.81 23.26 -22.43
C PHE R 228 31.69 22.60 -21.37
N LYS R 229 33.00 22.69 -21.59
CA LYS R 229 33.97 22.13 -20.65
C LYS R 229 35.25 22.94 -20.65
N MET S 51 46.19 -13.31 13.26
CA MET S 51 47.46 -13.10 12.56
C MET S 51 47.67 -14.16 11.48
N ASP S 52 48.15 -13.72 10.32
CA ASP S 52 48.36 -14.59 9.18
C ASP S 52 49.85 -14.67 8.84
N LEU S 53 50.27 -15.84 8.34
CA LEU S 53 51.65 -16.01 7.93
C LEU S 53 52.01 -15.11 6.75
N TYR S 54 51.12 -15.02 5.77
CA TYR S 54 51.42 -14.35 4.51
C TYR S 54 50.91 -12.91 4.55
N ASP S 55 51.67 -12.06 5.25
CA ASP S 55 51.47 -10.62 5.24
C ASP S 55 50.06 -10.23 5.70
N LYS S 56 49.78 -10.53 6.97
CA LYS S 56 48.52 -10.13 7.58
C LYS S 56 48.37 -8.61 7.60
N ASP S 57 49.25 -7.94 8.35
CA ASP S 57 49.21 -6.50 8.53
C ASP S 57 50.59 -5.90 8.35
N SER S 58 51.29 -6.32 7.31
CA SER S 58 52.64 -5.86 7.02
C SER S 58 52.59 -4.70 6.02
N LEU S 59 53.78 -4.21 5.67
CA LEU S 59 53.88 -3.12 4.71
C LEU S 59 53.46 -3.57 3.32
N ARG S 60 52.78 -2.68 2.61
CA ARG S 60 52.33 -2.95 1.25
C ARG S 60 52.64 -1.76 0.36
N TYR S 61 52.87 -2.04 -0.92
CA TYR S 61 53.13 -1.01 -1.93
C TYR S 61 52.02 -1.06 -2.96
N GLU S 62 51.19 -0.01 -3.00
CA GLU S 62 50.07 0.08 -3.92
C GLU S 62 50.30 1.26 -4.87
N LYS S 63 50.39 0.96 -6.16
CA LYS S 63 50.56 1.97 -7.19
C LYS S 63 49.20 2.29 -7.81
N PHE S 64 49.00 3.56 -8.17
CA PHE S 64 47.71 4.01 -8.65
C PHE S 64 47.86 5.33 -9.39
N ARG S 65 47.04 5.52 -10.43
CA ARG S 65 46.95 6.79 -11.14
C ARG S 65 45.70 7.51 -10.66
N PHE S 66 45.87 8.75 -10.21
CA PHE S 66 44.79 9.49 -9.55
C PHE S 66 44.63 10.87 -10.21
N MET S 67 43.67 11.63 -9.69
CA MET S 67 43.39 12.98 -10.17
C MET S 67 42.70 13.73 -9.04
N LEU S 68 42.83 15.06 -9.05
CA LEU S 68 42.31 15.88 -7.96
C LEU S 68 41.91 17.25 -8.49
N LYS S 69 40.86 17.80 -7.87
CA LYS S 69 40.42 19.16 -8.18
C LYS S 69 39.79 19.73 -6.91
N MET S 70 40.49 20.65 -6.26
CA MET S 70 40.10 21.17 -4.96
C MET S 70 39.24 22.42 -5.11
N THR S 71 38.41 22.68 -4.10
CA THR S 71 37.62 23.90 -4.04
C THR S 71 37.19 24.21 -2.61
N VAL S 72 37.68 25.31 -2.05
CA VAL S 72 37.39 25.71 -0.68
C VAL S 72 36.89 27.15 -0.68
N ARG S 73 35.80 27.40 0.04
CA ARG S 73 35.27 28.75 0.22
C ARG S 73 35.06 29.01 1.70
N SER S 74 35.20 30.27 2.10
CA SER S 74 35.07 30.66 3.49
C SER S 74 34.62 32.12 3.58
N ASN S 75 34.15 32.51 4.76
CA ASN S 75 33.68 33.87 4.98
C ASN S 75 34.82 34.87 4.85
N LYS S 76 35.96 34.58 5.45
CA LYS S 76 37.13 35.44 5.38
C LYS S 76 38.36 34.57 5.15
N PRO S 77 39.42 35.14 4.57
CA PRO S 77 40.57 34.31 4.19
C PRO S 77 41.24 33.65 5.39
N PHE S 78 41.78 32.46 5.15
CA PHE S 78 42.47 31.73 6.20
C PHE S 78 43.77 32.43 6.57
N ARG S 79 44.07 32.45 7.88
CA ARG S 79 45.30 33.07 8.36
C ARG S 79 46.46 32.08 8.37
N SER S 80 46.28 30.95 9.05
CA SER S 80 47.32 29.96 9.19
C SER S 80 46.93 28.66 8.50
N TYR S 81 47.93 27.80 8.29
CA TYR S 81 47.67 26.50 7.66
C TYR S 81 46.83 25.61 8.55
N ASP S 82 46.92 25.80 9.88
CA ASP S 82 46.14 24.98 10.80
C ASP S 82 44.65 25.21 10.64
N ASP S 83 44.24 26.46 10.40
CA ASP S 83 42.83 26.73 10.16
C ASP S 83 42.36 26.07 8.87
N VAL S 84 43.21 26.08 7.84
CA VAL S 84 42.90 25.37 6.60
C VAL S 84 42.69 23.89 6.88
N THR S 85 43.59 23.31 7.68
CA THR S 85 43.47 21.89 8.01
C THR S 85 42.17 21.61 8.75
N ALA S 86 41.84 22.46 9.72
CA ALA S 86 40.60 22.27 10.47
C ALA S 86 39.37 22.37 9.57
N ALA S 87 39.40 23.30 8.61
CA ALA S 87 38.28 23.43 7.68
C ALA S 87 38.17 22.23 6.75
N VAL S 88 39.30 21.69 6.28
CA VAL S 88 39.26 20.60 5.31
C VAL S 88 39.02 19.26 5.99
N SER S 89 39.46 19.11 7.24
CA SER S 89 39.39 17.83 7.93
C SER S 89 37.96 17.31 8.11
N GLN S 90 36.96 18.19 8.01
CA GLN S 90 35.56 17.80 8.14
C GLN S 90 34.90 17.53 6.79
N TRP S 91 35.69 17.09 5.80
CA TRP S 91 35.15 16.83 4.47
C TRP S 91 34.37 15.53 4.38
N ASP S 92 34.54 14.61 5.34
CA ASP S 92 33.90 13.31 5.29
C ASP S 92 33.09 13.06 6.55
N ASN S 93 32.32 14.06 6.98
CA ASN S 93 31.42 13.86 8.12
C ASN S 93 30.36 12.81 7.80
N SER S 94 29.94 12.73 6.54
CA SER S 94 29.02 11.69 6.08
C SER S 94 29.62 11.13 4.78
N TYR S 95 30.45 10.11 4.92
CA TYR S 95 31.16 9.53 3.78
C TYR S 95 30.24 8.54 3.08
N ILE S 96 29.85 8.86 1.85
CA ILE S 96 28.95 8.01 1.08
C ILE S 96 29.72 7.13 0.10
N GLY S 97 30.88 7.60 -0.36
CA GLY S 97 31.63 6.90 -1.38
C GLY S 97 32.21 5.58 -0.89
N MET S 98 33.06 5.01 -1.75
CA MET S 98 33.63 3.70 -1.49
C MET S 98 34.50 3.72 -0.24
N VAL S 99 34.28 2.73 0.63
CA VAL S 99 35.02 2.66 1.88
C VAL S 99 36.50 2.33 1.65
N GLY S 100 36.79 1.46 0.67
CA GLY S 100 38.15 1.01 0.48
C GLY S 100 39.10 2.10 0.04
N LYS S 101 38.57 3.19 -0.53
CA LYS S 101 39.39 4.29 -0.99
C LYS S 101 39.47 5.44 0.01
N ARG S 102 38.99 5.23 1.24
CA ARG S 102 39.02 6.30 2.23
C ARG S 102 40.43 6.78 2.58
N PRO S 103 41.40 5.91 2.90
CA PRO S 103 42.75 6.43 3.20
C PRO S 103 43.40 7.12 2.02
N PHE S 104 43.20 6.60 0.80
CA PHE S 104 43.71 7.27 -0.38
C PHE S 104 43.04 8.62 -0.57
N TYR S 105 41.73 8.68 -0.29
CA TYR S 105 41.03 9.96 -0.35
C TYR S 105 41.61 10.95 0.66
N LYS S 106 41.95 10.47 1.85
CA LYS S 106 42.55 11.33 2.87
C LYS S 106 43.92 11.86 2.43
N ILE S 107 44.74 10.99 1.83
CA ILE S 107 46.06 11.46 1.41
C ILE S 107 45.95 12.41 0.22
N ILE S 108 44.97 12.20 -0.66
CA ILE S 108 44.76 13.17 -1.73
C ILE S 108 44.24 14.49 -1.18
N ALA S 109 43.45 14.43 -0.11
CA ALA S 109 43.07 15.65 0.59
C ALA S 109 44.29 16.35 1.18
N LEU S 110 45.25 15.56 1.69
CA LEU S 110 46.52 16.11 2.13
C LEU S 110 47.23 16.86 1.01
N ILE S 111 47.37 16.22 -0.16
CA ILE S 111 48.08 16.87 -1.25
C ILE S 111 47.32 18.11 -1.72
N GLY S 112 45.98 18.07 -1.70
CA GLY S 112 45.21 19.23 -2.09
C GLY S 112 45.36 20.40 -1.13
N SER S 113 45.31 20.12 0.17
CA SER S 113 45.47 21.18 1.15
C SER S 113 46.88 21.76 1.13
N SER S 114 47.88 20.93 0.86
CA SER S 114 49.25 21.43 0.82
C SER S 114 49.50 22.30 -0.42
N HIS S 115 48.67 22.18 -1.45
CA HIS S 115 48.82 22.95 -2.68
C HIS S 115 47.69 23.96 -2.88
N LEU S 116 47.07 24.45 -1.81
CA LEU S 116 46.01 25.44 -1.94
C LEU S 116 46.60 26.81 -2.26
N GLN S 117 46.37 27.26 -3.48
CA GLN S 117 46.77 28.60 -3.92
C GLN S 117 45.51 29.42 -4.17
N ALA S 118 45.49 30.65 -3.63
CA ALA S 118 44.31 31.49 -3.76
C ALA S 118 44.14 31.95 -5.20
N THR S 119 42.89 32.03 -5.64
CA THR S 119 42.58 32.51 -6.97
C THR S 119 42.86 34.01 -7.08
N PRO S 120 43.09 34.51 -8.29
CA PRO S 120 43.34 35.96 -8.46
C PRO S 120 42.17 36.82 -8.01
N ALA S 121 40.95 36.27 -7.92
CA ALA S 121 39.81 37.05 -7.45
C ALA S 121 40.03 37.52 -6.02
N VAL S 122 40.66 36.70 -5.19
CA VAL S 122 40.94 37.06 -3.80
C VAL S 122 42.13 38.01 -3.73
N ASN S 127 34.22 39.29 -3.68
CA ASN S 127 33.23 38.79 -2.75
C ASN S 127 33.86 37.89 -1.70
N GLN S 128 33.23 36.75 -1.43
CA GLN S 128 33.77 35.80 -0.46
C GLN S 128 35.07 35.20 -0.97
N PRO S 129 36.10 35.09 -0.12
CA PRO S 129 37.37 34.51 -0.56
C PRO S 129 37.29 33.01 -0.76
N GLU S 130 37.37 32.57 -2.01
CA GLU S 130 37.30 31.15 -2.35
C GLU S 130 38.69 30.67 -2.77
N TYR S 131 39.13 29.57 -2.19
CA TYR S 131 40.41 28.97 -2.53
C TYR S 131 40.25 27.93 -3.63
N TYR S 132 41.36 27.48 -4.19
CA TYR S 132 41.31 26.52 -5.29
C TYR S 132 42.65 25.79 -5.36
N ALA S 133 42.59 24.56 -5.87
CA ALA S 133 43.78 23.74 -6.12
C ALA S 133 43.38 22.60 -7.03
N THR S 134 44.39 22.01 -7.69
CA THR S 134 44.18 20.84 -8.53
C THR S 134 45.52 20.15 -8.73
N LEU S 135 45.45 18.85 -8.99
CA LEU S 135 46.67 18.07 -9.21
C LEU S 135 46.29 16.75 -9.86
N THR S 136 47.10 16.33 -10.83
CA THR S 136 47.00 15.02 -11.46
C THR S 136 48.39 14.42 -11.56
N GLY S 137 48.49 13.15 -11.21
CA GLY S 137 49.80 12.52 -11.21
C GLY S 137 49.71 11.02 -11.09
N ARG S 138 50.88 10.40 -10.94
CA ARG S 138 51.03 8.96 -10.87
C ARG S 138 52.07 8.61 -9.81
N CYS S 139 51.72 7.71 -8.90
CA CYS S 139 52.58 7.43 -7.75
C CYS S 139 52.17 6.10 -7.14
N PHE S 140 52.94 5.67 -6.15
CA PHE S 140 52.68 4.46 -5.38
C PHE S 140 52.76 4.80 -3.90
N LEU S 141 51.86 4.22 -3.10
CA LEU S 141 51.75 4.55 -1.69
C LEU S 141 52.20 3.39 -0.82
N PRO S 142 53.16 3.60 0.08
CA PRO S 142 53.49 2.57 1.08
C PRO S 142 52.56 2.63 2.27
N HIS S 143 51.76 1.59 2.47
CA HIS S 143 50.74 1.59 3.52
C HIS S 143 50.75 0.25 4.24
N ARG S 144 50.30 0.28 5.49
CA ARG S 144 50.25 -0.92 6.33
C ARG S 144 48.82 -1.21 6.76
N LEU S 145 47.88 -1.14 5.82
CA LEU S 145 46.46 -1.37 6.10
C LEU S 145 45.98 -2.74 5.62
N GLY S 146 46.89 -3.60 5.18
CA GLY S 146 46.50 -4.90 4.68
C GLY S 146 45.98 -4.86 3.26
N LEU S 147 45.35 -5.96 2.87
CA LEU S 147 44.80 -6.07 1.52
C LEU S 147 43.68 -5.07 1.31
N ILE S 148 43.59 -4.53 0.11
CA ILE S 148 42.60 -3.51 -0.22
C ILE S 148 41.78 -4.01 -1.40
N PRO S 149 40.48 -3.72 -1.47
CA PRO S 149 39.68 -4.14 -2.62
C PRO S 149 40.15 -3.46 -3.91
N PRO S 150 39.91 -4.07 -5.06
CA PRO S 150 40.35 -3.46 -6.32
C PRO S 150 39.66 -2.13 -6.58
N MET S 151 40.36 -1.27 -7.32
CA MET S 151 39.96 0.11 -7.52
C MET S 151 39.61 0.36 -8.98
N PHE S 152 38.59 1.17 -9.21
CA PHE S 152 38.08 1.45 -10.54
C PHE S 152 38.23 2.93 -10.87
N ASN S 153 38.11 3.23 -12.17
CA ASN S 153 38.25 4.60 -12.68
C ASN S 153 36.89 5.28 -12.64
N VAL S 154 36.51 5.71 -11.44
CA VAL S 154 35.24 6.37 -11.18
C VAL S 154 35.49 7.63 -10.35
N SER S 155 34.75 8.69 -10.66
CA SER S 155 34.87 9.94 -9.93
C SER S 155 33.69 10.12 -8.97
N GLU S 156 34.00 10.61 -7.77
CA GLU S 156 33.01 10.79 -6.72
C GLU S 156 33.16 12.17 -6.11
N THR S 157 32.04 12.88 -5.96
CA THR S 157 32.06 14.22 -5.39
C THR S 157 31.98 14.16 -3.87
N PHE S 158 32.32 15.29 -3.24
CA PHE S 158 32.26 15.41 -1.79
C PHE S 158 31.96 16.85 -1.41
N ARG S 159 31.16 17.00 -0.35
CA ARG S 159 30.86 18.32 0.19
C ARG S 159 30.26 18.19 1.59
N LYS S 160 30.87 18.89 2.56
CA LYS S 160 30.36 18.92 3.92
C LYS S 160 30.69 20.29 4.48
N PRO S 161 29.69 21.09 4.86
CA PRO S 161 29.98 22.40 5.44
C PRO S 161 30.68 22.27 6.79
N PHE S 162 31.57 23.21 7.06
CA PHE S 162 32.37 23.20 8.28
C PHE S 162 32.07 24.44 9.11
N ASN S 163 32.07 24.27 10.43
CA ASN S 163 31.92 25.38 11.37
C ASN S 163 32.94 25.13 12.50
N ILE S 164 34.15 25.66 12.30
CA ILE S 164 35.23 25.47 13.26
C ILE S 164 35.32 26.70 14.16
N GLY S 165 34.25 27.47 14.21
CA GLY S 165 34.25 28.69 15.00
C GLY S 165 34.51 29.92 14.16
N ILE S 166 35.76 30.37 14.13
CA ILE S 166 36.13 31.58 13.40
C ILE S 166 35.81 31.44 11.91
N TYR S 167 35.93 30.23 11.36
CA TYR S 167 35.81 30.02 9.93
C TYR S 167 34.61 29.14 9.62
N LYS S 168 33.89 29.50 8.55
CA LYS S 168 32.72 28.77 8.11
C LYS S 168 32.69 28.77 6.58
N GLY S 169 32.23 27.66 6.01
CA GLY S 169 32.14 27.55 4.57
C GLY S 169 31.83 26.12 4.16
N THR S 170 32.06 25.84 2.88
CA THR S 170 31.84 24.52 2.30
C THR S 170 33.11 24.07 1.59
N LEU S 171 33.07 22.85 1.07
CA LEU S 171 34.18 22.27 0.30
C LEU S 171 33.64 21.68 -0.99
N ASP S 172 34.58 21.27 -1.86
CA ASP S 172 34.24 20.57 -3.07
C ASP S 172 35.45 19.77 -3.54
N PHE S 173 35.28 18.46 -3.68
CA PHE S 173 36.37 17.54 -3.93
C PHE S 173 36.19 16.94 -5.32
N THR S 174 37.26 16.33 -5.84
CA THR S 174 37.19 15.62 -7.12
C THR S 174 38.23 14.50 -7.06
N PHE S 175 37.77 13.29 -6.74
CA PHE S 175 38.65 12.14 -6.55
C PHE S 175 38.41 11.11 -7.64
N THR S 176 39.45 10.80 -8.40
CA THR S 176 39.40 9.78 -9.44
C THR S 176 40.57 8.83 -9.25
N VAL S 177 40.76 8.38 -8.01
CA VAL S 177 41.93 7.57 -7.64
C VAL S 177 41.65 6.14 -8.04
N SER S 178 42.41 5.62 -9.01
CA SER S 178 42.15 4.29 -9.58
C SER S 178 43.46 3.51 -9.68
N ASP S 179 43.33 2.19 -9.53
CA ASP S 179 44.47 1.31 -9.68
C ASP S 179 44.81 1.08 -11.15
N ASP S 180 46.03 0.60 -11.38
CA ASP S 180 46.47 0.20 -12.71
C ASP S 180 47.61 -0.79 -12.57
N GLU S 181 47.85 -1.58 -13.61
CA GLU S 181 48.81 -2.67 -13.57
C GLU S 181 50.06 -2.41 -14.41
N SER S 182 50.35 -1.15 -14.72
CA SER S 182 51.56 -0.83 -15.47
C SER S 182 52.80 -1.15 -14.63
N ASN S 183 53.80 -1.76 -15.27
CA ASN S 183 54.95 -2.28 -14.54
C ASN S 183 56.08 -1.27 -14.40
N GLU S 184 56.00 -0.12 -15.06
CA GLU S 184 57.09 0.84 -14.99
C GLU S 184 57.17 1.48 -13.61
N LYS S 185 58.40 1.84 -13.22
CA LYS S 185 58.62 2.49 -11.93
C LYS S 185 57.95 3.86 -11.90
N VAL S 186 57.40 4.22 -10.74
CA VAL S 186 56.63 5.45 -10.60
C VAL S 186 57.17 6.23 -9.42
N PRO S 187 57.02 7.56 -9.45
CA PRO S 187 57.54 8.37 -8.35
C PRO S 187 56.81 8.11 -7.04
N HIS S 188 57.49 8.39 -5.93
CA HIS S 188 56.91 8.21 -4.61
C HIS S 188 55.76 9.18 -4.40
N VAL S 189 54.74 8.72 -3.66
CA VAL S 189 53.58 9.57 -3.40
C VAL S 189 53.94 10.75 -2.52
N TRP S 190 54.78 10.52 -1.50
CA TRP S 190 55.12 11.58 -0.56
C TRP S 190 56.06 12.61 -1.16
N GLU S 191 56.66 12.33 -2.32
CA GLU S 191 57.47 13.31 -3.00
C GLU S 191 56.65 14.49 -3.51
N TYR S 192 55.33 14.32 -3.65
CA TYR S 192 54.47 15.42 -4.04
C TYR S 192 54.42 16.51 -2.99
N MET S 193 54.80 16.20 -1.76
CA MET S 193 54.82 17.19 -0.69
C MET S 193 55.96 18.17 -0.89
N ASN S 194 55.89 19.28 -0.14
CA ASN S 194 57.03 20.19 0.06
C ASN S 194 57.16 20.49 1.56
N PRO S 195 57.37 19.45 2.38
CA PRO S 195 57.26 19.64 3.83
C PRO S 195 58.59 19.90 4.52
N LYS S 196 58.52 20.16 5.82
CA LYS S 196 59.68 20.04 6.70
C LYS S 196 59.66 18.63 7.29
N TYR S 197 60.64 17.82 6.92
CA TYR S 197 60.60 16.40 7.26
C TYR S 197 60.60 16.18 8.77
N GLN S 198 61.06 17.15 9.55
CA GLN S 198 61.17 16.97 11.00
C GLN S 198 59.78 16.80 11.63
N SER S 199 58.97 17.86 11.62
CA SER S 199 57.71 17.83 12.35
C SER S 199 56.57 18.55 11.60
N GLN S 200 56.58 18.50 10.27
CA GLN S 200 55.55 19.18 9.50
C GLN S 200 54.59 18.20 8.84
N ILE S 201 55.08 17.26 8.03
CA ILE S 201 54.21 16.27 7.43
C ILE S 201 53.69 15.27 8.46
N GLN S 202 54.43 15.06 9.54
CA GLN S 202 54.01 14.14 10.60
C GLN S 202 52.92 14.73 11.49
N LYS S 203 52.83 16.05 11.59
CA LYS S 203 51.85 16.71 12.45
C LYS S 203 50.56 17.04 11.73
N GLU S 204 50.64 17.69 10.56
CA GLU S 204 49.42 18.00 9.80
C GLU S 204 48.72 16.73 9.34
N GLY S 205 49.50 15.75 8.88
CA GLY S 205 48.90 14.48 8.48
C GLY S 205 48.25 13.74 9.63
N LEU S 206 48.88 13.81 10.82
CA LEU S 206 48.35 13.11 11.99
C LEU S 206 46.96 13.60 12.34
N LYS S 207 46.80 14.94 12.29
CA LYS S 207 45.49 15.56 12.64
C LYS S 207 44.50 15.32 11.50
N PHE S 208 45.00 15.19 10.27
CA PHE S 208 44.10 14.84 9.15
C PHE S 208 43.64 13.40 9.37
N GLY S 209 44.04 12.82 10.51
CA GLY S 209 43.68 11.45 10.79
C GLY S 209 44.62 10.40 10.25
N LEU S 210 45.76 10.79 9.70
CA LEU S 210 46.73 9.86 9.16
C LEU S 210 47.77 9.52 10.24
N ILE S 211 48.56 8.49 9.98
CA ILE S 211 49.64 8.08 10.88
C ILE S 211 50.90 7.84 10.06
N LEU S 212 52.00 8.45 10.49
CA LEU S 212 53.30 8.34 9.83
C LEU S 212 54.33 7.83 10.81
N SER S 213 55.42 7.25 10.28
CA SER S 213 56.49 6.73 11.10
C SER S 213 57.75 6.59 10.25
N LYS S 214 58.84 6.20 10.91
CA LYS S 214 60.15 6.02 10.29
C LYS S 214 60.53 4.55 10.23
N LYS S 215 61.08 4.13 9.10
CA LYS S 215 61.68 2.82 8.94
C LYS S 215 63.17 2.88 8.68
N ALA S 216 63.78 4.06 8.83
CA ALA S 216 65.20 4.36 8.63
C ALA S 216 65.61 4.28 7.16
N THR S 217 64.72 3.89 6.25
CA THR S 217 65.05 3.88 4.84
C THR S 217 65.00 5.28 4.23
N GLY S 218 64.11 6.13 4.72
CA GLY S 218 63.92 7.45 4.17
C GLY S 218 62.60 7.65 3.43
N THR S 219 61.71 6.67 3.47
CA THR S 219 60.41 6.75 2.79
C THR S 219 59.32 6.82 3.84
N TRP S 220 58.45 7.82 3.72
CA TRP S 220 57.33 7.96 4.64
C TRP S 220 56.34 6.83 4.44
N VAL S 221 55.96 6.17 5.53
CA VAL S 221 55.09 5.00 5.47
C VAL S 221 53.79 5.31 6.23
N LEU S 222 52.70 4.72 5.75
CA LEU S 222 51.38 4.92 6.32
C LEU S 222 51.03 3.75 7.23
N ASP S 223 50.70 4.03 8.48
CA ASP S 223 50.39 3.00 9.46
C ASP S 223 48.89 2.85 9.70
N GLN S 224 48.21 3.94 10.10
CA GLN S 224 46.83 3.86 10.52
C GLN S 224 46.07 5.10 10.05
N LEU S 225 44.75 4.97 10.01
CA LEU S 225 43.83 6.09 9.79
C LEU S 225 43.01 6.29 11.05
N SER S 226 43.08 7.48 11.64
CA SER S 226 42.48 7.76 12.94
C SER S 226 41.62 9.01 12.85
N PRO S 227 40.36 8.87 12.42
CA PRO S 227 39.46 10.01 12.42
C PRO S 227 38.69 10.18 13.72
N PHE S 228 38.28 11.42 13.97
CA PHE S 228 37.66 11.86 15.22
C PHE S 228 38.29 11.19 16.43
N LYS S 229 39.62 11.22 16.47
CA LYS S 229 40.38 10.62 17.56
C LYS S 229 41.65 11.41 17.82
N LYS T 56 49.90 -23.08 46.62
CA LYS T 56 48.59 -22.58 46.98
C LYS T 56 48.60 -21.07 47.17
N ASP T 57 49.59 -20.55 47.89
CA ASP T 57 49.67 -19.13 48.21
C ASP T 57 51.09 -18.61 48.06
N SER T 58 51.77 -19.04 47.00
CA SER T 58 53.16 -18.66 46.79
C SER T 58 53.27 -17.48 45.83
N LEU T 59 54.51 -17.02 45.63
CA LEU T 59 54.77 -15.92 44.72
C LEU T 59 54.54 -16.36 43.27
N ARG T 60 53.98 -15.44 42.48
CA ARG T 60 53.72 -15.68 41.06
C ARG T 60 54.25 -14.51 40.25
N TYR T 61 55.31 -14.74 39.48
CA TYR T 61 55.84 -13.73 38.57
C TYR T 61 54.96 -13.71 37.32
N GLU T 62 54.00 -12.79 37.29
CA GLU T 62 52.98 -12.76 36.25
C GLU T 62 53.24 -11.58 35.32
N LYS T 63 53.24 -11.83 34.02
CA LYS T 63 53.51 -10.82 33.01
C LYS T 63 52.20 -10.19 32.56
N PHE T 64 52.23 -8.88 32.31
CA PHE T 64 51.05 -8.19 31.79
C PHE T 64 51.46 -6.89 31.12
N ARG T 65 50.86 -6.62 29.96
CA ARG T 65 50.96 -5.33 29.30
C ARG T 65 49.63 -4.59 29.45
N PHE T 66 49.69 -3.30 29.74
CA PHE T 66 48.50 -2.56 30.13
C PHE T 66 48.47 -1.22 29.40
N MET T 67 47.55 -0.35 29.83
CA MET T 67 47.44 1.02 29.35
C MET T 67 46.94 1.88 30.51
N LEU T 68 47.08 3.20 30.36
CA LEU T 68 46.68 4.12 31.42
C LEU T 68 46.50 5.55 30.93
N LYS T 69 45.53 6.25 31.53
CA LYS T 69 45.52 7.72 31.50
C LYS T 69 44.66 8.20 32.67
N MET T 70 45.29 8.87 33.62
CA MET T 70 44.60 9.34 34.82
C MET T 70 43.91 10.67 34.54
N THR T 71 42.77 10.88 35.21
CA THR T 71 42.00 12.12 34.99
C THR T 71 41.33 12.51 36.30
N VAL T 72 41.83 13.57 36.93
CA VAL T 72 41.29 14.07 38.18
C VAL T 72 40.77 15.49 37.97
N ARG T 73 39.52 15.72 38.36
CA ARG T 73 38.95 17.06 38.42
C ARG T 73 38.49 17.34 39.85
N SER T 74 38.67 18.59 40.28
CA SER T 74 38.34 18.97 41.64
C SER T 74 38.00 20.46 41.65
N ASN T 75 37.52 20.92 42.81
CA ASN T 75 37.18 22.34 42.95
C ASN T 75 38.42 23.21 43.07
N LYS T 76 39.42 22.77 43.84
CA LYS T 76 40.66 23.50 44.02
C LYS T 76 41.84 22.56 43.83
N PRO T 77 42.99 23.09 43.42
CA PRO T 77 44.15 22.23 43.15
C PRO T 77 44.60 21.46 44.39
N PHE T 78 45.10 20.25 44.15
CA PHE T 78 45.58 19.40 45.23
C PHE T 78 46.92 19.90 45.76
N ARG T 79 47.02 20.04 47.09
CA ARG T 79 48.25 20.52 47.70
C ARG T 79 49.25 19.39 47.90
N SER T 80 48.89 18.39 48.69
CA SER T 80 49.79 17.29 49.03
C SER T 80 49.38 16.02 48.29
N TYR T 81 50.34 15.09 48.21
CA TYR T 81 50.06 13.82 47.54
C TYR T 81 49.08 12.97 48.33
N ASP T 82 49.04 13.14 49.66
CA ASP T 82 48.12 12.36 50.48
C ASP T 82 46.67 12.68 50.14
N ASP T 83 46.37 13.96 49.90
CA ASP T 83 45.03 14.32 49.47
C ASP T 83 44.69 13.70 48.12
N VAL T 84 45.67 13.65 47.21
CA VAL T 84 45.45 13.00 45.92
C VAL T 84 45.13 11.53 46.13
N THR T 85 45.87 10.86 47.02
CA THR T 85 45.62 9.45 47.29
C THR T 85 44.24 9.24 47.88
N ALA T 86 43.83 10.12 48.79
CA ALA T 86 42.47 10.03 49.35
C ALA T 86 41.42 10.25 48.28
N ALA T 87 41.68 11.15 47.33
CA ALA T 87 40.73 11.39 46.25
C ALA T 87 40.62 10.20 45.30
N VAL T 88 41.74 9.53 45.03
CA VAL T 88 41.74 8.44 44.06
C VAL T 88 41.41 7.09 44.69
N SER T 89 41.62 6.93 46.00
CA SER T 89 41.40 5.63 46.65
C SER T 89 39.96 5.19 46.58
N GLN T 90 39.03 6.10 46.32
CA GLN T 90 37.60 5.78 46.22
C GLN T 90 37.16 5.62 44.77
N TRP T 91 38.07 5.18 43.90
CA TRP T 91 37.73 5.01 42.49
C TRP T 91 36.87 3.78 42.21
N ASP T 92 36.78 2.85 43.16
CA ASP T 92 36.06 1.60 42.93
C ASP T 92 35.01 1.41 44.03
N ASN T 93 34.24 2.47 44.29
CA ASN T 93 33.14 2.37 45.23
C ASN T 93 32.06 1.41 44.73
N SER T 94 31.91 1.30 43.41
CA SER T 94 31.00 0.34 42.77
C SER T 94 31.77 -0.29 41.61
N TYR T 95 32.32 -1.48 41.85
CA TYR T 95 33.20 -2.14 40.89
C TYR T 95 32.36 -2.97 39.94
N ILE T 96 32.37 -2.60 38.66
CA ILE T 96 31.62 -3.31 37.63
C ILE T 96 32.56 -4.25 36.89
N GLY T 97 33.83 -3.86 36.79
CA GLY T 97 34.81 -4.61 36.04
C GLY T 97 35.14 -5.95 36.67
N MET T 98 35.98 -6.70 35.97
CA MET T 98 36.35 -8.05 36.41
C MET T 98 37.12 -8.00 37.72
N VAL T 99 36.77 -8.90 38.64
CA VAL T 99 37.42 -8.94 39.94
C VAL T 99 38.87 -9.42 39.81
N GLY T 100 39.17 -10.25 38.81
CA GLY T 100 40.52 -10.77 38.66
C GLY T 100 41.55 -9.70 38.41
N LYS T 101 41.17 -8.62 37.74
CA LYS T 101 42.08 -7.53 37.44
C LYS T 101 42.07 -6.43 38.49
N ARG T 102 41.31 -6.59 39.57
CA ARG T 102 41.24 -5.55 40.60
C ARG T 102 42.59 -5.24 41.23
N PRO T 103 43.40 -6.22 41.68
CA PRO T 103 44.73 -5.87 42.20
C PRO T 103 45.62 -5.22 41.16
N PHE T 104 45.57 -5.71 39.92
CA PHE T 104 46.33 -5.08 38.85
C PHE T 104 45.80 -3.68 38.56
N TYR T 105 44.48 -3.49 38.69
CA TYR T 105 43.90 -2.17 38.52
C TYR T 105 44.39 -1.20 39.59
N LYS T 106 44.53 -1.67 40.83
CA LYS T 106 45.06 -0.82 41.89
C LYS T 106 46.54 -0.53 41.70
N ILE T 107 47.30 -1.51 41.19
CA ILE T 107 48.69 -1.25 40.82
C ILE T 107 48.74 -0.16 39.75
N ILE T 108 47.87 -0.25 38.75
CA ILE T 108 47.83 0.75 37.69
C ILE T 108 47.41 2.11 38.25
N ALA T 109 46.49 2.12 39.21
CA ALA T 109 46.12 3.36 39.88
C ALA T 109 47.31 3.96 40.61
N LEU T 110 48.14 3.11 41.23
CA LEU T 110 49.36 3.59 41.87
C LEU T 110 50.30 4.24 40.85
N ILE T 111 50.55 3.55 39.73
CA ILE T 111 51.48 4.10 38.76
C ILE T 111 50.92 5.40 38.17
N GLY T 112 49.60 5.49 37.99
CA GLY T 112 49.02 6.72 37.45
C GLY T 112 49.06 7.87 38.43
N SER T 113 48.74 7.60 39.70
CA SER T 113 48.73 8.67 40.70
C SER T 113 50.14 9.17 40.99
N SER T 114 51.14 8.31 40.88
CA SER T 114 52.51 8.74 41.12
C SER T 114 52.99 9.73 40.05
N HIS T 115 52.41 9.67 38.85
CA HIS T 115 52.82 10.51 37.73
C HIS T 115 51.71 11.46 37.29
N LEU T 116 51.03 12.10 38.24
CA LEU T 116 49.97 13.04 37.93
C LEU T 116 50.57 14.41 37.64
N GLN T 117 50.38 14.91 36.42
CA GLN T 117 50.85 16.22 35.99
C GLN T 117 49.66 17.05 35.53
N ALA T 118 49.53 18.25 36.08
CA ALA T 118 48.42 19.12 35.71
C ALA T 118 48.53 19.57 34.26
N THR T 119 47.38 19.76 33.62
CA THR T 119 47.35 20.21 32.24
C THR T 119 47.83 21.66 32.13
N PRO T 120 48.33 22.06 30.96
CA PRO T 120 48.79 23.45 30.79
C PRO T 120 47.70 24.49 31.03
N ALA T 121 46.42 24.12 30.90
CA ALA T 121 45.35 25.06 31.17
C ALA T 121 45.35 25.52 32.63
N VAL T 122 45.62 24.61 33.55
CA VAL T 122 45.68 24.95 34.97
C VAL T 122 46.92 25.79 35.25
N ASN T 127 39.96 26.94 33.92
CA ASN T 127 38.79 26.88 34.78
C ASN T 127 39.07 26.02 36.01
N GLN T 128 38.27 24.97 36.18
CA GLN T 128 38.46 24.08 37.32
C GLN T 128 39.76 23.30 37.17
N PRO T 129 40.48 23.05 38.27
CA PRO T 129 41.73 22.28 38.17
C PRO T 129 41.51 20.86 37.72
N GLU T 130 42.17 20.46 36.63
CA GLU T 130 42.00 19.14 36.03
C GLU T 130 43.38 18.51 35.86
N TYR T 131 43.64 17.45 36.63
CA TYR T 131 44.92 16.75 36.57
C TYR T 131 44.89 15.75 35.42
N TYR T 132 46.06 15.20 35.06
CA TYR T 132 46.14 14.33 33.90
C TYR T 132 47.40 13.48 34.01
N ALA T 133 47.33 12.28 33.44
CA ALA T 133 48.46 11.38 33.34
C ALA T 133 48.21 10.41 32.20
N THR T 134 49.26 9.69 31.80
CA THR T 134 49.17 8.68 30.76
C THR T 134 50.42 7.81 30.83
N LEU T 135 50.20 6.49 30.85
CA LEU T 135 51.31 5.54 30.95
C LEU T 135 50.97 4.30 30.12
N THR T 136 51.89 3.91 29.24
CA THR T 136 51.78 2.66 28.48
C THR T 136 53.10 1.92 28.60
N GLY T 137 53.05 0.67 29.04
CA GLY T 137 54.28 -0.08 29.27
C GLY T 137 54.09 -1.58 29.34
N ARG T 138 55.12 -2.27 29.84
CA ARG T 138 55.10 -3.73 29.93
C ARG T 138 55.99 -4.14 31.09
N CYS T 139 55.45 -4.96 31.98
CA CYS T 139 56.15 -5.29 33.22
C CYS T 139 55.46 -6.49 33.88
N PHE T 140 55.99 -6.90 35.02
CA PHE T 140 55.48 -8.03 35.78
C PHE T 140 55.35 -7.65 37.25
N LEU T 141 54.34 -8.22 37.90
CA LEU T 141 54.09 -7.98 39.31
C LEU T 141 54.27 -9.25 40.12
N PRO T 142 55.17 -9.28 41.09
CA PRO T 142 55.24 -10.43 42.01
C PRO T 142 54.26 -10.28 43.15
N HIS T 143 53.44 -11.30 43.39
CA HIS T 143 52.36 -11.19 44.36
C HIS T 143 52.15 -12.52 45.08
N ARG T 144 51.60 -12.44 46.28
CA ARG T 144 51.17 -13.59 47.05
C ARG T 144 49.66 -13.83 46.94
N LEU T 145 49.10 -13.59 45.76
CA LEU T 145 47.66 -13.61 45.55
C LEU T 145 47.14 -14.97 45.09
N GLY T 146 48.03 -15.93 44.84
CA GLY T 146 47.60 -17.21 44.34
C GLY T 146 47.26 -17.16 42.85
N LEU T 147 46.59 -18.21 42.41
CA LEU T 147 46.22 -18.31 41.00
C LEU T 147 45.16 -17.27 40.65
N ILE T 148 45.30 -16.70 39.44
CA ILE T 148 44.36 -15.69 38.96
C ILE T 148 43.94 -16.07 37.54
N PRO T 149 42.68 -15.82 37.15
CA PRO T 149 42.28 -16.13 35.78
C PRO T 149 43.10 -15.35 34.78
N PRO T 150 43.44 -15.96 33.65
CA PRO T 150 44.10 -15.21 32.58
C PRO T 150 43.29 -14.02 32.14
N MET T 151 43.98 -12.94 31.76
CA MET T 151 43.34 -11.71 31.34
C MET T 151 43.08 -11.71 29.84
N PHE T 152 42.23 -10.79 29.41
CA PHE T 152 41.90 -10.57 28.01
C PHE T 152 42.31 -9.16 27.60
N ASN T 153 42.17 -8.88 26.31
CA ASN T 153 42.49 -7.56 25.76
C ASN T 153 41.23 -6.70 25.65
N VAL T 154 40.71 -6.30 26.81
CA VAL T 154 39.50 -5.49 26.90
C VAL T 154 39.79 -4.26 27.75
N SER T 155 39.15 -3.15 27.39
CA SER T 155 39.32 -1.89 28.10
C SER T 155 38.09 -1.60 28.95
N GLU T 156 38.32 -1.18 30.19
CA GLU T 156 37.25 -0.91 31.14
C GLU T 156 37.46 0.46 31.77
N THR T 157 36.46 1.33 31.65
CA THR T 157 36.54 2.66 32.24
C THR T 157 35.87 2.67 33.61
N PHE T 158 36.13 3.73 34.38
CA PHE T 158 35.62 3.82 35.75
C PHE T 158 35.32 5.27 36.08
N ARG T 159 34.41 5.44 37.04
CA ARG T 159 34.16 6.74 37.65
C ARG T 159 33.32 6.64 38.91
N LYS T 160 33.78 7.27 39.98
CA LYS T 160 33.11 7.37 41.26
C LYS T 160 33.49 8.71 41.86
N PRO T 161 32.52 9.58 42.14
CA PRO T 161 32.84 10.86 42.76
C PRO T 161 33.32 10.68 44.20
N PHE T 162 34.16 11.60 44.64
CA PHE T 162 34.76 11.52 45.96
C PHE T 162 34.43 12.77 46.76
N ASN T 163 34.25 12.59 48.07
CA ASN T 163 34.03 13.69 49.01
C ASN T 163 34.88 13.41 50.24
N ILE T 164 36.10 13.91 50.24
CA ILE T 164 37.03 13.72 51.34
C ILE T 164 37.13 14.96 52.23
N GLY T 165 36.09 15.81 52.21
CA GLY T 165 36.12 17.04 52.97
C GLY T 165 36.38 18.25 52.10
N ILE T 166 37.61 18.75 52.12
CA ILE T 166 37.96 19.95 51.36
C ILE T 166 37.85 19.70 49.86
N TYR T 167 38.13 18.49 49.41
CA TYR T 167 38.29 18.18 48.00
C TYR T 167 37.15 17.30 47.49
N LYS T 168 36.58 17.67 46.34
CA LYS T 168 35.46 16.95 45.76
C LYS T 168 35.59 16.97 44.24
N GLY T 169 35.29 15.85 43.61
CA GLY T 169 35.37 15.78 42.16
C GLY T 169 35.10 14.39 41.63
N THR T 170 35.37 14.21 40.34
CA THR T 170 35.15 12.95 39.63
C THR T 170 36.46 12.43 39.08
N LEU T 171 36.40 11.24 38.45
CA LEU T 171 37.58 10.58 37.91
C LEU T 171 37.26 10.05 36.52
N ASP T 172 38.27 9.42 35.90
CA ASP T 172 38.14 8.79 34.59
C ASP T 172 39.29 7.84 34.32
N PHE T 173 38.99 6.59 34.00
CA PHE T 173 40.00 5.56 33.77
C PHE T 173 39.86 4.95 32.38
N THR T 174 40.95 4.31 31.95
CA THR T 174 40.92 3.46 30.76
C THR T 174 42.03 2.43 30.94
N PHE T 175 41.67 1.23 31.40
CA PHE T 175 42.64 0.21 31.76
C PHE T 175 42.57 -0.94 30.78
N THR T 176 43.73 -1.39 30.32
CA THR T 176 43.82 -2.45 29.31
C THR T 176 44.86 -3.49 29.75
N VAL T 177 44.77 -3.94 30.99
CA VAL T 177 45.69 -4.95 31.52
C VAL T 177 45.42 -6.25 30.77
N SER T 178 46.41 -6.72 30.01
CA SER T 178 46.27 -7.93 29.23
C SER T 178 47.51 -8.79 29.38
N ASP T 179 47.32 -10.11 29.29
CA ASP T 179 48.43 -11.04 29.39
C ASP T 179 49.31 -10.99 28.15
N ASP T 180 50.58 -11.34 28.33
CA ASP T 180 51.53 -11.48 27.24
C ASP T 180 52.40 -12.69 27.50
N GLU T 181 52.50 -13.58 26.50
CA GLU T 181 53.24 -14.82 26.63
C GLU T 181 54.62 -14.76 26.01
N SER T 182 55.10 -13.56 25.69
CA SER T 182 56.45 -13.42 25.12
C SER T 182 57.49 -13.88 26.13
N ASN T 183 58.48 -14.62 25.64
CA ASN T 183 59.52 -15.18 26.50
C ASN T 183 60.63 -14.17 26.82
N GLU T 184 60.62 -13.00 26.19
CA GLU T 184 61.65 -12.02 26.44
C GLU T 184 61.52 -11.42 27.83
N LYS T 185 62.66 -11.02 28.41
CA LYS T 185 62.66 -10.41 29.73
C LYS T 185 62.17 -8.98 29.64
N VAL T 186 61.20 -8.63 30.49
CA VAL T 186 60.56 -7.32 30.44
C VAL T 186 60.80 -6.60 31.77
N PRO T 187 60.68 -5.28 31.83
CA PRO T 187 61.04 -4.55 33.05
C PRO T 187 60.11 -4.88 34.22
N HIS T 188 60.39 -4.23 35.34
CA HIS T 188 59.71 -4.47 36.61
C HIS T 188 58.65 -3.40 36.84
N VAL T 189 57.53 -3.80 37.45
CA VAL T 189 56.41 -2.87 37.64
C VAL T 189 56.79 -1.78 38.65
N TRP T 190 57.51 -2.15 39.71
CA TRP T 190 57.88 -1.17 40.73
C TRP T 190 59.04 -0.28 40.30
N GLU T 191 59.72 -0.61 39.20
CA GLU T 191 60.73 0.27 38.66
C GLU T 191 60.12 1.47 37.93
N TYR T 192 58.84 1.38 37.55
CA TYR T 192 58.16 2.49 36.91
C TYR T 192 57.92 3.66 37.86
N MET T 193 58.11 3.45 39.16
CA MET T 193 57.86 4.48 40.16
C MET T 193 58.94 5.56 40.12
N ASN T 194 58.73 6.60 40.91
CA ASN T 194 59.78 7.55 41.29
C ASN T 194 59.73 7.76 42.80
N ILE T 201 56.96 4.55 49.41
CA ILE T 201 56.14 3.77 48.49
C ILE T 201 55.25 2.78 49.23
N GLN T 202 55.76 2.18 50.30
CA GLN T 202 54.98 1.23 51.07
C GLN T 202 53.74 1.90 51.67
N LYS T 203 53.88 3.14 52.14
CA LYS T 203 52.75 3.89 52.68
C LYS T 203 51.75 4.28 51.60
N GLU T 204 52.23 4.63 50.40
CA GLU T 204 51.32 4.90 49.29
C GLU T 204 50.51 3.66 48.95
N GLY T 205 51.15 2.49 48.93
CA GLY T 205 50.41 1.27 48.76
C GLY T 205 49.45 1.00 49.90
N LEU T 206 49.87 1.31 51.13
CA LEU T 206 49.05 1.02 52.30
C LEU T 206 47.76 1.81 52.29
N LYS T 207 47.82 3.10 51.92
CA LYS T 207 46.58 3.87 51.90
C LYS T 207 45.82 3.74 50.58
N PHE T 208 46.34 2.99 49.61
CA PHE T 208 45.54 2.44 48.52
C PHE T 208 44.98 1.07 48.83
N GLY T 209 45.24 0.54 50.03
CA GLY T 209 44.81 -0.81 50.37
C GLY T 209 45.76 -1.89 49.98
N LEU T 210 46.88 -1.55 49.35
CA LEU T 210 47.90 -2.55 48.99
C LEU T 210 48.76 -2.86 50.19
N ILE T 211 49.30 -4.08 50.21
CA ILE T 211 50.15 -4.55 51.30
C ILE T 211 51.47 -5.01 50.69
N LEU T 212 52.57 -4.47 51.20
CA LEU T 212 53.90 -4.75 50.67
C LEU T 212 54.78 -5.38 51.75
N TRP T 220 60.02 -4.94 45.11
CA TRP T 220 58.79 -4.94 45.91
C TRP T 220 57.86 -6.05 45.48
N VAL T 221 57.24 -6.72 46.45
CA VAL T 221 56.33 -7.83 46.20
C VAL T 221 55.00 -7.55 46.90
N LEU T 222 53.90 -7.74 46.17
CA LEU T 222 52.57 -7.49 46.71
C LEU T 222 52.15 -8.64 47.61
N ASP T 223 51.58 -8.32 48.77
CA ASP T 223 51.13 -9.33 49.71
C ASP T 223 49.65 -9.67 49.53
N GLN T 224 48.78 -8.68 49.73
CA GLN T 224 47.34 -8.86 49.66
C GLN T 224 46.70 -7.48 49.52
N LEU T 225 45.37 -7.46 49.41
CA LEU T 225 44.62 -6.22 49.24
C LEU T 225 43.75 -5.98 50.47
N SER T 226 43.72 -4.73 50.92
CA SER T 226 42.93 -4.33 52.09
C SER T 226 42.12 -3.08 51.78
N PRO T 227 41.07 -3.22 50.97
CA PRO T 227 40.15 -2.09 50.77
C PRO T 227 39.33 -1.85 52.03
N PHE T 228 38.88 -0.60 52.18
CA PHE T 228 38.08 -0.12 53.31
C PHE T 228 38.54 -0.72 54.63
N LYS T 229 39.84 -0.77 54.86
CA LYS T 229 40.41 -1.32 56.08
C LYS T 229 41.53 -0.44 56.61
#